data_3E1K
#
_entry.id   3E1K
#
_cell.length_a   101.100
_cell.length_b   160.500
_cell.length_c   132.600
_cell.angle_alpha   90.000
_cell.angle_beta   94.700
_cell.angle_gamma   90.000
#
_symmetry.space_group_name_H-M   'P 1 21 1'
#
loop_
_entity.id
_entity.type
_entity.pdbx_description
1 polymer 'Galactose/lactose metabolism regulatory protein GAL80'
2 polymer 'Lactose regulatory protein LAC9'
#
loop_
_entity_poly.entity_id
_entity_poly.type
_entity_poly.pdbx_seq_one_letter_code
_entity_poly.pdbx_strand_id
1 'polypeptide(L)'
;MNNNKRSKLSTVPSSRPIRVGFVGLTSGKSWVAKTHFLAIQQLSSQFQIVALYNPTLKSSLQTIEQLQLKHATGFDSLES
FAQYKDIDMIVVSVKVPEHYEVVKNILEHSSQNLNLRYLYVEWALAASVQQAEELYSISQQRANLQTIICLQGRKSPYIV
RAKELISEGCIGDINSIEISGNGGWYGYERPMRSPEYLYDIESGVNLISNSFGHTIDVLQYITGSYFQKINAMISNNIPT
QFLLDENGKRTKETISKTCPDHLLFQGILENGKVPVSCSFKGGTPVKKLTKNLVIDIHGTKGDLKIEGDAGFVEISNLVL
YFYGIKNGNGSSNGTDNNGAAAIKDKEKVTKSPSPSTGTSEEEQTMEVFHLRNYNSVVGNILRIYESIADYHFLGKPESK
SSRGPDDLFASTKFDKQGFRFEGFPTFKDAIILHRLIDAVFRSDKEEKTLDVSKIMILEHHHHHH
;
A,C,E,G,I,K,M,O
2 'polypeptide(L)' TQQLFNTTTMDDVYNYIFDNDE B,D,F,H,J,L,N,P
#
# COMPACT_ATOMS: atom_id res chain seq x y z
N SER A 14 54.20 13.01 14.18
CA SER A 14 55.21 12.33 13.34
C SER A 14 55.29 10.82 13.55
N SER A 15 55.78 10.45 14.73
CA SER A 15 56.00 9.10 15.24
C SER A 15 54.56 8.85 15.56
N ARG A 16 53.80 8.61 14.51
CA ARG A 16 52.35 8.62 14.56
C ARG A 16 51.76 7.85 13.38
N PRO A 17 51.20 6.69 13.62
CA PRO A 17 50.75 5.93 12.50
C PRO A 17 50.70 6.54 11.07
N ILE A 18 50.84 5.57 10.16
CA ILE A 18 50.80 5.87 8.76
C ILE A 18 49.38 5.42 8.56
N ARG A 19 48.59 6.25 7.90
CA ARG A 19 47.19 5.92 7.72
C ARG A 19 46.90 5.42 6.31
N VAL A 20 46.50 4.18 6.26
CA VAL A 20 46.25 3.57 4.99
C VAL A 20 44.84 3.79 4.53
N GLY A 21 44.68 3.98 3.22
CA GLY A 21 43.34 4.18 2.68
C GLY A 21 43.28 2.84 1.96
N PHE A 22 42.11 2.22 1.93
CA PHE A 22 42.03 0.93 1.26
C PHE A 22 41.03 0.80 0.14
N VAL A 23 41.60 0.43 -1.00
CA VAL A 23 40.79 0.23 -2.16
C VAL A 23 40.78 -1.32 -2.25
N GLY A 24 39.64 -2.02 -2.31
CA GLY A 24 39.64 -3.46 -2.45
C GLY A 24 39.34 -4.18 -1.16
N LEU A 25 38.95 -3.42 -0.16
CA LEU A 25 38.55 -4.06 1.07
C LEU A 25 37.09 -4.50 0.89
N THR A 26 36.98 -5.74 0.46
CA THR A 26 35.73 -6.39 0.21
C THR A 26 34.91 -6.62 1.49
N SER A 27 35.46 -7.34 2.47
CA SER A 27 34.74 -7.60 3.70
C SER A 27 35.72 -8.30 4.59
N GLY A 28 35.19 -8.82 5.69
CA GLY A 28 35.99 -9.47 6.70
C GLY A 28 36.64 -10.76 6.21
N LYS A 29 36.25 -11.17 5.00
CA LYS A 29 36.79 -12.42 4.51
C LYS A 29 37.21 -12.22 3.08
N SER A 30 37.94 -11.13 2.86
CA SER A 30 38.42 -10.81 1.55
C SER A 30 39.91 -11.05 1.57
N TRP A 31 40.45 -11.30 0.38
CA TRP A 31 41.88 -11.56 0.24
C TRP A 31 42.77 -10.73 1.15
N VAL A 32 42.65 -9.43 0.90
CA VAL A 32 43.35 -8.40 1.59
C VAL A 32 42.97 -8.40 3.08
N ALA A 33 41.76 -8.87 3.33
CA ALA A 33 41.35 -8.91 4.72
C ALA A 33 42.24 -9.92 5.45
N LYS A 34 42.48 -11.05 4.78
CA LYS A 34 43.19 -12.25 5.24
C LYS A 34 44.68 -12.09 5.01
N THR A 35 45.10 -10.91 4.56
CA THR A 35 46.54 -10.66 4.39
C THR A 35 47.06 -9.30 4.78
N HIS A 36 46.71 -8.29 4.01
CA HIS A 36 47.14 -6.97 4.41
C HIS A 36 46.57 -6.72 5.84
N PHE A 37 45.30 -6.51 6.11
CA PHE A 37 44.69 -6.35 7.45
C PHE A 37 45.58 -6.80 8.62
N LEU A 38 46.12 -8.01 8.48
CA LEU A 38 47.01 -8.64 9.46
C LEU A 38 48.38 -7.99 9.43
N ALA A 39 48.84 -7.83 8.21
CA ALA A 39 50.12 -7.18 8.08
C ALA A 39 50.06 -5.90 8.95
N ILE A 40 48.93 -5.20 8.96
CA ILE A 40 48.79 -3.95 9.69
C ILE A 40 48.36 -4.08 11.13
N GLN A 41 47.93 -5.25 11.56
CA GLN A 41 47.69 -5.41 12.96
C GLN A 41 49.07 -5.38 13.47
N GLN A 42 49.79 -6.42 13.25
CA GLN A 42 51.14 -6.47 13.73
C GLN A 42 51.94 -5.18 13.57
N LEU A 43 51.38 -4.16 12.97
CA LEU A 43 52.05 -2.89 12.80
C LEU A 43 51.06 -1.85 13.28
N SER A 44 50.08 -2.29 14.06
CA SER A 44 49.13 -1.31 14.58
C SER A 44 49.88 -0.07 15.07
N SER A 45 51.06 -0.34 15.61
CA SER A 45 51.96 0.67 16.16
C SER A 45 52.43 1.72 15.13
N GLN A 46 52.48 1.32 13.88
CA GLN A 46 53.01 2.16 12.84
C GLN A 46 52.01 2.45 11.73
N PHE A 47 50.93 1.64 11.61
CA PHE A 47 49.92 1.84 10.59
C PHE A 47 48.52 1.83 11.15
N GLN A 48 47.76 2.72 10.56
CA GLN A 48 46.40 2.84 10.89
C GLN A 48 45.64 2.82 9.62
N ILE A 49 44.52 2.11 9.66
CA ILE A 49 43.66 2.09 8.48
C ILE A 49 42.59 3.12 8.77
N VAL A 50 42.58 4.04 7.83
CA VAL A 50 41.75 5.19 7.90
C VAL A 50 40.63 5.36 6.88
N ALA A 51 40.70 4.62 5.79
CA ALA A 51 39.65 4.79 4.82
C ALA A 51 39.50 3.52 3.95
N LEU A 52 38.30 3.21 3.52
CA LEU A 52 38.09 2.02 2.75
C LEU A 52 37.34 2.35 1.50
N TYR A 53 37.88 2.20 0.31
CA TYR A 53 37.00 2.51 -0.77
C TYR A 53 36.33 1.19 -1.17
N ASN A 54 35.09 1.34 -1.61
CA ASN A 54 34.23 0.31 -2.16
C ASN A 54 33.10 1.20 -2.71
N PRO A 55 32.46 0.66 -3.74
CA PRO A 55 31.55 1.37 -4.58
C PRO A 55 30.15 1.42 -4.06
N THR A 56 29.94 0.77 -2.94
CA THR A 56 28.68 0.80 -2.24
C THR A 56 29.05 1.08 -0.83
N LEU A 57 28.44 2.07 -0.25
CA LEU A 57 28.85 2.44 1.09
C LEU A 57 28.53 1.27 2.02
N LYS A 58 27.38 0.64 1.76
CA LYS A 58 26.87 -0.50 2.53
C LYS A 58 27.98 -1.50 2.92
N SER A 59 28.83 -1.74 1.92
CA SER A 59 29.97 -2.63 2.07
C SER A 59 31.17 -2.10 2.90
N SER A 60 31.45 -0.79 2.84
CA SER A 60 32.57 -0.33 3.65
C SER A 60 32.17 -0.47 5.14
N LEU A 61 31.03 0.12 5.41
CA LEU A 61 30.52 0.16 6.76
C LEU A 61 30.61 -1.20 7.44
N GLN A 62 30.23 -2.21 6.65
CA GLN A 62 30.22 -3.53 7.22
C GLN A 62 31.51 -4.21 7.53
N THR A 63 32.42 -3.90 6.63
CA THR A 63 33.78 -4.36 6.71
C THR A 63 34.25 -3.67 7.97
N ILE A 64 34.09 -2.37 8.05
CA ILE A 64 34.49 -1.74 9.29
C ILE A 64 33.91 -2.38 10.50
N GLU A 65 32.66 -2.73 10.40
CA GLU A 65 32.06 -3.46 11.48
C GLU A 65 32.74 -4.75 11.77
N GLN A 66 32.60 -5.70 10.88
CA GLN A 66 33.19 -6.97 11.16
C GLN A 66 34.61 -6.84 11.69
N LEU A 67 35.43 -6.01 11.07
CA LEU A 67 36.81 -5.85 11.50
C LEU A 67 37.03 -4.84 12.63
N GLN A 68 36.03 -4.03 12.95
CA GLN A 68 36.18 -3.04 14.01
C GLN A 68 37.28 -2.06 13.66
N LEU A 69 37.18 -1.53 12.45
CA LEU A 69 38.19 -0.57 12.07
C LEU A 69 37.74 0.73 12.74
N LYS A 70 38.40 1.03 13.86
CA LYS A 70 38.09 2.23 14.62
C LYS A 70 38.26 3.52 13.81
N HIS A 71 39.32 3.64 13.06
CA HIS A 71 39.56 4.89 12.43
C HIS A 71 39.06 5.00 11.06
N ALA A 72 38.54 3.91 10.54
CA ALA A 72 37.98 3.89 9.20
C ALA A 72 36.69 4.72 9.06
N THR A 73 36.70 5.31 7.89
CA THR A 73 35.64 6.15 7.41
C THR A 73 35.58 5.57 5.99
N GLY A 74 34.35 5.22 5.50
CA GLY A 74 34.01 4.66 4.17
C GLY A 74 33.55 5.50 2.93
N PHE A 75 34.11 5.16 1.75
CA PHE A 75 33.90 5.90 0.52
C PHE A 75 33.06 5.32 -0.59
N ASP A 76 32.46 6.21 -1.37
CA ASP A 76 31.58 5.83 -2.46
C ASP A 76 32.21 6.18 -3.78
N SER A 77 32.97 7.25 -3.77
CA SER A 77 33.62 7.72 -4.99
C SER A 77 35.11 7.50 -4.75
N LEU A 78 35.81 7.32 -5.85
CA LEU A 78 37.20 7.02 -5.83
C LEU A 78 37.86 8.34 -6.04
N GLU A 79 37.06 9.33 -6.36
CA GLU A 79 37.48 10.70 -6.35
C GLU A 79 37.37 11.06 -4.90
N SER A 80 36.21 10.80 -4.42
CA SER A 80 35.85 11.06 -3.02
C SER A 80 37.07 10.62 -2.20
N PHE A 81 37.47 9.38 -2.43
CA PHE A 81 38.62 8.73 -1.81
C PHE A 81 39.89 9.47 -2.01
N ALA A 82 40.40 9.33 -3.20
CA ALA A 82 41.60 10.04 -3.68
C ALA A 82 41.93 11.36 -2.98
N GLN A 83 40.91 12.04 -2.46
CA GLN A 83 41.01 13.34 -1.80
C GLN A 83 41.28 13.44 -0.31
N TYR A 84 40.66 12.54 0.42
CA TYR A 84 40.82 12.52 1.86
C TYR A 84 42.29 12.86 2.17
N LYS A 85 42.45 14.04 2.71
CA LYS A 85 43.70 14.59 3.14
C LYS A 85 43.96 14.10 4.54
N ASP A 86 43.51 12.90 4.73
CA ASP A 86 43.90 12.02 5.83
C ASP A 86 44.65 10.77 5.39
N ILE A 87 44.90 10.58 4.10
CA ILE A 87 45.54 9.32 3.78
C ILE A 87 46.97 9.51 3.36
N ASP A 88 47.92 9.10 4.21
CA ASP A 88 49.34 9.26 3.77
C ASP A 88 49.59 8.18 2.72
N MET A 89 48.99 7.04 2.91
CA MET A 89 49.24 6.05 1.90
C MET A 89 48.10 5.11 1.62
N ILE A 90 47.88 4.97 0.31
CA ILE A 90 46.80 4.17 -0.21
C ILE A 90 47.21 2.86 -0.80
N VAL A 91 46.47 1.80 -0.46
CA VAL A 91 46.70 0.47 -1.00
C VAL A 91 45.57 0.17 -1.97
N VAL A 92 46.06 -0.31 -3.10
CA VAL A 92 45.26 -0.78 -4.23
C VAL A 92 45.45 -2.26 -4.51
N SER A 93 44.48 -3.05 -4.07
CA SER A 93 44.56 -4.50 -4.25
C SER A 93 43.18 -4.86 -4.74
N VAL A 94 43.11 -4.86 -6.06
CA VAL A 94 41.91 -5.16 -6.84
C VAL A 94 42.32 -5.78 -8.18
N LYS A 95 41.42 -6.53 -8.80
CA LYS A 95 41.73 -7.16 -10.08
C LYS A 95 42.64 -6.29 -10.95
N VAL A 96 43.62 -6.93 -11.56
CA VAL A 96 44.52 -6.22 -12.44
C VAL A 96 43.93 -5.62 -13.71
N PRO A 97 42.74 -6.02 -14.11
CA PRO A 97 42.19 -5.48 -15.35
C PRO A 97 41.55 -4.13 -15.01
N GLU A 98 41.23 -3.96 -13.73
CA GLU A 98 40.68 -2.72 -13.23
C GLU A 98 41.90 -2.05 -12.59
N HIS A 99 43.11 -2.55 -12.80
CA HIS A 99 44.27 -1.92 -12.17
C HIS A 99 44.57 -0.64 -12.84
N TYR A 100 44.56 -0.63 -14.13
CA TYR A 100 44.81 0.62 -14.85
C TYR A 100 43.77 1.71 -14.48
N GLU A 101 42.48 1.42 -14.68
CA GLU A 101 41.40 2.33 -14.37
C GLU A 101 41.71 3.03 -13.05
N VAL A 102 41.59 2.21 -12.00
CA VAL A 102 41.69 2.61 -10.64
C VAL A 102 42.76 3.60 -10.34
N VAL A 103 43.93 3.00 -10.28
CA VAL A 103 45.18 3.70 -10.02
C VAL A 103 45.31 5.12 -10.59
N LYS A 104 45.29 5.14 -11.92
CA LYS A 104 45.38 6.38 -12.65
C LYS A 104 44.53 7.45 -12.00
N ASN A 105 43.21 7.22 -11.87
CA ASN A 105 42.36 8.21 -11.21
C ASN A 105 42.93 8.58 -9.83
N ILE A 106 43.11 7.55 -9.01
CA ILE A 106 43.70 7.84 -7.75
C ILE A 106 44.73 8.95 -7.96
N LEU A 107 45.64 8.69 -8.89
CA LEU A 107 46.72 9.63 -9.22
C LEU A 107 46.35 11.02 -9.56
N GLU A 108 45.39 11.13 -10.47
CA GLU A 108 45.00 12.45 -10.91
C GLU A 108 44.11 13.10 -9.87
N HIS A 109 43.49 12.33 -9.00
CA HIS A 109 42.52 12.89 -8.06
C HIS A 109 43.01 12.96 -6.65
N SER A 110 44.29 12.93 -6.47
CA SER A 110 44.98 13.16 -5.19
C SER A 110 46.10 14.20 -5.23
N SER A 111 46.22 14.84 -6.39
CA SER A 111 47.30 15.76 -6.72
C SER A 111 47.34 16.87 -5.68
N GLN A 112 46.12 17.21 -5.29
CA GLN A 112 45.94 18.20 -4.23
C GLN A 112 46.30 17.55 -2.85
N ASN A 113 45.99 16.30 -2.65
CA ASN A 113 46.33 15.75 -1.38
C ASN A 113 47.86 15.68 -1.28
N LEU A 114 48.42 16.07 -0.17
CA LEU A 114 49.85 16.26 -0.11
C LEU A 114 50.41 15.65 1.14
N ASN A 115 49.72 14.70 1.72
CA ASN A 115 50.34 13.85 2.71
C ASN A 115 50.28 12.46 2.23
N LEU A 116 49.59 12.25 1.12
CA LEU A 116 49.66 10.98 0.48
C LEU A 116 51.08 10.94 0.13
N ARG A 117 51.83 10.08 0.75
CA ARG A 117 53.19 9.97 0.38
C ARG A 117 53.41 8.62 -0.25
N TYR A 118 52.48 7.68 -0.08
CA TYR A 118 52.74 6.37 -0.60
C TYR A 118 51.51 5.75 -1.22
N LEU A 119 51.77 5.07 -2.33
CA LEU A 119 50.77 4.36 -3.13
C LEU A 119 51.26 2.95 -3.40
N TYR A 120 50.68 1.99 -2.73
CA TYR A 120 50.99 0.60 -2.84
C TYR A 120 50.10 -0.01 -3.86
N VAL A 121 50.57 -1.04 -4.47
CA VAL A 121 49.82 -1.80 -5.48
C VAL A 121 50.41 -3.19 -5.54
N GLU A 122 49.65 -4.09 -6.16
CA GLU A 122 50.10 -5.46 -6.25
C GLU A 122 50.52 -5.99 -7.61
N TRP A 123 51.34 -7.04 -7.58
CA TRP A 123 51.83 -7.68 -8.77
C TRP A 123 50.56 -8.27 -9.36
N ALA A 124 50.26 -8.10 -10.64
CA ALA A 124 51.05 -7.40 -11.66
C ALA A 124 50.68 -5.93 -11.46
N LEU A 125 51.64 -5.03 -11.57
CA LEU A 125 51.30 -3.62 -11.44
C LEU A 125 50.05 -3.27 -12.27
N ALA A 126 50.06 -3.60 -13.58
CA ALA A 126 48.91 -3.33 -14.47
C ALA A 126 48.61 -4.60 -15.24
N ALA A 127 47.72 -4.50 -16.21
CA ALA A 127 47.44 -5.71 -16.95
C ALA A 127 48.07 -5.74 -18.33
N SER A 128 48.73 -4.67 -18.77
CA SER A 128 49.40 -4.74 -20.09
C SER A 128 50.62 -3.89 -19.84
N VAL A 129 51.72 -4.11 -20.54
CA VAL A 129 52.91 -3.35 -20.19
C VAL A 129 52.50 -1.88 -20.37
N GLN A 130 52.25 -1.42 -21.58
CA GLN A 130 52.12 0.00 -21.81
C GLN A 130 51.08 0.67 -20.98
N GLN A 131 50.29 -0.18 -20.43
CA GLN A 131 49.13 0.21 -19.71
C GLN A 131 49.74 0.49 -18.39
N ALA A 132 50.78 -0.25 -18.05
CA ALA A 132 51.48 0.00 -16.83
C ALA A 132 52.61 0.89 -17.14
N GLU A 133 53.14 0.75 -18.31
CA GLU A 133 54.12 1.74 -18.68
C GLU A 133 53.58 3.07 -18.27
N GLU A 134 52.40 3.34 -18.81
CA GLU A 134 51.74 4.58 -18.53
C GLU A 134 51.69 4.91 -17.00
N LEU A 135 50.96 4.09 -16.24
CA LEU A 135 50.86 4.24 -14.77
C LEU A 135 52.26 4.56 -14.23
N TYR A 136 53.26 4.07 -14.92
CA TYR A 136 54.60 4.40 -14.51
C TYR A 136 55.02 5.83 -14.87
N SER A 137 55.04 6.08 -16.15
CA SER A 137 55.30 7.40 -16.69
C SER A 137 54.61 8.40 -15.78
N ILE A 138 53.39 8.06 -15.39
CA ILE A 138 52.63 8.92 -14.49
C ILE A 138 53.22 9.00 -13.07
N SER A 139 53.23 7.87 -12.36
CA SER A 139 53.79 7.81 -11.01
C SER A 139 54.94 8.84 -10.94
N GLN A 140 55.79 8.79 -11.95
CA GLN A 140 56.94 9.67 -12.03
C GLN A 140 56.84 11.11 -11.59
N GLN A 141 55.78 11.81 -11.96
CA GLN A 141 55.67 13.23 -11.62
C GLN A 141 55.46 13.55 -10.15
N ARG A 142 54.96 12.67 -9.35
CA ARG A 142 54.75 13.24 -8.07
C ARG A 142 56.03 13.34 -7.27
N ALA A 143 56.71 14.45 -7.35
CA ALA A 143 57.97 14.57 -6.64
C ALA A 143 57.88 13.87 -5.30
N ASN A 144 56.69 13.92 -4.73
CA ASN A 144 56.45 13.53 -3.35
C ASN A 144 55.98 12.12 -3.14
N LEU A 145 55.91 11.34 -4.20
CA LEU A 145 55.40 9.97 -4.17
C LEU A 145 56.45 8.85 -4.20
N GLN A 146 56.32 7.84 -3.33
CA GLN A 146 56.95 6.54 -3.40
C GLN A 146 55.87 5.54 -3.87
N THR A 147 56.15 4.72 -4.86
CA THR A 147 55.20 3.72 -5.37
C THR A 147 55.67 2.39 -4.78
N ILE A 148 54.90 1.34 -4.80
CA ILE A 148 55.34 0.12 -4.23
C ILE A 148 54.63 -0.96 -4.95
N ILE A 149 55.37 -1.94 -5.44
CA ILE A 149 54.72 -3.08 -6.06
C ILE A 149 54.89 -4.19 -5.04
N CYS A 150 53.86 -5.03 -4.97
CA CYS A 150 53.85 -6.16 -4.06
C CYS A 150 54.49 -7.44 -4.57
N LEU A 151 55.82 -7.40 -4.61
CA LEU A 151 56.56 -8.54 -5.04
C LEU A 151 57.09 -9.13 -3.74
N GLN A 152 56.14 -9.53 -2.89
CA GLN A 152 56.41 -10.18 -1.63
C GLN A 152 57.48 -11.34 -1.88
N GLY A 153 57.65 -11.80 -3.13
CA GLY A 153 58.69 -12.78 -3.43
C GLY A 153 59.94 -12.37 -2.67
N ARG A 154 60.38 -11.13 -2.90
CA ARG A 154 61.59 -10.60 -2.25
C ARG A 154 61.77 -10.70 -0.76
N LYS A 155 60.71 -10.65 0.03
CA LYS A 155 60.99 -10.65 1.46
C LYS A 155 61.10 -11.99 2.18
N SER A 156 60.80 -13.12 1.48
CA SER A 156 60.76 -14.48 1.99
C SER A 156 62.00 -14.96 2.70
N PRO A 157 61.88 -15.37 3.95
CA PRO A 157 63.10 -15.82 4.59
C PRO A 157 63.88 -16.70 3.58
N TYR A 158 63.22 -17.60 2.86
CA TYR A 158 63.94 -18.47 1.89
C TYR A 158 64.71 -17.70 0.80
N ILE A 159 64.14 -16.59 0.35
CA ILE A 159 64.81 -15.89 -0.71
C ILE A 159 65.98 -15.15 -0.09
N VAL A 160 65.70 -14.13 0.70
CA VAL A 160 66.79 -13.40 1.33
C VAL A 160 67.93 -14.35 1.73
N ARG A 161 67.61 -15.43 2.43
CA ARG A 161 68.65 -16.37 2.84
C ARG A 161 69.58 -16.88 1.79
N ALA A 162 69.09 -17.20 0.61
CA ALA A 162 69.85 -17.72 -0.54
C ALA A 162 70.70 -16.53 -0.95
N LYS A 163 69.96 -15.49 -1.31
CA LYS A 163 70.59 -14.23 -1.65
C LYS A 163 71.81 -13.92 -0.71
N GLU A 164 71.65 -13.98 0.64
CA GLU A 164 72.81 -13.77 1.52
C GLU A 164 73.89 -14.88 1.26
N LEU A 165 73.42 -16.11 1.17
CA LEU A 165 74.41 -17.17 1.01
C LEU A 165 75.37 -16.91 -0.14
N ILE A 166 74.76 -16.69 -1.30
CA ILE A 166 75.49 -16.43 -2.52
C ILE A 166 76.47 -15.26 -2.45
N SER A 167 75.86 -14.07 -2.29
CA SER A 167 76.52 -12.77 -2.17
C SER A 167 77.88 -12.88 -1.42
N GLU A 168 77.89 -13.68 -0.38
CA GLU A 168 79.04 -13.83 0.46
C GLU A 168 80.00 -14.88 -0.04
N GLY A 169 79.90 -15.20 -1.32
CA GLY A 169 80.61 -16.28 -1.99
C GLY A 169 80.57 -17.71 -1.46
N CYS A 170 79.43 -18.00 -0.84
CA CYS A 170 79.28 -19.31 -0.23
C CYS A 170 79.29 -20.41 -1.23
N ILE A 171 78.84 -20.09 -2.43
CA ILE A 171 78.81 -21.12 -3.46
C ILE A 171 79.65 -20.73 -4.65
N GLY A 172 80.51 -19.72 -4.46
CA GLY A 172 81.38 -19.31 -5.54
C GLY A 172 80.56 -18.50 -6.54
N ASP A 173 80.99 -18.62 -7.79
CA ASP A 173 80.38 -17.95 -8.93
C ASP A 173 79.35 -18.90 -9.49
N ILE A 174 78.19 -18.34 -9.83
CA ILE A 174 77.25 -19.28 -10.36
C ILE A 174 77.66 -19.96 -11.64
N ASN A 175 77.21 -21.20 -11.85
CA ASN A 175 77.36 -21.87 -13.12
C ASN A 175 76.10 -21.97 -13.88
N SER A 176 75.22 -22.82 -13.43
CA SER A 176 73.89 -23.05 -13.99
C SER A 176 72.73 -22.86 -13.02
N ILE A 177 71.55 -22.61 -13.58
CA ILE A 177 70.32 -22.46 -12.80
C ILE A 177 69.30 -23.29 -13.56
N GLU A 178 68.47 -23.97 -12.78
CA GLU A 178 67.33 -24.81 -13.27
C GLU A 178 66.08 -24.47 -12.45
N ILE A 179 64.95 -24.34 -13.10
CA ILE A 179 63.68 -24.08 -12.47
C ILE A 179 62.51 -25.01 -12.79
N SER A 180 61.48 -24.87 -11.96
CA SER A 180 60.17 -25.54 -12.08
C SER A 180 59.03 -24.81 -11.33
N GLY A 181 57.84 -24.76 -11.91
CA GLY A 181 56.66 -24.12 -11.31
C GLY A 181 55.33 -24.71 -11.76
N ASN A 182 54.28 -24.13 -11.20
CA ASN A 182 52.89 -24.51 -11.42
C ASN A 182 51.99 -23.26 -11.35
N GLY A 183 51.06 -23.11 -12.28
CA GLY A 183 50.17 -21.97 -12.24
C GLY A 183 49.07 -22.38 -11.24
N GLY A 184 48.80 -23.65 -11.07
CA GLY A 184 47.79 -23.98 -10.07
C GLY A 184 46.51 -24.35 -10.77
N TRP A 185 46.00 -23.30 -11.38
CA TRP A 185 44.73 -23.46 -12.07
C TRP A 185 44.67 -23.55 -13.56
N TYR A 186 45.78 -23.78 -14.20
CA TYR A 186 45.77 -23.96 -15.63
C TYR A 186 45.98 -25.43 -15.87
N GLY A 187 45.60 -26.20 -14.85
CA GLY A 187 45.80 -27.62 -14.87
C GLY A 187 44.79 -28.26 -15.80
N TYR A 188 44.45 -29.52 -15.53
CA TYR A 188 43.46 -30.25 -16.29
C TYR A 188 42.31 -30.06 -15.33
N GLU A 189 42.52 -29.23 -14.33
CA GLU A 189 41.51 -29.00 -13.31
C GLU A 189 41.56 -27.54 -12.85
N ARG A 190 40.36 -27.00 -12.74
CA ARG A 190 40.07 -25.66 -12.22
C ARG A 190 38.91 -25.73 -11.19
N PRO A 191 38.94 -24.85 -10.21
CA PRO A 191 38.03 -24.81 -9.06
C PRO A 191 36.73 -24.07 -9.16
N MET A 192 35.69 -24.50 -8.45
CA MET A 192 34.42 -23.80 -8.53
C MET A 192 34.45 -22.27 -8.51
N ARG A 193 35.04 -21.75 -7.44
CA ARG A 193 35.14 -20.32 -7.19
C ARG A 193 36.08 -19.50 -8.10
N SER A 194 37.09 -20.11 -8.74
CA SER A 194 38.08 -19.42 -9.58
C SER A 194 37.51 -18.47 -10.61
N PRO A 195 38.02 -17.23 -10.67
CA PRO A 195 37.57 -16.22 -11.62
C PRO A 195 37.84 -16.47 -13.10
N GLU A 196 36.73 -16.50 -13.83
CA GLU A 196 36.72 -16.77 -15.25
C GLU A 196 37.81 -15.95 -15.93
N TYR A 197 38.04 -14.74 -15.42
CA TYR A 197 39.01 -13.83 -16.02
C TYR A 197 40.44 -14.29 -15.85
N LEU A 198 40.63 -14.87 -14.71
CA LEU A 198 41.90 -15.28 -14.39
C LEU A 198 42.13 -15.86 -15.76
N TYR A 199 41.14 -16.59 -16.26
CA TYR A 199 41.24 -17.27 -17.54
C TYR A 199 40.76 -16.63 -18.84
N ASP A 200 40.58 -15.34 -18.87
CA ASP A 200 40.16 -14.70 -20.10
C ASP A 200 41.36 -14.36 -20.87
N ILE A 201 41.79 -15.18 -21.79
CA ILE A 201 43.04 -14.70 -22.36
C ILE A 201 43.49 -13.25 -22.12
N GLU A 202 42.66 -12.39 -22.70
CA GLU A 202 42.85 -10.95 -22.77
C GLU A 202 42.90 -10.29 -21.43
N SER A 203 42.60 -11.06 -20.44
CA SER A 203 42.67 -10.64 -19.05
C SER A 203 43.97 -9.88 -18.82
N GLY A 204 45.08 -10.58 -19.01
CA GLY A 204 46.35 -9.94 -18.69
C GLY A 204 46.71 -10.71 -17.43
N VAL A 205 46.01 -11.83 -17.28
CA VAL A 205 46.30 -12.67 -16.15
C VAL A 205 46.35 -14.11 -16.56
N ASN A 206 47.54 -14.62 -16.30
CA ASN A 206 47.94 -15.97 -16.64
C ASN A 206 49.33 -16.34 -16.00
N LEU A 207 49.68 -17.58 -16.29
CA LEU A 207 50.90 -18.23 -15.81
C LEU A 207 52.08 -17.26 -15.68
N ILE A 208 52.57 -16.91 -16.85
CA ILE A 208 53.72 -16.06 -16.98
C ILE A 208 53.61 -14.82 -16.16
N SER A 209 52.68 -14.03 -16.66
CA SER A 209 52.43 -12.72 -16.13
C SER A 209 52.61 -12.71 -14.65
N ASN A 210 51.75 -13.53 -14.07
CA ASN A 210 51.75 -13.55 -12.64
C ASN A 210 52.70 -14.60 -12.10
N SER A 211 52.14 -15.77 -11.84
CA SER A 211 53.03 -16.80 -11.32
C SER A 211 54.55 -16.89 -11.60
N PHE A 212 54.84 -16.88 -12.91
CA PHE A 212 56.21 -16.90 -13.37
C PHE A 212 56.83 -15.56 -13.10
N GLY A 213 56.18 -14.52 -13.63
CA GLY A 213 56.66 -13.19 -13.39
C GLY A 213 57.19 -13.10 -11.96
N HIS A 214 56.32 -13.52 -11.05
CA HIS A 214 56.63 -13.51 -9.62
C HIS A 214 57.93 -14.25 -9.34
N THR A 215 57.94 -15.48 -9.83
CA THR A 215 59.05 -16.43 -9.69
C THR A 215 60.41 -15.96 -10.22
N ILE A 216 60.43 -15.83 -11.54
CA ILE A 216 61.64 -15.40 -12.21
C ILE A 216 62.24 -14.19 -11.51
N ASP A 217 61.43 -13.16 -11.28
CA ASP A 217 61.89 -11.95 -10.66
C ASP A 217 62.69 -12.17 -9.40
N VAL A 218 62.19 -13.03 -8.53
CA VAL A 218 62.87 -13.36 -7.28
C VAL A 218 64.21 -13.97 -7.55
N LEU A 219 64.29 -14.59 -8.72
CA LEU A 219 65.56 -15.24 -9.06
C LEU A 219 66.51 -14.12 -9.48
N GLN A 220 66.05 -13.30 -10.44
CA GLN A 220 66.82 -12.17 -10.90
C GLN A 220 67.07 -11.46 -9.57
N TYR A 221 66.11 -11.56 -8.65
CA TYR A 221 66.30 -10.89 -7.38
C TYR A 221 67.39 -11.61 -6.58
N ILE A 222 67.23 -12.91 -6.41
CA ILE A 222 68.21 -13.67 -5.64
C ILE A 222 69.61 -13.50 -6.17
N THR A 223 69.79 -13.96 -7.39
CA THR A 223 71.08 -13.91 -8.03
C THR A 223 71.47 -12.48 -7.86
N GLY A 224 70.59 -11.60 -8.32
CA GLY A 224 70.88 -10.19 -8.21
C GLY A 224 71.59 -9.81 -9.52
N SER A 225 71.05 -10.31 -10.64
CA SER A 225 71.60 -10.01 -11.96
C SER A 225 70.36 -10.00 -12.82
N TYR A 226 70.35 -9.12 -13.81
CA TYR A 226 69.19 -9.10 -14.67
C TYR A 226 69.43 -9.96 -15.93
N PHE A 227 68.42 -10.06 -16.78
CA PHE A 227 68.67 -10.88 -17.95
C PHE A 227 69.29 -10.07 -19.05
N GLN A 228 69.99 -10.80 -19.90
CA GLN A 228 70.70 -10.23 -21.04
C GLN A 228 69.92 -10.58 -22.28
N LYS A 229 69.88 -11.87 -22.62
CA LYS A 229 69.05 -12.29 -23.75
C LYS A 229 68.18 -13.46 -23.25
N ILE A 230 67.07 -13.80 -24.01
CA ILE A 230 66.24 -14.87 -23.49
C ILE A 230 65.43 -15.52 -24.60
N ASN A 231 64.89 -16.78 -24.31
CA ASN A 231 63.95 -17.35 -25.27
C ASN A 231 62.69 -17.93 -24.60
N ALA A 232 61.55 -17.81 -25.24
CA ALA A 232 60.34 -18.33 -24.67
C ALA A 232 59.37 -18.94 -25.68
N MET A 233 58.70 -19.99 -25.21
CA MET A 233 57.76 -20.78 -25.97
C MET A 233 56.48 -21.04 -25.17
N ILE A 234 55.31 -20.72 -25.72
CA ILE A 234 54.11 -20.94 -24.90
C ILE A 234 53.05 -21.91 -25.42
N SER A 235 52.72 -22.88 -24.59
CA SER A 235 51.81 -23.95 -24.97
C SER A 235 50.36 -23.91 -24.55
N ASN A 236 49.47 -24.52 -25.34
CA ASN A 236 48.02 -24.54 -25.07
C ASN A 236 47.44 -25.86 -25.56
N ASN A 237 47.76 -26.87 -24.75
CA ASN A 237 47.33 -28.22 -25.04
C ASN A 237 46.18 -28.68 -24.13
N ILE A 238 45.77 -27.84 -23.18
CA ILE A 238 44.68 -28.10 -22.26
C ILE A 238 43.81 -26.92 -22.68
N PRO A 239 42.88 -27.29 -23.57
CA PRO A 239 41.95 -26.32 -24.15
C PRO A 239 40.57 -26.40 -23.51
N THR A 240 40.46 -27.28 -22.52
CA THR A 240 39.19 -27.51 -21.85
C THR A 240 39.54 -28.26 -20.58
N GLN A 241 38.96 -27.70 -19.51
CA GLN A 241 39.20 -28.30 -18.23
C GLN A 241 38.04 -28.70 -17.37
N PHE A 242 38.40 -29.54 -16.41
CA PHE A 242 37.50 -30.09 -15.42
C PHE A 242 37.06 -29.14 -14.31
N LEU A 243 35.80 -29.27 -13.97
CA LEU A 243 35.36 -28.39 -12.90
C LEU A 243 35.40 -29.12 -11.59
N LEU A 244 35.81 -28.42 -10.55
CA LEU A 244 35.89 -29.07 -9.24
C LEU A 244 34.85 -28.75 -8.18
N ASP A 245 34.28 -29.80 -7.61
CA ASP A 245 33.30 -29.35 -6.64
C ASP A 245 34.08 -28.88 -5.45
N GLU A 246 33.53 -27.85 -4.84
CA GLU A 246 34.07 -27.19 -3.67
C GLU A 246 35.15 -28.02 -2.97
N ASN A 247 34.88 -29.30 -2.71
CA ASN A 247 35.83 -30.21 -2.02
C ASN A 247 37.07 -30.53 -2.82
N GLY A 248 36.96 -30.37 -4.13
CA GLY A 248 38.04 -30.69 -5.06
C GLY A 248 37.63 -31.95 -5.76
N LYS A 249 36.50 -32.51 -5.36
CA LYS A 249 36.21 -33.70 -6.10
C LYS A 249 35.88 -33.04 -7.43
N ARG A 250 36.42 -33.62 -8.52
CA ARG A 250 36.15 -33.15 -9.89
C ARG A 250 34.75 -33.50 -10.33
N THR A 251 34.38 -32.93 -11.46
CA THR A 251 33.01 -33.19 -11.92
C THR A 251 32.92 -33.23 -13.43
N LYS A 252 32.15 -34.19 -13.87
CA LYS A 252 31.88 -34.38 -15.28
C LYS A 252 31.76 -33.04 -16.09
N GLU A 253 31.62 -31.88 -15.45
CA GLU A 253 31.43 -30.57 -16.07
C GLU A 253 32.71 -29.93 -16.57
N THR A 254 32.59 -29.25 -17.71
CA THR A 254 33.81 -28.76 -18.30
C THR A 254 33.83 -27.49 -19.14
N ILE A 255 34.96 -26.78 -18.95
CA ILE A 255 35.15 -25.36 -19.14
C ILE A 255 36.36 -24.94 -19.95
N SER A 256 36.29 -23.77 -20.57
CA SER A 256 37.29 -23.29 -21.52
C SER A 256 38.34 -22.27 -21.13
N LYS A 257 39.61 -22.56 -21.45
CA LYS A 257 40.74 -21.75 -21.06
C LYS A 257 41.40 -21.24 -22.29
N THR A 258 41.86 -20.01 -22.27
CA THR A 258 42.53 -19.46 -23.41
C THR A 258 43.81 -18.86 -22.91
N CYS A 259 43.99 -18.98 -21.61
CA CYS A 259 45.23 -18.65 -20.96
C CYS A 259 45.96 -20.00 -21.08
N PRO A 260 47.28 -19.99 -21.37
CA PRO A 260 48.13 -21.17 -21.63
C PRO A 260 48.48 -22.15 -20.52
N ASP A 261 48.62 -23.42 -20.90
CA ASP A 261 48.89 -24.50 -19.97
C ASP A 261 50.32 -24.82 -19.52
N HIS A 262 51.32 -24.24 -20.21
CA HIS A 262 52.75 -24.44 -19.98
C HIS A 262 53.56 -23.45 -20.80
N LEU A 263 54.68 -23.07 -20.21
CA LEU A 263 55.57 -22.16 -20.89
C LEU A 263 56.97 -22.70 -20.58
N LEU A 264 57.80 -22.58 -21.60
CA LEU A 264 59.21 -22.93 -21.52
C LEU A 264 59.98 -21.66 -21.84
N PHE A 265 61.03 -21.45 -21.04
CA PHE A 265 61.84 -20.26 -21.10
C PHE A 265 63.31 -20.54 -20.69
N GLN A 266 64.26 -19.98 -21.43
CA GLN A 266 65.68 -20.10 -21.11
C GLN A 266 66.16 -18.70 -21.38
N GLY A 267 67.28 -18.33 -20.77
CA GLY A 267 67.83 -16.99 -21.01
C GLY A 267 69.23 -16.93 -20.44
N ILE A 268 70.05 -15.97 -20.84
CA ILE A 268 71.39 -15.90 -20.25
C ILE A 268 71.51 -14.67 -19.43
N LEU A 269 71.71 -14.97 -18.16
CA LEU A 269 71.81 -13.96 -17.16
C LEU A 269 72.87 -12.92 -17.53
N GLU A 270 72.56 -11.68 -17.29
CA GLU A 270 73.51 -10.62 -17.61
C GLU A 270 74.80 -10.94 -16.90
N ASN A 271 74.77 -11.05 -15.57
CA ASN A 271 75.95 -11.33 -14.74
C ASN A 271 76.61 -12.69 -14.75
N GLY A 272 77.59 -12.85 -15.64
CA GLY A 272 78.35 -14.09 -15.75
C GLY A 272 78.01 -14.84 -17.03
N LYS A 273 76.89 -14.53 -17.60
CA LYS A 273 76.44 -15.21 -18.77
C LYS A 273 75.97 -16.49 -18.22
N VAL A 274 75.58 -16.43 -16.97
CA VAL A 274 75.10 -17.58 -16.26
C VAL A 274 73.85 -17.96 -17.10
N PRO A 275 73.74 -19.27 -17.38
CA PRO A 275 72.59 -19.80 -18.12
C PRO A 275 71.36 -20.20 -17.29
N VAL A 276 70.19 -19.98 -17.84
CA VAL A 276 69.04 -20.45 -17.12
C VAL A 276 67.94 -21.21 -17.78
N SER A 277 67.70 -22.37 -17.22
CA SER A 277 66.68 -23.30 -17.63
C SER A 277 65.46 -23.23 -16.72
N CYS A 278 64.26 -23.10 -17.27
CA CYS A 278 63.09 -23.06 -16.46
C CYS A 278 61.84 -23.59 -17.13
N SER A 279 61.21 -24.61 -16.56
CA SER A 279 59.98 -25.24 -17.10
C SER A 279 58.83 -25.04 -16.10
N PHE A 280 57.82 -24.27 -16.52
CA PHE A 280 56.66 -23.93 -15.72
C PHE A 280 55.38 -24.62 -16.13
N LYS A 281 54.97 -25.62 -15.37
CA LYS A 281 53.70 -26.32 -15.59
C LYS A 281 52.51 -25.40 -15.18
N GLY A 282 51.36 -25.58 -15.85
CA GLY A 282 50.16 -24.78 -15.56
C GLY A 282 49.28 -25.16 -14.36
N GLY A 283 49.21 -26.44 -14.02
CA GLY A 283 48.46 -26.83 -12.82
C GLY A 283 48.49 -28.34 -12.50
N THR A 284 47.29 -28.91 -12.54
CA THR A 284 47.04 -30.34 -12.24
C THR A 284 46.67 -31.22 -13.42
N PRO A 285 47.02 -32.50 -13.32
CA PRO A 285 47.73 -33.01 -12.18
C PRO A 285 49.12 -32.46 -11.93
N VAL A 286 49.48 -32.61 -10.66
CA VAL A 286 50.73 -32.15 -10.08
C VAL A 286 51.86 -33.18 -10.14
N LYS A 287 53.08 -32.61 -10.20
CA LYS A 287 54.26 -33.43 -10.35
C LYS A 287 54.23 -34.25 -9.10
N LYS A 288 54.44 -35.54 -9.21
CA LYS A 288 54.48 -36.36 -8.04
C LYS A 288 55.81 -36.96 -7.82
N LEU A 289 56.70 -36.93 -8.80
CA LEU A 289 58.00 -37.52 -8.46
C LEU A 289 59.00 -36.38 -8.17
N THR A 290 58.57 -35.12 -8.19
CA THR A 290 59.40 -33.96 -7.93
C THR A 290 58.68 -32.81 -7.29
N LYS A 291 59.44 -31.93 -6.65
CA LYS A 291 58.85 -30.79 -5.97
C LYS A 291 58.23 -29.92 -7.08
N ASN A 292 57.00 -29.47 -6.87
CA ASN A 292 56.42 -28.65 -7.93
C ASN A 292 57.07 -27.28 -7.97
N LEU A 293 57.81 -26.95 -6.90
CA LEU A 293 58.54 -25.69 -6.89
C LEU A 293 60.01 -25.78 -6.52
N VAL A 294 60.90 -25.52 -7.46
CA VAL A 294 62.30 -25.65 -7.14
C VAL A 294 63.20 -24.70 -7.91
N ILE A 295 64.25 -24.30 -7.23
CA ILE A 295 65.27 -23.46 -7.81
C ILE A 295 66.67 -24.06 -7.61
N ASP A 296 67.23 -24.62 -8.68
CA ASP A 296 68.50 -25.28 -8.57
C ASP A 296 69.63 -24.46 -9.13
N ILE A 297 70.38 -23.93 -8.18
CA ILE A 297 71.52 -23.07 -8.45
C ILE A 297 72.86 -23.78 -8.37
N HIS A 298 73.64 -23.86 -9.44
CA HIS A 298 74.91 -24.54 -9.36
C HIS A 298 76.00 -23.54 -9.16
N GLY A 299 76.55 -23.56 -7.98
CA GLY A 299 77.62 -22.62 -7.65
C GLY A 299 78.97 -23.31 -7.97
N THR A 300 80.07 -22.57 -7.79
CA THR A 300 81.36 -23.17 -8.07
C THR A 300 81.95 -23.85 -6.83
N LYS A 301 81.58 -23.39 -5.61
CA LYS A 301 82.12 -23.97 -4.39
C LYS A 301 80.96 -24.71 -3.73
N GLY A 302 79.76 -24.47 -4.25
CA GLY A 302 78.61 -25.19 -3.69
C GLY A 302 77.29 -25.25 -4.44
N ASP A 303 76.25 -25.75 -3.76
CA ASP A 303 74.90 -25.83 -4.34
C ASP A 303 73.86 -25.25 -3.37
N LEU A 304 72.76 -24.74 -3.92
CA LEU A 304 71.64 -24.18 -3.15
C LEU A 304 70.30 -24.59 -3.79
N LYS A 305 69.44 -25.32 -3.11
CA LYS A 305 68.17 -25.67 -3.70
C LYS A 305 67.02 -25.23 -2.78
N ILE A 306 66.01 -24.63 -3.42
CA ILE A 306 64.79 -24.21 -2.75
C ILE A 306 63.61 -24.99 -3.33
N GLU A 307 62.78 -25.54 -2.45
CA GLU A 307 61.73 -26.44 -2.90
C GLU A 307 60.37 -26.26 -2.23
N GLY A 308 59.27 -26.16 -2.98
CA GLY A 308 57.94 -25.95 -2.42
C GLY A 308 57.07 -26.92 -3.16
N ASP A 309 55.87 -27.21 -2.62
CA ASP A 309 54.97 -28.17 -3.23
C ASP A 309 53.93 -27.25 -3.89
N ALA A 310 53.95 -26.00 -3.45
CA ALA A 310 53.04 -25.04 -4.05
C ALA A 310 53.96 -24.00 -4.69
N GLY A 311 53.88 -23.88 -6.01
CA GLY A 311 54.70 -22.92 -6.76
C GLY A 311 54.51 -21.45 -6.40
N PHE A 312 53.83 -21.19 -5.29
CA PHE A 312 53.51 -19.82 -4.98
C PHE A 312 54.44 -19.40 -3.95
N VAL A 313 55.65 -19.14 -4.39
CA VAL A 313 56.74 -18.77 -3.52
C VAL A 313 56.49 -17.50 -2.71
N GLU A 314 55.72 -16.72 -3.47
CA GLU A 314 55.34 -15.38 -3.09
C GLU A 314 54.55 -15.46 -1.81
N ILE A 315 53.83 -16.55 -1.73
CA ILE A 315 52.93 -16.86 -0.65
C ILE A 315 53.56 -18.02 0.13
N SER A 316 54.30 -18.92 -0.52
CA SER A 316 54.84 -20.13 0.16
C SER A 316 55.98 -20.16 1.16
N ASN A 317 55.82 -21.16 2.01
CA ASN A 317 56.75 -21.34 3.11
C ASN A 317 57.43 -22.49 2.42
N LEU A 318 58.72 -22.28 2.14
CA LEU A 318 59.52 -23.30 1.49
C LEU A 318 60.60 -23.84 2.44
N VAL A 319 61.57 -24.49 1.81
CA VAL A 319 62.69 -25.02 2.54
C VAL A 319 63.94 -24.84 1.73
N LEU A 320 65.01 -24.52 2.43
CA LEU A 320 66.23 -24.29 1.71
C LEU A 320 67.41 -25.12 2.10
N TYR A 321 67.90 -25.81 1.09
CA TYR A 321 69.03 -26.67 1.32
C TYR A 321 70.14 -25.97 0.61
N PHE A 322 71.22 -25.90 1.34
CA PHE A 322 72.35 -25.37 0.65
C PHE A 322 73.50 -26.29 1.01
N TYR A 323 74.57 -26.20 0.23
CA TYR A 323 75.77 -26.92 0.57
C TYR A 323 76.99 -26.24 -0.02
N GLY A 324 78.05 -26.08 0.76
CA GLY A 324 79.21 -25.45 0.18
C GLY A 324 79.98 -24.86 1.37
N ILE A 325 80.83 -23.88 1.08
CA ILE A 325 81.66 -23.30 2.13
C ILE A 325 81.10 -22.31 3.11
N LYS A 326 81.10 -22.77 4.37
CA LYS A 326 80.67 -22.04 5.58
C LYS A 326 80.77 -20.55 5.40
N ASN A 327 81.96 -20.12 4.95
CA ASN A 327 82.26 -18.69 4.75
C ASN A 327 82.18 -18.04 3.36
N GLY A 328 83.28 -18.13 2.59
CA GLY A 328 83.35 -17.52 1.27
C GLY A 328 83.47 -16.01 1.24
N GLU A 362 87.81 -24.46 1.21
CA GLU A 362 87.83 -25.88 0.89
C GLU A 362 86.88 -26.80 1.69
N GLU A 363 86.63 -26.47 2.95
CA GLU A 363 85.74 -27.24 3.84
C GLU A 363 84.28 -26.86 3.64
N GLN A 364 83.63 -27.65 2.79
CA GLN A 364 82.23 -27.41 2.42
C GLN A 364 81.30 -27.93 3.48
N THR A 365 80.17 -27.23 3.58
CA THR A 365 79.17 -27.52 4.61
C THR A 365 77.73 -27.61 4.14
N MET A 366 76.94 -28.38 4.88
CA MET A 366 75.51 -28.52 4.53
C MET A 366 74.58 -27.67 5.41
N GLU A 367 73.57 -27.09 4.82
CA GLU A 367 72.68 -26.44 5.68
C GLU A 367 71.28 -26.38 5.23
N VAL A 368 70.38 -26.65 6.17
CA VAL A 368 68.97 -26.78 5.84
C VAL A 368 68.23 -25.68 6.51
N PHE A 369 67.75 -24.77 5.68
CA PHE A 369 66.94 -23.67 6.17
C PHE A 369 65.46 -23.81 5.88
N HIS A 370 64.67 -24.18 6.88
CA HIS A 370 63.23 -24.32 6.72
C HIS A 370 62.78 -23.73 8.03
N LEU A 371 61.70 -22.98 7.97
CA LEU A 371 61.17 -22.31 9.15
C LEU A 371 59.71 -22.69 9.41
N ARG A 372 59.64 -23.84 10.07
CA ARG A 372 58.40 -24.43 10.50
C ARG A 372 57.28 -23.42 10.80
N ASN A 373 56.09 -23.73 10.31
CA ASN A 373 54.96 -22.85 10.56
C ASN A 373 55.36 -21.34 10.56
N TYR A 374 55.76 -20.77 9.45
CA TYR A 374 56.00 -19.35 9.38
C TYR A 374 54.90 -19.02 8.44
N ASN A 375 54.12 -18.00 8.72
CA ASN A 375 52.96 -17.71 7.88
C ASN A 375 53.43 -16.80 6.74
N SER A 376 53.86 -17.43 5.66
CA SER A 376 54.34 -16.67 4.56
C SER A 376 53.21 -15.93 3.96
N VAL A 377 52.07 -16.63 3.92
CA VAL A 377 50.89 -16.08 3.28
C VAL A 377 50.78 -14.63 3.70
N VAL A 378 50.70 -14.48 5.02
CA VAL A 378 50.60 -13.11 5.55
C VAL A 378 51.97 -12.58 5.95
N GLY A 379 52.80 -13.44 6.50
CA GLY A 379 54.11 -12.93 6.95
C GLY A 379 54.75 -12.05 5.91
N ASN A 380 54.76 -12.58 4.70
CA ASN A 380 55.39 -11.88 3.62
C ASN A 380 54.96 -10.48 3.34
N ILE A 381 53.64 -10.24 3.22
CA ILE A 381 53.29 -8.86 3.02
C ILE A 381 53.81 -8.03 4.23
N LEU A 382 53.56 -8.55 5.44
CA LEU A 382 54.00 -7.88 6.63
C LEU A 382 55.41 -7.41 6.46
N ARG A 383 56.27 -8.18 5.88
CA ARG A 383 57.64 -7.78 5.77
C ARG A 383 57.81 -6.70 4.81
N ILE A 384 56.82 -6.49 3.99
CA ILE A 384 56.99 -5.35 3.07
C ILE A 384 56.48 -4.06 3.70
N TYR A 385 55.48 -4.25 4.54
CA TYR A 385 54.97 -3.08 5.28
C TYR A 385 56.14 -2.63 6.18
N GLU A 386 56.87 -3.53 6.84
CA GLU A 386 57.96 -3.01 7.65
C GLU A 386 58.90 -2.25 6.73
N SER A 387 59.46 -2.83 5.64
CA SER A 387 60.39 -2.08 4.79
C SER A 387 59.92 -0.64 4.56
N ILE A 388 58.59 -0.50 4.50
CA ILE A 388 58.01 0.79 4.25
C ILE A 388 58.11 1.62 5.50
N ALA A 389 57.55 1.16 6.61
CA ALA A 389 57.69 1.82 7.89
C ALA A 389 59.17 2.29 8.13
N ASP A 390 60.07 1.34 7.92
CA ASP A 390 61.50 1.56 8.13
C ASP A 390 61.78 2.96 7.59
N TYR A 391 62.02 2.95 6.29
CA TYR A 391 62.28 4.14 5.54
C TYR A 391 61.35 5.24 6.02
N HIS A 392 60.09 5.04 6.26
CA HIS A 392 59.35 6.22 6.69
C HIS A 392 59.70 6.64 8.08
N PHE A 393 59.42 5.85 9.09
CA PHE A 393 59.75 6.32 10.41
C PHE A 393 61.23 6.39 10.63
N LEU A 394 62.01 6.29 9.58
CA LEU A 394 63.45 6.31 9.72
C LEU A 394 64.05 7.28 8.66
N LYS A 413 62.99 10.72 -3.07
CA LYS A 413 62.44 9.35 -2.99
C LYS A 413 63.30 8.31 -3.72
N PHE A 414 63.03 7.07 -3.37
CA PHE A 414 63.64 5.87 -3.90
C PHE A 414 63.29 5.66 -5.39
N ASP A 415 64.11 4.85 -6.07
CA ASP A 415 63.89 4.53 -7.48
C ASP A 415 63.38 3.13 -7.86
N LYS A 416 64.02 2.13 -7.26
CA LYS A 416 63.61 0.76 -7.46
C LYS A 416 64.44 0.06 -6.40
N GLN A 417 63.97 -1.07 -5.90
CA GLN A 417 64.77 -1.70 -4.89
C GLN A 417 65.86 -2.36 -5.68
N GLY A 418 65.50 -2.90 -6.84
CA GLY A 418 66.52 -3.48 -7.69
C GLY A 418 67.16 -4.75 -7.14
N PHE A 419 68.41 -4.52 -6.63
CA PHE A 419 69.14 -5.67 -6.12
C PHE A 419 69.61 -5.48 -4.70
N ARG A 420 69.09 -4.37 -4.21
CA ARG A 420 69.26 -3.93 -2.84
C ARG A 420 68.49 -4.78 -1.81
N PHE A 421 69.11 -4.94 -0.66
CA PHE A 421 68.71 -5.84 0.40
C PHE A 421 67.66 -5.27 1.34
N GLU A 422 67.67 -3.97 1.53
CA GLU A 422 66.60 -3.25 2.23
C GLU A 422 65.77 -2.36 1.30
N GLY A 423 64.71 -1.78 1.85
CA GLY A 423 63.81 -0.97 1.03
C GLY A 423 62.73 -1.96 0.59
N PHE A 424 62.17 -1.77 -0.59
CA PHE A 424 61.12 -2.66 -1.08
C PHE A 424 61.16 -2.23 -2.54
N PRO A 425 60.57 -3.06 -3.41
CA PRO A 425 60.50 -2.79 -4.83
C PRO A 425 59.43 -1.76 -5.33
N THR A 426 59.83 -1.07 -6.39
CA THR A 426 58.88 -0.11 -6.92
C THR A 426 58.23 -0.32 -8.24
N PHE A 427 57.59 0.73 -8.73
CA PHE A 427 56.87 0.55 -9.98
C PHE A 427 57.98 0.45 -10.98
N LYS A 428 59.12 0.94 -10.56
CA LYS A 428 60.27 0.79 -11.45
C LYS A 428 60.37 -0.73 -11.57
N ASP A 429 60.72 -1.31 -10.43
CA ASP A 429 60.72 -2.75 -10.51
C ASP A 429 59.45 -3.25 -11.24
N ALA A 430 58.20 -3.02 -10.78
CA ALA A 430 57.01 -3.57 -11.41
C ALA A 430 57.19 -3.61 -12.92
N ILE A 431 57.74 -2.50 -13.40
CA ILE A 431 57.93 -2.25 -14.82
C ILE A 431 58.91 -3.14 -15.57
N ILE A 432 60.09 -3.20 -14.98
CA ILE A 432 61.20 -3.96 -15.54
C ILE A 432 60.69 -5.37 -15.73
N LEU A 433 60.15 -6.00 -14.69
CA LEU A 433 59.52 -7.32 -14.84
C LEU A 433 58.55 -7.27 -16.02
N HIS A 434 57.54 -6.39 -15.89
CA HIS A 434 56.54 -6.19 -16.93
C HIS A 434 57.16 -6.17 -18.32
N ARG A 435 58.11 -5.26 -18.49
CA ARG A 435 58.83 -5.08 -19.72
C ARG A 435 59.40 -6.40 -20.22
N LEU A 436 60.12 -7.01 -19.31
CA LEU A 436 60.72 -8.29 -19.57
C LEU A 436 59.63 -9.35 -19.89
N ILE A 437 58.45 -9.24 -19.31
CA ILE A 437 57.50 -10.24 -19.59
C ILE A 437 57.00 -10.11 -21.02
N ASP A 438 56.80 -8.88 -21.49
CA ASP A 438 56.38 -8.78 -22.88
C ASP A 438 57.38 -9.56 -23.71
N ALA A 439 58.65 -9.35 -23.37
CA ALA A 439 59.72 -10.00 -24.08
C ALA A 439 59.32 -11.43 -24.34
N VAL A 440 59.20 -12.18 -23.26
CA VAL A 440 58.80 -13.58 -23.22
C VAL A 440 57.72 -13.77 -24.27
N PHE A 441 56.70 -12.92 -24.14
CA PHE A 441 55.60 -13.01 -25.06
C PHE A 441 56.00 -12.81 -26.49
N ARG A 442 56.66 -11.68 -26.75
CA ARG A 442 57.11 -11.37 -28.10
C ARG A 442 58.03 -12.49 -28.59
N SER A 443 58.86 -12.98 -27.70
CA SER A 443 59.79 -14.02 -28.07
C SER A 443 59.06 -15.26 -28.59
N ASP A 444 58.15 -15.85 -27.82
CA ASP A 444 57.50 -17.07 -28.32
C ASP A 444 56.96 -16.70 -29.68
N LYS A 445 56.15 -15.64 -29.70
CA LYS A 445 55.47 -15.23 -30.92
C LYS A 445 56.45 -15.17 -32.06
N GLU A 446 57.41 -14.25 -31.90
CA GLU A 446 58.40 -14.08 -32.95
C GLU A 446 59.25 -15.31 -33.23
N GLU A 447 59.26 -16.28 -32.32
CA GLU A 447 60.03 -17.51 -32.44
C GLU A 447 61.53 -17.18 -32.58
N LYS A 448 61.94 -16.24 -31.73
CA LYS A 448 63.31 -15.72 -31.71
C LYS A 448 63.87 -15.45 -30.28
N THR A 449 65.19 -15.33 -30.15
CA THR A 449 65.79 -15.01 -28.87
C THR A 449 66.21 -13.53 -28.85
N LEU A 450 65.57 -12.81 -27.97
CA LEU A 450 65.66 -11.40 -27.89
C LEU A 450 66.60 -10.91 -26.81
N ASP A 451 67.17 -9.74 -27.01
CA ASP A 451 68.05 -9.09 -26.07
C ASP A 451 67.35 -8.13 -25.10
N VAL A 452 67.38 -8.50 -23.84
CA VAL A 452 66.60 -7.89 -22.80
C VAL A 452 67.48 -7.15 -21.88
N SER A 453 68.41 -6.46 -22.46
CA SER A 453 69.42 -5.68 -21.76
C SER A 453 69.19 -4.20 -21.88
N LYS A 454 67.98 -3.77 -22.10
CA LYS A 454 67.78 -2.36 -22.08
C LYS A 454 66.53 -2.23 -21.33
N ILE A 455 65.93 -3.35 -21.10
CA ILE A 455 64.84 -3.43 -20.21
C ILE A 455 65.00 -2.49 -19.01
N MET A 456 66.17 -2.41 -18.43
CA MET A 456 66.38 -1.76 -17.16
C MET A 456 66.70 -0.29 -17.17
N ILE A 457 66.36 0.36 -18.24
CA ILE A 457 66.77 1.68 -18.49
C ILE A 457 65.55 2.48 -18.93
N LEU A 458 65.48 3.70 -18.43
CA LEU A 458 64.51 4.61 -18.94
C LEU A 458 64.72 6.10 -18.85
N GLU A 459 63.67 6.81 -19.25
CA GLU A 459 63.70 8.17 -19.69
C GLU A 459 62.49 8.38 -20.58
N LEU B 4 60.68 -32.55 10.33
CA LEU B 4 59.48 -32.68 9.51
C LEU B 4 59.35 -31.29 8.93
N PHE B 5 58.76 -31.19 7.75
CA PHE B 5 58.64 -29.85 7.20
C PHE B 5 57.22 -29.59 6.80
N ASN B 6 56.73 -28.50 7.38
CA ASN B 6 55.36 -28.10 7.12
C ASN B 6 55.58 -27.16 5.97
N THR B 7 55.47 -27.65 4.72
CA THR B 7 55.62 -26.77 3.57
C THR B 7 54.21 -26.42 3.09
N THR B 8 54.19 -25.51 2.14
CA THR B 8 52.91 -25.05 1.66
C THR B 8 52.39 -25.97 0.55
N THR B 9 51.20 -26.48 0.79
CA THR B 9 50.51 -27.37 -0.11
C THR B 9 49.52 -26.53 -0.88
N MET B 10 49.47 -26.87 -2.15
CA MET B 10 48.57 -26.15 -3.04
C MET B 10 47.19 -26.26 -2.43
N ASP B 11 46.85 -27.47 -2.02
CA ASP B 11 45.52 -27.68 -1.47
C ASP B 11 45.17 -26.52 -0.52
N ASP B 12 46.07 -26.22 0.40
CA ASP B 12 45.87 -25.13 1.32
C ASP B 12 45.62 -23.88 0.51
N VAL B 13 46.66 -23.52 -0.22
CA VAL B 13 46.67 -22.34 -1.04
C VAL B 13 45.30 -22.04 -1.55
N TYR B 14 44.63 -23.06 -2.08
CA TYR B 14 43.29 -23.02 -2.61
C TYR B 14 42.26 -22.51 -1.63
N ASN B 15 42.45 -22.95 -0.39
CA ASN B 15 41.57 -22.47 0.63
C ASN B 15 41.64 -20.96 0.84
N TYR B 16 42.82 -20.51 1.28
CA TYR B 16 43.05 -19.09 1.49
C TYR B 16 42.70 -18.22 0.28
N ILE B 17 42.92 -18.76 -0.90
CA ILE B 17 42.68 -18.02 -2.14
C ILE B 17 41.33 -18.45 -2.76
N SER C 14 73.24 -70.19 -44.21
CA SER C 14 72.63 -69.30 -43.24
C SER C 14 73.04 -69.52 -41.79
N SER C 15 72.30 -70.37 -41.10
CA SER C 15 72.47 -70.59 -39.67
C SER C 15 73.81 -70.50 -38.90
N ARG C 16 74.90 -70.10 -39.54
CA ARG C 16 76.18 -70.03 -38.82
C ARG C 16 76.92 -68.70 -38.68
N PRO C 17 77.50 -68.45 -37.52
CA PRO C 17 78.04 -67.14 -37.23
C PRO C 17 78.17 -66.09 -38.31
N ILE C 18 77.82 -64.89 -37.83
CA ILE C 18 77.93 -63.60 -38.52
C ILE C 18 79.40 -63.33 -38.26
N ARG C 19 80.13 -62.90 -39.27
CA ARG C 19 81.55 -62.72 -39.07
C ARG C 19 81.77 -61.25 -39.10
N VAL C 20 82.26 -60.77 -37.99
CA VAL C 20 82.54 -59.35 -37.85
C VAL C 20 83.99 -58.96 -38.20
N GLY C 21 84.11 -57.88 -38.99
CA GLY C 21 85.43 -57.41 -39.39
C GLY C 21 85.61 -56.25 -38.46
N PHE C 22 86.80 -56.11 -37.91
CA PHE C 22 86.93 -55.05 -36.93
C PHE C 22 87.92 -53.98 -37.25
N VAL C 23 87.41 -52.78 -37.27
CA VAL C 23 88.18 -51.54 -37.42
C VAL C 23 88.21 -50.73 -36.10
N GLY C 24 89.42 -50.62 -35.53
CA GLY C 24 89.55 -49.90 -34.29
C GLY C 24 89.83 -50.91 -33.18
N LEU C 25 90.23 -52.12 -33.56
CA LEU C 25 90.56 -53.04 -32.48
C LEU C 25 92.03 -52.84 -32.14
N THR C 26 92.18 -51.91 -31.20
CA THR C 26 93.45 -51.48 -30.67
C THR C 26 94.20 -52.60 -29.97
N SER C 27 93.66 -53.17 -28.91
CA SER C 27 94.38 -54.24 -28.25
C SER C 27 93.42 -54.85 -27.26
N GLY C 28 93.96 -55.72 -26.40
CA GLY C 28 93.11 -56.34 -25.41
C GLY C 28 92.61 -55.40 -24.31
N LYS C 29 92.85 -54.12 -24.44
CA LYS C 29 92.46 -53.18 -23.40
C LYS C 29 91.98 -51.88 -24.02
N SER C 30 91.34 -52.05 -25.17
CA SER C 30 90.79 -50.95 -25.97
C SER C 30 89.33 -50.88 -25.63
N TRP C 31 88.73 -49.75 -25.89
CA TRP C 31 87.30 -49.49 -25.69
C TRP C 31 86.42 -50.67 -26.14
N VAL C 32 86.47 -50.84 -27.44
CA VAL C 32 85.77 -51.90 -28.12
C VAL C 32 86.10 -53.15 -27.28
N ALA C 33 87.40 -53.45 -27.16
CA ALA C 33 87.90 -54.58 -26.40
C ALA C 33 87.05 -54.88 -25.22
N LYS C 34 86.92 -53.86 -24.42
CA LYS C 34 86.12 -53.87 -23.22
C LYS C 34 84.63 -53.72 -23.38
N THR C 35 84.15 -53.65 -24.63
CA THR C 35 82.72 -53.56 -24.84
C THR C 35 82.20 -54.44 -25.97
N HIS C 36 82.56 -54.13 -27.20
CA HIS C 36 82.13 -54.92 -28.33
C HIS C 36 82.56 -56.40 -28.18
N PHE C 37 83.81 -56.69 -27.88
CA PHE C 37 84.31 -58.06 -27.77
C PHE C 37 83.46 -58.94 -26.90
N LEU C 38 82.99 -58.41 -25.81
CA LEU C 38 82.14 -59.12 -24.87
C LEU C 38 80.72 -59.19 -25.37
N ALA C 39 80.30 -58.16 -26.13
CA ALA C 39 78.94 -58.27 -26.67
C ALA C 39 79.00 -59.54 -27.57
N ILE C 40 80.13 -59.77 -28.26
CA ILE C 40 80.27 -60.92 -29.18
C ILE C 40 80.64 -62.24 -28.49
N GLN C 41 81.01 -62.14 -27.23
CA GLN C 41 81.44 -63.39 -26.59
C GLN C 41 80.32 -64.12 -25.99
N GLN C 42 79.19 -63.48 -25.92
CA GLN C 42 78.05 -64.06 -25.34
C GLN C 42 77.21 -64.37 -26.50
N LEU C 43 77.58 -63.89 -27.65
CA LEU C 43 76.87 -64.25 -28.81
C LEU C 43 77.89 -64.89 -29.65
N SER C 44 78.78 -65.66 -29.03
CA SER C 44 79.79 -66.41 -29.76
C SER C 44 78.98 -67.26 -30.72
N SER C 45 77.87 -67.77 -30.22
CA SER C 45 76.89 -68.60 -30.95
C SER C 45 76.42 -68.02 -32.32
N GLN C 46 76.31 -66.69 -32.37
CA GLN C 46 75.85 -66.02 -33.59
C GLN C 46 76.85 -65.11 -34.26
N PHE C 47 77.88 -64.71 -33.50
CA PHE C 47 78.95 -63.88 -34.06
C PHE C 47 80.35 -64.41 -33.92
N GLN C 48 81.09 -64.29 -34.99
CA GLN C 48 82.46 -64.64 -34.89
C GLN C 48 83.21 -63.45 -35.38
N ILE C 49 84.36 -63.23 -34.82
CA ILE C 49 85.17 -62.10 -35.25
C ILE C 49 86.26 -62.76 -36.07
N VAL C 50 86.24 -62.30 -37.32
CA VAL C 50 87.04 -62.79 -38.42
C VAL C 50 88.11 -61.92 -39.01
N ALA C 51 88.11 -60.64 -38.68
CA ALA C 51 89.16 -59.78 -39.24
C ALA C 51 89.38 -58.49 -38.46
N LEU C 52 90.63 -58.15 -38.18
CA LEU C 52 90.91 -56.91 -37.45
C LEU C 52 91.60 -55.83 -38.28
N TYR C 53 91.00 -54.70 -38.63
CA TYR C 53 91.93 -53.80 -39.29
C TYR C 53 92.61 -52.95 -38.19
N ASN C 54 93.88 -52.64 -38.50
CA ASN C 54 94.80 -51.78 -37.75
C ASN C 54 95.96 -51.60 -38.74
N PRO C 55 96.45 -50.35 -38.81
CA PRO C 55 97.58 -49.94 -39.66
C PRO C 55 98.79 -50.85 -39.49
N THR C 56 99.32 -50.99 -38.28
CA THR C 56 100.46 -51.88 -38.22
C THR C 56 99.94 -53.32 -37.99
N LEU C 57 100.44 -54.27 -38.78
CA LEU C 57 100.05 -55.66 -38.61
C LEU C 57 100.41 -56.07 -37.19
N LYS C 58 101.62 -55.72 -36.80
CA LYS C 58 102.11 -56.00 -35.45
C LYS C 58 100.94 -56.01 -34.46
N SER C 59 100.15 -54.91 -34.49
CA SER C 59 99.01 -54.67 -33.59
C SER C 59 97.82 -55.59 -33.76
N SER C 60 97.52 -56.06 -34.97
CA SER C 60 96.38 -56.94 -35.01
C SER C 60 96.78 -58.27 -34.40
N LEU C 61 97.86 -58.83 -34.93
CA LEU C 61 98.32 -60.11 -34.42
C LEU C 61 98.31 -60.18 -32.88
N GLN C 62 98.80 -59.13 -32.21
CA GLN C 62 98.82 -59.19 -30.76
C GLN C 62 97.39 -59.39 -30.31
N THR C 63 96.65 -58.33 -30.54
CA THR C 63 95.27 -58.27 -30.18
C THR C 63 94.88 -59.69 -30.30
N ILE C 64 95.04 -60.26 -31.48
CA ILE C 64 94.54 -61.61 -31.61
C ILE C 64 95.05 -62.62 -30.61
N GLU C 65 96.36 -62.70 -30.50
CA GLU C 65 96.97 -63.59 -29.57
C GLU C 65 96.57 -63.33 -28.14
N GLN C 66 96.34 -62.09 -27.77
CA GLN C 66 95.93 -61.85 -26.40
C GLN C 66 94.47 -62.23 -26.21
N LEU C 67 93.63 -61.83 -27.14
CA LEU C 67 92.20 -62.12 -27.06
C LEU C 67 91.92 -63.54 -27.48
N GLN C 68 92.89 -64.11 -28.15
CA GLN C 68 92.73 -65.47 -28.63
C GLN C 68 91.62 -65.51 -29.67
N LEU C 69 91.69 -64.56 -30.60
CA LEU C 69 90.71 -64.50 -31.66
C LEU C 69 91.05 -65.64 -32.60
N LYS C 70 90.46 -66.82 -32.38
CA LYS C 70 90.74 -67.96 -33.25
C LYS C 70 90.59 -67.61 -34.73
N HIS C 71 89.40 -67.15 -35.11
CA HIS C 71 89.08 -66.84 -36.49
C HIS C 71 89.59 -65.60 -37.17
N ALA C 72 90.25 -64.81 -36.36
CA ALA C 72 90.81 -63.53 -36.76
C ALA C 72 92.02 -63.80 -37.66
N THR C 73 92.11 -62.91 -38.66
CA THR C 73 93.11 -62.80 -39.70
C THR C 73 93.28 -61.29 -39.86
N GLY C 74 94.49 -60.73 -39.58
CA GLY C 74 94.76 -59.27 -39.66
C GLY C 74 95.16 -58.44 -40.90
N PHE C 75 94.62 -57.23 -41.00
CA PHE C 75 94.90 -56.35 -42.10
C PHE C 75 95.81 -55.14 -41.88
N ASP C 76 96.34 -54.68 -42.98
CA ASP C 76 97.31 -53.57 -43.06
C ASP C 76 96.68 -52.48 -43.87
N SER C 77 95.85 -52.92 -44.80
CA SER C 77 95.19 -51.94 -45.65
C SER C 77 93.75 -52.00 -45.34
N LEU C 78 93.04 -50.87 -45.51
CA LEU C 78 91.58 -50.84 -45.28
C LEU C 78 91.05 -51.56 -46.52
N GLU C 79 91.49 -51.07 -47.67
CA GLU C 79 91.09 -51.63 -48.95
C GLU C 79 91.33 -53.13 -48.77
N SER C 80 92.52 -53.50 -48.30
CA SER C 80 92.87 -54.89 -48.04
C SER C 80 91.69 -55.51 -47.31
N PHE C 81 91.37 -54.87 -46.18
CA PHE C 81 90.23 -55.22 -45.31
C PHE C 81 88.96 -55.19 -46.17
N ALA C 82 88.41 -54.00 -46.49
CA ALA C 82 87.17 -53.86 -47.26
C ALA C 82 86.80 -54.91 -48.28
N GLN C 83 87.79 -55.71 -48.66
CA GLN C 83 87.61 -56.75 -49.65
C GLN C 83 87.38 -58.21 -49.23
N TYR C 84 87.95 -58.60 -48.09
CA TYR C 84 87.85 -59.95 -47.51
C TYR C 84 86.36 -60.32 -47.63
N LYS C 85 86.00 -61.14 -48.62
CA LYS C 85 84.58 -61.49 -48.79
C LYS C 85 84.16 -62.39 -47.65
N ASP C 86 85.06 -62.62 -46.70
CA ASP C 86 84.68 -63.40 -45.53
C ASP C 86 83.91 -62.49 -44.53
N ILE C 87 83.86 -61.16 -44.72
CA ILE C 87 83.19 -60.42 -43.68
C ILE C 87 81.78 -60.06 -44.07
N ASP C 88 80.79 -60.65 -43.34
CA ASP C 88 79.42 -60.29 -43.63
C ASP C 88 79.25 -58.92 -42.98
N MET C 89 79.79 -58.75 -41.80
CA MET C 89 79.60 -57.44 -41.27
C MET C 89 80.73 -56.81 -40.51
N ILE C 90 81.01 -55.58 -40.90
CA ILE C 90 82.05 -54.78 -40.33
C ILE C 90 81.67 -53.70 -39.34
N VAL C 91 82.46 -53.65 -38.29
CA VAL C 91 82.30 -52.66 -37.24
C VAL C 91 83.44 -51.65 -37.07
N VAL C 92 83.04 -50.41 -37.35
CA VAL C 92 83.92 -49.28 -37.28
C VAL C 92 83.66 -48.52 -36.00
N SER C 93 84.63 -48.63 -35.13
CA SER C 93 84.57 -47.91 -33.87
C SER C 93 85.97 -47.30 -33.76
N VAL C 94 86.04 -46.05 -34.22
CA VAL C 94 87.26 -45.25 -34.24
C VAL C 94 86.85 -43.79 -34.18
N LYS C 95 87.74 -42.92 -33.67
CA LYS C 95 87.49 -41.47 -33.60
C LYS C 95 86.59 -41.02 -34.74
N VAL C 96 85.67 -40.17 -34.32
CA VAL C 96 84.61 -39.63 -35.13
C VAL C 96 85.18 -38.79 -36.23
N PRO C 97 86.29 -38.15 -35.96
CA PRO C 97 86.93 -37.29 -36.95
C PRO C 97 87.45 -38.06 -38.12
N GLU C 98 87.85 -39.29 -37.84
CA GLU C 98 88.38 -40.20 -38.82
C GLU C 98 87.20 -41.01 -39.20
N HIS C 99 86.08 -40.58 -38.75
CA HIS C 99 84.91 -41.35 -39.06
C HIS C 99 84.65 -41.30 -40.57
N TYR C 100 84.64 -40.08 -41.12
CA TYR C 100 84.33 -39.90 -42.54
C TYR C 100 85.29 -40.68 -43.45
N GLU C 101 86.58 -40.37 -43.28
CA GLU C 101 87.66 -41.00 -44.02
C GLU C 101 87.35 -42.51 -44.17
N VAL C 102 87.58 -43.17 -43.04
CA VAL C 102 87.37 -44.60 -42.96
C VAL C 102 86.26 -45.27 -43.76
N VAL C 103 85.05 -45.00 -43.26
CA VAL C 103 83.79 -45.55 -43.67
C VAL C 103 83.54 -45.53 -45.14
N LYS C 104 83.82 -44.34 -45.64
CA LYS C 104 83.73 -43.93 -47.01
C LYS C 104 84.39 -44.92 -47.86
N ASN C 105 85.67 -45.13 -47.57
CA ASN C 105 86.52 -46.12 -48.25
C ASN C 105 85.97 -47.53 -48.10
N ILE C 106 85.70 -47.91 -46.85
CA ILE C 106 85.13 -49.20 -46.61
C ILE C 106 84.02 -49.38 -47.68
N LEU C 107 83.16 -48.38 -47.78
CA LEU C 107 82.09 -48.41 -48.76
C LEU C 107 82.50 -48.62 -50.20
N GLU C 108 83.47 -47.83 -50.66
CA GLU C 108 83.84 -47.94 -52.06
C GLU C 108 84.67 -49.19 -52.28
N HIS C 109 85.34 -49.72 -51.28
CA HIS C 109 86.20 -50.84 -51.58
C HIS C 109 85.59 -52.24 -51.52
N SER C 110 84.42 -52.31 -50.95
CA SER C 110 83.73 -53.56 -50.66
C SER C 110 82.65 -53.89 -51.68
N SER C 111 82.44 -52.92 -52.57
CA SER C 111 81.35 -53.02 -53.51
C SER C 111 81.28 -54.41 -54.10
N GLN C 112 82.49 -54.91 -54.27
CA GLN C 112 82.64 -56.20 -54.88
C GLN C 112 82.27 -57.23 -53.81
N ASN C 113 82.60 -56.96 -52.55
CA ASN C 113 82.28 -57.95 -51.54
C ASN C 113 80.76 -58.05 -51.37
N LEU C 114 80.24 -59.25 -51.24
CA LEU C 114 78.80 -59.31 -51.09
C LEU C 114 78.20 -59.95 -49.88
N ASN C 115 79.07 -60.53 -49.05
CA ASN C 115 78.59 -61.12 -47.81
C ASN C 115 78.51 -59.87 -46.96
N LEU C 116 79.50 -59.01 -47.11
CA LEU C 116 79.40 -57.79 -46.34
C LEU C 116 77.93 -57.48 -46.57
N ARG C 117 77.17 -57.61 -45.49
CA ARG C 117 75.76 -57.32 -45.48
C ARG C 117 75.39 -56.27 -44.46
N TYR C 118 76.23 -56.09 -43.47
CA TYR C 118 76.01 -55.11 -42.41
C TYR C 118 77.28 -54.38 -42.06
N LEU C 119 77.09 -53.07 -41.90
CA LEU C 119 78.11 -52.10 -41.51
C LEU C 119 77.67 -51.34 -40.24
N TYR C 120 78.32 -51.62 -39.14
CA TYR C 120 78.00 -51.03 -37.89
C TYR C 120 78.93 -49.91 -37.60
N VAL C 121 78.45 -48.87 -36.99
CA VAL C 121 79.27 -47.71 -36.73
C VAL C 121 78.70 -47.13 -35.45
N GLU C 122 79.44 -46.19 -34.86
CA GLU C 122 79.05 -45.49 -33.61
C GLU C 122 78.72 -44.00 -33.52
N TRP C 123 77.73 -43.73 -32.66
CA TRP C 123 77.38 -42.35 -32.40
C TRP C 123 78.67 -41.55 -32.07
N ALA C 124 78.97 -40.44 -32.75
CA ALA C 124 78.16 -39.90 -33.83
C ALA C 124 78.54 -40.56 -35.11
N LEU C 125 77.59 -40.68 -35.99
CA LEU C 125 77.91 -41.36 -37.25
C LEU C 125 79.16 -40.71 -37.90
N ALA C 126 79.21 -39.40 -38.02
CA ALA C 126 80.37 -38.82 -38.66
C ALA C 126 80.59 -37.62 -37.82
N ALA C 127 81.47 -36.76 -38.25
CA ALA C 127 81.79 -35.58 -37.43
C ALA C 127 81.09 -34.29 -37.80
N SER C 128 80.44 -34.23 -38.95
CA SER C 128 79.78 -32.99 -39.35
C SER C 128 78.56 -33.54 -40.06
N VAL C 129 77.49 -32.80 -40.01
CA VAL C 129 76.29 -33.34 -40.65
C VAL C 129 76.70 -33.75 -42.07
N GLN C 130 77.08 -32.74 -42.81
CA GLN C 130 77.57 -32.81 -44.17
C GLN C 130 78.34 -34.12 -44.35
N GLN C 131 79.45 -34.24 -43.65
CA GLN C 131 80.26 -35.41 -43.67
C GLN C 131 79.30 -36.60 -43.63
N ALA C 132 78.54 -36.66 -42.53
CA ALA C 132 77.56 -37.71 -42.32
C ALA C 132 76.54 -37.76 -43.44
N GLU C 133 75.90 -36.63 -43.71
CA GLU C 133 74.95 -36.66 -44.79
C GLU C 133 75.52 -37.57 -45.91
N GLU C 134 76.69 -37.17 -46.38
CA GLU C 134 77.31 -37.91 -47.44
C GLU C 134 77.30 -39.40 -47.20
N LEU C 135 78.04 -39.81 -46.19
CA LEU C 135 78.14 -41.21 -45.84
C LEU C 135 76.74 -41.81 -45.90
N TYR C 136 75.76 -41.01 -45.55
CA TYR C 136 74.40 -41.53 -45.69
C TYR C 136 74.13 -41.65 -47.17
N SER C 137 74.05 -40.53 -47.88
CA SER C 137 73.77 -40.50 -49.30
C SER C 137 74.35 -41.74 -49.95
N ILE C 138 75.58 -42.01 -49.52
CA ILE C 138 76.30 -43.20 -49.96
C ILE C 138 75.66 -44.50 -49.46
N SER C 139 75.65 -44.70 -48.16
CA SER C 139 75.10 -45.93 -47.61
C SER C 139 73.95 -46.40 -48.49
N GLN C 140 73.10 -45.44 -48.82
CA GLN C 140 71.91 -45.67 -49.63
C GLN C 140 71.95 -46.62 -50.84
N GLN C 141 73.02 -46.58 -51.63
CA GLN C 141 73.19 -47.38 -52.85
C GLN C 141 73.30 -48.88 -52.63
N ARG C 142 73.81 -49.19 -51.46
CA ARG C 142 73.95 -50.57 -51.07
C ARG C 142 72.59 -51.22 -50.81
N ALA C 143 71.84 -51.48 -51.87
CA ALA C 143 70.54 -52.10 -51.69
C ALA C 143 70.60 -53.23 -50.68
N ASN C 144 71.72 -53.96 -50.68
CA ASN C 144 71.91 -55.11 -49.79
C ASN C 144 72.51 -54.71 -48.47
N LEU C 145 72.70 -53.42 -48.26
CA LEU C 145 73.34 -53.04 -47.02
C LEU C 145 72.52 -52.37 -45.93
N GLN C 146 72.50 -52.98 -44.75
CA GLN C 146 71.87 -52.46 -43.57
C GLN C 146 72.99 -51.74 -42.88
N THR C 147 72.75 -50.51 -42.41
CA THR C 147 73.72 -49.64 -41.71
C THR C 147 73.25 -49.63 -40.26
N ILE C 148 74.15 -49.54 -39.29
CA ILE C 148 73.71 -49.54 -37.88
C ILE C 148 74.47 -48.49 -37.05
N ILE C 149 73.74 -47.48 -36.54
CA ILE C 149 74.37 -46.45 -35.70
C ILE C 149 74.25 -47.00 -34.27
N CYS C 150 75.24 -46.69 -33.44
CA CYS C 150 75.27 -47.20 -32.06
C CYS C 150 74.72 -46.28 -31.00
N LEU C 151 73.41 -46.15 -31.01
CA LEU C 151 72.71 -45.40 -30.05
C LEU C 151 72.13 -46.38 -29.06
N GLN C 152 73.06 -46.98 -28.32
CA GLN C 152 72.80 -47.96 -27.27
C GLN C 152 71.78 -47.29 -26.31
N GLY C 153 71.61 -45.99 -26.45
CA GLY C 153 70.65 -45.38 -25.58
C GLY C 153 69.48 -46.34 -25.63
N ARG C 154 68.90 -46.41 -26.83
CA ARG C 154 67.70 -47.18 -27.13
C ARG C 154 67.47 -48.54 -26.51
N LYS C 155 68.54 -49.26 -26.24
CA LYS C 155 68.45 -50.59 -25.67
C LYS C 155 68.56 -50.75 -24.14
N SER C 156 68.53 -49.62 -23.43
CA SER C 156 68.66 -49.69 -21.96
C SER C 156 67.38 -50.18 -21.25
N PRO C 157 67.51 -51.14 -20.33
CA PRO C 157 66.27 -51.54 -19.66
C PRO C 157 65.50 -50.30 -19.18
N TYR C 158 66.22 -49.30 -18.80
CA TYR C 158 65.62 -48.15 -18.26
C TYR C 158 64.90 -47.32 -19.23
N ILE C 159 65.25 -47.39 -20.52
CA ILE C 159 64.54 -46.66 -21.54
C ILE C 159 63.34 -47.53 -21.96
N VAL C 160 63.59 -48.61 -22.62
CA VAL C 160 62.49 -49.46 -23.04
C VAL C 160 61.35 -49.50 -22.03
N ARG C 161 61.76 -49.60 -20.76
CA ARG C 161 60.73 -49.68 -19.72
C ARG C 161 59.79 -48.48 -19.63
N ALA C 162 60.38 -47.31 -19.79
CA ALA C 162 59.70 -46.04 -19.78
C ALA C 162 58.71 -46.17 -20.94
N LYS C 163 59.35 -46.32 -22.09
CA LYS C 163 58.75 -46.45 -23.40
C LYS C 163 57.51 -47.31 -23.30
N GLU C 164 57.68 -48.48 -22.75
CA GLU C 164 56.59 -49.36 -22.50
C GLU C 164 55.55 -48.65 -21.72
N LEU C 165 55.88 -48.27 -20.49
CA LEU C 165 54.95 -47.61 -19.56
C LEU C 165 54.03 -46.57 -20.17
N ILE C 166 54.59 -45.69 -20.96
CA ILE C 166 53.90 -44.58 -21.58
C ILE C 166 52.94 -44.99 -22.69
N SER C 167 53.53 -45.74 -23.62
CA SER C 167 52.84 -46.25 -24.80
C SER C 167 51.49 -46.84 -24.46
N GLU C 168 51.53 -47.60 -23.38
CA GLU C 168 50.37 -48.27 -22.80
C GLU C 168 49.54 -47.33 -21.93
N GLY C 169 49.62 -46.02 -22.21
CA GLY C 169 48.92 -44.97 -21.44
C GLY C 169 48.87 -45.13 -19.92
N CYS C 170 50.04 -45.44 -19.38
CA CYS C 170 50.18 -45.57 -17.94
C CYS C 170 50.32 -44.18 -17.29
N ILE C 171 50.64 -43.17 -18.08
CA ILE C 171 50.73 -41.84 -17.49
C ILE C 171 49.86 -40.87 -18.27
N GLY C 172 48.98 -41.42 -19.09
CA GLY C 172 48.14 -40.56 -19.86
C GLY C 172 48.96 -39.97 -20.98
N ASP C 173 48.52 -38.82 -21.43
CA ASP C 173 49.16 -38.04 -22.44
C ASP C 173 50.28 -37.30 -21.75
N ILE C 174 51.30 -36.92 -22.47
CA ILE C 174 52.31 -36.24 -21.69
C ILE C 174 51.92 -34.80 -21.60
N ASN C 175 52.48 -34.14 -20.60
CA ASN C 175 52.24 -32.70 -20.45
C ASN C 175 53.63 -32.14 -20.66
N SER C 176 54.39 -31.99 -19.57
CA SER C 176 55.76 -31.50 -19.69
C SER C 176 56.89 -32.51 -19.49
N ILE C 177 58.04 -32.12 -20.03
CA ILE C 177 59.29 -32.89 -19.87
C ILE C 177 60.40 -32.00 -19.32
N GLU C 178 61.28 -32.55 -18.50
CA GLU C 178 62.33 -31.75 -17.92
C GLU C 178 63.56 -32.60 -18.04
N ILE C 179 64.68 -31.92 -18.30
CA ILE C 179 65.94 -32.65 -18.41
C ILE C 179 67.24 -32.02 -17.89
N SER C 180 68.18 -32.87 -17.45
CA SER C 180 69.52 -32.51 -16.92
C SER C 180 70.60 -33.55 -17.30
N GLY C 181 71.77 -33.01 -17.68
CA GLY C 181 72.98 -33.75 -18.07
C GLY C 181 74.36 -33.15 -17.75
N ASN C 182 75.38 -33.96 -18.04
CA ASN C 182 76.76 -33.59 -17.77
C ASN C 182 77.68 -34.14 -18.88
N GLY C 183 78.52 -33.28 -19.43
CA GLY C 183 79.42 -33.81 -20.47
C GLY C 183 80.44 -34.70 -19.75
N GLY C 184 80.70 -34.40 -18.48
CA GLY C 184 81.70 -35.08 -17.66
C GLY C 184 83.11 -34.36 -17.77
N TRP C 185 83.65 -34.19 -18.97
CA TRP C 185 84.93 -33.53 -19.09
C TRP C 185 84.96 -32.13 -19.59
N TYR C 186 83.81 -31.47 -19.51
CA TYR C 186 83.82 -30.09 -19.98
C TYR C 186 83.58 -29.31 -18.75
N GLY C 187 84.01 -29.91 -17.62
CA GLY C 187 83.85 -29.38 -16.27
C GLY C 187 84.88 -28.31 -16.09
N TYR C 188 85.28 -28.11 -14.84
CA TYR C 188 86.32 -27.19 -14.43
C TYR C 188 87.50 -28.13 -14.23
N GLU C 189 87.17 -29.37 -14.60
CA GLU C 189 88.16 -30.42 -14.53
C GLU C 189 88.11 -31.41 -15.74
N ARG C 190 89.33 -31.79 -16.12
CA ARG C 190 89.69 -32.65 -17.24
C ARG C 190 90.77 -33.63 -16.78
N PRO C 191 90.70 -34.88 -17.23
CA PRO C 191 91.61 -35.95 -16.84
C PRO C 191 92.87 -36.13 -17.67
N MET C 192 93.91 -36.65 -17.02
CA MET C 192 95.16 -36.84 -17.73
C MET C 192 95.02 -37.44 -19.13
N ARG C 193 94.43 -38.64 -19.16
CA ARG C 193 94.23 -39.44 -20.38
C ARG C 193 93.37 -38.86 -21.53
N SER C 194 92.32 -38.12 -21.18
CA SER C 194 91.38 -37.53 -22.15
C SER C 194 91.95 -36.86 -23.39
N PRO C 195 91.48 -37.30 -24.55
CA PRO C 195 91.92 -36.79 -25.83
C PRO C 195 91.64 -35.31 -26.05
N GLU C 196 92.73 -34.66 -26.41
CA GLU C 196 92.76 -33.23 -26.65
C GLU C 196 91.64 -32.86 -27.63
N TYR C 197 91.40 -33.73 -28.61
CA TYR C 197 90.38 -33.47 -29.62
C TYR C 197 88.97 -33.35 -29.08
N LEU C 198 88.74 -34.06 -27.97
CA LEU C 198 87.45 -33.97 -27.30
C LEU C 198 87.22 -32.50 -27.08
N TYR C 199 88.29 -31.77 -26.70
CA TYR C 199 88.22 -30.35 -26.35
C TYR C 199 88.61 -29.44 -27.47
N ASP C 200 89.07 -30.02 -28.57
CA ASP C 200 89.43 -29.15 -29.69
C ASP C 200 88.09 -28.89 -30.41
N ILE C 201 87.71 -27.64 -30.44
CA ILE C 201 86.45 -27.31 -31.07
C ILE C 201 85.99 -28.07 -32.32
N GLU C 202 86.71 -27.76 -33.44
CA GLU C 202 86.52 -28.27 -34.79
C GLU C 202 86.31 -29.76 -34.89
N SER C 203 86.76 -30.44 -33.84
CA SER C 203 86.69 -31.91 -33.69
C SER C 203 85.39 -32.42 -34.25
N GLY C 204 84.31 -31.88 -33.71
CA GLY C 204 82.99 -32.31 -34.13
C GLY C 204 82.66 -33.25 -32.98
N VAL C 205 83.39 -33.03 -31.89
CA VAL C 205 83.17 -33.77 -30.65
C VAL C 205 83.11 -32.98 -29.33
N ASN C 206 81.86 -32.79 -28.90
CA ASN C 206 81.56 -32.02 -27.71
C ASN C 206 80.17 -32.48 -27.13
N LEU C 207 79.83 -31.75 -26.06
CA LEU C 207 78.62 -31.96 -25.29
C LEU C 207 77.42 -32.41 -26.08
N ILE C 208 76.94 -31.46 -26.88
CA ILE C 208 75.76 -31.58 -27.66
C ILE C 208 75.87 -32.83 -28.53
N SER C 209 76.75 -32.63 -29.49
CA SER C 209 76.93 -33.64 -30.50
C SER C 209 76.81 -35.02 -29.96
N ASN C 210 77.64 -35.29 -28.99
CA ASN C 210 77.64 -36.60 -28.46
C ASN C 210 76.75 -36.76 -27.28
N SER C 211 77.20 -36.37 -26.09
CA SER C 211 76.42 -36.52 -24.87
C SER C 211 74.95 -36.22 -24.96
N PHE C 212 74.68 -34.99 -25.33
CA PHE C 212 73.28 -34.58 -25.49
C PHE C 212 72.56 -35.28 -26.64
N GLY C 213 73.25 -35.35 -27.79
CA GLY C 213 72.66 -35.99 -28.98
C GLY C 213 72.19 -37.37 -28.56
N HIS C 214 73.03 -38.01 -27.79
CA HIS C 214 72.73 -39.34 -27.26
C HIS C 214 71.43 -39.26 -26.49
N THR C 215 71.48 -38.40 -25.51
CA THR C 215 70.37 -38.16 -24.60
C THR C 215 69.04 -37.85 -25.23
N ILE C 216 69.01 -36.61 -25.72
CA ILE C 216 67.81 -36.14 -26.38
C ILE C 216 67.21 -37.26 -27.26
N ASP C 217 68.02 -37.82 -28.13
CA ASP C 217 67.46 -38.85 -28.96
C ASP C 217 66.67 -39.93 -28.21
N VAL C 218 67.20 -40.40 -27.10
CA VAL C 218 66.54 -41.45 -26.38
C VAL C 218 65.17 -40.93 -25.97
N LEU C 219 65.03 -39.65 -25.76
CA LEU C 219 63.75 -39.12 -25.33
C LEU C 219 62.85 -38.93 -26.47
N GLN C 220 63.39 -38.65 -27.62
CA GLN C 220 62.53 -38.54 -28.77
C GLN C 220 62.25 -40.00 -28.78
N TYR C 221 63.29 -40.82 -28.70
CA TYR C 221 62.98 -42.24 -28.70
C TYR C 221 61.96 -42.71 -27.68
N ILE C 222 62.06 -42.30 -26.42
CA ILE C 222 61.13 -42.75 -25.40
C ILE C 222 59.71 -42.27 -25.56
N THR C 223 59.61 -40.98 -25.84
CA THR C 223 58.32 -40.37 -25.98
C THR C 223 57.80 -40.93 -27.31
N GLY C 224 58.77 -41.24 -28.18
CA GLY C 224 58.39 -41.68 -29.53
C GLY C 224 57.71 -40.60 -30.39
N SER C 225 58.24 -39.38 -30.31
CA SER C 225 57.76 -38.25 -31.08
C SER C 225 58.98 -37.44 -31.52
N TYR C 226 58.95 -36.81 -32.67
CA TYR C 226 60.15 -36.10 -33.01
C TYR C 226 59.97 -34.62 -32.64
N PHE C 227 60.98 -33.79 -32.90
CA PHE C 227 60.76 -32.41 -32.61
C PHE C 227 59.98 -31.68 -33.69
N GLN C 228 59.39 -30.58 -33.27
CA GLN C 228 58.70 -29.74 -34.22
C GLN C 228 59.62 -28.51 -34.36
N LYS C 229 59.61 -27.66 -33.36
CA LYS C 229 60.45 -26.47 -33.39
C LYS C 229 61.33 -26.60 -32.13
N ILE C 230 62.39 -25.78 -32.03
CA ILE C 230 63.28 -25.84 -30.87
C ILE C 230 64.18 -24.62 -30.73
N ASN C 231 64.76 -24.44 -29.56
CA ASN C 231 65.66 -23.31 -29.38
C ASN C 231 66.88 -23.72 -28.58
N ALA C 232 68.04 -23.17 -28.92
CA ALA C 232 69.26 -23.51 -28.23
C ALA C 232 70.22 -22.34 -28.03
N MET C 233 70.94 -22.44 -26.92
CA MET C 233 71.88 -21.42 -26.54
C MET C 233 73.18 -22.00 -25.97
N ILE C 234 74.33 -21.81 -26.61
CA ILE C 234 75.56 -22.43 -26.11
C ILE C 234 76.65 -21.59 -25.39
N SER C 235 76.95 -21.95 -24.15
CA SER C 235 77.92 -21.24 -23.33
C SER C 235 79.35 -21.68 -23.35
N ASN C 236 80.26 -20.74 -23.11
CA ASN C 236 81.68 -21.04 -23.00
C ASN C 236 82.30 -20.18 -21.91
N ASN C 237 82.00 -20.49 -20.66
CA ASN C 237 82.46 -19.76 -19.48
C ASN C 237 83.62 -20.40 -18.71
N ILE C 238 84.00 -21.59 -19.15
CA ILE C 238 85.13 -22.32 -18.60
C ILE C 238 85.95 -22.35 -19.87
N PRO C 239 86.94 -21.47 -19.86
CA PRO C 239 87.85 -21.29 -20.97
C PRO C 239 89.23 -21.86 -20.72
N THR C 240 89.44 -22.38 -19.51
CA THR C 240 90.71 -22.99 -19.09
C THR C 240 90.42 -23.94 -17.92
N GLN C 241 90.74 -25.21 -18.07
CA GLN C 241 90.47 -26.11 -16.99
C GLN C 241 91.64 -26.71 -16.32
N PHE C 242 91.29 -27.39 -15.26
CA PHE C 242 92.19 -28.12 -14.41
C PHE C 242 92.68 -29.52 -14.83
N LEU C 243 93.97 -29.78 -14.77
CA LEU C 243 94.41 -31.12 -15.12
C LEU C 243 94.40 -32.08 -13.90
N LEU C 244 93.90 -33.29 -14.11
CA LEU C 244 93.83 -34.24 -12.99
C LEU C 244 94.78 -35.40 -13.00
N ASP C 245 95.50 -35.52 -11.91
CA ASP C 245 96.40 -36.65 -11.87
C ASP C 245 95.59 -37.93 -11.86
N GLU C 246 96.12 -38.85 -12.64
CA GLU C 246 95.53 -40.17 -12.83
C GLU C 246 94.50 -40.49 -11.73
N ASN C 247 94.80 -40.25 -10.45
CA ASN C 247 93.85 -40.58 -9.38
C ASN C 247 92.62 -39.64 -9.28
N GLY C 248 92.76 -38.47 -9.90
CA GLY C 248 91.63 -37.58 -9.87
C GLY C 248 92.07 -36.43 -9.01
N LYS C 249 93.24 -36.53 -8.44
CA LYS C 249 93.73 -35.46 -7.64
C LYS C 249 93.98 -34.41 -8.68
N ARG C 250 93.57 -33.20 -8.41
CA ARG C 250 93.71 -32.11 -9.38
C ARG C 250 95.13 -31.64 -9.28
N THR C 251 95.55 -30.86 -10.26
CA THR C 251 96.91 -30.34 -10.22
C THR C 251 97.02 -28.97 -10.84
N LYS C 252 97.83 -28.19 -10.13
CA LYS C 252 98.18 -26.83 -10.46
C LYS C 252 98.38 -26.51 -11.94
N GLU C 253 98.32 -27.53 -12.81
CA GLU C 253 98.44 -27.38 -14.25
C GLU C 253 97.11 -27.16 -15.04
N THR C 254 97.17 -26.32 -16.06
CA THR C 254 95.96 -26.07 -16.75
C THR C 254 95.96 -25.71 -18.23
N ILE C 255 94.85 -26.07 -18.83
CA ILE C 255 94.71 -25.92 -20.26
C ILE C 255 93.36 -25.44 -20.77
N SER C 256 93.42 -24.65 -21.80
CA SER C 256 92.29 -24.06 -22.54
C SER C 256 91.28 -25.01 -23.14
N LYS C 257 90.04 -24.56 -23.17
CA LYS C 257 89.02 -25.33 -23.84
C LYS C 257 88.14 -24.52 -24.82
N THR C 258 87.92 -25.10 -26.00
CA THR C 258 87.12 -24.48 -27.06
C THR C 258 85.69 -25.04 -26.98
N CYS C 259 85.60 -26.40 -26.99
CA CYS C 259 84.32 -27.02 -26.87
C CYS C 259 83.64 -26.34 -25.70
N PRO C 260 82.32 -26.11 -25.76
CA PRO C 260 81.51 -25.45 -24.72
C PRO C 260 81.08 -26.17 -23.45
N ASP C 261 81.05 -25.36 -22.37
CA ASP C 261 80.79 -25.77 -21.00
C ASP C 261 79.38 -25.97 -20.49
N HIS C 262 78.38 -25.55 -21.28
CA HIS C 262 76.96 -25.69 -20.96
C HIS C 262 76.09 -25.28 -22.14
N LEU C 263 75.00 -26.00 -22.34
CA LEU C 263 74.10 -25.69 -23.42
C LEU C 263 72.64 -25.78 -22.95
N LEU C 264 71.86 -24.73 -23.22
CA LEU C 264 70.42 -24.77 -22.89
C LEU C 264 69.71 -25.03 -24.18
N PHE C 265 68.61 -25.74 -23.99
CA PHE C 265 67.79 -26.11 -25.12
C PHE C 265 66.33 -26.35 -24.72
N GLN C 266 65.39 -25.91 -25.54
CA GLN C 266 63.95 -26.06 -25.29
C GLN C 266 63.36 -26.23 -26.66
N GLY C 267 62.28 -26.99 -26.71
CA GLY C 267 61.68 -27.25 -28.00
C GLY C 267 60.30 -27.88 -27.83
N ILE C 268 59.51 -27.80 -28.87
CA ILE C 268 58.19 -28.37 -28.71
C ILE C 268 58.10 -29.60 -29.52
N LEU C 269 57.74 -30.64 -28.78
CA LEU C 269 57.70 -31.95 -29.40
C LEU C 269 56.59 -31.91 -30.42
N GLU C 270 56.80 -32.62 -31.53
CA GLU C 270 55.84 -32.75 -32.62
C GLU C 270 54.53 -33.28 -32.05
N ASN C 271 54.60 -34.45 -31.41
CA ASN C 271 53.45 -35.12 -30.79
C ASN C 271 52.79 -34.54 -29.52
N GLY C 272 51.87 -33.61 -29.66
CA GLY C 272 51.24 -33.15 -28.40
C GLY C 272 51.50 -31.66 -28.24
N LYS C 273 52.64 -31.30 -28.82
CA LYS C 273 53.15 -29.92 -28.75
C LYS C 273 53.64 -29.95 -27.34
N VAL C 274 53.94 -31.17 -26.92
CA VAL C 274 54.41 -31.36 -25.56
C VAL C 274 55.68 -30.55 -25.56
N PRO C 275 55.87 -29.75 -24.49
CA PRO C 275 57.03 -28.91 -24.35
C PRO C 275 58.19 -29.57 -23.66
N VAL C 276 59.38 -29.17 -24.10
CA VAL C 276 60.60 -29.66 -23.46
C VAL C 276 61.70 -28.78 -22.96
N SER C 277 61.96 -28.90 -21.66
CA SER C 277 63.01 -28.16 -20.90
C SER C 277 64.18 -29.09 -20.66
N CYS C 278 65.37 -28.57 -20.97
CA CYS C 278 66.59 -29.38 -20.80
C CYS C 278 67.83 -28.53 -20.59
N SER C 279 68.44 -28.69 -19.41
CA SER C 279 69.71 -28.02 -19.09
C SER C 279 70.83 -29.06 -18.94
N PHE C 280 71.85 -28.90 -19.76
CA PHE C 280 72.98 -29.79 -19.82
C PHE C 280 74.31 -29.23 -19.35
N LYS C 281 74.75 -29.65 -18.19
CA LYS C 281 76.02 -29.18 -17.64
C LYS C 281 77.17 -29.83 -18.45
N GLY C 282 78.30 -29.13 -18.52
CA GLY C 282 79.52 -29.66 -19.16
C GLY C 282 80.24 -30.77 -18.35
N GLY C 283 80.44 -30.59 -17.05
CA GLY C 283 81.14 -31.58 -16.23
C GLY C 283 81.21 -31.19 -14.76
N THR C 284 82.44 -31.12 -14.22
CA THR C 284 82.71 -30.80 -12.84
C THR C 284 83.05 -29.33 -12.47
N PRO C 285 82.71 -28.97 -11.24
CA PRO C 285 82.08 -29.87 -10.27
C PRO C 285 80.63 -30.27 -10.54
N VAL C 286 80.33 -31.49 -10.09
CA VAL C 286 78.99 -32.06 -10.27
C VAL C 286 77.96 -31.60 -9.29
N LYS C 287 76.74 -31.62 -9.83
CA LYS C 287 75.54 -31.28 -9.08
C LYS C 287 75.54 -32.16 -7.85
N LYS C 288 75.49 -31.47 -6.72
CA LYS C 288 75.50 -32.19 -5.44
C LYS C 288 74.15 -32.25 -4.71
N LEU C 289 73.23 -31.38 -5.13
CA LEU C 289 71.92 -31.41 -4.52
C LEU C 289 70.91 -32.15 -5.46
N THR C 290 71.35 -32.57 -6.65
CA THR C 290 70.48 -33.26 -7.61
C THR C 290 71.17 -34.35 -8.42
N LYS C 291 70.37 -35.29 -8.98
CA LYS C 291 70.96 -36.32 -9.82
C LYS C 291 71.53 -35.63 -11.04
N ASN C 292 72.74 -36.01 -11.41
CA ASN C 292 73.29 -35.32 -12.56
C ASN C 292 72.60 -35.79 -13.85
N LEU C 293 71.80 -36.84 -13.76
CA LEU C 293 71.11 -37.26 -14.97
C LEU C 293 69.68 -37.60 -14.66
N VAL C 294 68.80 -36.82 -15.25
CA VAL C 294 67.36 -36.98 -15.00
C VAL C 294 66.38 -36.66 -16.11
N ILE C 295 65.40 -37.54 -16.27
CA ILE C 295 64.34 -37.29 -17.21
C ILE C 295 62.99 -37.09 -16.45
N ASP C 296 62.37 -35.92 -16.51
CA ASP C 296 61.12 -35.76 -15.77
C ASP C 296 60.02 -35.58 -16.81
N ILE C 297 59.19 -36.60 -16.76
CA ILE C 297 58.09 -36.60 -17.69
C ILE C 297 56.84 -36.38 -16.89
N HIS C 298 56.00 -35.44 -17.26
CA HIS C 298 54.78 -35.21 -16.54
C HIS C 298 53.60 -35.74 -17.37
N GLY C 299 53.04 -36.86 -17.02
CA GLY C 299 51.95 -37.44 -17.78
C GLY C 299 50.63 -36.84 -17.29
N THR C 300 49.54 -37.40 -17.79
CA THR C 300 48.29 -36.90 -17.30
C THR C 300 47.89 -37.73 -16.10
N LYS C 301 47.91 -39.04 -16.22
CA LYS C 301 47.53 -39.90 -15.10
C LYS C 301 48.67 -40.12 -14.12
N GLY C 302 49.88 -39.93 -14.58
CA GLY C 302 50.98 -40.25 -13.70
C GLY C 302 52.29 -39.60 -14.10
N ASP C 303 53.37 -39.92 -13.40
CA ASP C 303 54.73 -39.35 -13.57
C ASP C 303 55.77 -40.47 -13.77
N LEU C 304 56.90 -40.18 -14.40
CA LEU C 304 57.95 -41.15 -14.70
C LEU C 304 59.28 -40.46 -14.52
N LYS C 305 60.15 -40.91 -13.63
CA LYS C 305 61.42 -40.23 -13.47
C LYS C 305 62.60 -41.17 -13.55
N ILE C 306 63.56 -40.88 -14.44
CA ILE C 306 64.79 -41.66 -14.56
C ILE C 306 65.93 -40.81 -13.98
N GLU C 307 66.86 -41.45 -13.30
CA GLU C 307 67.94 -40.70 -12.68
C GLU C 307 69.30 -41.41 -12.67
N GLY C 308 70.37 -40.73 -13.06
CA GLY C 308 71.66 -41.40 -12.99
C GLY C 308 72.57 -40.35 -12.34
N ASP C 309 73.75 -40.79 -11.93
CA ASP C 309 74.71 -39.89 -11.34
C ASP C 309 75.70 -39.60 -12.42
N ALA C 310 75.67 -40.45 -13.43
CA ALA C 310 76.57 -40.20 -14.57
C ALA C 310 75.56 -40.03 -15.72
N GLY C 311 75.69 -38.86 -16.34
CA GLY C 311 74.85 -38.54 -17.46
C GLY C 311 75.07 -39.41 -18.68
N PHE C 312 75.79 -40.50 -18.50
CA PHE C 312 76.01 -41.35 -19.65
C PHE C 312 75.08 -42.50 -19.68
N VAL C 313 73.81 -42.11 -19.88
CA VAL C 313 72.66 -43.04 -20.02
C VAL C 313 72.92 -44.21 -20.97
N GLU C 314 73.64 -43.86 -22.05
CA GLU C 314 74.03 -44.75 -23.11
C GLU C 314 74.87 -45.92 -22.58
N ILE C 315 75.59 -45.55 -21.53
CA ILE C 315 76.50 -46.41 -20.81
C ILE C 315 75.94 -46.74 -19.45
N SER C 316 75.15 -45.83 -18.88
CA SER C 316 74.64 -45.97 -17.52
C SER C 316 73.50 -46.90 -17.12
N ASN C 317 73.65 -47.33 -15.87
CA ASN C 317 72.75 -48.23 -15.16
C ASN C 317 72.00 -47.16 -14.38
N LEU C 318 70.74 -46.96 -14.70
CA LEU C 318 70.03 -45.91 -14.02
C LEU C 318 69.05 -46.65 -13.15
N VAL C 319 68.05 -45.86 -12.74
CA VAL C 319 66.89 -46.28 -11.95
C VAL C 319 65.62 -45.57 -12.40
N LEU C 320 64.52 -46.27 -12.31
CA LEU C 320 63.36 -45.59 -12.84
C LEU C 320 62.30 -45.69 -11.81
N TYR C 321 61.67 -44.54 -11.63
CA TYR C 321 60.59 -44.42 -10.70
C TYR C 321 59.45 -43.99 -11.56
N PHE C 322 58.34 -44.66 -11.35
CA PHE C 322 57.26 -44.20 -12.14
C PHE C 322 56.09 -44.24 -11.20
N TYR C 323 55.03 -43.51 -11.50
CA TYR C 323 53.87 -43.61 -10.65
C TYR C 323 52.62 -43.20 -11.44
N GLY C 324 51.62 -44.08 -11.41
CA GLY C 324 50.40 -43.74 -12.11
C GLY C 324 49.57 -45.01 -12.18
N ILE C 325 48.70 -45.08 -13.17
CA ILE C 325 47.86 -46.27 -13.35
C ILE C 325 48.38 -47.59 -13.89
N LYS C 326 48.26 -48.56 -13.01
CA LYS C 326 48.68 -49.92 -13.26
C LYS C 326 48.59 -50.26 -14.72
N ASN C 327 47.39 -50.02 -15.25
CA ASN C 327 47.12 -50.39 -16.62
C ASN C 327 47.22 -49.31 -17.71
N GLY C 328 46.13 -48.59 -17.96
CA GLY C 328 46.08 -47.53 -18.97
C GLY C 328 46.00 -47.99 -20.44
N GLU C 362 41.87 -44.82 -12.41
CA GLU C 362 41.82 -43.99 -11.22
C GLU C 362 42.75 -44.44 -10.08
N GLU C 363 42.98 -45.75 -9.95
CA GLU C 363 43.89 -46.31 -8.96
C GLU C 363 45.35 -46.25 -9.43
N GLN C 364 46.01 -45.18 -8.98
CA GLN C 364 47.40 -45.01 -9.35
C GLN C 364 48.28 -45.91 -8.53
N THR C 365 49.45 -46.12 -9.13
CA THR C 365 50.43 -47.01 -8.51
C THR C 365 51.90 -46.65 -8.66
N MET C 366 52.68 -47.04 -7.66
CA MET C 366 54.08 -46.70 -7.71
C MET C 366 55.04 -47.78 -8.18
N GLU C 367 55.96 -47.43 -9.08
CA GLU C 367 56.88 -48.48 -9.49
C GLU C 367 58.37 -48.05 -9.50
N VAL C 368 59.23 -48.93 -8.95
CA VAL C 368 60.67 -48.66 -8.93
C VAL C 368 61.51 -49.62 -9.72
N PHE C 369 61.87 -49.18 -10.92
CA PHE C 369 62.65 -50.05 -11.77
C PHE C 369 64.11 -49.80 -11.82
N HIS C 370 64.81 -50.54 -10.99
CA HIS C 370 66.24 -50.41 -11.02
C HIS C 370 66.72 -51.85 -11.08
N LEU C 371 67.77 -52.10 -11.86
CA LEU C 371 68.30 -53.46 -12.06
C LEU C 371 69.73 -53.60 -11.57
N ARG C 372 69.84 -53.77 -10.27
CA ARG C 372 71.11 -53.89 -9.56
C ARG C 372 72.16 -54.58 -10.41
N ASN C 373 73.33 -53.97 -10.39
CA ASN C 373 74.40 -54.62 -11.13
C ASN C 373 73.98 -55.17 -12.49
N TYR C 374 73.55 -54.28 -13.37
CA TYR C 374 73.30 -54.65 -14.74
C TYR C 374 74.55 -54.03 -15.40
N ASN C 375 75.29 -54.74 -16.26
CA ASN C 375 76.39 -54.04 -16.87
C ASN C 375 75.89 -53.39 -18.17
N SER C 376 75.51 -52.13 -18.01
CA SER C 376 75.01 -51.29 -19.11
C SER C 376 76.16 -50.93 -20.06
N VAL C 377 77.32 -50.90 -19.42
CA VAL C 377 78.49 -50.50 -20.16
C VAL C 377 78.65 -51.42 -21.33
N VAL C 378 78.47 -52.69 -21.05
CA VAL C 378 78.65 -53.70 -22.07
C VAL C 378 77.30 -54.22 -22.42
N GLY C 379 76.47 -54.44 -21.38
CA GLY C 379 75.14 -54.99 -21.67
C GLY C 379 74.42 -54.33 -22.85
N ASN C 380 74.45 -53.02 -22.87
CA ASN C 380 73.82 -52.26 -23.94
C ASN C 380 74.30 -52.39 -25.39
N ILE C 381 75.56 -52.71 -25.62
CA ILE C 381 75.96 -52.89 -27.01
C ILE C 381 75.40 -54.28 -27.31
N LEU C 382 75.68 -55.26 -26.46
CA LEU C 382 75.14 -56.61 -26.54
C LEU C 382 73.72 -56.66 -27.03
N ARG C 383 72.85 -55.92 -26.38
CA ARG C 383 71.47 -55.86 -26.79
C ARG C 383 71.30 -55.34 -28.21
N ILE C 384 72.20 -54.53 -28.75
CA ILE C 384 72.02 -54.12 -30.14
C ILE C 384 72.44 -55.28 -30.97
N TYR C 385 73.62 -55.82 -30.68
CA TYR C 385 74.06 -56.98 -31.43
C TYR C 385 72.84 -57.89 -31.55
N GLU C 386 72.19 -58.21 -30.41
CA GLU C 386 71.02 -59.07 -30.56
C GLU C 386 70.12 -58.54 -31.66
N SER C 387 69.51 -57.36 -31.42
CA SER C 387 68.61 -56.85 -32.45
C SER C 387 69.03 -57.20 -33.88
N ILE C 388 70.34 -57.20 -34.08
CA ILE C 388 70.85 -57.53 -35.39
C ILE C 388 70.73 -59.02 -35.67
N ALA C 389 71.25 -59.87 -34.80
CA ALA C 389 71.12 -61.27 -35.10
C ALA C 389 69.70 -61.58 -35.41
N ASP C 390 68.84 -61.07 -34.51
CA ASP C 390 67.41 -61.30 -34.63
C ASP C 390 67.17 -61.31 -36.10
N TYR C 391 66.83 -60.11 -36.54
CA TYR C 391 66.60 -59.85 -37.92
C TYR C 391 67.51 -60.74 -38.77
N HIS C 392 68.71 -60.94 -38.31
CA HIS C 392 69.52 -61.68 -39.19
C HIS C 392 69.04 -63.07 -39.22
N PHE C 393 69.35 -63.74 -38.15
CA PHE C 393 69.02 -65.15 -38.01
C PHE C 393 67.52 -65.31 -37.83
N LEU C 394 66.77 -64.42 -38.47
CA LEU C 394 65.33 -64.45 -38.34
C LEU C 394 64.75 -63.73 -39.56
N LYS C 413 65.66 -54.15 -47.20
CA LYS C 413 66.34 -53.87 -45.96
C LYS C 413 65.54 -52.81 -45.23
N PHE C 414 65.84 -52.65 -43.96
CA PHE C 414 65.26 -51.72 -43.00
C PHE C 414 65.72 -50.29 -43.32
N ASP C 415 64.91 -49.32 -42.87
CA ASP C 415 65.10 -47.90 -43.12
C ASP C 415 65.66 -47.17 -41.91
N LYS C 416 64.97 -47.21 -40.78
CA LYS C 416 65.40 -46.54 -39.56
C LYS C 416 64.64 -47.32 -38.51
N GLN C 417 65.06 -47.27 -37.26
CA GLN C 417 64.25 -48.03 -36.36
C GLN C 417 63.22 -46.99 -35.94
N GLY C 418 63.62 -45.72 -35.99
CA GLY C 418 62.67 -44.70 -35.62
C GLY C 418 62.05 -45.02 -34.27
N PHE C 419 60.73 -45.03 -34.24
CA PHE C 419 60.02 -45.25 -33.00
C PHE C 419 59.79 -46.67 -32.55
N ARG C 420 59.95 -47.57 -33.49
CA ARG C 420 59.83 -48.99 -33.26
C ARG C 420 60.53 -49.52 -32.04
N PHE C 421 59.96 -50.50 -31.42
CA PHE C 421 60.55 -51.29 -30.33
C PHE C 421 61.64 -52.29 -30.71
N GLU C 422 61.44 -53.04 -31.80
CA GLU C 422 62.45 -54.00 -32.20
C GLU C 422 63.41 -53.39 -33.22
N GLY C 423 64.25 -54.25 -33.79
CA GLY C 423 65.20 -53.70 -34.73
C GLY C 423 66.32 -52.95 -33.97
N PHE C 424 66.87 -51.96 -34.66
CA PHE C 424 67.95 -51.22 -34.09
C PHE C 424 67.99 -50.05 -35.02
N PRO C 425 68.57 -48.93 -34.57
CA PRO C 425 68.65 -47.68 -35.33
C PRO C 425 69.62 -47.68 -36.49
N THR C 426 69.32 -46.86 -37.50
CA THR C 426 70.24 -46.81 -38.64
C THR C 426 70.81 -45.44 -38.93
N PHE C 427 71.60 -45.35 -40.00
CA PHE C 427 72.25 -44.12 -40.40
C PHE C 427 71.10 -43.20 -40.61
N LYS C 428 69.97 -43.75 -40.99
CA LYS C 428 68.85 -42.84 -41.18
C LYS C 428 68.65 -42.25 -39.81
N ASP C 429 68.62 -43.10 -38.79
CA ASP C 429 68.57 -42.51 -37.47
C ASP C 429 69.74 -41.56 -37.17
N ALA C 430 70.94 -42.08 -37.38
CA ALA C 430 72.18 -41.36 -37.15
C ALA C 430 71.98 -39.92 -37.61
N ILE C 431 71.47 -39.87 -38.86
CA ILE C 431 71.23 -38.63 -39.62
C ILE C 431 70.25 -37.61 -39.02
N ILE C 432 69.04 -38.09 -38.79
CA ILE C 432 68.02 -37.27 -38.24
C ILE C 432 68.63 -36.60 -37.01
N LEU C 433 69.20 -37.37 -36.07
CA LEU C 433 69.78 -36.75 -34.89
C LEU C 433 70.70 -35.67 -35.38
N HIS C 434 71.63 -36.13 -36.20
CA HIS C 434 72.65 -35.29 -36.79
C HIS C 434 72.08 -33.96 -37.29
N ARG C 435 71.15 -34.12 -38.22
CA ARG C 435 70.46 -32.99 -38.81
C ARG C 435 69.84 -32.08 -37.76
N LEU C 436 69.27 -32.71 -36.75
CA LEU C 436 68.61 -31.99 -35.67
C LEU C 436 69.70 -31.35 -34.84
N ILE C 437 70.89 -31.94 -34.83
CA ILE C 437 71.86 -31.34 -33.98
C ILE C 437 72.28 -30.02 -34.63
N ASP C 438 72.60 -30.02 -35.93
CA ASP C 438 72.96 -28.76 -36.58
C ASP C 438 71.98 -27.64 -36.10
N ALA C 439 70.72 -28.04 -36.17
CA ALA C 439 69.60 -27.16 -35.82
C ALA C 439 69.93 -26.40 -34.54
N VAL C 440 70.13 -27.16 -33.47
CA VAL C 440 70.56 -26.60 -32.22
C VAL C 440 71.74 -25.63 -32.42
N PHE C 441 72.70 -26.03 -33.24
CA PHE C 441 73.85 -25.18 -33.46
C PHE C 441 73.52 -23.93 -34.23
N ARG C 442 72.80 -24.15 -35.33
CA ARG C 442 72.41 -22.99 -36.10
C ARG C 442 71.55 -22.07 -35.21
N SER C 443 70.69 -22.71 -34.41
CA SER C 443 69.80 -22.01 -33.49
C SER C 443 70.54 -21.04 -32.58
N ASP C 444 71.49 -21.56 -31.80
CA ASP C 444 72.11 -20.68 -30.85
C ASP C 444 72.60 -19.55 -31.72
N LYS C 445 73.49 -19.88 -32.64
CA LYS C 445 74.10 -18.88 -33.52
C LYS C 445 73.13 -17.88 -34.06
N GLU C 446 72.17 -18.39 -34.80
CA GLU C 446 71.15 -17.48 -35.32
C GLU C 446 70.27 -16.75 -34.27
N GLU C 447 70.35 -17.20 -33.01
CA GLU C 447 69.62 -16.61 -31.89
C GLU C 447 68.14 -16.60 -32.27
N LYS C 448 67.67 -17.75 -32.78
CA LYS C 448 66.31 -17.98 -33.32
C LYS C 448 65.75 -19.41 -33.18
N THR C 449 64.43 -19.47 -33.00
CA THR C 449 63.74 -20.75 -32.80
C THR C 449 63.34 -21.34 -34.15
N LEU C 450 64.01 -22.39 -34.62
CA LEU C 450 63.74 -22.96 -35.93
C LEU C 450 62.92 -24.23 -35.93
N ASP C 451 62.11 -24.43 -36.98
CA ASP C 451 61.29 -25.66 -37.10
C ASP C 451 62.06 -26.88 -37.61
N VAL C 452 62.12 -27.91 -36.75
CA VAL C 452 62.80 -29.17 -37.03
C VAL C 452 61.82 -30.27 -37.41
N SER C 453 60.90 -29.92 -38.31
CA SER C 453 59.87 -30.85 -38.78
C SER C 453 60.07 -31.31 -40.19
N LYS C 454 61.31 -31.19 -40.67
CA LYS C 454 61.57 -31.65 -42.02
C LYS C 454 62.68 -32.64 -41.86
N ILE C 455 63.41 -32.52 -40.77
CA ILE C 455 64.49 -33.41 -40.49
C ILE C 455 64.19 -34.89 -40.73
N MET C 456 63.06 -35.32 -40.26
CA MET C 456 62.59 -36.71 -40.40
C MET C 456 62.53 -37.24 -41.87
N ILE C 457 62.69 -36.36 -42.85
CA ILE C 457 62.65 -36.63 -44.30
C ILE C 457 63.95 -36.94 -45.03
N LEU D 4 68.89 -50.17 -1.64
CA LEU D 4 70.20 -49.84 -2.25
C LEU D 4 70.29 -49.89 -3.78
N PHE D 5 70.80 -48.82 -4.34
CA PHE D 5 71.02 -48.72 -5.75
C PHE D 5 72.49 -48.65 -6.18
N ASN D 6 72.92 -49.61 -6.97
CA ASN D 6 74.21 -49.55 -7.58
C ASN D 6 74.02 -48.75 -8.84
N THR D 7 74.24 -47.43 -8.80
CA THR D 7 74.02 -46.68 -10.01
C THR D 7 75.42 -46.44 -10.62
N THR D 8 75.38 -45.75 -11.74
CA THR D 8 76.66 -45.57 -12.37
C THR D 8 77.22 -44.23 -11.93
N THR D 9 78.43 -44.30 -11.42
CA THR D 9 79.09 -43.08 -11.00
C THR D 9 80.05 -42.75 -12.13
N MET D 10 80.20 -41.46 -12.31
CA MET D 10 81.04 -40.90 -13.32
C MET D 10 82.46 -41.37 -12.96
N ASP D 11 82.82 -41.36 -11.68
CA ASP D 11 84.15 -41.81 -11.30
C ASP D 11 84.49 -43.15 -11.99
N ASP D 12 83.53 -44.07 -11.95
CA ASP D 12 83.69 -45.36 -12.63
C ASP D 12 83.89 -45.04 -14.11
N VAL D 13 82.82 -44.53 -14.73
CA VAL D 13 82.81 -44.12 -16.14
C VAL D 13 84.22 -43.77 -16.61
N TYR D 14 84.90 -42.93 -15.81
CA TYR D 14 86.22 -42.52 -16.18
C TYR D 14 87.21 -43.67 -16.26
N ASN D 15 87.02 -44.69 -15.44
CA ASN D 15 87.93 -45.80 -15.44
C ASN D 15 87.83 -46.62 -16.74
N TYR D 16 86.61 -47.05 -17.04
CA TYR D 16 86.37 -47.85 -18.25
C TYR D 16 86.56 -47.02 -19.55
N ILE D 17 86.52 -45.70 -19.43
CA ILE D 17 86.70 -44.90 -20.63
C ILE D 17 88.03 -44.16 -20.47
N SER E 14 -54.01 -20.67 -0.11
CA SER E 14 -55.09 -19.63 -0.17
C SER E 14 -55.08 -19.02 1.21
N SER E 15 -55.53 -19.87 2.14
CA SER E 15 -55.68 -19.59 3.58
C SER E 15 -54.21 -19.70 3.82
N ARG E 16 -53.50 -18.62 3.57
CA ARG E 16 -52.08 -18.64 3.85
C ARG E 16 -51.67 -17.25 3.51
N PRO E 17 -50.91 -16.75 4.45
CA PRO E 17 -50.45 -15.39 4.46
C PRO E 17 -50.37 -14.48 3.24
N ILE E 18 -50.82 -13.25 3.52
CA ILE E 18 -50.74 -12.19 2.52
C ILE E 18 -49.31 -11.76 2.72
N ARG E 19 -48.59 -11.58 1.62
CA ARG E 19 -47.18 -11.23 1.71
C ARG E 19 -46.94 -9.80 1.37
N VAL E 20 -46.41 -9.11 2.36
CA VAL E 20 -46.24 -7.69 2.22
C VAL E 20 -44.90 -7.42 1.56
N GLY E 21 -44.81 -6.39 0.74
CA GLY E 21 -43.54 -6.03 0.19
C GLY E 21 -43.46 -4.68 0.94
N PHE E 22 -42.30 -4.27 1.40
CA PHE E 22 -42.22 -3.02 2.11
C PHE E 22 -41.31 -2.03 1.51
N VAL E 23 -41.85 -0.86 1.37
CA VAL E 23 -41.15 0.34 0.92
C VAL E 23 -41.09 1.31 2.13
N GLY E 24 -39.91 1.73 2.59
CA GLY E 24 -39.95 2.58 3.77
C GLY E 24 -39.53 1.79 5.02
N LEU E 25 -39.01 0.57 4.82
CA LEU E 25 -38.56 -0.11 5.99
C LEU E 25 -37.07 0.32 6.23
N THR E 26 -36.95 1.38 7.04
CA THR E 26 -35.66 1.96 7.39
C THR E 26 -34.81 1.01 8.24
N SER E 27 -35.24 0.63 9.44
CA SER E 27 -34.48 -0.30 10.26
C SER E 27 -35.41 -0.71 11.39
N GLY E 28 -34.85 -1.33 12.41
CA GLY E 28 -35.60 -1.86 13.54
C GLY E 28 -36.19 -0.77 14.41
N LYS E 29 -35.81 0.47 14.10
CA LYS E 29 -36.35 1.54 14.90
C LYS E 29 -36.89 2.67 14.03
N SER E 30 -37.63 2.25 13.00
CA SER E 30 -38.22 3.15 12.02
C SER E 30 -39.70 3.20 12.29
N TRP E 31 -40.28 4.32 11.91
CA TRP E 31 -41.70 4.54 12.13
C TRP E 31 -42.50 3.27 11.98
N VAL E 32 -42.43 2.78 10.76
CA VAL E 32 -43.16 1.63 10.29
C VAL E 32 -42.73 0.41 11.10
N ALA E 33 -41.49 0.50 11.57
CA ALA E 33 -41.01 -0.65 12.31
C ALA E 33 -41.81 -0.72 13.60
N LYS E 34 -42.01 0.46 14.19
CA LYS E 34 -42.68 0.65 15.47
C LYS E 34 -44.17 0.78 15.28
N THR E 35 -44.64 0.46 14.10
CA THR E 35 -46.10 0.50 13.84
C THR E 35 -46.63 -0.64 12.94
N HIS E 36 -46.42 -0.46 11.66
CA HIS E 36 -46.79 -1.53 10.78
C HIS E 36 -46.23 -2.87 11.33
N PHE E 37 -44.94 -3.15 11.27
CA PHE E 37 -44.29 -4.39 11.81
C PHE E 37 -45.12 -5.17 12.87
N LEU E 38 -45.58 -4.42 13.85
CA LEU E 38 -46.44 -4.91 14.92
C LEU E 38 -47.81 -5.30 14.38
N ALA E 39 -48.36 -4.31 13.69
CA ALA E 39 -49.67 -4.60 13.12
C ALA E 39 -49.61 -6.01 12.48
N ILE E 40 -48.49 -6.34 11.81
CA ILE E 40 -48.29 -7.62 11.17
C ILE E 40 -47.87 -8.78 12.03
N GLN E 41 -47.37 -8.44 13.19
CA GLN E 41 -46.91 -9.47 14.11
C GLN E 41 -48.03 -10.17 14.86
N GLN E 42 -49.14 -9.45 14.89
CA GLN E 42 -50.28 -9.97 15.59
C GLN E 42 -51.09 -10.66 14.50
N LEU E 43 -50.80 -10.34 13.26
CA LEU E 43 -51.51 -10.94 12.16
C LEU E 43 -50.47 -11.82 11.46
N SER E 44 -49.51 -12.33 12.21
CA SER E 44 -48.53 -13.20 11.58
C SER E 44 -49.30 -14.30 10.89
N SER E 45 -50.46 -14.60 11.46
CA SER E 45 -51.35 -15.64 10.94
C SER E 45 -51.84 -15.37 9.53
N GLN E 46 -52.02 -14.11 9.22
CA GLN E 46 -52.58 -13.71 7.95
C GLN E 46 -51.60 -12.95 7.06
N PHE E 47 -50.53 -12.39 7.65
CA PHE E 47 -49.61 -11.61 6.87
C PHE E 47 -48.20 -11.99 7.10
N GLN E 48 -47.49 -12.03 5.99
CA GLN E 48 -46.10 -12.36 6.05
C GLN E 48 -45.44 -11.24 5.28
N ILE E 49 -44.29 -10.80 5.81
CA ILE E 49 -43.47 -9.78 5.19
C ILE E 49 -42.41 -10.53 4.42
N VAL E 50 -42.49 -10.24 3.14
CA VAL E 50 -41.71 -10.88 2.10
C VAL E 50 -40.62 -10.11 1.35
N ALA E 51 -40.74 -8.80 1.43
CA ALA E 51 -39.74 -8.00 0.72
C ALA E 51 -39.59 -6.59 1.26
N LEU E 52 -38.40 -6.06 1.31
CA LEU E 52 -38.22 -4.73 1.81
C LEU E 52 -37.58 -3.88 0.78
N TYR E 53 -38.15 -2.77 0.37
CA TYR E 53 -37.34 -1.95 -0.46
C TYR E 53 -36.65 -0.95 0.35
N ASN E 54 -35.42 -0.69 -0.05
CA ASN E 54 -34.56 0.37 0.45
C ASN E 54 -33.46 0.41 -0.63
N PRO E 55 -33.00 1.62 -0.82
CA PRO E 55 -31.97 2.10 -1.70
C PRO E 55 -30.57 1.58 -1.52
N THR E 56 -30.23 0.99 -0.39
CA THR E 56 -28.94 0.40 -0.17
C THR E 56 -29.29 -0.97 0.23
N LEU E 57 -28.69 -1.99 -0.34
CA LEU E 57 -29.05 -3.33 0.07
C LEU E 57 -28.69 -3.49 1.53
N LYS E 58 -27.56 -2.91 1.87
CA LYS E 58 -26.96 -2.92 3.21
C LYS E 58 -28.02 -2.77 4.32
N SER E 59 -28.87 -1.78 4.10
CA SER E 59 -30.02 -1.46 4.96
C SER E 59 -31.20 -2.44 4.97
N SER E 60 -31.55 -3.13 3.88
CA SER E 60 -32.61 -4.11 3.99
C SER E 60 -32.12 -5.29 4.89
N LEU E 61 -31.00 -5.84 4.46
CA LEU E 61 -30.38 -6.95 5.14
C LEU E 61 -30.34 -6.77 6.65
N GLN E 62 -29.95 -5.55 7.04
CA GLN E 62 -29.89 -5.37 8.46
C GLN E 62 -31.29 -5.59 9.03
N THR E 63 -32.10 -4.60 8.73
CA THR E 63 -33.49 -4.56 9.12
C THR E 63 -33.87 -6.02 9.23
N ILE E 64 -33.79 -6.79 8.16
CA ILE E 64 -34.14 -8.18 8.29
C ILE E 64 -33.52 -8.80 9.52
N GLU E 65 -32.20 -8.77 9.55
CA GLU E 65 -31.51 -9.48 10.64
C GLU E 65 -31.98 -9.07 12.05
N GLN E 66 -32.12 -7.77 12.13
CA GLN E 66 -32.57 -7.02 13.27
C GLN E 66 -33.94 -7.40 13.73
N LEU E 67 -34.86 -7.53 12.79
CA LEU E 67 -36.26 -7.86 13.07
C LEU E 67 -36.52 -9.33 12.78
N GLN E 68 -35.50 -10.05 12.31
CA GLN E 68 -35.60 -11.47 12.04
C GLN E 68 -36.71 -11.78 11.03
N LEU E 69 -36.68 -11.02 9.95
CA LEU E 69 -37.74 -11.20 9.01
C LEU E 69 -37.38 -12.47 8.28
N LYS E 70 -37.96 -13.55 8.71
CA LYS E 70 -37.61 -14.84 8.20
C LYS E 70 -37.93 -15.03 6.77
N HIS E 71 -39.03 -14.50 6.31
CA HIS E 71 -39.35 -14.79 4.98
C HIS E 71 -38.96 -13.72 4.02
N ALA E 72 -38.19 -12.75 4.45
CA ALA E 72 -37.90 -11.59 3.63
C ALA E 72 -36.67 -11.54 2.78
N THR E 73 -36.81 -10.83 1.67
CA THR E 73 -35.78 -10.64 0.69
C THR E 73 -35.63 -9.14 0.48
N GLY E 74 -34.45 -8.67 0.12
CA GLY E 74 -34.18 -7.24 0.03
C GLY E 74 -33.75 -6.61 -1.28
N PHE E 75 -34.44 -5.55 -1.65
CA PHE E 75 -34.30 -4.86 -2.93
C PHE E 75 -33.51 -3.56 -3.05
N ASP E 76 -32.94 -3.45 -4.23
CA ASP E 76 -32.10 -2.30 -4.52
C ASP E 76 -32.85 -1.35 -5.47
N SER E 77 -33.60 -1.97 -6.37
CA SER E 77 -34.36 -1.22 -7.36
C SER E 77 -35.82 -1.37 -6.99
N LEU E 78 -36.59 -0.33 -7.30
CA LEU E 78 -38.01 -0.32 -7.03
C LEU E 78 -38.55 -1.27 -8.07
N GLU E 79 -38.13 -1.01 -9.30
CA GLU E 79 -38.50 -1.83 -10.40
C GLU E 79 -38.30 -3.17 -9.88
N SER E 80 -37.10 -3.35 -9.39
CA SER E 80 -36.57 -4.66 -8.94
C SER E 80 -37.77 -5.15 -8.14
N PHE E 81 -38.11 -4.32 -7.18
CA PHE E 81 -39.17 -4.49 -6.21
C PHE E 81 -40.51 -4.75 -6.81
N ALA E 82 -41.03 -3.74 -7.47
CA ALA E 82 -42.30 -3.77 -8.20
C ALA E 82 -42.63 -5.04 -8.96
N GLN E 83 -41.63 -5.86 -9.25
CA GLN E 83 -41.78 -7.09 -10.04
C GLN E 83 -41.96 -8.41 -9.28
N TYR E 84 -41.21 -8.60 -8.18
CA TYR E 84 -41.32 -9.79 -7.32
C TYR E 84 -42.78 -10.28 -7.34
N LYS E 85 -43.06 -11.25 -8.18
CA LYS E 85 -44.37 -11.76 -8.24
C LYS E 85 -44.79 -12.38 -6.90
N ASP E 86 -43.90 -12.35 -5.93
CA ASP E 86 -44.18 -12.87 -4.59
C ASP E 86 -44.87 -11.83 -3.71
N ILE E 87 -45.29 -10.69 -4.24
CA ILE E 87 -45.86 -9.72 -3.31
C ILE E 87 -47.30 -9.53 -3.66
N ASP E 88 -48.19 -10.04 -2.80
CA ASP E 88 -49.61 -9.82 -3.11
C ASP E 88 -49.83 -8.37 -2.76
N MET E 89 -49.22 -7.90 -1.71
CA MET E 89 -49.52 -6.54 -1.42
C MET E 89 -48.37 -5.74 -0.87
N ILE E 90 -48.25 -4.53 -1.41
CA ILE E 90 -47.19 -3.55 -1.20
C ILE E 90 -47.53 -2.37 -0.29
N VAL E 91 -46.73 -2.14 0.77
CA VAL E 91 -46.97 -0.98 1.58
C VAL E 91 -45.87 0.05 1.40
N VAL E 92 -46.37 1.21 1.04
CA VAL E 92 -45.58 2.42 0.87
C VAL E 92 -45.80 3.48 1.97
N SER E 93 -44.78 3.52 2.83
CA SER E 93 -44.82 4.45 3.93
C SER E 93 -43.45 5.08 3.83
N VAL E 94 -43.42 6.21 3.13
CA VAL E 94 -42.25 7.06 2.98
C VAL E 94 -42.74 8.50 2.82
N LYS E 95 -41.81 9.45 2.97
CA LYS E 95 -42.18 10.87 2.88
C LYS E 95 -43.15 11.17 1.74
N VAL E 96 -44.07 12.06 2.04
CA VAL E 96 -45.11 12.40 1.17
C VAL E 96 -44.69 13.22 0.02
N PRO E 97 -43.45 13.63 -0.04
CA PRO E 97 -43.00 14.35 -1.21
C PRO E 97 -42.46 13.39 -2.26
N GLU E 98 -41.90 12.29 -1.78
CA GLU E 98 -41.47 11.13 -2.54
C GLU E 98 -42.70 10.21 -2.68
N HIS E 99 -43.84 10.70 -2.27
CA HIS E 99 -45.01 9.85 -2.41
C HIS E 99 -45.44 9.64 -3.88
N TYR E 100 -45.50 10.71 -4.64
CA TYR E 100 -45.83 10.59 -6.04
C TYR E 100 -44.80 9.77 -6.86
N GLU E 101 -43.51 10.12 -6.72
CA GLU E 101 -42.41 9.42 -7.40
C GLU E 101 -42.65 7.93 -7.26
N VAL E 102 -42.42 7.44 -6.05
CA VAL E 102 -42.48 6.06 -5.62
C VAL E 102 -43.56 5.12 -6.05
N VAL E 103 -44.78 5.66 -5.91
CA VAL E 103 -46.06 5.02 -6.09
C VAL E 103 -46.24 4.63 -7.52
N LYS E 104 -46.19 5.74 -8.24
CA LYS E 104 -46.35 5.71 -9.67
C LYS E 104 -45.57 4.57 -10.33
N ASN E 105 -44.24 4.62 -10.14
CA ASN E 105 -43.38 3.57 -10.67
C ASN E 105 -43.90 2.21 -10.17
N ILE E 106 -44.03 2.03 -8.84
CA ILE E 106 -44.54 0.76 -8.38
C ILE E 106 -45.68 0.34 -9.31
N LEU E 107 -46.50 1.26 -9.74
CA LEU E 107 -47.68 0.96 -10.53
C LEU E 107 -47.50 0.74 -11.98
N GLU E 108 -46.41 1.23 -12.53
CA GLU E 108 -46.08 0.92 -13.87
C GLU E 108 -45.08 -0.16 -13.95
N HIS E 109 -44.48 -0.55 -12.86
CA HIS E 109 -43.52 -1.66 -12.82
C HIS E 109 -43.99 -2.90 -12.10
N SER E 110 -45.28 -3.05 -11.98
CA SER E 110 -45.87 -4.29 -11.43
C SER E 110 -47.02 -4.81 -12.30
N SER E 111 -47.26 -4.12 -13.39
CA SER E 111 -48.37 -4.41 -14.29
C SER E 111 -48.39 -5.88 -14.66
N GLN E 112 -47.16 -6.39 -14.76
CA GLN E 112 -46.95 -7.79 -15.07
C GLN E 112 -47.23 -8.64 -13.81
N ASN E 113 -46.88 -8.16 -12.64
CA ASN E 113 -47.11 -8.90 -11.42
C ASN E 113 -48.60 -8.99 -11.14
N LEU E 114 -49.06 -10.19 -10.90
CA LEU E 114 -50.46 -10.34 -10.67
C LEU E 114 -50.97 -10.90 -9.38
N ASN E 115 -50.11 -11.03 -8.38
CA ASN E 115 -50.54 -11.42 -7.05
C ASN E 115 -50.62 -10.07 -6.41
N LEU E 116 -49.69 -9.18 -6.77
CA LEU E 116 -49.83 -7.84 -6.23
C LEU E 116 -51.32 -7.60 -6.46
N ARG E 117 -52.07 -7.68 -5.37
CA ARG E 117 -53.51 -7.48 -5.39
C ARG E 117 -53.87 -6.24 -4.54
N TYR E 118 -52.99 -5.82 -3.61
CA TYR E 118 -53.21 -4.67 -2.78
C TYR E 118 -51.98 -3.78 -2.60
N LEU E 119 -52.25 -2.47 -2.70
CA LEU E 119 -51.25 -1.40 -2.56
C LEU E 119 -51.68 -0.38 -1.51
N TYR E 120 -51.02 -0.42 -0.37
CA TYR E 120 -51.30 0.39 0.77
C TYR E 120 -50.45 1.61 0.81
N VAL E 121 -50.99 2.68 1.25
CA VAL E 121 -50.21 3.92 1.29
C VAL E 121 -50.79 4.77 2.41
N GLU E 122 -50.02 5.76 2.83
CA GLU E 122 -50.43 6.54 3.97
C GLU E 122 -50.88 7.95 3.72
N TRP E 123 -51.64 8.48 4.67
CA TRP E 123 -52.16 9.82 4.59
C TRP E 123 -50.91 10.69 4.72
N ALA E 124 -50.71 11.70 3.86
CA ALA E 124 -51.53 12.18 2.77
C ALA E 124 -51.22 11.23 1.56
N LEU E 125 -52.24 10.76 0.84
CA LEU E 125 -51.94 9.92 -0.33
C LEU E 125 -50.75 10.43 -1.13
N ALA E 126 -50.79 11.71 -1.53
CA ALA E 126 -49.68 12.26 -2.28
C ALA E 126 -49.49 13.68 -1.75
N ALA E 127 -48.58 14.42 -2.35
CA ALA E 127 -48.36 15.71 -1.78
C ALA E 127 -49.07 16.91 -2.36
N SER E 128 -49.79 16.68 -3.46
CA SER E 128 -50.49 17.79 -4.07
C SER E 128 -51.72 17.10 -4.62
N VAL E 129 -52.83 17.81 -4.73
CA VAL E 129 -54.03 17.09 -5.14
C VAL E 129 -53.69 16.42 -6.48
N GLN E 130 -53.37 17.25 -7.45
CA GLN E 130 -52.96 16.82 -8.76
C GLN E 130 -52.06 15.64 -8.68
N GLN E 131 -50.90 15.80 -8.10
CA GLN E 131 -50.03 14.64 -7.86
C GLN E 131 -50.98 13.47 -7.54
N ALA E 132 -51.72 13.62 -6.44
CA ALA E 132 -52.67 12.63 -5.94
C ALA E 132 -53.70 12.24 -6.99
N GLU E 133 -54.31 13.26 -7.52
CA GLU E 133 -55.31 13.05 -8.53
C GLU E 133 -54.82 12.00 -9.46
N GLU E 134 -53.62 12.23 -9.98
CA GLU E 134 -53.03 11.35 -10.98
C GLU E 134 -52.89 9.94 -10.42
N LEU E 135 -52.10 9.78 -9.38
CA LEU E 135 -51.93 8.45 -8.80
C LEU E 135 -53.29 7.79 -8.71
N TYR E 136 -54.33 8.58 -8.51
CA TYR E 136 -55.64 7.95 -8.45
C TYR E 136 -56.11 7.56 -9.87
N SER E 137 -56.19 8.53 -10.79
CA SER E 137 -56.55 8.24 -12.18
C SER E 137 -55.82 6.95 -12.58
N ILE E 138 -54.58 6.84 -12.13
CA ILE E 138 -53.78 5.65 -12.42
C ILE E 138 -54.36 4.44 -11.69
N SER E 139 -54.29 4.42 -10.36
CA SER E 139 -54.80 3.34 -9.54
C SER E 139 -55.98 2.67 -10.26
N GLN E 140 -56.86 3.52 -10.78
CA GLN E 140 -58.05 3.05 -11.51
C GLN E 140 -57.98 1.89 -12.50
N GLN E 141 -56.94 1.89 -13.30
CA GLN E 141 -56.83 0.87 -14.33
C GLN E 141 -56.56 -0.52 -13.83
N ARG E 142 -56.03 -0.59 -12.63
CA ARG E 142 -55.77 -1.88 -12.07
C ARG E 142 -57.13 -2.44 -11.68
N ALA E 143 -57.81 -3.14 -12.58
CA ALA E 143 -59.11 -3.74 -12.30
C ALA E 143 -59.00 -4.62 -11.05
N ASN E 144 -57.89 -5.35 -11.00
CA ASN E 144 -57.59 -6.23 -9.89
C ASN E 144 -56.98 -5.59 -8.65
N LEU E 145 -56.74 -4.28 -8.66
CA LEU E 145 -56.08 -3.58 -7.55
C LEU E 145 -56.86 -2.68 -6.56
N GLN E 146 -56.81 -3.12 -5.30
CA GLN E 146 -57.53 -2.44 -4.23
C GLN E 146 -56.45 -1.56 -3.68
N THR E 147 -56.77 -0.29 -3.46
CA THR E 147 -55.81 0.67 -2.93
C THR E 147 -56.22 0.95 -1.48
N ILE E 148 -55.26 1.25 -0.62
CA ILE E 148 -55.67 1.58 0.76
C ILE E 148 -54.96 2.79 1.34
N ILE E 149 -55.72 3.81 1.69
CA ILE E 149 -55.14 5.00 2.29
C ILE E 149 -55.20 4.74 3.79
N CYS E 150 -54.19 5.23 4.49
CA CYS E 150 -54.07 5.04 5.95
C CYS E 150 -54.67 6.11 6.83
N LEU E 151 -55.99 6.09 6.86
CA LEU E 151 -56.71 7.05 7.64
C LEU E 151 -57.13 6.21 8.80
N GLN E 152 -56.17 5.79 9.56
CA GLN E 152 -56.45 5.07 10.74
C GLN E 152 -57.37 5.84 11.65
N GLY E 153 -57.56 7.12 11.39
CA GLY E 153 -58.58 7.88 12.13
C GLY E 153 -59.80 6.97 12.29
N ARG E 154 -60.33 6.55 11.14
CA ARG E 154 -61.53 5.69 11.11
C ARG E 154 -61.60 4.43 11.96
N LYS E 155 -60.50 3.78 12.31
CA LYS E 155 -60.67 2.56 13.10
C LYS E 155 -60.68 2.68 14.64
N SER E 156 -60.53 3.92 15.15
CA SER E 156 -60.31 4.22 16.57
C SER E 156 -61.51 3.79 17.38
N PRO E 157 -61.28 3.02 18.47
CA PRO E 157 -62.46 2.67 19.28
C PRO E 157 -63.29 3.95 19.48
N TYR E 158 -62.66 5.07 19.86
CA TYR E 158 -63.38 6.34 20.05
C TYR E 158 -64.20 6.89 18.87
N ILE E 159 -63.72 6.66 17.64
CA ILE E 159 -64.50 7.14 16.54
C ILE E 159 -65.63 6.14 16.38
N VAL E 160 -65.32 4.98 15.85
CA VAL E 160 -66.40 4.02 15.68
C VAL E 160 -67.52 4.17 16.73
N ARG E 161 -67.19 4.17 18.00
CA ARG E 161 -68.25 4.26 18.99
C ARG E 161 -69.16 5.43 18.87
N ALA E 162 -68.62 6.59 18.61
CA ALA E 162 -69.45 7.76 18.46
C ALA E 162 -70.34 7.57 17.23
N LYS E 163 -69.68 7.15 16.16
CA LYS E 163 -70.39 6.86 14.98
C LYS E 163 -71.55 5.91 15.34
N GLU E 164 -71.29 4.81 16.07
CA GLU E 164 -72.39 3.90 16.45
C GLU E 164 -73.45 4.60 17.28
N LEU E 165 -73.00 5.40 18.22
CA LEU E 165 -73.92 6.08 19.09
C LEU E 165 -74.91 6.90 18.25
N ILE E 166 -74.37 7.78 17.43
CA ILE E 166 -75.19 8.65 16.61
C ILE E 166 -76.22 7.94 15.69
N SER E 167 -75.65 7.17 14.76
CA SER E 167 -76.35 6.35 13.78
C SER E 167 -77.64 5.72 14.30
N GLU E 168 -77.55 5.25 15.53
CA GLU E 168 -78.63 4.60 16.24
C GLU E 168 -79.33 5.69 17.06
N GLY E 169 -79.74 6.79 16.41
CA GLY E 169 -80.38 7.97 17.01
C GLY E 169 -80.19 8.27 18.50
N CYS E 170 -78.98 8.00 19.03
CA CYS E 170 -78.78 8.19 20.46
C CYS E 170 -78.77 9.62 20.89
N ILE E 171 -78.43 10.49 19.93
CA ILE E 171 -78.39 11.93 20.21
C ILE E 171 -79.34 12.68 19.29
N GLY E 172 -80.24 11.95 18.60
CA GLY E 172 -81.16 12.66 17.76
C GLY E 172 -80.42 13.04 16.53
N ASP E 173 -80.88 14.12 15.92
CA ASP E 173 -80.40 14.67 14.68
C ASP E 173 -79.34 15.61 15.20
N ILE E 174 -78.23 15.76 14.48
CA ILE E 174 -77.23 16.70 14.94
C ILE E 174 -77.66 18.16 14.76
N ASN E 175 -77.12 19.03 15.62
CA ASN E 175 -77.45 20.45 15.59
C ASN E 175 -76.21 21.24 15.16
N SER E 176 -75.30 21.32 16.14
CA SER E 176 -73.98 21.93 15.98
C SER E 176 -72.79 21.03 16.31
N ILE E 177 -71.65 21.41 15.76
CA ILE E 177 -70.40 20.67 15.90
C ILE E 177 -69.29 21.71 16.10
N GLU E 178 -68.47 21.48 17.15
CA GLU E 178 -67.36 22.35 17.51
C GLU E 178 -66.03 21.56 17.64
N ILE E 179 -64.97 22.05 17.03
CA ILE E 179 -63.68 21.39 17.11
C ILE E 179 -62.45 22.21 17.47
N SER E 180 -61.43 21.46 17.97
CA SER E 180 -60.11 21.98 18.35
C SER E 180 -58.96 20.99 18.01
N GLY E 181 -57.79 21.50 17.61
CA GLY E 181 -56.65 20.66 17.27
C GLY E 181 -55.33 21.37 17.52
N ASN E 182 -54.23 20.66 17.24
CA ASN E 182 -52.86 21.10 17.39
C ASN E 182 -51.96 20.36 16.39
N GLY E 183 -51.17 21.11 15.65
CA GLY E 183 -50.25 20.53 14.67
C GLY E 183 -49.12 19.85 15.46
N GLY E 184 -48.78 20.46 16.60
CA GLY E 184 -47.74 19.95 17.50
C GLY E 184 -46.47 20.77 17.26
N TRP E 185 -45.94 20.57 16.07
CA TRP E 185 -44.71 21.28 15.80
C TRP E 185 -44.76 22.59 15.05
N TYR E 186 -45.92 23.27 15.04
CA TYR E 186 -46.00 24.52 14.31
C TYR E 186 -46.19 25.51 15.44
N GLY E 187 -45.79 25.02 16.61
CA GLY E 187 -45.93 25.88 17.77
C GLY E 187 -44.93 27.05 17.74
N TYR E 188 -44.49 27.46 18.90
CA TYR E 188 -43.47 28.47 18.95
C TYR E 188 -42.31 27.63 19.30
N GLU E 189 -42.49 26.34 19.15
CA GLU E 189 -41.46 25.43 19.49
C GLU E 189 -41.49 24.23 18.56
N ARG E 190 -40.30 23.88 18.09
CA ARG E 190 -39.96 22.75 17.23
C ARG E 190 -38.83 21.91 17.83
N PRO E 191 -38.85 20.61 17.60
CA PRO E 191 -37.88 19.68 18.16
C PRO E 191 -36.61 19.38 17.36
N MET E 192 -35.53 19.03 18.04
CA MET E 192 -34.29 18.75 17.30
C MET E 192 -34.41 17.87 16.06
N ARG E 193 -34.89 16.65 16.17
CA ARG E 193 -34.95 15.85 14.98
C ARG E 193 -36.00 16.17 13.91
N SER E 194 -37.10 16.81 14.27
CA SER E 194 -38.12 17.17 13.26
C SER E 194 -37.62 17.50 11.85
N PRO E 195 -38.20 16.89 10.82
CA PRO E 195 -37.80 17.15 9.46
C PRO E 195 -38.15 18.52 8.90
N GLU E 196 -37.10 19.14 8.44
CA GLU E 196 -37.14 20.50 7.94
C GLU E 196 -38.33 20.60 7.01
N TYR E 197 -38.46 19.51 6.27
CA TYR E 197 -39.36 19.39 5.13
C TYR E 197 -40.78 19.51 5.54
N LEU E 198 -41.15 18.82 6.59
CA LEU E 198 -42.49 18.96 7.05
C LEU E 198 -42.72 20.38 7.46
N TYR E 199 -41.68 21.22 7.45
CA TYR E 199 -41.82 22.65 7.71
C TYR E 199 -41.43 23.47 6.52
N ASP E 200 -41.26 22.87 5.36
CA ASP E 200 -40.96 23.67 4.20
C ASP E 200 -42.21 23.85 3.52
N ILE E 201 -42.64 25.08 3.43
CA ILE E 201 -43.91 25.25 2.79
C ILE E 201 -44.40 24.30 1.69
N GLU E 202 -43.67 24.37 0.55
CA GLU E 202 -43.85 23.59 -0.70
C GLU E 202 -43.98 22.13 -0.51
N SER E 203 -43.45 21.65 0.59
CA SER E 203 -43.48 20.25 1.02
C SER E 203 -44.82 19.58 0.66
N GLY E 204 -45.90 20.17 1.13
CA GLY E 204 -47.21 19.57 0.90
C GLY E 204 -47.47 18.95 2.25
N VAL E 205 -46.68 19.41 3.19
CA VAL E 205 -46.87 18.89 4.50
C VAL E 205 -46.93 19.96 5.57
N ASN E 206 -48.15 20.04 6.11
CA ASN E 206 -48.44 21.02 7.13
C ASN E 206 -49.74 20.64 7.83
N LEU E 207 -50.07 21.44 8.83
CA LEU E 207 -51.28 21.41 9.65
C LEU E 207 -52.47 20.78 8.94
N ILE E 208 -53.05 21.55 8.02
CA ILE E 208 -54.26 21.20 7.30
C ILE E 208 -54.18 19.81 6.72
N SER E 209 -53.28 19.84 5.74
CA SER E 209 -53.03 18.69 4.91
C SER E 209 -53.14 17.43 5.69
N ASN E 210 -52.31 17.33 6.70
CA ASN E 210 -52.19 16.16 7.53
C ASN E 210 -52.94 16.14 8.76
N SER E 211 -52.46 16.81 9.76
CA SER E 211 -53.23 16.80 10.99
C SER E 211 -54.73 17.10 10.92
N PHE E 212 -55.09 18.12 10.17
CA PHE E 212 -56.45 18.52 10.00
C PHE E 212 -57.10 17.54 9.10
N GLY E 213 -56.50 17.42 7.97
CA GLY E 213 -56.97 16.51 6.91
C GLY E 213 -57.49 15.24 7.59
N HIS E 214 -56.64 14.68 8.44
CA HIS E 214 -56.91 13.48 9.23
C HIS E 214 -58.06 13.59 10.20
N THR E 215 -58.12 14.70 10.93
CA THR E 215 -59.19 15.06 11.86
C THR E 215 -60.57 15.30 11.25
N ILE E 216 -60.62 16.26 10.33
CA ILE E 216 -61.89 16.63 9.75
C ILE E 216 -62.54 15.43 9.06
N ASP E 217 -61.77 14.57 8.44
CA ASP E 217 -62.36 13.43 7.73
C ASP E 217 -62.93 12.41 8.62
N VAL E 218 -62.35 12.22 9.78
CA VAL E 218 -62.91 11.30 10.77
C VAL E 218 -64.28 11.86 11.10
N LEU E 219 -64.43 13.17 11.15
CA LEU E 219 -65.69 13.78 11.49
C LEU E 219 -66.69 13.59 10.42
N GLN E 220 -66.32 13.90 9.21
CA GLN E 220 -67.12 13.59 8.05
C GLN E 220 -67.25 12.13 8.17
N TYR E 221 -66.27 11.45 8.73
CA TYR E 221 -66.46 10.02 8.83
C TYR E 221 -67.51 9.69 9.90
N ILE E 222 -67.34 10.25 11.09
CA ILE E 222 -68.23 10.01 12.23
C ILE E 222 -69.65 10.30 11.92
N THR E 223 -69.88 11.57 11.65
CA THR E 223 -71.20 12.08 11.30
C THR E 223 -71.60 11.08 10.22
N GLY E 224 -70.81 11.05 9.18
CA GLY E 224 -71.17 10.18 8.08
C GLY E 224 -71.91 11.10 7.09
N SER E 225 -71.44 12.34 6.97
CA SER E 225 -72.06 13.21 5.97
C SER E 225 -70.85 14.01 5.38
N TYR E 226 -70.92 14.39 4.11
CA TYR E 226 -69.80 15.13 3.54
C TYR E 226 -70.03 16.62 3.58
N PHE E 227 -69.08 17.41 3.19
CA PHE E 227 -69.36 18.83 3.26
C PHE E 227 -70.13 19.30 2.06
N GLN E 228 -70.78 20.45 2.21
CA GLN E 228 -71.53 21.09 1.16
C GLN E 228 -70.88 22.37 0.74
N LYS E 229 -70.69 23.32 1.65
CA LYS E 229 -69.94 24.52 1.39
C LYS E 229 -69.19 24.86 2.63
N ILE E 230 -68.02 25.46 2.48
CA ILE E 230 -67.12 25.69 3.60
C ILE E 230 -66.28 26.97 3.47
N ASN E 231 -65.69 27.41 4.58
CA ASN E 231 -64.81 28.59 4.58
C ASN E 231 -63.49 28.38 5.35
N ALA E 232 -62.40 28.89 4.79
CA ALA E 232 -61.13 28.71 5.42
C ALA E 232 -60.22 29.94 5.44
N MET E 233 -59.49 30.09 6.53
CA MET E 233 -58.59 31.24 6.71
C MET E 233 -57.25 30.75 7.28
N ILE E 234 -56.12 30.99 6.64
CA ILE E 234 -54.86 30.47 7.22
C ILE E 234 -53.83 31.50 7.70
N SER E 235 -53.47 31.33 8.96
CA SER E 235 -52.49 32.18 9.62
C SER E 235 -50.94 31.82 9.64
N ASN E 236 -50.13 32.89 9.74
CA ASN E 236 -48.67 32.71 9.81
C ASN E 236 -48.09 33.80 10.64
N ASN E 237 -48.28 33.61 11.94
CA ASN E 237 -47.86 34.63 12.87
C ASN E 237 -46.62 34.17 13.63
N ILE E 238 -46.29 32.91 13.48
CA ILE E 238 -45.10 32.36 14.11
C ILE E 238 -44.25 32.17 12.87
N PRO E 239 -43.36 33.08 12.68
CA PRO E 239 -42.53 33.06 11.49
C PRO E 239 -41.13 32.61 11.85
N THR E 240 -40.91 32.30 13.12
CA THR E 240 -39.59 31.84 13.56
C THR E 240 -39.86 31.16 14.86
N GLN E 241 -39.21 30.00 14.97
CA GLN E 241 -39.38 29.20 16.18
C GLN E 241 -38.16 28.68 16.92
N PHE E 242 -38.34 28.50 18.21
CA PHE E 242 -37.34 27.99 19.13
C PHE E 242 -37.01 26.52 18.93
N LEU E 243 -35.74 26.16 18.99
CA LEU E 243 -35.45 24.77 18.81
C LEU E 243 -35.30 24.16 20.13
N LEU E 244 -35.56 22.88 20.26
CA LEU E 244 -35.59 22.22 21.53
C LEU E 244 -34.50 21.22 21.71
N ASP E 245 -33.85 21.20 22.83
CA ASP E 245 -32.87 20.15 22.99
C ASP E 245 -33.58 18.87 23.30
N GLU E 246 -33.03 17.81 22.76
CA GLU E 246 -33.58 16.48 22.80
C GLU E 246 -34.59 16.22 23.90
N ASN E 247 -34.27 16.78 25.07
CA ASN E 247 -35.11 16.65 26.26
C ASN E 247 -36.40 17.47 26.18
N GLY E 248 -36.35 18.52 25.37
CA GLY E 248 -37.48 19.41 25.15
C GLY E 248 -37.09 20.67 25.86
N LYS E 249 -35.89 20.68 26.41
CA LYS E 249 -35.53 21.94 27.01
C LYS E 249 -35.25 22.80 25.75
N ARG E 250 -35.90 23.95 25.72
CA ARG E 250 -35.73 24.87 24.61
C ARG E 250 -34.35 25.43 24.56
N THR E 251 -34.05 26.05 23.44
CA THR E 251 -32.71 26.63 23.34
C THR E 251 -32.72 27.94 22.57
N LYS E 252 -31.91 28.85 23.05
CA LYS E 252 -31.69 30.15 22.46
C LYS E 252 -31.57 30.17 20.91
N GLU E 253 -31.64 28.99 20.32
CA GLU E 253 -31.48 28.91 18.89
C GLU E 253 -32.76 28.93 18.11
N THR E 254 -32.72 29.46 16.89
CA THR E 254 -34.01 29.61 16.25
C THR E 254 -34.10 29.63 14.72
N ILE E 255 -35.18 29.03 14.18
CA ILE E 255 -35.32 28.73 12.73
C ILE E 255 -36.66 28.91 11.95
N SER E 256 -36.76 29.90 11.06
CA SER E 256 -37.96 30.27 10.32
C SER E 256 -38.89 29.16 9.91
N LYS E 257 -40.20 29.42 9.86
CA LYS E 257 -41.12 28.47 9.29
C LYS E 257 -42.06 29.11 8.29
N THR E 258 -42.37 28.32 7.28
CA THR E 258 -43.21 28.73 6.19
C THR E 258 -44.57 28.05 6.16
N CYS E 259 -44.65 26.81 6.60
CA CYS E 259 -45.93 26.14 6.90
C CYS E 259 -46.59 26.96 8.01
N PRO E 260 -47.90 27.19 7.95
CA PRO E 260 -48.70 27.99 8.87
C PRO E 260 -48.91 27.58 10.30
N ASP E 261 -49.14 28.60 11.14
CA ASP E 261 -49.32 28.41 12.55
C ASP E 261 -50.70 28.15 13.12
N HIS E 262 -51.74 28.39 12.31
CA HIS E 262 -53.12 28.23 12.74
C HIS E 262 -54.03 28.41 11.55
N LEU E 263 -55.12 27.64 11.60
CA LEU E 263 -56.12 27.65 10.56
C LEU E 263 -57.54 27.67 11.13
N LEU E 264 -58.38 28.47 10.52
CA LEU E 264 -59.76 28.61 10.91
C LEU E 264 -60.62 28.15 9.81
N PHE E 265 -61.55 27.29 10.12
CA PHE E 265 -62.41 26.73 9.11
C PHE E 265 -63.83 26.50 9.65
N GLN E 266 -64.84 26.75 8.82
CA GLN E 266 -66.22 26.51 9.21
C GLN E 266 -66.83 26.04 7.86
N GLY E 267 -67.90 25.27 7.93
CA GLY E 267 -68.54 24.87 6.69
C GLY E 267 -69.88 24.26 7.04
N ILE E 268 -70.76 24.09 6.07
CA ILE E 268 -72.00 23.44 6.37
C ILE E 268 -72.16 22.06 5.81
N LEU E 269 -72.24 21.13 6.75
CA LEU E 269 -72.37 19.73 6.43
C LEU E 269 -73.48 19.51 5.44
N GLU E 270 -73.23 18.62 4.51
CA GLU E 270 -74.22 18.31 3.51
C GLU E 270 -75.48 17.87 4.31
N ASN E 271 -75.36 16.75 5.05
CA ASN E 271 -76.46 16.18 5.81
C ASN E 271 -77.10 16.91 6.97
N GLY E 272 -78.12 17.70 6.69
CA GLY E 272 -78.86 18.47 7.66
C GLY E 272 -78.50 19.94 7.67
N LYS E 273 -77.52 20.29 6.92
CA LYS E 273 -77.07 21.63 6.89
C LYS E 273 -76.48 21.89 8.25
N VAL E 274 -76.08 20.79 8.89
CA VAL E 274 -75.50 20.88 10.20
C VAL E 274 -74.26 21.72 10.04
N PRO E 275 -74.14 22.71 10.94
CA PRO E 275 -72.99 23.63 10.89
C PRO E 275 -71.71 23.18 11.61
N VAL E 276 -70.58 23.49 11.00
CA VAL E 276 -69.32 23.23 11.67
C VAL E 276 -68.24 24.25 12.01
N SER E 277 -67.98 24.41 13.31
CA SER E 277 -66.95 25.31 13.88
C SER E 277 -65.71 24.54 14.26
N CYS E 278 -64.57 24.92 13.70
CA CYS E 278 -63.31 24.25 14.02
C CYS E 278 -62.09 25.18 14.04
N SER E 279 -61.36 25.25 15.17
CA SER E 279 -60.14 26.06 15.32
C SER E 279 -58.94 25.17 15.66
N PHE E 280 -58.03 25.11 14.69
CA PHE E 280 -56.79 24.30 14.71
C PHE E 280 -55.50 25.06 15.05
N LYS E 281 -55.09 24.99 16.31
CA LYS E 281 -53.81 25.58 16.69
C LYS E 281 -52.63 24.76 16.08
N GLY E 282 -51.51 25.44 15.82
CA GLY E 282 -50.28 24.85 15.25
C GLY E 282 -49.37 24.02 16.19
N GLY E 283 -49.14 24.42 17.43
CA GLY E 283 -48.32 23.62 18.33
C GLY E 283 -48.38 24.27 19.72
N THR E 284 -47.14 24.41 20.21
CA THR E 284 -46.86 25.01 21.50
C THR E 284 -46.54 26.53 21.62
N PRO E 285 -46.82 27.15 22.77
CA PRO E 285 -47.47 26.44 23.85
C PRO E 285 -48.83 25.83 23.58
N VAL E 286 -49.16 24.86 24.43
CA VAL E 286 -50.42 24.13 24.38
C VAL E 286 -51.48 24.70 25.29
N LYS E 287 -52.70 24.54 24.85
CA LYS E 287 -53.77 25.02 25.62
C LYS E 287 -53.65 24.37 26.93
N LYS E 288 -53.96 25.12 27.96
CA LYS E 288 -53.86 24.59 29.28
C LYS E 288 -55.11 24.78 30.07
N LEU E 289 -56.10 25.44 29.49
CA LEU E 289 -57.35 25.50 30.21
C LEU E 289 -58.36 24.59 29.47
N THR E 290 -57.90 23.92 28.40
CA THR E 290 -58.78 23.11 27.57
C THR E 290 -58.08 21.92 26.95
N LYS E 291 -58.84 20.86 26.56
CA LYS E 291 -58.26 19.67 25.94
C LYS E 291 -57.78 20.15 24.59
N ASN E 292 -56.57 19.76 24.20
CA ASN E 292 -56.06 20.29 22.95
C ASN E 292 -56.73 19.54 21.82
N LEU E 293 -57.43 18.46 22.17
CA LEU E 293 -58.22 17.77 21.14
C LEU E 293 -59.66 17.43 21.48
N VAL E 294 -60.60 18.08 20.83
CA VAL E 294 -61.97 17.81 21.18
C VAL E 294 -62.95 17.94 20.05
N ILE E 295 -63.94 17.07 20.12
CA ILE E 295 -65.05 17.12 19.16
C ILE E 295 -66.38 17.33 19.94
N ASP E 296 -67.04 18.46 19.68
CA ASP E 296 -68.25 18.71 20.39
C ASP E 296 -69.42 18.68 19.43
N ILE E 297 -70.17 17.58 19.62
CA ILE E 297 -71.36 17.31 18.82
C ILE E 297 -72.70 17.56 19.49
N HIS E 298 -73.48 18.56 19.09
CA HIS E 298 -74.73 18.81 19.78
C HIS E 298 -75.91 18.13 19.17
N GLY E 299 -76.37 17.09 19.81
CA GLY E 299 -77.40 16.30 19.22
C GLY E 299 -78.75 16.84 19.70
N THR E 300 -79.86 16.28 19.21
CA THR E 300 -81.16 16.76 19.65
C THR E 300 -81.66 16.08 20.94
N LYS E 301 -81.22 14.83 21.17
CA LYS E 301 -81.67 14.12 22.33
C LYS E 301 -80.48 13.92 23.24
N GLY E 302 -79.32 14.41 22.81
CA GLY E 302 -78.13 14.28 23.65
C GLY E 302 -76.85 14.96 23.16
N ASP E 303 -75.74 14.72 23.84
CA ASP E 303 -74.43 15.26 23.51
C ASP E 303 -73.35 14.15 23.47
N LEU E 304 -72.28 14.36 22.67
CA LEU E 304 -71.15 13.42 22.56
C LEU E 304 -69.82 14.23 22.53
N LYS E 305 -68.86 13.92 23.36
CA LYS E 305 -67.65 14.68 23.29
C LYS E 305 -66.46 13.83 23.42
N ILE E 306 -65.54 14.07 22.53
CA ILE E 306 -64.29 13.33 22.53
C ILE E 306 -63.15 14.30 22.83
N GLU E 307 -62.23 13.85 23.68
CA GLU E 307 -61.15 14.74 24.06
C GLU E 307 -59.76 14.07 24.13
N GLY E 308 -58.71 14.74 23.65
CA GLY E 308 -57.38 14.20 23.69
C GLY E 308 -56.52 15.32 24.19
N ASP E 309 -55.28 15.03 24.53
CA ASP E 309 -54.40 16.07 24.98
C ASP E 309 -53.46 16.22 23.79
N ALA E 310 -53.46 15.17 22.98
CA ALA E 310 -52.63 15.21 21.81
C ALA E 310 -53.61 15.13 20.65
N GLY E 311 -53.63 16.19 19.85
CA GLY E 311 -54.52 16.25 18.67
C GLY E 311 -54.30 15.16 17.61
N PHE E 312 -53.50 14.14 17.91
CA PHE E 312 -53.28 13.12 16.90
C PHE E 312 -54.14 11.91 17.09
N VAL E 313 -55.42 12.11 16.85
CA VAL E 313 -56.44 11.11 17.18
C VAL E 313 -56.15 9.87 16.39
N GLU E 314 -55.56 10.04 15.21
CA GLU E 314 -55.23 8.89 14.39
C GLU E 314 -54.37 8.03 15.22
N ILE E 315 -53.48 8.65 15.92
CA ILE E 315 -52.56 7.94 16.74
C ILE E 315 -53.08 7.88 18.19
N SER E 316 -53.89 8.85 18.62
CA SER E 316 -54.37 8.96 20.01
C SER E 316 -55.41 8.05 20.66
N ASN E 317 -55.17 7.86 21.95
CA ASN E 317 -56.05 7.03 22.75
C ASN E 317 -56.74 8.20 23.46
N LEU E 318 -58.03 8.34 23.13
CA LEU E 318 -58.84 9.40 23.69
C LEU E 318 -59.82 8.83 24.68
N VAL E 319 -60.80 9.69 24.92
CA VAL E 319 -61.87 9.34 25.82
C VAL E 319 -63.19 9.88 25.28
N LEU E 320 -64.24 9.15 25.56
CA LEU E 320 -65.46 9.64 25.01
C LEU E 320 -66.53 9.69 26.02
N TYR E 321 -67.09 10.89 26.11
CA TYR E 321 -68.20 11.18 26.99
C TYR E 321 -69.37 11.36 26.08
N PHE E 322 -70.46 10.71 26.49
CA PHE E 322 -71.65 10.86 25.72
C PHE E 322 -72.77 11.03 26.75
N TYR E 323 -73.82 11.71 26.34
CA TYR E 323 -74.99 11.80 27.17
C TYR E 323 -76.29 11.81 26.34
N GLY E 324 -77.22 10.90 26.55
CA GLY E 324 -78.43 11.00 25.75
C GLY E 324 -79.23 9.76 26.03
N ILE E 325 -80.11 9.47 25.10
CA ILE E 325 -80.93 8.29 25.24
C ILE E 325 -80.46 6.89 24.88
N LYS E 326 -80.21 6.13 25.95
CA LYS E 326 -79.83 4.72 25.99
C LYS E 326 -79.96 4.11 24.63
N ASN E 327 -81.19 4.17 24.09
CA ASN E 327 -81.54 3.59 22.79
C ASN E 327 -81.56 4.41 21.51
N GLY E 328 -82.71 5.03 21.23
CA GLY E 328 -82.86 5.80 19.98
C GLY E 328 -83.04 4.90 18.75
N GLU E 362 -86.96 9.64 26.03
CA GLU E 362 -87.02 10.61 27.12
C GLU E 362 -86.01 10.44 28.29
N GLU E 363 -85.70 9.18 28.66
CA GLU E 363 -84.75 8.88 29.75
C GLU E 363 -83.34 8.86 29.17
N GLN E 364 -82.67 9.99 29.39
CA GLN E 364 -81.32 10.29 28.92
C GLN E 364 -80.33 9.65 29.82
N THR E 365 -79.20 9.27 29.27
CA THR E 365 -78.16 8.57 30.01
C THR E 365 -76.73 9.01 29.75
N MET E 366 -75.87 8.80 30.75
CA MET E 366 -74.48 9.21 30.59
C MET E 366 -73.50 8.08 30.35
N GLU E 367 -72.67 8.27 29.33
CA GLU E 367 -71.69 7.24 29.03
C GLU E 367 -70.21 7.67 28.89
N VAL E 368 -69.34 6.91 29.58
CA VAL E 368 -67.97 7.34 29.46
C VAL E 368 -67.25 6.20 28.84
N PHE E 369 -66.76 6.47 27.63
CA PHE E 369 -66.00 5.47 26.90
C PHE E 369 -64.52 5.79 26.73
N HIS E 370 -63.71 5.19 27.58
CA HIS E 370 -62.27 5.38 27.55
C HIS E 370 -61.79 3.96 27.70
N LEU E 371 -60.70 3.66 27.01
CA LEU E 371 -60.13 2.35 27.03
C LEU E 371 -58.65 2.35 27.46
N ARG E 372 -58.49 2.43 28.76
CA ARG E 372 -57.22 2.48 29.44
C ARG E 372 -56.13 1.68 28.71
N ASN E 373 -54.96 2.31 28.56
CA ASN E 373 -53.84 1.64 27.93
C ASN E 373 -54.27 0.80 26.70
N TYR E 374 -54.69 1.44 25.63
CA TYR E 374 -55.02 0.78 24.40
C TYR E 374 -53.85 1.34 23.69
N ASN E 375 -53.23 0.57 22.83
CA ASN E 375 -52.14 1.16 22.06
C ASN E 375 -52.62 1.63 20.69
N SER E 376 -53.26 2.79 20.64
CA SER E 376 -53.75 3.42 19.43
C SER E 376 -52.69 3.66 18.37
N VAL E 377 -51.51 3.99 18.87
CA VAL E 377 -50.40 4.26 17.99
C VAL E 377 -50.40 3.05 17.05
N VAL E 378 -50.14 1.87 17.67
CA VAL E 378 -50.10 0.69 16.81
C VAL E 378 -51.45 0.07 16.60
N GLY E 379 -52.20 0.02 17.69
CA GLY E 379 -53.46 -0.64 17.63
C GLY E 379 -54.14 -0.30 16.34
N ASN E 380 -54.25 0.99 16.11
CA ASN E 380 -54.97 1.52 14.97
C ASN E 380 -54.59 1.04 13.61
N ILE E 381 -53.34 1.14 13.20
CA ILE E 381 -53.02 0.61 11.90
C ILE E 381 -53.57 -0.81 11.87
N LEU E 382 -53.32 -1.54 12.94
CA LEU E 382 -53.77 -2.91 13.06
C LEU E 382 -55.12 -3.09 12.52
N ARG E 383 -56.06 -2.43 13.12
CA ARG E 383 -57.43 -2.69 12.84
C ARG E 383 -57.79 -2.50 11.45
N ILE E 384 -56.83 -2.15 10.63
CA ILE E 384 -57.04 -1.89 9.20
C ILE E 384 -56.47 -2.96 8.32
N TYR E 385 -55.67 -3.81 8.91
CA TYR E 385 -54.96 -4.79 8.20
C TYR E 385 -55.90 -5.89 8.40
N GLU E 386 -56.74 -5.78 9.39
CA GLU E 386 -57.75 -6.78 9.56
C GLU E 386 -58.77 -6.45 8.49
N SER E 387 -59.42 -5.33 8.62
CA SER E 387 -60.29 -4.87 7.59
C SER E 387 -59.79 -5.45 6.28
N ILE E 388 -58.54 -5.31 6.01
CA ILE E 388 -58.03 -5.88 4.77
C ILE E 388 -58.09 -7.40 4.79
N ALA E 389 -57.50 -8.09 5.76
CA ALA E 389 -57.59 -9.53 5.87
C ALA E 389 -58.98 -10.03 5.65
N ASP E 390 -59.86 -9.37 6.40
CA ASP E 390 -61.28 -9.66 6.41
C ASP E 390 -61.81 -9.93 5.01
N TYR E 391 -61.91 -8.84 4.26
CA TYR E 391 -62.29 -8.86 2.87
C TYR E 391 -61.36 -9.84 2.16
N HIS E 392 -60.07 -9.76 2.50
CA HIS E 392 -59.14 -10.69 1.86
C HIS E 392 -59.55 -12.15 1.99
N PHE E 393 -59.25 -12.68 3.18
CA PHE E 393 -59.52 -14.06 3.57
C PHE E 393 -61.01 -14.30 3.73
N LEU E 394 -61.82 -13.39 3.23
CA LEU E 394 -63.28 -13.52 3.33
C LEU E 394 -63.98 -12.82 2.17
N LYS E 413 -63.79 -4.85 -7.32
CA LYS E 413 -63.10 -4.52 -6.10
C LYS E 413 -63.91 -3.37 -5.52
N PHE E 414 -63.60 -3.04 -4.29
CA PHE E 414 -64.19 -1.92 -3.54
C PHE E 414 -63.91 -0.50 -4.12
N ASP E 415 -64.78 0.47 -3.84
CA ASP E 415 -64.57 1.83 -4.33
C ASP E 415 -64.00 2.80 -3.33
N LYS E 416 -64.67 3.00 -2.20
CA LYS E 416 -64.18 3.87 -1.17
C LYS E 416 -64.88 3.33 0.04
N GLN E 417 -64.39 3.63 1.24
CA GLN E 417 -65.08 3.02 2.35
C GLN E 417 -66.21 3.99 2.60
N GLY E 418 -65.91 5.25 2.30
CA GLY E 418 -66.91 6.31 2.48
C GLY E 418 -67.47 6.32 3.90
N PHE E 419 -68.79 6.12 4.00
CA PHE E 419 -69.40 6.13 5.32
C PHE E 419 -69.78 4.81 5.89
N ARG E 420 -69.19 3.79 5.27
CA ARG E 420 -69.37 2.39 5.58
C ARG E 420 -68.60 1.98 6.84
N PHE E 421 -69.18 1.06 7.55
CA PHE E 421 -68.71 0.64 8.82
C PHE E 421 -67.56 -0.37 8.79
N GLU E 422 -67.61 -1.29 7.85
CA GLU E 422 -66.54 -2.25 7.64
C GLU E 422 -65.81 -1.93 6.33
N GLY E 423 -64.73 -2.67 6.07
CA GLY E 423 -63.92 -2.35 4.92
C GLY E 423 -62.80 -1.43 5.44
N PHE E 424 -62.31 -0.52 4.61
CA PHE E 424 -61.24 0.39 5.00
C PHE E 424 -61.33 1.41 3.84
N PRO E 425 -60.78 2.58 4.09
CA PRO E 425 -60.81 3.63 3.08
C PRO E 425 -59.81 3.51 1.92
N THR E 426 -60.24 4.04 0.79
CA THR E 426 -59.38 3.98 -0.38
C THR E 426 -58.86 5.27 -0.96
N PHE E 427 -58.15 5.15 -2.08
CA PHE E 427 -57.55 6.33 -2.71
C PHE E 427 -58.73 7.17 -3.05
N LYS E 428 -59.84 6.50 -3.30
CA LYS E 428 -60.98 7.36 -3.57
C LYS E 428 -61.15 8.20 -2.31
N ASP E 429 -61.09 7.56 -1.16
CA ASP E 429 -61.22 8.33 0.03
C ASP E 429 -60.07 9.36 0.03
N ALA E 430 -58.85 8.89 -0.09
CA ALA E 430 -57.68 9.75 -0.01
C ALA E 430 -57.84 11.04 -0.81
N ILE E 431 -58.46 10.80 -1.96
CA ILE E 431 -58.69 11.88 -2.91
C ILE E 431 -59.73 12.90 -2.38
N ILE E 432 -60.93 12.40 -2.09
CA ILE E 432 -61.98 13.24 -1.65
C ILE E 432 -61.36 14.18 -0.65
N LEU E 433 -60.85 13.63 0.41
CA LEU E 433 -60.15 14.35 1.45
C LEU E 433 -59.10 15.35 0.94
N HIS E 434 -58.30 14.92 0.02
CA HIS E 434 -57.39 15.73 -0.78
C HIS E 434 -58.06 16.89 -1.50
N ARG E 435 -59.06 16.60 -2.29
CA ARG E 435 -59.79 17.56 -3.09
C ARG E 435 -60.53 18.53 -2.29
N LEU E 436 -60.95 18.12 -1.12
CA LEU E 436 -61.59 19.01 -0.19
C LEU E 436 -60.51 19.85 0.51
N ILE E 437 -59.30 19.33 0.58
CA ILE E 437 -58.36 20.14 1.30
C ILE E 437 -57.96 21.30 0.36
N ASP E 438 -57.85 21.03 -0.95
CA ASP E 438 -57.46 22.13 -1.82
C ASP E 438 -58.45 23.24 -1.57
N ALA E 439 -59.66 22.79 -1.43
CA ALA E 439 -60.77 23.67 -1.21
C ALA E 439 -60.39 24.76 -0.17
N VAL E 440 -60.17 24.26 1.03
CA VAL E 440 -59.75 25.02 2.20
C VAL E 440 -58.67 26.01 1.77
N PHE E 441 -57.71 25.51 1.03
CA PHE E 441 -56.63 26.34 0.60
C PHE E 441 -57.09 27.40 -0.37
N ARG E 442 -57.83 27.00 -1.41
CA ARG E 442 -58.30 27.98 -2.37
C ARG E 442 -59.20 28.97 -1.65
N SER E 443 -59.97 28.43 -0.73
CA SER E 443 -60.91 29.26 -0.02
C SER E 443 -60.07 30.36 0.61
N ASP E 444 -59.24 30.08 1.62
CA ASP E 444 -58.52 31.16 2.28
C ASP E 444 -58.04 32.17 1.25
N LYS E 445 -57.25 31.65 0.33
CA LYS E 445 -56.69 32.50 -0.73
C LYS E 445 -57.67 33.30 -1.57
N GLU E 446 -58.76 32.69 -1.96
CA GLU E 446 -59.78 33.44 -2.67
C GLU E 446 -60.65 34.28 -1.74
N GLU E 447 -60.53 34.10 -0.41
CA GLU E 447 -61.29 34.85 0.60
C GLU E 447 -62.79 34.74 0.28
N LYS E 448 -63.22 33.51 -0.04
CA LYS E 448 -64.59 33.11 -0.47
C LYS E 448 -65.08 31.82 0.19
N THR E 449 -66.39 31.61 0.32
CA THR E 449 -66.92 30.35 0.78
C THR E 449 -67.37 29.50 -0.42
N LEU E 450 -66.66 28.42 -0.72
CA LEU E 450 -66.93 27.54 -1.83
C LEU E 450 -67.76 26.25 -1.61
N ASP E 451 -68.49 25.84 -2.63
CA ASP E 451 -69.28 24.63 -2.42
C ASP E 451 -68.44 23.37 -2.72
N VAL E 452 -68.37 22.52 -1.71
CA VAL E 452 -67.64 21.25 -1.79
C VAL E 452 -68.57 20.05 -1.93
N SER E 453 -69.55 20.27 -2.79
CA SER E 453 -70.52 19.22 -3.06
C SER E 453 -70.31 18.45 -4.35
N LYS E 454 -69.12 18.57 -4.94
CA LYS E 454 -68.84 17.81 -6.17
C LYS E 454 -67.70 16.88 -5.87
N ILE E 455 -66.90 17.31 -4.91
CA ILE E 455 -65.78 16.46 -4.55
C ILE E 455 -66.09 14.96 -4.49
N MET E 456 -67.14 14.61 -3.77
CA MET E 456 -67.57 13.19 -3.69
C MET E 456 -67.63 12.36 -5.05
N ILE E 457 -67.56 13.09 -6.16
CA ILE E 457 -67.67 12.57 -7.52
C ILE E 457 -66.46 12.04 -8.34
N LEU F 4 -59.38 7.33 36.42
CA LEU F 4 -58.10 7.73 35.85
C LEU F 4 -58.09 7.44 34.36
N PHE F 5 -57.53 8.34 33.58
CA PHE F 5 -57.48 8.18 32.16
C PHE F 5 -56.08 8.35 31.66
N ASN F 6 -55.56 7.29 31.08
CA ASN F 6 -54.23 7.30 30.49
C ASN F 6 -54.46 7.81 29.07
N THR F 7 -54.49 9.11 28.87
CA THR F 7 -54.67 9.63 27.53
C THR F 7 -53.32 9.78 26.82
N THR F 8 -53.42 10.22 25.58
CA THR F 8 -52.19 10.33 24.85
C THR F 8 -51.64 11.75 24.91
N THR F 9 -50.47 11.87 25.55
CA THR F 9 -49.83 13.17 25.70
C THR F 9 -48.92 13.34 24.52
N MET F 10 -48.87 14.59 24.10
CA MET F 10 -48.07 15.02 22.98
C MET F 10 -46.66 14.58 23.36
N ASP F 11 -46.23 14.95 24.58
CA ASP F 11 -44.88 14.60 24.99
C ASP F 11 -44.48 13.22 24.53
N ASP F 12 -45.33 12.24 24.82
CA ASP F 12 -45.15 10.86 24.39
C ASP F 12 -45.07 10.74 22.86
N VAL F 13 -46.06 11.35 22.23
CA VAL F 13 -46.18 11.33 20.78
C VAL F 13 -44.80 11.58 20.21
N TYR F 14 -44.18 12.64 20.71
CA TYR F 14 -42.85 13.11 20.33
C TYR F 14 -41.77 12.04 20.38
N ASN F 15 -41.91 11.22 21.41
CA ASN F 15 -40.98 10.13 21.53
C ASN F 15 -41.11 9.15 20.33
N TYR F 16 -42.26 8.50 20.26
CA TYR F 16 -42.58 7.53 19.20
C TYR F 16 -42.32 8.07 17.81
N ILE F 17 -42.59 9.36 17.65
CA ILE F 17 -42.41 10.01 16.35
C ILE F 17 -41.00 10.65 16.23
N SER G 14 -74.02 72.34 41.35
CA SER G 14 -73.21 71.59 40.36
C SER G 14 -73.03 70.15 40.79
N SER G 15 -72.47 70.03 41.97
CA SER G 15 -72.23 68.82 42.72
C SER G 15 -73.60 68.60 43.34
N ARG G 16 -74.52 68.11 42.51
CA ARG G 16 -75.90 67.94 42.86
C ARG G 16 -76.58 67.35 41.65
N PRO G 17 -77.03 66.13 41.84
CA PRO G 17 -77.47 65.20 40.82
C PRO G 17 -77.68 65.55 39.42
N ILE G 18 -77.61 64.49 38.64
CA ILE G 18 -77.85 64.51 37.23
C ILE G 18 -79.22 64.04 37.31
N ARG G 19 -80.05 64.60 36.48
CA ARG G 19 -81.45 64.25 36.50
C ARG G 19 -81.68 63.47 35.22
N VAL G 20 -82.22 62.29 35.42
CA VAL G 20 -82.52 61.41 34.29
C VAL G 20 -83.95 61.50 33.89
N GLY G 21 -84.15 61.52 32.58
CA GLY G 21 -85.51 61.57 32.02
C GLY G 21 -85.66 60.16 31.59
N PHE G 22 -86.82 59.56 31.80
CA PHE G 22 -86.96 58.16 31.44
C PHE G 22 -88.03 57.78 30.45
N VAL G 23 -87.53 57.20 29.38
CA VAL G 23 -88.34 56.69 28.27
C VAL G 23 -88.34 55.16 28.34
N GLY G 24 -89.49 54.56 28.51
CA GLY G 24 -89.47 53.13 28.66
C GLY G 24 -89.59 52.78 30.14
N LEU G 25 -90.24 53.63 30.95
CA LEU G 25 -90.41 53.21 32.35
C LEU G 25 -91.83 52.80 32.39
N THR G 26 -91.99 51.49 32.19
CA THR G 26 -93.24 50.78 32.18
C THR G 26 -93.93 50.84 33.54
N SER G 27 -93.38 50.20 34.55
CA SER G 27 -93.98 50.23 35.86
C SER G 27 -92.96 49.75 36.83
N GLY G 28 -93.45 49.46 38.03
CA GLY G 28 -92.54 49.01 39.06
C GLY G 28 -92.00 47.62 38.82
N LYS G 29 -92.29 47.00 37.66
CA LYS G 29 -91.82 45.63 37.42
C LYS G 29 -91.48 45.49 35.95
N SER G 30 -90.84 46.56 35.48
CA SER G 30 -90.39 46.68 34.09
C SER G 30 -88.92 46.44 34.10
N TRP G 31 -88.37 46.00 32.99
CA TRP G 31 -86.93 45.72 32.79
C TRP G 31 -86.08 46.75 33.54
N VAL G 32 -86.12 47.94 32.94
CA VAL G 32 -85.42 49.08 33.46
C VAL G 32 -85.73 49.22 34.94
N ALA G 33 -86.98 49.02 35.33
CA ALA G 33 -87.35 49.12 36.73
C ALA G 33 -86.49 48.24 37.56
N LYS G 34 -86.26 47.03 37.06
CA LYS G 34 -85.45 46.04 37.75
C LYS G 34 -83.97 46.09 37.40
N THR G 35 -83.60 47.17 36.72
CA THR G 35 -82.20 47.32 36.39
C THR G 35 -81.69 48.75 36.49
N HIS G 36 -82.06 49.61 35.56
CA HIS G 36 -81.67 51.03 35.66
C HIS G 36 -82.11 51.75 37.00
N PHE G 37 -83.37 51.63 37.42
CA PHE G 37 -83.79 52.25 38.69
C PHE G 37 -82.85 51.91 39.86
N LEU G 38 -82.34 50.69 39.96
CA LEU G 38 -81.40 50.30 41.00
C LEU G 38 -79.97 50.77 40.79
N ALA G 39 -79.68 51.00 39.53
CA ALA G 39 -78.37 51.47 39.13
C ALA G 39 -78.41 52.91 39.73
N ILE G 40 -79.53 53.59 39.69
CA ILE G 40 -79.73 54.98 40.15
C ILE G 40 -80.08 55.07 41.64
N GLN G 41 -80.29 53.99 42.32
CA GLN G 41 -80.71 54.03 43.69
C GLN G 41 -79.50 53.97 44.54
N GLN G 42 -78.41 53.54 43.94
CA GLN G 42 -77.17 53.38 44.66
C GLN G 42 -76.36 54.61 44.29
N LEU G 43 -76.82 55.33 43.28
CA LEU G 43 -76.17 56.56 42.88
C LEU G 43 -77.22 57.64 43.12
N SER G 44 -78.01 57.47 44.18
CA SER G 44 -79.07 58.44 44.47
C SER G 44 -78.34 59.74 44.76
N SER G 45 -77.10 59.54 45.18
CA SER G 45 -76.17 60.63 45.49
C SER G 45 -75.91 61.51 44.23
N GLN G 46 -75.61 60.86 43.09
CA GLN G 46 -75.32 61.59 41.84
C GLN G 46 -76.42 61.61 40.78
N PHE G 47 -77.41 60.74 40.89
CA PHE G 47 -78.53 60.76 39.94
C PHE G 47 -79.88 60.88 40.56
N GLN G 48 -80.69 61.67 39.87
CA GLN G 48 -82.03 61.84 40.34
C GLN G 48 -82.90 61.62 39.13
N ILE G 49 -83.98 60.85 39.28
CA ILE G 49 -84.86 60.58 38.16
C ILE G 49 -85.89 61.67 38.35
N VAL G 50 -86.08 62.39 37.25
CA VAL G 50 -86.90 63.58 37.19
C VAL G 50 -88.12 63.55 36.24
N ALA G 51 -88.11 62.64 35.26
CA ALA G 51 -89.18 62.62 34.26
C ALA G 51 -89.40 61.27 33.62
N LEU G 52 -90.61 60.75 33.61
CA LEU G 52 -90.92 59.46 33.01
C LEU G 52 -91.68 59.52 31.67
N TYR G 53 -91.13 59.25 30.49
CA TYR G 53 -92.15 59.32 29.44
C TYR G 53 -92.79 57.95 29.30
N ASN G 54 -94.06 58.04 28.94
CA ASN G 54 -94.94 56.91 28.65
C ASN G 54 -96.16 57.60 28.09
N PRO G 55 -96.72 57.00 27.02
CA PRO G 55 -97.88 57.48 26.28
C PRO G 55 -99.05 57.81 27.23
N THR G 56 -99.55 56.85 27.98
CA THR G 56 -100.62 57.21 28.87
C THR G 56 -100.12 57.80 30.19
N LEU G 57 -100.61 59.00 30.55
CA LEU G 57 -100.18 59.62 31.78
C LEU G 57 -100.37 58.57 32.87
N LYS G 58 -101.57 58.01 32.91
CA LYS G 58 -101.96 57.00 33.88
C LYS G 58 -100.78 56.15 34.36
N SER G 59 -100.01 55.70 33.36
CA SER G 59 -98.86 54.84 33.60
C SER G 59 -97.62 55.49 34.17
N SER G 60 -97.46 56.80 34.02
CA SER G 60 -96.25 57.36 34.61
C SER G 60 -96.54 57.51 36.07
N LEU G 61 -97.62 58.21 36.31
CA LEU G 61 -98.10 58.45 37.65
C LEU G 61 -98.41 57.28 38.53
N GLN G 62 -98.44 56.06 38.01
CA GLN G 62 -98.36 54.89 38.88
C GLN G 62 -96.89 54.55 39.28
N THR G 63 -96.20 54.25 38.20
CA THR G 63 -94.81 53.99 38.22
C THR G 63 -94.30 54.90 39.35
N ILE G 64 -94.50 56.20 39.19
CA ILE G 64 -94.01 56.99 40.28
C ILE G 64 -94.46 56.64 41.70
N GLU G 65 -95.75 56.46 41.84
CA GLU G 65 -96.28 56.28 43.13
C GLU G 65 -95.80 54.99 43.67
N GLN G 66 -95.60 53.99 42.81
CA GLN G 66 -95.19 52.70 43.33
C GLN G 66 -93.70 52.71 43.63
N LEU G 67 -92.91 53.43 42.82
CA LEU G 67 -91.45 53.55 43.00
C LEU G 67 -91.16 54.71 43.91
N GLN G 68 -92.18 55.50 44.10
CA GLN G 68 -92.02 56.64 45.00
C GLN G 68 -90.94 57.51 44.43
N LEU G 69 -91.13 57.88 43.19
CA LEU G 69 -90.17 58.72 42.53
C LEU G 69 -90.40 60.14 42.87
N LYS G 70 -89.83 60.59 43.99
CA LYS G 70 -90.08 61.91 44.49
C LYS G 70 -90.04 63.01 43.43
N HIS G 71 -88.92 63.07 42.74
CA HIS G 71 -88.70 64.13 41.75
C HIS G 71 -89.33 63.99 40.39
N ALA G 72 -89.90 62.80 40.17
CA ALA G 72 -90.55 62.49 38.91
C ALA G 72 -91.82 63.30 38.71
N THR G 73 -91.91 63.73 37.45
CA THR G 73 -93.01 64.51 36.84
C THR G 73 -93.21 63.83 35.48
N GLY G 74 -94.39 63.25 35.23
CA GLY G 74 -94.63 62.51 34.00
C GLY G 74 -95.13 63.15 32.69
N PHE G 75 -94.73 62.53 31.56
CA PHE G 75 -95.11 62.98 30.21
C PHE G 75 -96.02 62.15 29.31
N ASP G 76 -96.69 62.87 28.39
CA ASP G 76 -97.69 62.31 27.48
C ASP G 76 -97.16 62.39 26.10
N SER G 77 -96.37 63.44 25.90
CA SER G 77 -95.79 63.70 24.60
C SER G 77 -94.29 63.46 24.75
N LEU G 78 -93.62 63.09 23.65
CA LEU G 78 -92.18 62.86 23.69
C LEU G 78 -91.66 64.28 23.56
N GLU G 79 -92.23 64.98 22.61
CA GLU G 79 -91.86 66.35 22.38
C GLU G 79 -92.02 67.01 23.74
N SER G 80 -93.17 66.68 24.38
CA SER G 80 -93.49 67.25 25.70
C SER G 80 -92.23 67.03 26.54
N PHE G 81 -91.87 65.76 26.56
CA PHE G 81 -90.69 65.26 27.25
C PHE G 81 -89.44 65.98 26.73
N ALA G 82 -88.97 65.66 25.51
CA ALA G 82 -87.76 66.25 24.91
C ALA G 82 -87.44 67.71 25.22
N GLN G 83 -88.42 68.40 25.78
CA GLN G 83 -88.23 69.80 26.12
C GLN G 83 -87.88 70.16 27.54
N TYR G 84 -88.47 69.50 28.52
CA TYR G 84 -88.20 69.78 29.89
C TYR G 84 -86.78 70.11 29.85
N LYS G 85 -86.42 71.28 30.32
CA LYS G 85 -85.04 71.64 30.41
C LYS G 85 -84.58 71.24 31.77
N ASP G 86 -85.38 70.45 32.45
CA ASP G 86 -84.89 69.96 33.72
C ASP G 86 -84.17 68.61 33.46
N ILE G 87 -83.97 68.21 32.25
CA ILE G 87 -83.34 66.92 32.12
C ILE G 87 -81.96 67.00 31.59
N ASP G 88 -80.96 66.78 32.40
CA ASP G 88 -79.63 66.84 31.85
C ASP G 88 -79.56 65.58 31.01
N MET G 89 -80.03 64.46 31.50
CA MET G 89 -79.82 63.34 30.62
C MET G 89 -80.93 62.35 30.64
N ILE G 90 -81.25 62.00 29.41
CA ILE G 90 -82.35 61.10 29.12
C ILE G 90 -81.98 59.66 28.72
N VAL G 91 -82.66 58.69 29.32
CA VAL G 91 -82.40 57.28 29.02
C VAL G 91 -83.60 56.67 28.31
N VAL G 92 -83.24 56.13 27.13
CA VAL G 92 -84.10 55.46 26.16
C VAL G 92 -83.88 53.94 26.21
N SER G 93 -84.80 53.27 26.87
CA SER G 93 -84.68 51.84 26.94
C SER G 93 -86.11 51.49 26.51
N VAL G 94 -86.24 51.08 25.26
CA VAL G 94 -87.51 50.68 24.64
C VAL G 94 -87.15 49.85 23.40
N LYS G 95 -88.05 48.94 22.99
CA LYS G 95 -87.81 48.08 21.82
C LYS G 95 -87.00 48.79 20.77
N VAL G 96 -86.09 48.03 20.18
CA VAL G 96 -85.21 48.54 19.14
C VAL G 96 -85.86 48.96 17.83
N PRO G 97 -87.07 48.45 17.59
CA PRO G 97 -87.75 48.76 16.35
C PRO G 97 -88.39 50.12 16.46
N GLU G 98 -88.48 50.55 17.71
CA GLU G 98 -89.06 51.84 18.06
C GLU G 98 -87.82 52.61 18.46
N HIS G 99 -86.68 51.99 18.19
CA HIS G 99 -85.48 52.67 18.61
C HIS G 99 -85.26 53.90 17.78
N TYR G 100 -85.39 53.72 16.46
CA TYR G 100 -85.17 54.81 15.53
C TYR G 100 -86.15 55.98 15.78
N GLU G 101 -87.43 55.62 15.68
CA GLU G 101 -88.53 56.58 15.89
C GLU G 101 -88.16 57.51 17.04
N VAL G 102 -88.23 56.91 18.21
CA VAL G 102 -88.01 57.58 19.46
C VAL G 102 -86.95 58.67 19.49
N VAL G 103 -85.75 58.14 19.62
CA VAL G 103 -84.50 58.85 19.72
C VAL G 103 -84.38 60.08 18.84
N LYS G 104 -84.62 59.82 17.55
CA LYS G 104 -84.55 60.89 16.57
C LYS G 104 -85.33 62.11 17.12
N ASN G 105 -86.62 61.89 17.31
CA ASN G 105 -87.47 62.95 17.85
C ASN G 105 -86.81 63.59 19.07
N ILE G 106 -86.57 62.75 20.07
CA ILE G 106 -85.90 63.31 21.23
C ILE G 106 -84.84 64.29 20.75
N LEU G 107 -84.04 63.91 19.75
CA LEU G 107 -82.98 64.73 19.23
C LEU G 107 -83.44 66.09 18.70
N GLU G 108 -84.46 65.99 17.83
CA GLU G 108 -84.91 67.20 17.20
C GLU G 108 -85.77 68.01 18.14
N HIS G 109 -86.30 67.36 19.17
CA HIS G 109 -87.16 68.11 20.06
C HIS G 109 -86.54 68.79 21.27
N SER G 110 -85.25 68.54 21.45
CA SER G 110 -84.56 69.03 22.63
C SER G 110 -83.47 70.01 22.34
N SER G 111 -83.34 70.34 21.07
CA SER G 111 -82.30 71.24 20.55
C SER G 111 -82.22 72.53 21.33
N GLN G 112 -83.42 72.86 21.79
CA GLN G 112 -83.54 74.06 22.55
C GLN G 112 -83.05 73.72 23.96
N ASN G 113 -83.36 72.50 24.42
CA ASN G 113 -82.96 72.16 25.78
C ASN G 113 -81.44 72.11 25.88
N LEU G 114 -80.88 72.67 26.95
CA LEU G 114 -79.43 72.61 27.00
C LEU G 114 -78.76 71.99 28.18
N ASN G 115 -79.57 71.49 29.09
CA ASN G 115 -79.03 70.81 30.26
C ASN G 115 -78.96 69.44 29.68
N LEU G 116 -80.01 69.08 28.94
CA LEU G 116 -79.88 67.79 28.30
C LEU G 116 -78.41 67.84 27.83
N ARG G 117 -77.62 66.97 28.44
CA ARG G 117 -76.20 66.90 28.17
C ARG G 117 -75.85 65.49 27.75
N TYR G 118 -76.52 64.48 28.32
CA TYR G 118 -76.32 63.08 28.00
C TYR G 118 -77.57 62.30 27.60
N LEU G 119 -77.38 61.52 26.56
CA LEU G 119 -78.38 60.66 26.00
C LEU G 119 -77.95 59.22 26.03
N TYR G 120 -78.60 58.45 26.87
CA TYR G 120 -78.27 57.04 27.02
C TYR G 120 -79.26 56.22 26.24
N VAL G 121 -78.75 55.14 25.69
CA VAL G 121 -79.58 54.24 24.93
C VAL G 121 -78.93 52.84 25.01
N GLU G 122 -79.70 51.83 24.66
CA GLU G 122 -79.14 50.51 24.76
C GLU G 122 -78.84 49.72 23.47
N TRP G 123 -77.97 48.72 23.63
CA TRP G 123 -77.61 47.78 22.59
C TRP G 123 -78.89 47.03 22.19
N ALA G 124 -79.28 47.01 20.92
CA ALA G 124 -78.63 47.61 19.78
C ALA G 124 -79.01 49.09 19.70
N LEU G 125 -78.04 49.92 19.38
CA LEU G 125 -78.29 51.33 19.11
C LEU G 125 -79.63 51.54 18.37
N ALA G 126 -79.81 50.90 17.21
CA ALA G 126 -81.03 51.09 16.48
C ALA G 126 -81.26 49.72 15.91
N ALA G 127 -82.18 49.61 14.98
CA ALA G 127 -82.46 48.28 14.47
C ALA G 127 -81.89 47.89 13.11
N SER G 128 -81.20 48.80 12.48
CA SER G 128 -80.66 48.52 11.14
C SER G 128 -79.50 49.44 11.14
N VAL G 129 -78.46 49.02 10.47
CA VAL G 129 -77.30 49.91 10.54
C VAL G 129 -77.79 51.32 10.16
N GLN G 130 -78.23 51.41 8.92
CA GLN G 130 -78.78 52.59 8.31
C GLN G 130 -79.51 53.42 9.36
N GLN G 131 -80.56 52.82 9.89
CA GLN G 131 -81.34 53.50 10.91
C GLN G 131 -80.29 54.12 11.84
N ALA G 132 -79.46 53.23 12.37
CA ALA G 132 -78.46 53.60 13.34
C ALA G 132 -77.53 54.63 12.77
N GLU G 133 -76.94 54.26 11.65
CA GLU G 133 -76.05 55.21 11.02
C GLU G 133 -76.62 56.62 11.16
N GLU G 134 -77.85 56.79 10.75
CA GLU G 134 -78.47 58.08 10.80
C GLU G 134 -78.44 58.65 12.18
N LEU G 135 -79.09 57.97 13.11
CA LEU G 135 -79.12 58.45 14.50
C LEU G 135 -77.71 58.91 14.92
N TYR G 136 -76.73 58.24 14.33
CA TYR G 136 -75.35 58.65 14.61
C TYR G 136 -75.11 60.00 13.94
N SER G 137 -75.08 59.97 12.62
CA SER G 137 -74.89 61.16 11.80
C SER G 137 -75.53 62.33 12.56
N ILE G 138 -76.72 62.07 13.07
CA ILE G 138 -77.43 63.06 13.87
C ILE G 138 -76.73 63.36 15.20
N SER G 139 -76.67 62.36 16.09
CA SER G 139 -76.06 62.59 17.38
C SER G 139 -74.88 63.54 17.25
N GLN G 140 -74.12 63.43 16.17
CA GLN G 140 -72.95 64.26 15.91
C GLN G 140 -73.03 65.78 16.13
N GLN G 141 -74.10 66.42 15.63
CA GLN G 141 -74.29 67.87 15.68
C GLN G 141 -74.34 68.47 17.08
N ARG G 142 -74.76 67.61 18.00
CA ARG G 142 -74.88 68.04 19.39
C ARG G 142 -73.51 68.20 19.98
N ALA G 143 -72.83 69.26 19.60
CA ALA G 143 -71.49 69.49 20.11
C ALA G 143 -71.44 69.21 21.61
N ASN G 144 -72.51 69.61 22.29
CA ASN G 144 -72.66 69.45 23.74
C ASN G 144 -73.20 68.11 24.18
N LEU G 145 -73.49 67.22 23.23
CA LEU G 145 -74.12 65.94 23.56
C LEU G 145 -73.32 64.65 23.51
N GLN G 146 -73.09 64.05 24.67
CA GLN G 146 -72.43 62.75 24.81
C GLN G 146 -73.55 61.76 24.69
N THR G 147 -73.27 60.73 23.91
CA THR G 147 -74.24 59.67 23.63
C THR G 147 -73.70 58.49 24.46
N ILE G 148 -74.55 57.55 24.89
CA ILE G 148 -74.04 56.37 25.59
C ILE G 148 -74.72 55.03 25.20
N ILE G 149 -74.00 54.10 24.55
CA ILE G 149 -74.60 52.84 24.13
C ILE G 149 -74.42 51.95 25.35
N CYS G 150 -75.36 51.05 25.59
CA CYS G 150 -75.37 50.17 26.77
C CYS G 150 -74.74 48.79 26.54
N LEU G 151 -73.45 48.76 26.40
CA LEU G 151 -72.74 47.55 26.21
C LEU G 151 -72.10 47.19 27.50
N GLN G 152 -72.95 46.92 28.45
CA GLN G 152 -72.57 46.57 29.83
C GLN G 152 -71.51 45.47 29.72
N GLY G 153 -71.41 44.86 28.55
CA GLY G 153 -70.46 43.82 28.51
C GLY G 153 -69.32 44.49 29.21
N ARG G 154 -68.76 45.50 28.54
CA ARG G 154 -67.55 46.21 28.94
C ARG G 154 -67.24 46.43 30.40
N LYS G 155 -68.28 46.53 31.23
CA LYS G 155 -68.06 46.80 32.66
C LYS G 155 -67.96 45.62 33.66
N SER G 156 -68.10 44.39 33.12
CA SER G 156 -68.06 43.13 33.87
C SER G 156 -66.80 42.67 34.61
N PRO G 157 -66.84 42.63 35.95
CA PRO G 157 -65.57 42.24 36.57
C PRO G 157 -64.78 41.26 35.73
N TYR G 158 -65.45 40.34 35.10
CA TYR G 158 -64.80 39.29 34.36
C TYR G 158 -64.32 39.67 33.03
N ILE G 159 -64.72 40.81 32.54
CA ILE G 159 -64.13 41.32 31.32
C ILE G 159 -62.88 42.08 31.73
N VAL G 160 -63.13 43.24 32.31
CA VAL G 160 -62.05 44.09 32.72
C VAL G 160 -60.84 43.34 33.31
N ARG G 161 -61.18 42.22 33.95
CA ARG G 161 -60.12 41.46 34.60
C ARG G 161 -59.23 40.78 33.58
N ALA G 162 -59.83 40.31 32.50
CA ALA G 162 -59.12 39.61 31.45
C ALA G 162 -58.23 40.65 30.83
N LYS G 163 -58.93 41.68 30.36
CA LYS G 163 -58.36 42.91 29.81
C LYS G 163 -57.14 43.26 30.57
N GLU G 164 -57.26 43.51 31.86
CA GLU G 164 -56.05 43.85 32.59
C GLU G 164 -54.99 42.74 32.54
N LEU G 165 -55.37 41.48 32.57
CA LEU G 165 -54.40 40.40 32.61
C LEU G 165 -53.60 40.32 31.38
N ILE G 166 -54.23 40.50 30.26
CA ILE G 166 -53.56 40.49 28.96
C ILE G 166 -52.60 41.65 28.71
N SER G 167 -53.22 42.82 28.69
CA SER G 167 -52.57 44.12 28.51
C SER G 167 -51.21 44.18 29.17
N GLU G 168 -51.13 43.62 30.37
CA GLU G 168 -49.94 43.55 31.23
C GLU G 168 -49.31 42.21 30.88
N GLY G 169 -49.13 41.95 29.59
CA GLY G 169 -48.52 40.70 29.16
C GLY G 169 -48.40 39.53 30.17
N CYS G 170 -49.57 39.17 30.66
CA CYS G 170 -49.65 38.04 31.57
C CYS G 170 -49.74 36.74 30.76
N ILE G 171 -50.12 36.83 29.49
CA ILE G 171 -50.26 35.63 28.67
C ILE G 171 -49.50 35.82 27.38
N GLY G 172 -48.58 36.78 27.37
CA GLY G 172 -47.83 36.99 26.17
C GLY G 172 -48.76 37.49 25.11
N ASP G 173 -48.35 37.29 23.85
CA ASP G 173 -49.06 37.76 22.67
C ASP G 173 -50.17 36.76 22.43
N ILE G 174 -51.25 37.15 21.84
CA ILE G 174 -52.27 36.13 21.74
C ILE G 174 -51.90 35.27 20.59
N ASN G 175 -52.47 34.08 20.57
CA ASN G 175 -52.22 33.17 19.45
C ASN G 175 -53.63 32.98 18.91
N SER G 176 -54.36 32.00 19.45
CA SER G 176 -55.75 31.78 19.08
C SER G 176 -56.85 32.19 20.06
N ILE G 177 -58.07 32.29 19.54
CA ILE G 177 -59.25 32.59 20.38
C ILE G 177 -60.29 31.59 19.92
N GLU G 178 -61.23 31.32 20.77
CA GLU G 178 -62.26 30.43 20.40
C GLU G 178 -63.39 30.76 21.24
N ILE G 179 -64.58 30.60 20.69
CA ILE G 179 -65.82 31.07 21.32
C ILE G 179 -67.15 30.32 21.05
N SER G 180 -67.97 30.28 22.11
CA SER G 180 -69.30 29.63 22.20
C SER G 180 -70.38 30.48 22.95
N GLY G 181 -71.56 30.52 22.32
CA GLY G 181 -72.77 31.21 22.80
C GLY G 181 -74.13 30.53 22.59
N ASN G 182 -75.18 31.20 23.07
CA ASN G 182 -76.54 30.75 23.02
C ASN G 182 -77.49 31.96 22.92
N GLY G 183 -78.39 31.98 21.93
CA GLY G 183 -79.33 33.09 21.88
C GLY G 183 -80.25 32.93 23.09
N GLY G 184 -80.57 31.68 23.41
CA GLY G 184 -81.47 31.31 24.50
C GLY G 184 -82.87 30.99 23.94
N TRP G 185 -83.39 31.93 23.19
CA TRP G 185 -84.73 31.83 22.68
C TRP G 185 -84.89 31.44 21.24
N TYR G 186 -83.85 30.94 20.62
CA TYR G 186 -83.96 30.54 19.26
C TYR G 186 -83.64 29.09 19.30
N GLY G 187 -83.91 28.47 20.44
CA GLY G 187 -83.66 27.05 20.55
C GLY G 187 -84.79 26.26 19.89
N TYR G 188 -85.03 25.09 20.43
CA TYR G 188 -86.09 24.28 19.94
C TYR G 188 -87.19 24.57 20.91
N GLU G 189 -86.98 25.60 21.72
CA GLU G 189 -87.91 26.04 22.75
C GLU G 189 -87.87 27.56 23.01
N ARG G 190 -89.08 28.12 23.07
CA ARG G 190 -89.45 29.52 23.27
C ARG G 190 -90.39 29.56 24.46
N PRO G 191 -90.37 30.65 25.21
CA PRO G 191 -91.22 30.88 26.38
C PRO G 191 -92.54 31.63 26.18
N MET G 192 -93.50 31.37 27.06
CA MET G 192 -94.80 32.01 26.90
C MET G 192 -94.75 33.53 26.64
N ARG G 193 -94.08 34.22 27.56
CA ARG G 193 -93.90 35.67 27.58
C ARG G 193 -93.01 36.38 26.56
N SER G 194 -92.15 35.64 25.86
CA SER G 194 -91.26 36.19 24.82
C SER G 194 -91.88 36.84 23.58
N PRO G 195 -91.44 38.08 23.38
CA PRO G 195 -91.93 38.89 22.26
C PRO G 195 -91.75 38.26 20.89
N GLU G 196 -92.88 38.14 20.23
CA GLU G 196 -92.98 37.59 18.88
C GLU G 196 -92.05 38.34 17.91
N TYR G 197 -91.66 39.55 18.29
CA TYR G 197 -90.80 40.37 17.41
C TYR G 197 -89.36 39.86 17.46
N LEU G 198 -89.01 39.37 18.64
CA LEU G 198 -87.71 38.74 18.86
C LEU G 198 -87.51 37.73 17.71
N TYR G 199 -88.56 36.96 17.41
CA TYR G 199 -88.55 35.93 16.37
C TYR G 199 -89.04 36.40 15.02
N ASP G 200 -89.50 37.63 14.93
CA ASP G 200 -89.95 38.12 13.64
C ASP G 200 -88.70 38.65 12.95
N ILE G 201 -88.33 37.97 11.89
CA ILE G 201 -87.11 38.36 11.17
C ILE G 201 -86.67 39.85 11.05
N GLU G 202 -87.55 40.61 10.39
CA GLU G 202 -87.38 42.02 10.02
C GLU G 202 -87.09 42.87 11.25
N SER G 203 -87.56 42.32 12.36
CA SER G 203 -87.35 42.99 13.62
C SER G 203 -86.05 43.81 13.64
N GLY G 204 -84.94 43.08 13.47
CA GLY G 204 -83.65 43.71 13.53
C GLY G 204 -83.27 43.23 14.93
N VAL G 205 -83.92 42.16 15.37
CA VAL G 205 -83.59 41.57 16.68
C VAL G 205 -83.48 40.03 16.53
N ASN G 206 -82.26 39.58 16.74
CA ASN G 206 -81.90 38.16 16.62
C ASN G 206 -80.48 37.93 17.22
N LEU G 207 -80.10 36.67 17.16
CA LEU G 207 -78.85 36.16 17.70
C LEU G 207 -77.64 37.03 17.64
N ILE G 208 -77.32 37.34 16.38
CA ILE G 208 -76.16 38.06 15.99
C ILE G 208 -76.24 39.44 16.58
N SER G 209 -77.18 40.13 15.96
CA SER G 209 -77.37 41.53 16.29
C SER G 209 -77.19 41.80 17.77
N ASN G 210 -77.96 41.10 18.56
CA ASN G 210 -77.84 41.43 19.93
C ASN G 210 -76.91 40.49 20.62
N SER G 211 -77.36 39.29 20.96
CA SER G 211 -76.49 38.40 21.73
C SER G 211 -75.02 38.28 21.33
N PHE G 212 -74.82 38.01 20.04
CA PHE G 212 -73.46 37.93 19.55
C PHE G 212 -72.77 39.29 19.52
N GLY G 213 -73.52 40.24 18.97
CA GLY G 213 -73.01 41.59 18.84
C GLY G 213 -72.37 41.83 20.19
N HIS G 214 -73.20 41.74 21.20
CA HIS G 214 -72.82 41.93 22.55
C HIS G 214 -71.55 41.27 22.91
N THR G 215 -71.50 39.99 22.63
CA THR G 215 -70.40 39.08 22.87
C THR G 215 -69.12 39.52 22.15
N ILE G 216 -69.15 39.25 20.84
CA ILE G 216 -67.98 39.60 20.08
C ILE G 216 -67.40 40.97 20.53
N ASP G 217 -68.23 41.98 20.57
CA ASP G 217 -67.71 43.27 20.98
C ASP G 217 -66.77 43.25 22.20
N VAL G 218 -67.27 42.65 23.24
CA VAL G 218 -66.54 42.57 24.48
C VAL G 218 -65.15 41.97 24.13
N LEU G 219 -65.09 41.05 23.18
CA LEU G 219 -63.82 40.43 22.86
C LEU G 219 -62.95 41.31 22.07
N GLN G 220 -63.56 42.14 21.28
CA GLN G 220 -62.80 43.08 20.49
C GLN G 220 -62.46 43.91 21.71
N TYR G 221 -63.43 44.24 22.49
CA TYR G 221 -63.10 45.04 23.66
C TYR G 221 -62.00 44.45 24.58
N ILE G 222 -61.97 43.14 24.81
CA ILE G 222 -61.03 42.50 25.75
C ILE G 222 -59.62 42.48 25.22
N THR G 223 -59.58 41.94 24.01
CA THR G 223 -58.35 41.81 23.27
C THR G 223 -57.92 43.27 23.16
N GLY G 224 -58.81 44.09 22.66
CA GLY G 224 -58.52 45.50 22.47
C GLY G 224 -57.93 45.63 21.07
N SER G 225 -58.53 44.88 20.14
CA SER G 225 -58.08 44.92 18.77
C SER G 225 -59.36 44.85 17.97
N TYR G 226 -59.43 45.52 16.82
CA TYR G 226 -60.67 45.38 16.05
C TYR G 226 -60.50 44.31 14.97
N PHE G 227 -61.57 44.04 14.23
CA PHE G 227 -61.43 43.08 13.14
C PHE G 227 -60.76 43.60 11.89
N GLN G 228 -60.21 42.65 11.16
CA GLN G 228 -59.49 42.93 9.96
C GLN G 228 -60.27 42.43 8.78
N LYS G 229 -60.48 41.15 8.77
CA LYS G 229 -61.32 40.48 7.78
C LYS G 229 -62.13 39.48 8.56
N ILE G 230 -63.19 38.94 8.01
CA ILE G 230 -64.02 38.01 8.77
C ILE G 230 -65.00 37.23 7.86
N ASN G 231 -65.47 36.08 8.32
CA ASN G 231 -66.44 35.35 7.52
C ASN G 231 -67.64 34.96 8.36
N ALA G 232 -68.80 34.80 7.74
CA ALA G 232 -69.98 34.46 8.49
C ALA G 232 -70.97 33.59 7.71
N MET G 233 -71.65 32.73 8.43
CA MET G 233 -72.58 31.82 7.81
C MET G 233 -73.82 31.62 8.68
N ILE G 234 -74.99 32.00 8.18
CA ILE G 234 -76.16 31.82 9.03
C ILE G 234 -77.25 30.74 8.83
N SER G 235 -77.46 29.90 9.83
CA SER G 235 -78.44 28.82 9.75
C SER G 235 -79.89 29.08 10.17
N ASN G 236 -80.78 28.19 9.67
CA ASN G 236 -82.22 28.26 10.00
C ASN G 236 -82.78 26.89 9.82
N ASN G 237 -82.41 26.06 10.79
CA ASN G 237 -82.81 24.66 10.83
C ASN G 237 -83.89 24.30 11.83
N ILE G 238 -84.23 25.30 12.62
CA ILE G 238 -85.31 25.19 13.58
C ILE G 238 -86.20 26.25 13.00
N PRO G 239 -87.23 25.74 12.31
CA PRO G 239 -88.19 26.55 11.57
C PRO G 239 -89.55 26.61 12.25
N THR G 240 -89.64 25.92 13.38
CA THR G 240 -90.82 25.83 14.22
C THR G 240 -90.36 25.38 15.61
N GLN G 241 -90.90 26.05 16.60
CA GLN G 241 -90.52 25.75 17.96
C GLN G 241 -91.64 25.54 18.92
N PHE G 242 -91.15 24.94 20.00
CA PHE G 242 -92.01 24.57 21.10
C PHE G 242 -92.41 25.64 22.04
N LEU G 243 -93.66 25.80 22.39
CA LEU G 243 -93.96 26.81 23.39
C LEU G 243 -93.88 26.24 24.78
N LEU G 244 -93.47 27.06 25.74
CA LEU G 244 -93.27 26.60 27.10
C LEU G 244 -94.21 27.21 28.14
N ASP G 245 -94.93 26.37 28.84
CA ASP G 245 -95.74 26.91 29.88
C ASP G 245 -94.92 27.60 30.95
N GLU G 246 -95.45 28.74 31.34
CA GLU G 246 -94.83 29.60 32.35
C GLU G 246 -93.72 28.97 33.21
N ASN G 247 -93.95 27.72 33.62
CA ASN G 247 -92.94 27.02 34.42
C ASN G 247 -91.76 26.47 33.58
N GLY G 248 -91.95 26.35 32.27
CA GLY G 248 -90.87 25.89 31.47
C GLY G 248 -91.28 24.55 30.98
N LYS G 249 -92.42 24.08 31.47
CA LYS G 249 -92.84 22.78 31.00
C LYS G 249 -93.20 23.13 29.57
N ARG G 250 -92.79 22.29 28.63
CA ARG G 250 -93.10 22.52 27.23
C ARG G 250 -94.53 22.14 26.95
N THR G 251 -95.00 22.51 25.79
CA THR G 251 -96.37 22.13 25.50
C THR G 251 -96.54 21.89 24.01
N LYS G 252 -97.36 20.87 23.78
CA LYS G 252 -97.78 20.44 22.47
C LYS G 252 -98.05 21.53 21.43
N GLU G 253 -97.94 22.80 21.82
CA GLU G 253 -98.20 23.92 20.92
C GLU G 253 -96.95 24.45 20.24
N THR G 254 -97.10 24.88 19.00
CA THR G 254 -95.93 25.33 18.31
C THR G 254 -96.02 26.43 17.27
N ILE G 255 -94.90 27.14 17.14
CA ILE G 255 -94.89 28.31 16.28
C ILE G 255 -93.57 28.55 15.54
N SER G 256 -93.67 28.82 14.25
CA SER G 256 -92.59 29.17 13.31
C SER G 256 -91.62 30.29 13.71
N LYS G 257 -90.37 30.16 13.29
CA LYS G 257 -89.39 31.19 13.53
C LYS G 257 -88.48 31.59 12.36
N THR G 258 -88.42 32.88 12.09
CA THR G 258 -87.69 33.49 11.00
C THR G 258 -86.27 33.86 11.35
N CYS G 259 -86.07 34.32 12.59
CA CYS G 259 -84.77 34.75 13.07
C CYS G 259 -84.08 33.38 13.02
N PRO G 260 -82.76 33.35 12.75
CA PRO G 260 -82.00 32.11 12.67
C PRO G 260 -81.58 31.38 13.96
N ASP G 261 -81.32 30.07 13.81
CA ASP G 261 -81.00 29.16 14.88
C ASP G 261 -79.55 28.88 15.26
N HIS G 262 -78.60 29.35 14.46
CA HIS G 262 -77.16 29.19 14.74
C HIS G 262 -76.39 29.97 13.72
N LEU G 263 -75.29 30.58 14.11
CA LEU G 263 -74.48 31.34 13.18
C LEU G 263 -73.00 31.03 13.42
N LEU G 264 -72.24 30.76 12.36
CA LEU G 264 -70.81 30.51 12.51
C LEU G 264 -70.17 31.79 11.99
N PHE G 265 -68.97 31.97 12.51
CA PHE G 265 -68.21 33.18 12.22
C PHE G 265 -66.74 33.01 12.59
N GLN G 266 -65.88 33.48 11.71
CA GLN G 266 -64.45 33.39 11.92
C GLN G 266 -63.85 34.60 11.25
N GLY G 267 -62.85 35.19 11.85
CA GLY G 267 -62.24 36.40 11.30
C GLY G 267 -60.86 36.62 11.89
N ILE G 268 -60.06 37.38 11.21
CA ILE G 268 -58.73 37.62 11.70
C ILE G 268 -58.64 38.98 12.28
N LEU G 269 -58.28 38.98 13.53
CA LEU G 269 -58.21 40.18 14.32
C LEU G 269 -57.15 41.05 13.71
N GLU G 270 -57.40 42.34 13.72
CA GLU G 270 -56.49 43.33 13.19
C GLU G 270 -55.13 43.19 13.87
N ASN G 271 -55.12 43.29 15.19
CA ASN G 271 -53.90 43.17 16.01
C ASN G 271 -53.24 41.78 16.16
N GLY G 272 -52.37 41.41 15.25
CA GLY G 272 -51.64 40.18 15.47
C GLY G 272 -51.94 39.23 14.34
N LYS G 273 -53.12 39.44 13.78
CA LYS G 273 -53.71 38.64 12.71
C LYS G 273 -54.04 37.44 13.54
N VAL G 274 -54.35 37.70 14.81
CA VAL G 274 -54.69 36.63 15.73
C VAL G 274 -56.01 36.23 15.13
N PRO G 275 -56.15 34.91 15.03
CA PRO G 275 -57.34 34.32 14.44
C PRO G 275 -58.47 34.00 15.43
N VAL G 276 -59.68 34.20 14.93
CA VAL G 276 -60.90 33.91 15.72
C VAL G 276 -62.01 32.90 15.38
N SER G 277 -62.14 31.86 16.18
CA SER G 277 -63.16 30.81 16.00
C SER G 277 -64.31 31.04 16.96
N CYS G 278 -65.52 31.09 16.42
CA CYS G 278 -66.68 31.29 17.28
C CYS G 278 -67.92 30.64 16.76
N SER G 279 -68.55 29.75 17.53
CA SER G 279 -69.84 29.14 17.18
C SER G 279 -70.97 29.50 18.13
N PHE G 280 -72.04 30.09 17.61
CA PHE G 280 -73.18 30.54 18.40
C PHE G 280 -74.46 29.81 18.28
N LYS G 281 -74.69 28.84 19.13
CA LYS G 281 -75.89 28.10 19.06
C LYS G 281 -76.95 29.04 19.44
N GLY G 282 -78.17 28.81 18.97
CA GLY G 282 -79.30 29.66 19.26
C GLY G 282 -79.96 29.54 20.60
N GLY G 283 -80.31 28.37 21.04
CA GLY G 283 -80.96 28.24 22.30
C GLY G 283 -80.89 26.79 22.77
N THR G 284 -82.09 26.29 23.09
CA THR G 284 -82.34 24.97 23.62
C THR G 284 -82.71 23.85 22.65
N PRO G 285 -82.29 22.62 22.97
CA PRO G 285 -81.56 22.30 24.19
C PRO G 285 -80.17 22.88 24.29
N VAL G 286 -79.76 23.00 25.54
CA VAL G 286 -78.44 23.54 25.87
C VAL G 286 -77.39 22.48 25.92
N LYS G 287 -76.17 22.89 25.58
CA LYS G 287 -74.97 22.10 25.60
C LYS G 287 -74.83 21.63 26.97
N LYS G 288 -74.74 20.32 27.12
CA LYS G 288 -74.69 19.67 28.39
C LYS G 288 -73.32 19.19 28.76
N LEU G 289 -72.46 19.03 27.76
CA LEU G 289 -71.10 18.57 28.02
C LEU G 289 -70.08 19.73 27.93
N THR G 290 -70.63 20.96 27.91
CA THR G 290 -69.84 22.17 27.84
C THR G 290 -70.47 23.46 28.39
N LYS G 291 -69.66 24.44 28.79
CA LYS G 291 -70.25 25.67 29.29
C LYS G 291 -70.89 26.34 28.06
N ASN G 292 -72.11 26.84 28.25
CA ASN G 292 -72.75 27.40 27.09
C ASN G 292 -72.09 28.72 26.76
N LEU G 293 -71.35 29.29 27.68
CA LEU G 293 -70.60 30.47 27.32
C LEU G 293 -69.17 30.34 27.66
N VAL G 294 -68.32 30.51 26.67
CA VAL G 294 -66.88 30.42 26.80
C VAL G 294 -65.99 31.27 25.88
N ILE G 295 -64.91 31.78 26.42
CA ILE G 295 -63.96 32.52 25.62
C ILE G 295 -62.57 31.93 25.88
N ASP G 296 -62.01 31.29 24.86
CA ASP G 296 -60.75 30.67 25.10
C ASP G 296 -59.70 31.37 24.30
N ILE G 297 -58.95 32.12 25.08
CA ILE G 297 -57.83 32.84 24.52
C ILE G 297 -56.50 32.08 24.67
N HIS G 298 -55.74 31.89 23.62
CA HIS G 298 -54.47 31.20 23.75
C HIS G 298 -53.35 32.26 23.71
N GLY G 299 -52.72 32.51 24.83
CA GLY G 299 -51.68 33.54 24.86
C GLY G 299 -50.36 32.80 24.69
N THR G 300 -49.25 33.52 24.69
CA THR G 300 -47.98 32.85 24.50
C THR G 300 -47.43 32.29 25.81
N LYS G 301 -47.44 33.12 26.83
CA LYS G 301 -46.91 32.66 28.10
C LYS G 301 -48.03 31.96 28.88
N GLY G 302 -49.29 32.18 28.51
CA GLY G 302 -50.38 31.59 29.29
C GLY G 302 -51.76 31.49 28.67
N ASP G 303 -52.74 31.00 29.45
CA ASP G 303 -54.15 30.86 29.01
C ASP G 303 -55.18 31.58 29.91
N LEU G 304 -56.28 32.02 29.33
CA LEU G 304 -57.35 32.72 30.00
C LEU G 304 -58.70 32.17 29.59
N LYS G 305 -59.49 31.62 30.50
CA LYS G 305 -60.80 31.08 30.10
C LYS G 305 -61.97 31.63 30.91
N ILE G 306 -62.97 32.19 30.21
CA ILE G 306 -64.17 32.73 30.84
C ILE G 306 -65.32 31.79 30.50
N GLU G 307 -66.17 31.49 31.47
CA GLU G 307 -67.23 30.50 31.28
C GLU G 307 -68.55 30.76 31.97
N GLY G 308 -69.66 30.83 31.24
CA GLY G 308 -70.96 31.05 31.87
C GLY G 308 -71.82 29.89 31.45
N ASP G 309 -72.99 29.78 32.03
CA ASP G 309 -73.92 28.73 31.62
C ASP G 309 -75.02 29.55 30.88
N ALA G 310 -75.01 30.85 31.08
CA ALA G 310 -75.96 31.58 30.29
C ALA G 310 -75.07 32.53 29.49
N GLY G 311 -75.24 32.41 28.19
CA GLY G 311 -74.50 33.22 27.25
C GLY G 311 -74.80 34.69 27.34
N PHE G 312 -75.38 35.13 28.43
CA PHE G 312 -75.63 36.56 28.47
C PHE G 312 -74.64 37.23 29.40
N VAL G 313 -73.43 37.32 28.86
CA VAL G 313 -72.26 37.82 29.57
C VAL G 313 -72.50 39.25 30.09
N GLU G 314 -73.30 39.96 29.30
CA GLU G 314 -73.72 41.35 29.45
C GLU G 314 -74.48 41.47 30.77
N ILE G 315 -75.13 40.35 31.04
CA ILE G 315 -75.98 40.25 32.21
C ILE G 315 -75.38 39.26 33.16
N SER G 316 -74.56 38.33 32.64
CA SER G 316 -73.96 37.26 33.40
C SER G 316 -72.77 37.36 34.38
N ASN G 317 -72.93 36.66 35.49
CA ASN G 317 -71.90 36.55 36.53
C ASN G 317 -71.14 35.29 36.06
N LEU G 318 -69.93 35.51 35.58
CA LEU G 318 -69.25 34.36 35.06
C LEU G 318 -68.20 34.04 36.09
N VAL G 319 -67.14 33.38 35.59
CA VAL G 319 -65.95 32.93 36.32
C VAL G 319 -64.72 32.93 35.39
N LEU G 320 -63.63 33.48 35.85
CA LEU G 320 -62.52 33.47 34.96
C LEU G 320 -61.43 32.65 35.53
N TYR G 321 -60.83 31.81 34.68
CA TYR G 321 -59.67 31.00 35.00
C TYR G 321 -58.58 31.50 34.15
N PHE G 322 -57.44 31.76 34.74
CA PHE G 322 -56.39 32.19 33.86
C PHE G 322 -55.20 31.40 34.32
N TYR G 323 -54.20 31.37 33.47
CA TYR G 323 -53.02 30.75 33.97
C TYR G 323 -51.85 31.25 33.15
N GLY G 324 -50.76 31.64 33.79
CA GLY G 324 -49.58 32.12 33.07
C GLY G 324 -48.70 32.89 34.06
N ILE G 325 -47.93 33.83 33.54
CA ILE G 325 -47.06 34.59 34.45
C ILE G 325 -47.66 35.73 35.24
N LYS G 326 -47.34 35.58 36.52
CA LYS G 326 -47.73 36.45 37.61
C LYS G 326 -47.72 37.86 37.08
N ASN G 327 -46.54 38.25 36.61
CA ASN G 327 -46.35 39.60 36.11
C ASN G 327 -46.53 39.91 34.62
N GLY G 328 -45.50 39.71 33.81
CA GLY G 328 -45.64 40.04 32.40
C GLY G 328 -45.54 41.55 32.19
N GLU G 362 -41.00 33.19 33.25
CA GLU G 362 -40.92 31.73 33.30
C GLU G 362 -41.78 30.98 34.34
N GLU G 363 -41.98 31.56 35.53
CA GLU G 363 -42.83 31.00 36.60
C GLU G 363 -44.32 31.32 36.44
N GLN G 364 -44.98 30.39 35.75
CA GLN G 364 -46.39 30.56 35.50
C GLN G 364 -47.17 30.37 36.77
N THR G 365 -48.36 30.95 36.70
CA THR G 365 -49.32 30.90 37.78
C THR G 365 -50.82 30.77 37.51
N MET G 366 -51.52 30.07 38.39
CA MET G 366 -52.94 29.89 38.18
C MET G 366 -53.89 30.88 38.87
N GLU G 367 -54.88 31.37 38.15
CA GLU G 367 -55.77 32.27 38.86
C GLU G 367 -57.20 31.84 38.63
N VAL G 368 -58.04 32.11 39.62
CA VAL G 368 -59.48 31.80 39.53
C VAL G 368 -60.25 33.02 39.98
N PHE G 369 -60.76 33.76 39.02
CA PHE G 369 -61.52 34.94 39.36
C PHE G 369 -62.99 34.68 39.20
N HIS G 370 -63.68 34.49 40.30
CA HIS G 370 -65.11 34.36 40.27
C HIS G 370 -65.55 35.18 41.40
N LEU G 371 -66.64 35.91 41.25
CA LEU G 371 -67.13 36.80 42.31
C LEU G 371 -68.52 36.40 42.69
N ARG G 372 -68.57 35.53 43.66
CA ARG G 372 -69.77 34.98 44.26
C ARG G 372 -70.86 36.01 44.42
N ASN G 373 -72.05 35.64 43.99
CA ASN G 373 -73.16 36.54 44.19
C ASN G 373 -72.80 38.00 43.90
N TYR G 374 -72.53 38.26 42.63
CA TYR G 374 -72.24 39.63 42.20
C TYR G 374 -73.52 39.83 41.38
N ASN G 375 -74.29 40.89 41.58
CA ASN G 375 -75.49 40.99 40.75
C ASN G 375 -75.23 41.72 39.45
N SER G 376 -74.68 40.96 38.48
CA SER G 376 -74.30 41.41 37.15
C SER G 376 -75.42 42.05 36.36
N VAL G 377 -76.57 41.44 36.66
CA VAL G 377 -77.81 41.82 36.01
C VAL G 377 -77.99 43.31 36.25
N VAL G 378 -77.81 43.72 37.48
CA VAL G 378 -77.95 45.14 37.80
C VAL G 378 -76.63 45.78 38.07
N GLY G 379 -75.69 44.99 38.53
CA GLY G 379 -74.37 45.48 38.87
C GLY G 379 -73.75 46.20 37.69
N ASN G 380 -73.87 45.52 36.58
CA ASN G 380 -73.41 45.92 35.29
C ASN G 380 -73.88 47.17 34.62
N ILE G 381 -75.10 47.65 34.85
CA ILE G 381 -75.54 48.95 34.31
C ILE G 381 -74.94 49.94 35.32
N LEU G 382 -75.12 49.67 36.58
CA LEU G 382 -74.54 50.47 37.61
C LEU G 382 -73.27 50.94 37.10
N ARG G 383 -72.34 50.04 36.96
CA ARG G 383 -71.00 50.43 36.60
C ARG G 383 -70.89 51.44 35.46
N ILE G 384 -71.83 51.38 34.54
CA ILE G 384 -71.77 52.35 33.47
C ILE G 384 -72.14 53.65 34.07
N TYR G 385 -73.30 53.70 34.71
CA TYR G 385 -73.75 54.94 35.31
C TYR G 385 -72.55 55.55 36.00
N GLU G 386 -71.78 54.74 36.71
CA GLU G 386 -70.62 55.33 37.32
C GLU G 386 -69.84 56.03 36.25
N SER G 387 -69.23 55.27 35.33
CA SER G 387 -68.40 55.88 34.30
C SER G 387 -68.88 57.23 33.82
N ILE G 388 -70.18 57.36 33.82
CA ILE G 388 -70.83 58.58 33.43
C ILE G 388 -70.68 59.67 34.47
N ALA G 389 -71.00 59.39 35.74
CA ALA G 389 -70.86 60.34 36.82
C ALA G 389 -69.44 60.85 36.84
N ASP G 390 -68.54 59.87 36.87
CA ASP G 390 -67.10 60.11 36.89
C ASP G 390 -66.68 61.29 36.06
N TYR G 391 -66.85 61.10 34.77
CA TYR G 391 -66.59 62.07 33.76
C TYR G 391 -67.48 63.22 34.08
N HIS G 392 -68.67 62.93 34.56
CA HIS G 392 -69.62 64.01 34.86
C HIS G 392 -69.09 64.92 35.92
N PHE G 393 -69.09 64.36 37.12
CA PHE G 393 -68.68 65.00 38.38
C PHE G 393 -67.23 64.83 38.68
N LEU G 394 -66.44 64.64 37.65
CA LEU G 394 -65.02 64.47 37.74
C LEU G 394 -64.41 64.51 36.37
N LYS G 413 -66.32 66.91 23.88
CA LYS G 413 -66.89 65.68 24.40
C LYS G 413 -66.06 64.50 23.92
N PHE G 414 -66.39 63.35 24.48
CA PHE G 414 -65.76 62.07 24.20
C PHE G 414 -66.23 61.54 22.83
N ASP G 415 -65.44 60.64 22.24
CA ASP G 415 -65.69 60.09 20.90
C ASP G 415 -66.24 58.67 20.96
N LYS G 416 -65.46 57.77 21.53
CA LYS G 416 -65.93 56.39 21.64
C LYS G 416 -65.11 55.93 22.81
N GLN G 417 -65.45 54.78 23.38
CA GLN G 417 -64.59 54.44 24.50
C GLN G 417 -63.56 53.59 23.82
N GLY G 418 -64.01 52.96 22.75
CA GLY G 418 -63.10 52.13 21.99
C GLY G 418 -62.34 51.12 22.87
N PHE G 419 -61.01 51.21 22.92
CA PHE G 419 -60.28 50.26 23.73
C PHE G 419 -59.92 50.69 25.17
N ARG G 420 -60.14 51.98 25.39
CA ARG G 420 -59.96 52.59 26.69
C ARG G 420 -60.67 51.98 27.94
N PHE G 421 -59.95 51.89 29.04
CA PHE G 421 -60.47 51.31 30.26
C PHE G 421 -61.48 52.16 30.92
N GLU G 422 -61.26 53.45 31.04
CA GLU G 422 -62.29 54.23 31.70
C GLU G 422 -63.33 54.79 30.70
N GLY G 423 -64.18 55.69 31.15
CA GLY G 423 -65.19 56.19 30.21
C GLY G 423 -66.30 55.14 30.05
N PHE G 424 -66.92 55.14 28.89
CA PHE G 424 -68.02 54.22 28.65
C PHE G 424 -68.14 54.37 27.14
N PRO G 425 -68.71 53.32 26.50
CA PRO G 425 -68.87 53.30 25.03
C PRO G 425 -69.98 54.16 24.45
N THR G 426 -69.71 54.67 23.25
CA THR G 426 -70.64 55.59 22.56
C THR G 426 -71.34 55.09 21.31
N PHE G 427 -72.14 55.97 20.70
CA PHE G 427 -72.87 55.63 19.52
C PHE G 427 -71.73 55.29 18.59
N LYS G 428 -70.62 55.96 18.77
CA LYS G 428 -69.56 55.66 17.85
C LYS G 428 -69.31 54.20 18.06
N ASP G 429 -69.28 53.76 19.31
CA ASP G 429 -69.10 52.34 19.54
C ASP G 429 -70.26 51.48 19.02
N ALA G 430 -71.46 51.96 19.33
CA ALA G 430 -72.75 51.41 18.95
C ALA G 430 -72.71 51.05 17.46
N ILE G 431 -72.23 52.05 16.72
CA ILE G 431 -72.06 52.04 15.25
C ILE G 431 -71.04 51.03 14.70
N ILE G 432 -69.82 51.11 15.24
CA ILE G 432 -68.80 50.20 14.75
C ILE G 432 -69.23 48.75 14.86
N LEU G 433 -69.86 48.39 15.96
CA LEU G 433 -70.37 47.03 16.06
C LEU G 433 -71.35 46.96 14.96
N HIS G 434 -72.37 47.77 15.02
CA HIS G 434 -73.41 47.77 14.03
C HIS G 434 -72.95 47.61 12.64
N ARG G 435 -71.96 48.38 12.25
CA ARG G 435 -71.38 48.33 10.93
C ARG G 435 -70.74 46.99 10.64
N LEU G 436 -70.05 46.50 11.62
CA LEU G 436 -69.40 45.23 11.60
C LEU G 436 -70.49 44.16 11.52
N ILE G 437 -71.64 44.41 12.13
CA ILE G 437 -72.60 43.36 12.10
C ILE G 437 -73.18 43.15 10.71
N ASP G 438 -73.43 44.25 10.05
CA ASP G 438 -73.92 44.12 8.69
C ASP G 438 -72.96 43.19 7.98
N ALA G 439 -71.68 43.45 8.22
CA ALA G 439 -70.61 42.71 7.58
C ALA G 439 -70.98 41.25 7.59
N VAL G 440 -71.11 40.72 8.79
CA VAL G 440 -71.44 39.35 9.05
C VAL G 440 -72.60 38.96 8.16
N PHE G 441 -73.58 39.81 8.10
CA PHE G 441 -74.76 39.49 7.36
C PHE G 441 -74.48 39.50 5.91
N ARG G 442 -73.85 40.55 5.42
CA ARG G 442 -73.54 40.62 4.02
C ARG G 442 -72.61 39.45 3.68
N SER G 443 -71.76 39.08 4.65
CA SER G 443 -70.80 38.00 4.41
C SER G 443 -71.51 36.67 4.16
N ASP G 444 -72.42 36.26 5.06
CA ASP G 444 -73.07 34.98 4.87
C ASP G 444 -73.71 35.05 3.49
N LYS G 445 -74.64 35.96 3.29
CA LYS G 445 -75.25 36.13 2.00
C LYS G 445 -74.26 36.06 0.90
N GLU G 446 -73.34 37.01 0.82
CA GLU G 446 -72.38 37.02 -0.29
C GLU G 446 -71.53 35.76 -0.39
N GLU G 447 -71.56 34.94 0.65
CA GLU G 447 -70.76 33.72 0.71
C GLU G 447 -69.27 34.07 0.42
N LYS G 448 -68.77 35.10 1.11
CA LYS G 448 -67.42 35.66 0.89
C LYS G 448 -66.80 36.10 2.23
N THR G 449 -65.49 36.40 2.23
CA THR G 449 -64.79 36.88 3.41
C THR G 449 -64.39 38.34 3.15
N LEU G 450 -65.07 39.31 3.79
CA LEU G 450 -64.87 40.74 3.57
C LEU G 450 -63.99 41.41 4.60
N ASP G 451 -63.25 42.43 4.18
CA ASP G 451 -62.38 43.18 5.08
C ASP G 451 -63.11 44.27 5.91
N VAL G 452 -63.12 44.10 7.25
CA VAL G 452 -63.78 45.01 8.18
C VAL G 452 -62.80 46.00 8.82
N SER G 453 -61.88 46.50 8.00
CA SER G 453 -60.86 47.43 8.47
C SER G 453 -61.14 48.87 8.10
N LYS G 454 -62.37 49.17 7.81
CA LYS G 454 -62.72 50.51 7.53
C LYS G 454 -63.75 50.90 8.55
N ILE G 455 -64.48 49.93 9.05
CA ILE G 455 -65.54 50.26 9.98
C ILE G 455 -65.17 51.23 11.07
N MET G 456 -64.02 51.02 11.67
CA MET G 456 -63.49 51.88 12.74
C MET G 456 -63.47 53.38 12.41
N ILE G 457 -63.73 53.76 11.16
CA ILE G 457 -63.72 55.12 10.59
C ILE G 457 -64.99 55.99 10.56
N LEU H 4 -67.30 26.61 45.38
CA LEU H 4 -68.60 26.61 44.71
C LEU H 4 -68.78 27.90 43.93
N PHE H 5 -69.38 27.80 42.74
CA PHE H 5 -69.61 28.97 41.89
C PHE H 5 -71.11 29.21 41.63
N ASN H 6 -71.62 30.37 42.07
CA ASN H 6 -73.00 30.72 41.79
C ASN H 6 -72.86 31.47 40.47
N THR H 7 -73.02 30.73 39.36
CA THR H 7 -72.96 31.34 38.04
C THR H 7 -74.37 31.67 37.64
N THR H 8 -74.42 32.24 36.45
CA THR H 8 -75.70 32.65 35.97
C THR H 8 -76.30 31.49 35.17
N THR H 9 -77.54 31.14 35.51
CA THR H 9 -78.19 30.09 34.79
C THR H 9 -79.24 30.83 34.00
N MET H 10 -79.44 30.30 32.79
CA MET H 10 -80.37 30.83 31.84
C MET H 10 -81.72 30.74 32.50
N ASP H 11 -82.02 29.64 33.17
CA ASP H 11 -83.29 29.53 33.84
C ASP H 11 -83.59 30.80 34.59
N ASP H 12 -82.60 31.29 35.36
CA ASP H 12 -82.76 32.56 36.09
C ASP H 12 -83.10 33.64 35.05
N VAL H 13 -82.08 33.92 34.24
CA VAL H 13 -82.14 34.88 33.14
C VAL H 13 -83.56 35.09 32.74
N TYR H 14 -84.23 33.98 32.42
CA TYR H 14 -85.59 33.97 31.94
C TYR H 14 -86.58 34.62 32.91
N ASN H 15 -86.30 34.51 34.21
CA ASN H 15 -87.21 35.07 35.19
C ASN H 15 -87.11 36.60 35.30
N TYR H 16 -85.88 37.11 35.27
CA TYR H 16 -85.61 38.54 35.30
C TYR H 16 -85.91 39.23 33.95
N ILE H 17 -85.97 38.44 32.87
CA ILE H 17 -86.23 39.00 31.56
C ILE H 17 -87.56 38.38 31.08
N SER I 14 -70.88 -45.22 -13.15
CA SER I 14 -69.97 -44.06 -13.05
C SER I 14 -68.77 -44.45 -12.23
N SER I 15 -69.02 -44.59 -10.94
CA SER I 15 -68.05 -44.98 -9.92
C SER I 15 -67.85 -46.45 -10.23
N ARG I 16 -67.39 -46.73 -11.42
CA ARG I 16 -67.14 -48.09 -11.76
C ARG I 16 -66.15 -47.97 -12.87
N PRO I 17 -65.19 -48.88 -12.70
CA PRO I 17 -64.02 -49.06 -13.54
C PRO I 17 -63.77 -48.46 -14.94
N ILE I 18 -62.56 -47.91 -15.06
CA ILE I 18 -62.18 -47.27 -16.28
C ILE I 18 -61.74 -48.51 -16.94
N ARG I 19 -62.11 -48.73 -18.19
CA ARG I 19 -61.77 -49.96 -18.84
C ARG I 19 -60.83 -49.76 -19.94
N VAL I 20 -59.62 -50.28 -19.75
CA VAL I 20 -58.48 -50.09 -20.59
C VAL I 20 -58.45 -51.05 -21.77
N GLY I 21 -58.09 -50.56 -22.91
CA GLY I 21 -57.99 -51.44 -24.03
C GLY I 21 -56.48 -51.38 -24.13
N PHE I 22 -55.83 -52.46 -24.53
CA PHE I 22 -54.39 -52.53 -24.46
C PHE I 22 -53.66 -52.96 -25.71
N VAL I 23 -52.92 -52.04 -26.26
CA VAL I 23 -52.19 -52.29 -27.48
C VAL I 23 -50.75 -52.56 -27.04
N GLY I 24 -50.21 -53.73 -27.36
CA GLY I 24 -48.85 -53.86 -26.91
C GLY I 24 -48.89 -54.89 -25.83
N LEU I 25 -49.97 -55.62 -25.63
CA LEU I 25 -49.94 -56.63 -24.61
C LEU I 25 -49.49 -57.95 -25.16
N THR I 26 -48.21 -58.14 -25.13
CA THR I 26 -47.54 -59.28 -25.70
C THR I 26 -47.91 -60.58 -25.06
N SER I 27 -47.65 -60.74 -23.78
CA SER I 27 -48.03 -61.95 -23.09
C SER I 27 -47.70 -61.68 -21.64
N GLY I 28 -47.83 -62.76 -20.89
CA GLY I 28 -47.66 -62.73 -19.45
C GLY I 28 -46.28 -62.37 -19.00
N LYS I 29 -45.39 -62.11 -19.92
CA LYS I 29 -44.02 -61.76 -19.60
C LYS I 29 -43.55 -60.65 -20.54
N SER I 30 -44.44 -59.69 -20.80
CA SER I 30 -44.14 -58.57 -21.65
C SER I 30 -43.85 -57.37 -20.77
N TRP I 31 -43.17 -56.39 -21.34
CA TRP I 31 -42.87 -55.18 -20.60
C TRP I 31 -44.01 -54.64 -19.75
N VAL I 32 -45.08 -54.39 -20.51
CA VAL I 32 -46.32 -53.80 -20.01
C VAL I 32 -46.90 -54.75 -18.98
N ALA I 33 -46.68 -56.04 -19.23
CA ALA I 33 -47.17 -57.13 -18.41
C ALA I 33 -46.68 -56.90 -16.99
N LYS I 34 -45.36 -56.73 -16.96
CA LYS I 34 -44.56 -56.52 -15.77
C LYS I 34 -44.59 -55.11 -15.23
N THR I 35 -45.45 -54.27 -15.81
CA THR I 35 -45.51 -52.87 -15.36
C THR I 35 -46.92 -52.27 -15.41
N HIS I 36 -47.48 -52.10 -16.60
CA HIS I 36 -48.81 -51.55 -16.56
C HIS I 36 -49.79 -52.52 -15.93
N PHE I 37 -49.67 -53.79 -16.19
CA PHE I 37 -50.63 -54.76 -15.68
C PHE I 37 -50.79 -54.74 -14.17
N LEU I 38 -49.72 -54.45 -13.49
CA LEU I 38 -49.60 -54.25 -12.03
C LEU I 38 -50.11 -52.89 -11.57
N ALA I 39 -49.79 -51.90 -12.38
CA ALA I 39 -50.29 -50.60 -12.01
C ALA I 39 -51.82 -50.77 -11.93
N ILE I 40 -52.44 -51.56 -12.81
CA ILE I 40 -53.89 -51.78 -12.85
C ILE I 40 -54.47 -52.80 -11.88
N GLN I 41 -53.57 -53.60 -11.35
CA GLN I 41 -54.03 -54.59 -10.42
C GLN I 41 -54.30 -54.03 -9.01
N GLN I 42 -53.67 -52.89 -8.76
CA GLN I 42 -53.71 -52.26 -7.46
C GLN I 42 -54.87 -51.34 -7.58
N LEU I 43 -55.17 -50.95 -8.78
CA LEU I 43 -56.27 -50.09 -8.99
C LEU I 43 -57.38 -50.90 -9.58
N SER I 44 -57.39 -52.18 -9.32
CA SER I 44 -58.43 -53.02 -9.85
C SER I 44 -59.78 -52.40 -9.57
N SER I 45 -59.79 -51.60 -8.51
CA SER I 45 -60.92 -50.84 -8.00
C SER I 45 -61.41 -49.79 -9.00
N GLN I 46 -60.48 -49.15 -9.71
CA GLN I 46 -60.84 -48.08 -10.63
C GLN I 46 -60.59 -48.44 -12.11
N PHE I 47 -59.81 -49.48 -12.37
CA PHE I 47 -59.49 -49.81 -13.75
C PHE I 47 -59.72 -51.22 -14.05
N GLN I 48 -60.30 -51.47 -15.21
CA GLN I 48 -60.55 -52.83 -15.64
C GLN I 48 -59.99 -52.89 -17.02
N ILE I 49 -59.31 -53.99 -17.30
CA ILE I 49 -58.72 -54.20 -18.63
C ILE I 49 -59.72 -55.03 -19.42
N VAL I 50 -60.20 -54.38 -20.45
CA VAL I 50 -61.25 -54.89 -21.29
C VAL I 50 -60.88 -55.48 -22.62
N ALA I 51 -59.94 -54.86 -23.24
CA ALA I 51 -59.57 -55.36 -24.57
C ALA I 51 -58.08 -55.37 -24.91
N LEU I 52 -57.56 -56.35 -25.59
CA LEU I 52 -56.16 -56.43 -25.92
C LEU I 52 -56.00 -56.38 -27.39
N TYR I 53 -55.19 -55.52 -27.93
CA TYR I 53 -54.91 -55.77 -29.31
C TYR I 53 -53.56 -56.35 -29.51
N ASN I 54 -53.54 -57.20 -30.50
CA ASN I 54 -52.38 -57.98 -30.92
C ASN I 54 -52.92 -58.49 -32.27
N PRO I 55 -52.02 -58.50 -33.27
CA PRO I 55 -52.18 -59.04 -34.61
C PRO I 55 -52.86 -60.40 -34.51
N THR I 56 -52.06 -61.41 -34.15
CA THR I 56 -52.68 -62.75 -34.03
C THR I 56 -53.66 -62.91 -32.86
N LEU I 57 -54.88 -63.32 -33.15
CA LEU I 57 -55.78 -63.47 -32.02
C LEU I 57 -55.21 -64.47 -30.99
N LYS I 58 -54.47 -65.46 -31.49
CA LYS I 58 -53.81 -66.53 -30.75
C LYS I 58 -53.09 -65.95 -29.51
N SER I 59 -52.41 -64.86 -29.77
CA SER I 59 -51.71 -64.20 -28.70
C SER I 59 -52.55 -63.44 -27.67
N SER I 60 -53.64 -62.81 -28.06
CA SER I 60 -54.45 -62.08 -27.08
C SER I 60 -55.00 -63.14 -26.12
N LEU I 61 -55.74 -64.08 -26.70
CA LEU I 61 -56.33 -65.16 -25.91
C LEU I 61 -55.41 -65.81 -24.88
N GLN I 62 -54.15 -65.95 -25.21
CA GLN I 62 -53.25 -66.55 -24.24
C GLN I 62 -53.07 -65.59 -23.09
N THR I 63 -52.44 -64.51 -23.45
CA THR I 63 -52.21 -63.44 -22.52
C THR I 63 -53.40 -63.50 -21.58
N ILE I 64 -54.61 -63.40 -22.12
CA ILE I 64 -55.74 -63.38 -21.25
C ILE I 64 -55.67 -64.52 -20.30
N GLU I 65 -55.69 -65.71 -20.85
CA GLU I 65 -55.71 -66.92 -20.03
C GLU I 65 -54.63 -67.01 -18.99
N GLN I 66 -53.50 -66.43 -19.34
CA GLN I 66 -52.37 -66.52 -18.45
C GLN I 66 -52.32 -65.48 -17.35
N LEU I 67 -52.91 -64.35 -17.71
CA LEU I 67 -53.08 -63.26 -16.76
C LEU I 67 -54.50 -63.35 -16.15
N GLN I 68 -55.37 -64.19 -16.69
CA GLN I 68 -56.73 -64.31 -16.18
C GLN I 68 -57.40 -62.96 -16.29
N LEU I 69 -57.42 -62.45 -17.49
CA LEU I 69 -58.03 -61.19 -17.74
C LEU I 69 -59.50 -61.45 -17.90
N LYS I 70 -60.26 -61.40 -16.79
CA LYS I 70 -61.67 -61.69 -16.86
C LYS I 70 -62.44 -60.94 -17.90
N HIS I 71 -62.27 -59.66 -17.94
CA HIS I 71 -63.08 -58.86 -18.78
C HIS I 71 -62.51 -58.67 -20.16
N ALA I 72 -61.29 -59.12 -20.37
CA ALA I 72 -60.66 -58.97 -21.66
C ALA I 72 -61.31 -59.80 -22.76
N THR I 73 -61.36 -59.13 -23.91
CA THR I 73 -61.91 -59.60 -25.16
C THR I 73 -60.75 -59.18 -26.10
N GLY I 74 -60.18 -60.09 -26.89
CA GLY I 74 -59.07 -59.80 -27.82
C GLY I 74 -59.03 -59.64 -29.37
N PHE I 75 -58.69 -58.42 -29.80
CA PHE I 75 -58.58 -58.01 -31.23
C PHE I 75 -57.56 -58.36 -32.32
N ASP I 76 -58.05 -58.35 -33.53
CA ASP I 76 -57.21 -58.76 -34.62
C ASP I 76 -56.86 -57.58 -35.45
N SER I 77 -57.81 -56.66 -35.52
CA SER I 77 -57.76 -55.41 -36.25
C SER I 77 -57.65 -54.28 -35.24
N LEU I 78 -56.92 -53.28 -35.67
CA LEU I 78 -56.77 -52.14 -34.80
C LEU I 78 -58.14 -51.49 -34.91
N GLU I 79 -58.51 -51.21 -36.14
CA GLU I 79 -59.83 -50.73 -36.46
C GLU I 79 -60.71 -51.43 -35.50
N SER I 80 -60.73 -52.72 -35.69
CA SER I 80 -61.57 -53.64 -34.92
C SER I 80 -61.55 -53.02 -33.53
N PHE I 81 -60.35 -53.03 -32.96
CA PHE I 81 -59.99 -52.41 -31.68
C PHE I 81 -60.51 -50.98 -31.45
N ALA I 82 -59.97 -50.03 -32.17
CA ALA I 82 -60.39 -48.62 -32.15
C ALA I 82 -61.87 -48.28 -32.00
N GLN I 83 -62.70 -49.28 -32.27
CA GLN I 83 -64.13 -49.15 -32.28
C GLN I 83 -64.86 -49.54 -31.01
N TYR I 84 -64.46 -50.67 -30.46
CA TYR I 84 -65.07 -51.13 -29.23
C TYR I 84 -65.50 -49.94 -28.39
N LYS I 85 -66.81 -49.68 -28.29
CA LYS I 85 -67.20 -48.49 -27.55
C LYS I 85 -67.22 -48.90 -26.11
N ASP I 86 -66.50 -49.97 -25.80
CA ASP I 86 -66.42 -50.44 -24.41
C ASP I 86 -65.10 -49.99 -23.82
N ILE I 87 -64.30 -49.30 -24.64
CA ILE I 87 -63.05 -48.78 -24.09
C ILE I 87 -63.18 -47.27 -23.81
N ASP I 88 -62.90 -46.91 -22.57
CA ASP I 88 -62.99 -45.51 -22.15
C ASP I 88 -61.60 -45.07 -22.38
N MET I 89 -60.64 -45.98 -22.17
CA MET I 89 -59.28 -45.48 -22.38
C MET I 89 -58.29 -46.51 -22.79
N ILE I 90 -57.61 -46.21 -23.89
CA ILE I 90 -56.65 -47.11 -24.51
C ILE I 90 -55.23 -46.75 -24.20
N VAL I 91 -54.44 -47.81 -24.00
CA VAL I 91 -53.02 -47.71 -23.71
C VAL I 91 -52.25 -48.35 -24.86
N VAL I 92 -51.35 -47.51 -25.35
CA VAL I 92 -50.48 -47.80 -26.50
C VAL I 92 -49.01 -47.84 -26.11
N SER I 93 -48.55 -49.06 -25.80
CA SER I 93 -47.17 -49.27 -25.42
C SER I 93 -46.66 -50.28 -26.43
N VAL I 94 -45.90 -49.75 -27.39
CA VAL I 94 -45.32 -50.52 -28.47
C VAL I 94 -44.19 -49.67 -29.07
N LYS I 95 -43.23 -50.35 -29.69
CA LYS I 95 -42.10 -49.67 -30.31
C LYS I 95 -42.45 -48.33 -30.93
N VAL I 96 -41.63 -47.35 -30.62
CA VAL I 96 -41.81 -45.96 -31.08
C VAL I 96 -41.81 -45.72 -32.60
N PRO I 97 -41.24 -46.69 -33.32
CA PRO I 97 -41.18 -46.57 -34.76
C PRO I 97 -42.54 -46.95 -35.36
N GLU I 98 -43.32 -47.62 -34.54
CA GLU I 98 -44.66 -48.06 -34.91
C GLU I 98 -45.52 -47.13 -34.10
N HIS I 99 -44.88 -46.18 -33.44
CA HIS I 99 -45.70 -45.30 -32.63
C HIS I 99 -46.61 -44.45 -33.49
N TYR I 100 -46.07 -43.86 -34.52
CA TYR I 100 -46.84 -43.02 -35.42
C TYR I 100 -47.96 -43.78 -36.06
N GLU I 101 -47.63 -44.85 -36.77
CA GLU I 101 -48.63 -45.69 -37.42
C GLU I 101 -49.84 -46.05 -36.57
N VAL I 102 -49.58 -46.74 -35.49
CA VAL I 102 -50.60 -47.17 -34.57
C VAL I 102 -51.63 -46.11 -34.23
N VAL I 103 -51.16 -45.30 -33.28
CA VAL I 103 -51.91 -44.19 -32.71
C VAL I 103 -52.83 -43.42 -33.63
N LYS I 104 -52.20 -42.93 -34.69
CA LYS I 104 -52.94 -42.18 -35.68
C LYS I 104 -54.24 -43.01 -35.95
N ASN I 105 -54.05 -44.20 -36.47
CA ASN I 105 -55.21 -45.02 -36.78
C ASN I 105 -56.21 -45.00 -35.63
N ILE I 106 -55.68 -45.40 -34.47
CA ILE I 106 -56.55 -45.41 -33.30
C ILE I 106 -57.42 -44.18 -33.29
N LEU I 107 -56.78 -43.07 -33.60
CA LEU I 107 -57.46 -41.83 -33.56
C LEU I 107 -58.50 -41.72 -34.62
N GLU I 108 -58.17 -42.03 -35.87
CA GLU I 108 -59.20 -41.91 -36.88
C GLU I 108 -60.27 -42.98 -36.76
N HIS I 109 -59.91 -44.10 -36.16
CA HIS I 109 -60.85 -45.21 -36.10
C HIS I 109 -61.80 -45.29 -34.92
N SER I 110 -61.64 -44.33 -34.01
CA SER I 110 -62.44 -44.29 -32.79
C SER I 110 -63.15 -42.98 -32.63
N SER I 111 -63.39 -42.26 -33.75
CA SER I 111 -63.98 -40.93 -33.73
C SER I 111 -65.44 -41.13 -33.43
N GLN I 112 -65.94 -42.33 -33.74
CA GLN I 112 -67.32 -42.71 -33.51
C GLN I 112 -67.45 -43.21 -32.06
N ASN I 113 -66.40 -43.80 -31.51
CA ASN I 113 -66.43 -44.29 -30.12
C ASN I 113 -66.32 -43.08 -29.15
N LEU I 114 -67.26 -43.01 -28.22
CA LEU I 114 -67.27 -41.88 -27.34
C LEU I 114 -67.06 -42.05 -25.87
N ASN I 115 -66.77 -43.29 -25.45
CA ASN I 115 -66.40 -43.55 -24.06
C ASN I 115 -64.89 -43.45 -24.15
N LEU I 116 -64.32 -43.86 -25.26
CA LEU I 116 -62.89 -43.68 -25.34
C LEU I 116 -62.83 -42.22 -24.96
N ARG I 117 -62.19 -41.96 -23.84
CA ARG I 117 -62.03 -40.63 -23.37
C ARG I 117 -60.56 -40.39 -23.26
N TYR I 118 -59.82 -41.41 -22.87
CA TYR I 118 -58.36 -41.26 -22.64
C TYR I 118 -57.47 -42.19 -23.41
N LEU I 119 -56.46 -41.56 -23.95
CA LEU I 119 -55.50 -42.31 -24.75
C LEU I 119 -54.09 -42.11 -24.22
N TYR I 120 -53.58 -43.07 -23.48
CA TYR I 120 -52.24 -43.09 -22.88
C TYR I 120 -51.21 -43.64 -23.84
N VAL I 121 -50.06 -43.04 -23.87
CA VAL I 121 -48.97 -43.46 -24.71
C VAL I 121 -47.70 -43.33 -23.86
N GLU I 122 -46.56 -43.70 -24.44
CA GLU I 122 -45.31 -43.66 -23.72
C GLU I 122 -44.24 -42.79 -24.32
N TRP I 123 -43.30 -42.40 -23.48
CA TRP I 123 -42.19 -41.64 -23.97
C TRP I 123 -41.37 -42.63 -24.84
N ALA I 124 -40.98 -42.27 -26.05
CA ALA I 124 -41.13 -41.03 -26.78
C ALA I 124 -42.55 -41.00 -27.35
N LEU I 125 -43.30 -39.92 -27.16
CA LEU I 125 -44.60 -39.97 -27.81
C LEU I 125 -44.56 -40.64 -29.21
N ALA I 126 -43.73 -40.11 -30.12
CA ALA I 126 -43.57 -40.57 -31.50
C ALA I 126 -42.06 -40.74 -31.72
N ALA I 127 -41.67 -41.20 -32.93
CA ALA I 127 -40.23 -41.27 -33.24
C ALA I 127 -39.54 -40.03 -33.81
N SER I 128 -40.28 -39.08 -34.36
CA SER I 128 -39.67 -37.91 -34.94
C SER I 128 -40.58 -36.82 -34.41
N VAL I 129 -40.03 -35.61 -34.24
CA VAL I 129 -40.89 -34.53 -33.78
C VAL I 129 -42.10 -34.49 -34.74
N GLN I 130 -41.90 -34.15 -36.01
CA GLN I 130 -42.96 -34.09 -36.98
C GLN I 130 -43.92 -35.24 -36.81
N GLN I 131 -43.44 -36.45 -36.92
CA GLN I 131 -44.32 -37.58 -36.63
C GLN I 131 -45.18 -37.10 -35.44
N ALA I 132 -44.48 -36.91 -34.34
CA ALA I 132 -45.13 -36.48 -33.10
C ALA I 132 -46.00 -35.25 -33.26
N GLU I 133 -45.41 -34.22 -33.85
CA GLU I 133 -46.11 -32.97 -34.04
C GLU I 133 -47.48 -33.26 -34.60
N GLU I 134 -47.47 -34.09 -35.61
CA GLU I 134 -48.74 -34.41 -36.22
C GLU I 134 -49.66 -35.09 -35.23
N LEU I 135 -49.27 -36.23 -34.67
CA LEU I 135 -50.11 -36.93 -33.69
C LEU I 135 -50.66 -35.87 -32.75
N TYR I 136 -49.83 -34.87 -32.48
CA TYR I 136 -50.39 -33.86 -31.58
C TYR I 136 -51.46 -33.04 -32.33
N SER I 137 -51.04 -32.36 -33.39
CA SER I 137 -52.01 -31.58 -34.15
C SER I 137 -53.31 -32.32 -34.24
N ILE I 138 -53.23 -33.65 -34.35
CA ILE I 138 -54.39 -34.53 -34.39
C ILE I 138 -55.10 -34.63 -33.02
N SER I 139 -54.39 -35.18 -32.04
CA SER I 139 -54.98 -35.33 -30.72
C SER I 139 -55.90 -34.16 -30.46
N GLN I 140 -55.40 -32.96 -30.77
CA GLN I 140 -56.14 -31.72 -30.57
C GLN I 140 -57.65 -31.69 -30.80
N GLN I 141 -58.07 -32.17 -31.98
CA GLN I 141 -59.50 -32.18 -32.33
C GLN I 141 -60.45 -32.88 -31.39
N ARG I 142 -59.90 -33.85 -30.66
CA ARG I 142 -60.73 -34.61 -29.77
C ARG I 142 -60.98 -33.75 -28.58
N ALA I 143 -61.98 -32.87 -28.70
CA ALA I 143 -62.38 -32.02 -27.60
C ALA I 143 -62.53 -32.84 -26.32
N ASN I 144 -63.13 -34.00 -26.49
CA ASN I 144 -63.38 -34.91 -25.40
C ASN I 144 -62.27 -35.92 -25.18
N LEU I 145 -61.08 -35.69 -25.68
CA LEU I 145 -59.99 -36.63 -25.45
C LEU I 145 -58.78 -36.04 -24.70
N GLN I 146 -58.46 -36.62 -23.55
CA GLN I 146 -57.26 -36.34 -22.78
C GLN I 146 -56.22 -37.30 -23.35
N THR I 147 -54.99 -36.81 -23.49
CA THR I 147 -53.85 -37.57 -24.03
C THR I 147 -52.90 -37.70 -22.85
N ILE I 148 -52.14 -38.79 -22.77
CA ILE I 148 -51.23 -38.92 -21.62
C ILE I 148 -49.87 -39.52 -21.94
N ILE I 149 -48.83 -38.70 -21.81
CA ILE I 149 -47.51 -39.21 -22.09
C ILE I 149 -46.90 -39.82 -20.84
N CYS I 150 -46.34 -40.99 -20.99
CA CYS I 150 -45.75 -41.62 -19.82
C CYS I 150 -44.34 -41.19 -19.41
N LEU I 151 -44.32 -40.00 -18.83
CA LEU I 151 -43.04 -39.48 -18.33
C LEU I 151 -43.15 -39.78 -16.83
N GLN I 152 -42.95 -41.05 -16.47
CA GLN I 152 -43.09 -41.57 -15.12
C GLN I 152 -42.01 -40.86 -14.35
N GLY I 153 -41.07 -40.19 -15.02
CA GLY I 153 -40.06 -39.43 -14.30
C GLY I 153 -40.93 -38.68 -13.27
N ARG I 154 -41.69 -37.72 -13.76
CA ARG I 154 -42.55 -36.96 -12.87
C ARG I 154 -43.11 -37.51 -11.56
N LYS I 155 -43.52 -38.76 -11.61
CA LYS I 155 -44.12 -39.28 -10.39
C LYS I 155 -43.21 -39.95 -9.34
N SER I 156 -41.89 -39.85 -9.46
CA SER I 156 -40.98 -40.52 -8.50
C SER I 156 -40.87 -39.86 -7.13
N PRO I 157 -41.06 -40.62 -6.06
CA PRO I 157 -40.94 -39.92 -4.79
C PRO I 157 -39.72 -38.97 -4.81
N TYR I 158 -38.55 -39.43 -5.27
CA TYR I 158 -37.38 -38.54 -5.28
C TYR I 158 -37.57 -37.20 -6.03
N ILE I 159 -38.29 -37.26 -7.16
CA ILE I 159 -38.42 -36.03 -7.91
C ILE I 159 -39.34 -35.19 -7.11
N VAL I 160 -40.61 -35.60 -7.01
CA VAL I 160 -41.59 -34.87 -6.25
C VAL I 160 -40.98 -34.17 -5.04
N ARG I 161 -40.30 -34.95 -4.23
CA ARG I 161 -39.68 -34.45 -3.04
C ARG I 161 -38.64 -33.39 -3.17
N ALA I 162 -37.90 -33.37 -4.26
CA ALA I 162 -36.96 -32.31 -4.56
C ALA I 162 -37.85 -31.10 -4.81
N LYS I 163 -38.67 -31.33 -5.84
CA LYS I 163 -39.59 -30.29 -6.29
C LYS I 163 -40.20 -29.52 -5.10
N GLU I 164 -40.69 -30.23 -4.10
CA GLU I 164 -41.28 -29.57 -2.96
C GLU I 164 -40.27 -28.92 -2.14
N LEU I 165 -39.10 -29.50 -2.06
CA LEU I 165 -38.06 -28.86 -1.26
C LEU I 165 -37.78 -27.42 -1.74
N ILE I 166 -37.39 -27.33 -2.99
CA ILE I 166 -37.10 -26.09 -3.66
C ILE I 166 -38.24 -25.08 -3.54
N SER I 167 -39.34 -25.45 -4.19
CA SER I 167 -40.47 -24.57 -4.31
C SER I 167 -40.57 -23.75 -3.07
N GLU I 168 -40.62 -24.50 -2.00
CA GLU I 168 -40.75 -23.97 -0.66
C GLU I 168 -39.44 -23.38 -0.14
N GLY I 169 -38.79 -22.57 -0.97
CA GLY I 169 -37.49 -21.95 -0.74
C GLY I 169 -36.52 -22.61 0.24
N CYS I 170 -36.43 -23.93 0.21
CA CYS I 170 -35.60 -24.60 1.18
C CYS I 170 -34.16 -24.49 0.78
N ILE I 171 -33.88 -24.16 -0.49
CA ILE I 171 -32.49 -23.98 -0.95
C ILE I 171 -32.32 -22.58 -1.59
N GLY I 172 -33.15 -21.64 -1.27
CA GLY I 172 -32.87 -20.41 -1.96
C GLY I 172 -33.31 -20.52 -3.42
N ASP I 173 -32.75 -19.55 -4.13
CA ASP I 173 -32.89 -19.41 -5.54
C ASP I 173 -31.87 -20.40 -6.07
N ILE I 174 -32.01 -20.89 -7.28
CA ILE I 174 -31.01 -21.83 -7.73
C ILE I 174 -29.84 -21.07 -8.33
N ASN I 175 -28.67 -21.70 -8.24
CA ASN I 175 -27.49 -21.03 -8.76
C ASN I 175 -27.01 -21.85 -9.93
N SER I 176 -26.42 -22.98 -9.64
CA SER I 176 -25.99 -23.86 -10.72
C SER I 176 -26.53 -25.28 -10.63
N ILE I 177 -26.60 -25.98 -11.78
CA ILE I 177 -27.07 -27.35 -11.86
C ILE I 177 -25.98 -28.15 -12.54
N GLU I 178 -25.87 -29.43 -12.22
CA GLU I 178 -24.85 -30.36 -12.73
C GLU I 178 -25.45 -31.77 -12.85
N ILE I 179 -25.29 -32.32 -14.05
CA ILE I 179 -25.86 -33.62 -14.36
C ILE I 179 -25.01 -34.73 -14.99
N SER I 180 -25.38 -35.96 -14.67
CA SER I 180 -24.73 -37.14 -15.25
C SER I 180 -25.68 -38.31 -15.52
N GLY I 181 -25.49 -39.04 -16.64
CA GLY I 181 -26.34 -40.17 -17.04
C GLY I 181 -25.66 -41.25 -17.87
N ASN I 182 -26.38 -42.34 -18.10
CA ASN I 182 -25.95 -43.53 -18.85
C ASN I 182 -27.05 -44.09 -19.76
N GLY I 183 -26.75 -44.34 -21.03
CA GLY I 183 -27.81 -44.83 -21.92
C GLY I 183 -27.99 -46.28 -21.49
N GLY I 184 -26.90 -46.94 -21.09
CA GLY I 184 -26.97 -48.33 -20.65
C GLY I 184 -26.36 -49.18 -21.71
N TRP I 185 -27.02 -49.21 -22.87
CA TRP I 185 -26.59 -50.06 -23.96
C TRP I 185 -25.92 -49.38 -25.11
N TYR I 186 -25.39 -48.22 -24.87
CA TYR I 186 -24.65 -47.60 -25.88
C TYR I 186 -23.25 -47.57 -25.35
N GLY I 187 -22.93 -48.60 -24.57
CA GLY I 187 -21.61 -48.64 -23.95
C GLY I 187 -20.63 -49.28 -24.93
N TYR I 188 -19.70 -50.05 -24.38
CA TYR I 188 -18.72 -50.75 -25.18
C TYR I 188 -19.35 -52.16 -25.15
N GLU I 189 -20.54 -52.27 -24.62
CA GLU I 189 -21.14 -53.56 -24.55
C GLU I 189 -22.60 -53.47 -24.56
N ARG I 190 -23.17 -54.34 -25.34
CA ARG I 190 -24.59 -54.50 -25.56
C ARG I 190 -24.99 -55.94 -25.22
N PRO I 191 -26.27 -56.15 -24.94
CA PRO I 191 -26.79 -57.46 -24.48
C PRO I 191 -27.50 -58.30 -25.52
N MET I 192 -27.55 -59.62 -25.34
CA MET I 192 -28.08 -60.58 -26.34
C MET I 192 -29.48 -60.33 -26.86
N ARG I 193 -30.35 -59.99 -25.95
CA ARG I 193 -31.73 -59.67 -26.27
C ARG I 193 -32.04 -58.31 -26.90
N SER I 194 -31.28 -57.27 -26.58
CA SER I 194 -31.43 -55.89 -27.07
C SER I 194 -31.80 -55.63 -28.52
N PRO I 195 -32.88 -54.90 -28.74
CA PRO I 195 -33.35 -54.63 -30.10
C PRO I 195 -32.40 -53.80 -30.92
N GLU I 196 -32.18 -54.39 -32.08
CA GLU I 196 -31.23 -53.87 -33.02
C GLU I 196 -31.60 -52.43 -33.21
N TYR I 197 -32.93 -52.20 -33.27
CA TYR I 197 -33.48 -50.90 -33.55
C TYR I 197 -33.04 -49.79 -32.65
N LEU I 198 -32.81 -50.19 -31.43
CA LEU I 198 -32.36 -49.33 -30.40
C LEU I 198 -31.03 -48.77 -30.79
N TYR I 199 -30.26 -49.52 -31.57
CA TYR I 199 -28.98 -49.12 -32.13
C TYR I 199 -29.00 -48.58 -33.56
N ASP I 200 -30.11 -48.87 -34.23
CA ASP I 200 -30.26 -48.44 -35.62
C ASP I 200 -30.59 -46.96 -35.63
N ILE I 201 -29.65 -46.16 -36.07
CA ILE I 201 -29.77 -44.73 -36.07
C ILE I 201 -31.14 -44.06 -36.36
N GLU I 202 -31.72 -44.37 -37.50
CA GLU I 202 -32.92 -43.75 -37.94
C GLU I 202 -34.14 -44.15 -37.19
N SER I 203 -34.02 -45.17 -36.36
CA SER I 203 -35.02 -45.60 -35.37
C SER I 203 -35.75 -44.40 -34.69
N GLY I 204 -34.95 -43.46 -34.17
CA GLY I 204 -35.62 -42.34 -33.51
C GLY I 204 -35.54 -42.78 -32.07
N VAL I 205 -34.69 -43.77 -31.85
CA VAL I 205 -34.41 -44.29 -30.52
C VAL I 205 -32.94 -44.39 -30.16
N ASN I 206 -32.58 -43.70 -29.10
CA ASN I 206 -31.20 -43.49 -28.70
C ASN I 206 -31.17 -42.76 -27.33
N LEU I 207 -30.00 -42.49 -26.83
CA LEU I 207 -29.83 -41.83 -25.55
C LEU I 207 -30.56 -40.51 -25.30
N ILE I 208 -30.33 -39.57 -26.16
CA ILE I 208 -30.98 -38.30 -26.03
C ILE I 208 -32.42 -38.70 -25.87
N SER I 209 -32.97 -38.74 -27.06
CA SER I 209 -34.39 -39.01 -27.32
C SER I 209 -35.06 -39.53 -26.11
N ASN I 210 -34.56 -40.70 -25.77
CA ASN I 210 -35.21 -41.33 -24.67
C ASN I 210 -34.58 -41.05 -23.31
N SER I 211 -33.47 -41.70 -23.10
CA SER I 211 -32.86 -41.57 -21.76
C SER I 211 -32.70 -40.17 -21.22
N PHE I 212 -32.12 -39.30 -22.03
CA PHE I 212 -31.90 -37.90 -21.69
C PHE I 212 -33.17 -37.11 -21.72
N GLY I 213 -33.97 -37.34 -22.73
CA GLY I 213 -35.27 -36.67 -22.85
C GLY I 213 -36.00 -36.89 -21.53
N HIS I 214 -36.02 -38.15 -21.17
CA HIS I 214 -36.64 -38.50 -19.90
C HIS I 214 -36.10 -37.63 -18.76
N THR I 215 -34.77 -37.71 -18.60
CA THR I 215 -33.98 -37.03 -17.56
C THR I 215 -34.14 -35.52 -17.51
N ILE I 216 -33.66 -34.88 -18.56
CA ILE I 216 -33.76 -33.45 -18.56
C ILE I 216 -35.16 -32.90 -18.24
N ASP I 217 -36.16 -33.52 -18.86
CA ASP I 217 -37.52 -33.07 -18.65
C ASP I 217 -37.82 -33.08 -17.18
N VAL I 218 -37.42 -34.13 -16.46
CA VAL I 218 -37.75 -34.18 -15.05
C VAL I 218 -37.11 -32.98 -14.37
N LEU I 219 -35.94 -32.60 -14.83
CA LEU I 219 -35.26 -31.45 -14.27
C LEU I 219 -36.02 -30.23 -14.63
N GLN I 220 -36.37 -30.09 -15.88
CA GLN I 220 -37.19 -28.97 -16.26
C GLN I 220 -38.40 -29.12 -15.39
N TYR I 221 -38.85 -30.33 -15.19
CA TYR I 221 -39.96 -30.57 -14.28
C TYR I 221 -39.69 -30.18 -12.86
N ILE I 222 -38.57 -30.62 -12.29
CA ILE I 222 -38.21 -30.35 -10.90
C ILE I 222 -38.03 -28.88 -10.56
N THR I 223 -37.15 -28.24 -11.33
CA THR I 223 -36.89 -26.81 -11.17
C THR I 223 -38.25 -26.16 -11.41
N GLY I 224 -38.89 -26.60 -12.48
CA GLY I 224 -40.18 -26.06 -12.86
C GLY I 224 -39.83 -24.75 -13.60
N SER I 225 -38.98 -24.90 -14.59
CA SER I 225 -38.56 -23.78 -15.41
C SER I 225 -38.15 -24.40 -16.74
N TYR I 226 -38.38 -23.73 -17.86
CA TYR I 226 -38.07 -24.32 -19.16
C TYR I 226 -36.76 -23.86 -19.61
N PHE I 227 -36.41 -24.25 -20.82
CA PHE I 227 -35.15 -23.77 -21.33
C PHE I 227 -35.27 -22.62 -22.26
N GLN I 228 -34.26 -21.77 -22.20
CA GLN I 228 -34.19 -20.47 -22.84
C GLN I 228 -33.35 -20.56 -24.05
N LYS I 229 -32.13 -20.93 -23.83
CA LYS I 229 -31.17 -21.20 -24.90
C LYS I 229 -30.36 -22.39 -24.45
N ILE I 230 -29.80 -23.14 -25.39
CA ILE I 230 -29.04 -24.34 -25.05
C ILE I 230 -28.06 -24.82 -26.12
N ASN I 231 -27.04 -25.58 -25.73
CA ASN I 231 -26.07 -26.03 -26.71
C ASN I 231 -25.73 -27.52 -26.60
N ALA I 232 -25.74 -28.19 -27.74
CA ALA I 232 -25.47 -29.62 -27.77
C ALA I 232 -24.39 -30.13 -28.74
N MET I 233 -23.74 -31.21 -28.34
CA MET I 233 -22.67 -31.82 -29.14
C MET I 233 -22.72 -33.32 -29.02
N ILE I 234 -22.89 -34.03 -30.13
CA ILE I 234 -23.06 -35.48 -30.04
C ILE I 234 -21.95 -36.40 -30.61
N SER I 235 -21.47 -37.28 -29.73
CA SER I 235 -20.36 -38.18 -30.03
C SER I 235 -20.54 -39.66 -30.47
N ASN I 236 -19.75 -40.16 -31.38
CA ASN I 236 -19.94 -41.55 -31.80
C ASN I 236 -18.63 -42.27 -31.89
N ASN I 237 -17.96 -42.45 -30.77
CA ASN I 237 -16.59 -42.99 -30.64
C ASN I 237 -16.59 -44.47 -30.31
N ILE I 238 -17.76 -45.03 -30.16
CA ILE I 238 -17.88 -46.45 -29.98
C ILE I 238 -18.68 -46.79 -31.23
N PRO I 239 -18.03 -47.29 -32.24
CA PRO I 239 -18.63 -47.54 -33.54
C PRO I 239 -18.92 -49.04 -33.70
N THR I 240 -18.50 -49.82 -32.69
CA THR I 240 -18.67 -51.26 -32.73
C THR I 240 -18.55 -51.70 -31.28
N GLN I 241 -19.50 -52.55 -30.94
CA GLN I 241 -19.62 -53.09 -29.60
C GLN I 241 -19.69 -54.57 -29.41
N PHE I 242 -19.29 -54.88 -28.18
CA PHE I 242 -19.24 -56.23 -27.61
C PHE I 242 -20.55 -56.87 -27.27
N LEU I 243 -20.70 -58.10 -27.72
CA LEU I 243 -21.92 -58.82 -27.46
C LEU I 243 -21.87 -59.52 -26.13
N LEU I 244 -23.01 -59.55 -25.45
CA LEU I 244 -22.98 -60.17 -24.15
C LEU I 244 -23.76 -61.49 -24.07
N ASP I 245 -23.13 -62.45 -23.36
CA ASP I 245 -23.95 -63.65 -23.33
C ASP I 245 -24.90 -63.46 -22.14
N GLU I 246 -26.12 -63.87 -22.41
CA GLU I 246 -27.20 -63.77 -21.48
C GLU I 246 -26.80 -63.38 -20.08
N ASN I 247 -25.80 -64.13 -19.54
CA ASN I 247 -25.32 -63.79 -18.19
C ASN I 247 -24.57 -62.46 -18.00
N GLY I 248 -24.12 -61.91 -19.13
CA GLY I 248 -23.42 -60.65 -19.24
C GLY I 248 -21.99 -60.99 -19.52
N LYS I 249 -21.72 -62.26 -19.49
CA LYS I 249 -20.29 -62.43 -19.74
C LYS I 249 -20.23 -61.97 -21.19
N ARG I 250 -19.21 -61.23 -21.55
CA ARG I 250 -19.09 -60.69 -22.87
C ARG I 250 -18.29 -61.56 -23.76
N THR I 251 -18.56 -61.44 -25.05
CA THR I 251 -18.11 -62.42 -26.02
C THR I 251 -17.37 -61.80 -27.22
N LYS I 252 -16.33 -62.46 -27.68
CA LYS I 252 -15.59 -61.89 -28.74
C LYS I 252 -16.37 -61.51 -29.95
N GLU I 253 -17.67 -61.70 -29.95
CA GLU I 253 -18.52 -61.30 -31.07
C GLU I 253 -18.82 -59.80 -31.03
N THR I 254 -18.97 -59.23 -32.21
CA THR I 254 -19.17 -57.80 -32.22
C THR I 254 -19.93 -57.10 -33.37
N ILE I 255 -20.66 -56.08 -32.94
CA ILE I 255 -21.59 -55.43 -33.87
C ILE I 255 -21.66 -53.89 -33.90
N SER I 256 -21.78 -53.30 -35.08
CA SER I 256 -21.71 -51.87 -35.26
C SER I 256 -22.75 -51.02 -34.61
N LYS I 257 -22.49 -49.75 -34.25
CA LYS I 257 -23.60 -48.90 -33.72
C LYS I 257 -23.70 -47.41 -34.09
N THR I 258 -24.75 -47.19 -34.79
CA THR I 258 -25.11 -45.90 -35.36
C THR I 258 -25.60 -44.86 -34.36
N CYS I 259 -26.35 -45.31 -33.37
CA CYS I 259 -26.88 -44.39 -32.36
C CYS I 259 -25.62 -43.95 -31.69
N PRO I 260 -25.52 -42.72 -31.14
CA PRO I 260 -24.28 -42.22 -30.54
C PRO I 260 -23.96 -42.70 -29.15
N ASP I 261 -22.66 -42.59 -28.84
CA ASP I 261 -22.11 -43.05 -27.57
C ASP I 261 -21.95 -42.04 -26.38
N HIS I 262 -22.32 -40.80 -26.61
CA HIS I 262 -22.21 -39.78 -25.60
C HIS I 262 -22.80 -38.51 -26.14
N LEU I 263 -23.26 -37.64 -25.27
CA LEU I 263 -23.81 -36.35 -25.70
C LEU I 263 -23.51 -35.34 -24.61
N LEU I 264 -23.06 -34.17 -25.02
CA LEU I 264 -22.80 -33.09 -24.08
C LEU I 264 -23.81 -32.05 -24.39
N PHE I 265 -24.29 -31.38 -23.33
CA PHE I 265 -25.34 -30.40 -23.45
C PHE I 265 -25.35 -29.39 -22.27
N GLN I 266 -25.42 -28.09 -22.57
CA GLN I 266 -25.50 -27.05 -21.57
C GLN I 266 -26.55 -26.11 -22.13
N GLY I 267 -27.06 -25.30 -21.21
CA GLY I 267 -28.11 -24.38 -21.63
C GLY I 267 -28.45 -23.48 -20.49
N ILE I 268 -29.15 -22.41 -20.77
CA ILE I 268 -29.54 -21.54 -19.68
C ILE I 268 -31.01 -21.49 -19.37
N LEU I 269 -31.36 -22.04 -18.24
CA LEU I 269 -32.73 -22.11 -17.80
C LEU I 269 -33.44 -20.77 -17.90
N GLU I 270 -34.68 -20.83 -18.30
CA GLU I 270 -35.51 -19.67 -18.51
C GLU I 270 -35.64 -18.91 -17.22
N ASN I 271 -36.00 -19.63 -16.17
CA ASN I 271 -36.13 -19.08 -14.84
C ASN I 271 -34.86 -18.81 -14.02
N GLY I 272 -34.35 -17.61 -14.17
CA GLY I 272 -33.22 -17.19 -13.37
C GLY I 272 -31.94 -17.07 -14.19
N LYS I 273 -32.02 -17.64 -15.37
CA LYS I 273 -30.92 -17.79 -16.27
C LYS I 273 -29.98 -18.74 -15.59
N VAL I 274 -30.56 -19.53 -14.71
CA VAL I 274 -29.82 -20.52 -13.97
C VAL I 274 -29.16 -21.31 -15.10
N PRO I 275 -27.93 -21.72 -14.86
CA PRO I 275 -27.12 -22.42 -15.87
C PRO I 275 -26.97 -23.88 -15.62
N VAL I 276 -27.11 -24.62 -16.72
CA VAL I 276 -27.01 -26.08 -16.66
C VAL I 276 -25.97 -26.86 -17.45
N SER I 277 -25.22 -27.63 -16.66
CA SER I 277 -24.18 -28.57 -17.10
C SER I 277 -24.73 -29.97 -17.02
N CYS I 278 -24.54 -30.73 -18.11
CA CYS I 278 -24.94 -32.12 -18.18
C CYS I 278 -24.05 -32.93 -19.07
N SER I 279 -23.53 -34.04 -18.54
CA SER I 279 -22.71 -34.99 -19.32
C SER I 279 -23.37 -36.38 -19.23
N PHE I 280 -23.87 -36.92 -20.33
CA PHE I 280 -24.54 -38.22 -20.38
C PHE I 280 -23.73 -39.25 -21.10
N LYS I 281 -23.33 -40.30 -20.40
CA LYS I 281 -22.57 -41.40 -20.98
C LYS I 281 -23.44 -42.47 -21.54
N GLY I 282 -22.99 -43.11 -22.60
CA GLY I 282 -23.83 -44.04 -23.38
C GLY I 282 -24.06 -45.49 -22.93
N GLY I 283 -23.17 -45.89 -22.00
CA GLY I 283 -23.25 -47.28 -21.51
C GLY I 283 -22.10 -47.67 -20.60
N THR I 284 -21.55 -48.82 -20.94
CA THR I 284 -20.47 -49.50 -20.27
C THR I 284 -19.11 -49.57 -20.99
N PRO I 285 -18.02 -49.64 -20.23
CA PRO I 285 -18.10 -49.63 -18.78
C PRO I 285 -18.73 -48.41 -18.08
N VAL I 286 -19.19 -48.70 -16.85
CA VAL I 286 -19.82 -47.68 -15.97
C VAL I 286 -18.87 -46.93 -15.02
N LYS I 287 -19.26 -45.67 -14.82
CA LYS I 287 -18.52 -44.84 -13.92
C LYS I 287 -18.39 -45.65 -12.64
N LYS I 288 -17.15 -45.70 -12.18
CA LYS I 288 -16.85 -46.45 -10.97
C LYS I 288 -16.43 -45.57 -9.82
N LEU I 289 -16.19 -44.31 -10.04
CA LEU I 289 -15.79 -43.53 -8.91
C LEU I 289 -16.88 -42.54 -8.66
N THR I 290 -17.94 -42.61 -9.44
CA THR I 290 -19.10 -41.76 -9.31
C THR I 290 -20.45 -42.41 -9.52
N LYS I 291 -21.53 -41.81 -9.01
CA LYS I 291 -22.87 -42.36 -9.25
C LYS I 291 -23.11 -42.12 -10.74
N ASN I 292 -23.62 -43.13 -11.41
CA ASN I 292 -23.86 -42.97 -12.83
C ASN I 292 -25.06 -42.09 -13.05
N LEU I 293 -25.89 -41.85 -12.05
CA LEU I 293 -26.89 -40.83 -12.22
C LEU I 293 -26.80 -39.89 -11.08
N VAL I 294 -26.81 -38.62 -11.38
CA VAL I 294 -26.80 -37.55 -10.37
C VAL I 294 -27.35 -36.23 -10.86
N ILE I 295 -27.99 -35.53 -9.95
CA ILE I 295 -28.52 -34.22 -10.21
C ILE I 295 -27.95 -33.38 -9.09
N ASP I 296 -27.09 -32.44 -9.45
CA ASP I 296 -26.53 -31.56 -8.47
C ASP I 296 -27.06 -30.13 -8.68
N ILE I 297 -27.94 -29.76 -7.78
CA ILE I 297 -28.55 -28.45 -7.75
C ILE I 297 -27.96 -27.56 -6.67
N HIS I 298 -27.41 -26.41 -7.05
CA HIS I 298 -26.75 -25.52 -6.08
C HIS I 298 -27.69 -24.36 -5.78
N GLY I 299 -28.30 -24.48 -4.60
CA GLY I 299 -29.25 -23.50 -4.08
C GLY I 299 -28.57 -22.31 -3.38
N THR I 300 -29.37 -21.34 -2.95
CA THR I 300 -28.68 -20.23 -2.32
C THR I 300 -28.56 -20.40 -0.84
N LYS I 301 -29.54 -21.08 -0.26
CA LYS I 301 -29.47 -21.30 1.17
C LYS I 301 -29.08 -22.80 1.37
N GLY I 302 -28.88 -23.54 0.26
CA GLY I 302 -28.59 -24.98 0.47
C GLY I 302 -28.24 -25.80 -0.78
N ASP I 303 -28.32 -27.10 -0.64
CA ASP I 303 -27.92 -28.04 -1.72
C ASP I 303 -28.78 -29.28 -1.73
N LEU I 304 -29.07 -29.78 -2.92
CA LEU I 304 -29.86 -31.00 -3.17
C LEU I 304 -29.07 -31.94 -4.10
N LYS I 305 -29.08 -33.23 -3.89
CA LYS I 305 -28.38 -34.15 -4.81
C LYS I 305 -29.03 -35.50 -4.84
N ILE I 306 -29.48 -35.87 -6.02
CA ILE I 306 -30.17 -37.14 -6.25
C ILE I 306 -29.13 -38.01 -6.95
N GLU I 307 -29.03 -39.28 -6.52
CA GLU I 307 -28.08 -40.18 -7.14
C GLU I 307 -28.53 -41.64 -7.41
N GLY I 308 -28.26 -42.21 -8.57
CA GLY I 308 -28.75 -43.56 -8.75
C GLY I 308 -27.54 -44.16 -9.37
N ASP I 309 -27.54 -45.50 -9.51
CA ASP I 309 -26.44 -46.23 -10.14
C ASP I 309 -26.94 -46.56 -11.53
N ALA I 310 -28.25 -46.53 -11.66
CA ALA I 310 -28.80 -46.77 -12.98
C ALA I 310 -29.45 -45.46 -13.39
N GLY I 311 -29.00 -44.95 -14.52
CA GLY I 311 -29.47 -43.70 -15.11
C GLY I 311 -30.94 -43.75 -15.52
N PHE I 312 -31.66 -44.78 -15.13
CA PHE I 312 -33.09 -44.80 -15.48
C PHE I 312 -33.90 -44.38 -14.28
N VAL I 313 -34.00 -43.06 -14.13
CA VAL I 313 -34.69 -42.35 -13.07
C VAL I 313 -36.20 -42.53 -13.16
N GLU I 314 -36.64 -42.70 -14.39
CA GLU I 314 -38.04 -42.94 -14.59
C GLU I 314 -38.34 -44.26 -14.00
N ILE I 315 -37.43 -45.20 -14.13
CA ILE I 315 -37.64 -46.51 -13.58
C ILE I 315 -36.98 -46.58 -12.22
N SER I 316 -35.94 -45.79 -11.99
CA SER I 316 -35.18 -45.88 -10.75
C SER I 316 -35.62 -45.51 -9.37
N ASN I 317 -35.03 -46.25 -8.40
CA ASN I 317 -35.31 -46.04 -7.01
C ASN I 317 -33.99 -45.37 -6.71
N LEU I 318 -34.07 -44.08 -6.39
CA LEU I 318 -32.84 -43.37 -6.13
C LEU I 318 -32.78 -43.03 -4.65
N VAL I 319 -31.99 -42.02 -4.36
CA VAL I 319 -31.88 -41.49 -3.02
C VAL I 319 -31.66 -40.00 -3.07
N LEU I 320 -32.28 -39.30 -2.14
CA LEU I 320 -32.08 -37.88 -2.17
C LEU I 320 -31.47 -37.28 -0.93
N TYR I 321 -30.33 -36.64 -1.08
CA TYR I 321 -29.70 -35.95 0.02
C TYR I 321 -29.97 -34.51 -0.20
N PHE I 322 -30.33 -33.80 0.83
CA PHE I 322 -30.56 -32.40 0.61
C PHE I 322 -29.87 -31.75 1.82
N TYR I 323 -29.66 -30.45 1.74
CA TYR I 323 -29.15 -29.78 2.91
C TYR I 323 -29.41 -28.27 2.82
N GLY I 324 -29.86 -27.68 3.93
CA GLY I 324 -30.14 -26.25 3.91
C GLY I 324 -31.27 -25.97 4.91
N ILE I 325 -32.02 -24.90 4.69
CA ILE I 325 -33.10 -24.55 5.63
C ILE I 325 -34.47 -25.26 5.74
N LYS I 326 -34.60 -25.88 6.90
CA LYS I 326 -35.77 -26.63 7.34
C LYS I 326 -36.98 -26.11 6.62
N ASN I 327 -37.23 -24.81 6.79
CA ASN I 327 -38.39 -24.13 6.20
C ASN I 327 -38.31 -23.46 4.86
N GLY I 328 -37.91 -22.18 4.84
CA GLY I 328 -37.84 -21.42 3.60
C GLY I 328 -39.19 -20.91 3.08
N GLU I 362 -31.66 -19.06 8.81
CA GLU I 362 -30.22 -19.27 8.89
C GLU I 362 -29.72 -20.66 9.39
N GLU I 363 -30.56 -21.39 10.10
CA GLU I 363 -30.23 -22.70 10.66
C GLU I 363 -30.53 -23.86 9.66
N GLN I 364 -29.53 -24.18 8.85
CA GLN I 364 -29.60 -25.17 7.77
C GLN I 364 -29.65 -26.57 8.35
N THR I 365 -30.21 -27.46 7.57
CA THR I 365 -30.41 -28.83 8.00
C THR I 365 -30.19 -29.87 6.92
N MET I 366 -29.78 -31.06 7.36
CA MET I 366 -29.55 -32.21 6.50
C MET I 366 -30.65 -33.27 6.33
N GLU I 367 -30.96 -33.61 5.08
CA GLU I 367 -32.01 -34.57 4.92
C GLU I 367 -31.60 -35.70 4.01
N VAL I 368 -32.03 -36.89 4.37
CA VAL I 368 -31.73 -37.97 3.47
C VAL I 368 -33.00 -38.70 3.12
N PHE I 369 -33.43 -38.50 1.87
CA PHE I 369 -34.65 -39.15 1.43
C PHE I 369 -34.30 -40.28 0.50
N HIS I 370 -34.56 -41.47 0.98
CA HIS I 370 -34.47 -42.68 0.24
C HIS I 370 -35.57 -43.50 0.78
N LEU I 371 -36.14 -44.32 -0.09
CA LEU I 371 -37.30 -45.15 0.26
C LEU I 371 -36.99 -46.61 -0.08
N ARG I 372 -36.47 -47.30 0.90
CA ARG I 372 -36.06 -48.71 0.86
C ARG I 372 -37.00 -49.73 0.19
N ASN I 373 -36.52 -50.35 -0.88
CA ASN I 373 -37.42 -51.24 -1.59
C ASN I 373 -38.78 -50.58 -1.91
N TYR I 374 -38.74 -49.64 -2.84
CA TYR I 374 -39.93 -49.02 -3.39
C TYR I 374 -39.81 -49.61 -4.75
N ASN I 375 -40.90 -50.03 -5.34
CA ASN I 375 -40.81 -50.54 -6.70
C ASN I 375 -41.06 -49.53 -7.78
N SER I 376 -40.13 -48.61 -7.94
CA SER I 376 -40.20 -47.56 -8.94
C SER I 376 -40.62 -48.13 -10.28
N VAL I 377 -40.02 -49.27 -10.60
CA VAL I 377 -40.21 -49.93 -11.90
C VAL I 377 -41.67 -49.98 -12.24
N VAL I 378 -42.46 -50.33 -11.24
CA VAL I 378 -43.88 -50.49 -11.40
C VAL I 378 -44.55 -49.39 -10.60
N GLY I 379 -43.96 -49.08 -9.47
CA GLY I 379 -44.55 -48.05 -8.61
C GLY I 379 -44.94 -46.81 -9.40
N ASN I 380 -43.95 -46.32 -10.14
CA ASN I 380 -44.12 -45.11 -10.94
C ASN I 380 -45.16 -45.01 -12.08
N ILE I 381 -45.52 -46.11 -12.71
CA ILE I 381 -46.54 -45.97 -13.74
C ILE I 381 -47.80 -45.91 -12.83
N LEU I 382 -47.99 -46.83 -11.88
CA LEU I 382 -49.09 -46.78 -10.94
C LEU I 382 -49.40 -45.35 -10.52
N ARG I 383 -48.41 -44.57 -10.15
CA ARG I 383 -48.71 -43.24 -9.72
C ARG I 383 -49.39 -42.54 -10.81
N ILE I 384 -49.01 -42.82 -12.03
CA ILE I 384 -49.62 -42.07 -13.11
C ILE I 384 -51.07 -42.43 -13.26
N TYR I 385 -51.28 -43.75 -13.24
CA TYR I 385 -52.64 -44.23 -13.36
C TYR I 385 -53.44 -43.45 -12.28
N GLU I 386 -52.89 -43.33 -11.09
CA GLU I 386 -53.65 -42.63 -10.07
C GLU I 386 -54.07 -41.26 -10.52
N SER I 387 -53.09 -40.38 -10.80
CA SER I 387 -53.35 -39.02 -11.29
C SER I 387 -54.49 -39.04 -12.34
N ILE I 388 -54.60 -40.15 -13.07
CA ILE I 388 -55.65 -40.22 -14.10
C ILE I 388 -56.97 -40.46 -13.33
N ALA I 389 -57.04 -41.59 -12.63
CA ALA I 389 -58.22 -41.85 -11.78
C ALA I 389 -58.74 -40.60 -11.09
N ASP I 390 -57.80 -40.00 -10.37
CA ASP I 390 -58.09 -38.77 -9.60
C ASP I 390 -58.99 -37.76 -10.34
N TYR I 391 -58.41 -37.31 -11.43
CA TYR I 391 -59.12 -36.39 -12.26
C TYR I 391 -60.36 -37.09 -12.80
N HIS I 392 -60.28 -38.38 -13.03
CA HIS I 392 -61.43 -39.04 -13.59
C HIS I 392 -62.46 -39.14 -12.54
N PHE I 393 -62.25 -40.01 -11.62
CA PHE I 393 -63.28 -40.25 -10.64
C PHE I 393 -63.40 -39.11 -9.66
N LEU I 394 -62.93 -37.93 -10.08
CA LEU I 394 -62.96 -36.68 -9.30
C LEU I 394 -63.29 -35.40 -10.09
N LYS I 413 -61.15 -30.22 -20.88
CA LYS I 413 -60.02 -31.09 -20.65
C LYS I 413 -58.81 -30.27 -20.21
N PHE I 414 -57.69 -30.97 -19.98
CA PHE I 414 -56.39 -30.61 -19.28
C PHE I 414 -55.06 -30.54 -20.09
N ASP I 415 -54.58 -29.35 -20.48
CA ASP I 415 -53.63 -28.99 -21.56
C ASP I 415 -52.23 -29.57 -21.57
N LYS I 416 -51.58 -29.55 -20.40
CA LYS I 416 -50.25 -30.09 -20.23
C LYS I 416 -50.12 -30.11 -18.71
N GLN I 417 -49.27 -30.95 -18.14
CA GLN I 417 -49.29 -30.82 -16.68
C GLN I 417 -48.28 -29.71 -16.50
N GLY I 418 -47.24 -29.77 -17.33
CA GLY I 418 -46.32 -28.67 -17.23
C GLY I 418 -45.55 -28.67 -15.92
N PHE I 419 -45.68 -27.57 -15.18
CA PHE I 419 -44.98 -27.55 -13.90
C PHE I 419 -45.83 -27.97 -12.71
N ARG I 420 -47.13 -28.08 -12.93
CA ARG I 420 -48.10 -28.46 -11.91
C ARG I 420 -47.88 -29.82 -11.23
N PHE I 421 -48.03 -29.83 -9.92
CA PHE I 421 -47.82 -31.01 -9.13
C PHE I 421 -48.83 -32.14 -9.39
N GLU I 422 -50.11 -31.84 -9.42
CA GLU I 422 -51.07 -32.90 -9.66
C GLU I 422 -51.41 -32.99 -11.15
N GLY I 423 -52.22 -33.97 -11.52
CA GLY I 423 -52.51 -34.21 -12.93
C GLY I 423 -51.44 -35.18 -13.42
N PHE I 424 -51.14 -35.13 -14.72
CA PHE I 424 -50.26 -36.03 -15.39
C PHE I 424 -49.91 -35.33 -16.64
N PRO I 425 -48.72 -35.53 -17.17
CA PRO I 425 -48.31 -34.85 -18.39
C PRO I 425 -48.90 -35.33 -19.72
N THR I 426 -49.16 -34.37 -20.59
CA THR I 426 -49.71 -34.74 -21.88
C THR I 426 -48.90 -34.69 -23.15
N PHE I 427 -49.60 -34.91 -24.26
CA PHE I 427 -48.93 -34.87 -25.54
C PHE I 427 -48.36 -33.46 -25.54
N LYS I 428 -49.14 -32.54 -24.98
CA LYS I 428 -48.53 -31.23 -24.99
C LYS I 428 -47.11 -31.39 -24.41
N ASP I 429 -47.05 -32.03 -23.28
CA ASP I 429 -45.76 -32.24 -22.66
C ASP I 429 -44.85 -33.01 -23.61
N ALA I 430 -45.39 -34.19 -23.99
CA ALA I 430 -44.60 -35.04 -24.86
C ALA I 430 -43.90 -34.13 -25.88
N ILE I 431 -44.70 -33.31 -26.56
CA ILE I 431 -44.25 -32.40 -27.61
C ILE I 431 -43.15 -31.33 -27.33
N ILE I 432 -43.37 -30.68 -26.19
CA ILE I 432 -42.43 -29.65 -25.84
C ILE I 432 -41.08 -30.39 -25.70
N LEU I 433 -41.08 -31.50 -24.99
CA LEU I 433 -39.87 -32.28 -24.83
C LEU I 433 -39.35 -32.49 -26.21
N HIS I 434 -40.10 -33.25 -26.96
CA HIS I 434 -39.81 -33.54 -28.38
C HIS I 434 -39.19 -32.40 -29.17
N ARG I 435 -39.93 -31.31 -29.23
CA ARG I 435 -39.54 -30.07 -29.86
C ARG I 435 -38.24 -29.55 -29.37
N LEU I 436 -37.96 -29.78 -28.10
CA LEU I 436 -36.72 -29.36 -27.47
C LEU I 436 -35.64 -30.33 -27.84
N ILE I 437 -36.03 -31.56 -28.12
CA ILE I 437 -34.94 -32.47 -28.38
C ILE I 437 -34.38 -32.27 -29.79
N ASP I 438 -35.24 -31.89 -30.70
CA ASP I 438 -34.84 -31.61 -32.03
C ASP I 438 -33.83 -30.53 -31.91
N ALA I 439 -34.06 -29.61 -30.98
CA ALA I 439 -33.14 -28.48 -30.76
C ALA I 439 -31.72 -29.02 -30.60
N VAL I 440 -31.56 -29.83 -29.54
CA VAL I 440 -30.31 -30.50 -29.16
C VAL I 440 -29.72 -31.02 -30.46
N PHE I 441 -30.44 -31.83 -31.21
CA PHE I 441 -29.94 -32.37 -32.46
C PHE I 441 -29.60 -31.32 -33.50
N ARG I 442 -30.47 -30.33 -33.73
CA ARG I 442 -30.18 -29.26 -34.68
C ARG I 442 -28.88 -28.58 -34.21
N SER I 443 -28.89 -28.22 -32.94
CA SER I 443 -27.77 -27.60 -32.27
C SER I 443 -26.42 -28.25 -32.44
N ASP I 444 -26.29 -29.59 -32.27
CA ASP I 444 -24.97 -30.19 -32.42
C ASP I 444 -24.61 -30.00 -33.92
N LYS I 445 -25.57 -30.39 -34.76
CA LYS I 445 -25.34 -30.31 -36.21
C LYS I 445 -24.94 -28.91 -36.64
N GLU I 446 -25.84 -27.97 -36.39
CA GLU I 446 -25.49 -26.59 -36.77
C GLU I 446 -24.29 -25.97 -35.99
N GLU I 447 -23.79 -26.66 -34.96
CA GLU I 447 -22.63 -26.17 -34.19
C GLU I 447 -22.91 -24.75 -33.64
N LYS I 448 -24.12 -24.61 -33.07
CA LYS I 448 -24.64 -23.33 -32.55
C LYS I 448 -25.46 -23.46 -31.27
N THR I 449 -25.67 -22.33 -30.61
CA THR I 449 -26.47 -22.32 -29.37
C THR I 449 -27.78 -21.64 -29.76
N LEU I 450 -28.87 -22.42 -29.74
CA LEU I 450 -30.17 -21.89 -30.18
C LEU I 450 -31.16 -21.58 -29.08
N ASP I 451 -32.08 -20.62 -29.31
CA ASP I 451 -33.06 -20.27 -28.27
C ASP I 451 -34.29 -21.19 -28.25
N VAL I 452 -34.51 -21.84 -27.12
CA VAL I 452 -35.62 -22.77 -27.02
C VAL I 452 -36.70 -22.17 -26.14
N SER I 453 -37.01 -20.91 -26.45
CA SER I 453 -38.03 -20.26 -25.67
C SER I 453 -39.33 -20.01 -26.46
N LYS I 454 -39.57 -20.86 -27.44
CA LYS I 454 -40.80 -20.74 -28.22
C LYS I 454 -41.45 -22.12 -28.02
N ILE I 455 -40.63 -23.14 -28.03
CA ILE I 455 -41.11 -24.47 -27.82
C ILE I 455 -42.32 -24.61 -26.90
N MET I 456 -42.36 -23.97 -25.75
CA MET I 456 -43.50 -24.01 -24.80
C MET I 456 -44.83 -23.55 -25.42
N ILE I 457 -44.85 -23.02 -26.66
CA ILE I 457 -46.02 -22.49 -27.40
C ILE I 457 -46.82 -23.49 -28.33
N LEU J 4 -28.37 -48.31 4.85
CA LEU J 4 -28.16 -49.17 3.67
C LEU J 4 -29.16 -48.74 2.63
N PHE J 5 -28.69 -48.67 1.40
CA PHE J 5 -29.59 -48.24 0.37
C PHE J 5 -29.69 -49.25 -0.74
N ASN J 6 -30.92 -49.68 -0.97
CA ASN J 6 -31.18 -50.63 -2.04
C ASN J 6 -31.48 -49.69 -3.19
N THR J 7 -30.48 -49.34 -3.98
CA THR J 7 -30.77 -48.45 -5.10
C THR J 7 -30.85 -49.36 -6.32
N THR J 8 -31.29 -48.74 -7.41
CA THR J 8 -31.40 -49.46 -8.66
C THR J 8 -30.14 -49.69 -9.47
N THR J 9 -29.82 -50.96 -9.60
CA THR J 9 -28.60 -51.29 -10.33
C THR J 9 -29.05 -51.60 -11.73
N MET J 10 -28.20 -51.18 -12.66
CA MET J 10 -28.38 -51.40 -14.07
C MET J 10 -28.57 -52.89 -14.24
N ASP J 11 -27.61 -53.62 -13.67
CA ASP J 11 -27.70 -55.05 -13.86
C ASP J 11 -29.17 -55.44 -13.74
N ASP J 12 -29.84 -55.04 -12.66
CA ASP J 12 -31.24 -55.37 -12.46
C ASP J 12 -31.99 -54.92 -13.67
N VAL J 13 -31.87 -53.63 -13.92
CA VAL J 13 -32.63 -52.99 -14.96
C VAL J 13 -32.67 -53.84 -16.20
N TYR J 14 -31.53 -54.49 -16.47
CA TYR J 14 -31.39 -55.34 -17.63
C TYR J 14 -32.24 -56.59 -17.58
N ASN J 15 -32.49 -57.07 -16.37
CA ASN J 15 -33.36 -58.21 -16.21
C ASN J 15 -34.81 -57.97 -16.53
N TYR J 16 -35.36 -56.98 -15.86
CA TYR J 16 -36.69 -56.59 -16.13
C TYR J 16 -36.80 -56.35 -17.62
N ILE J 17 -35.99 -55.43 -18.12
CA ILE J 17 -35.99 -55.02 -19.52
C ILE J 17 -35.30 -56.12 -20.38
N SER K 14 30.54 -22.19 -13.75
CA SER K 14 29.42 -22.65 -14.60
C SER K 14 28.40 -23.33 -13.77
N SER K 15 28.92 -24.27 -12.99
CA SER K 15 28.18 -25.12 -12.12
C SER K 15 28.22 -24.22 -10.84
N ARG K 16 27.56 -23.07 -10.98
CA ARG K 16 27.40 -22.08 -9.94
C ARG K 16 26.17 -21.27 -10.35
N PRO K 17 25.47 -20.95 -9.28
CA PRO K 17 24.17 -20.37 -9.29
C PRO K 17 23.67 -19.51 -10.40
N ILE K 18 22.43 -19.81 -10.71
CA ILE K 18 21.70 -19.06 -11.70
C ILE K 18 21.52 -17.88 -10.77
N ARG K 19 21.28 -16.74 -11.41
CA ARG K 19 21.14 -15.54 -10.57
C ARG K 19 19.81 -14.90 -11.02
N VAL K 20 18.87 -14.88 -10.11
CA VAL K 20 17.59 -14.37 -10.43
C VAL K 20 17.55 -12.90 -10.19
N GLY K 21 16.75 -12.24 -11.01
CA GLY K 21 16.56 -10.79 -10.92
C GLY K 21 15.09 -10.72 -10.54
N PHE K 22 14.69 -10.00 -9.50
CA PHE K 22 13.27 -10.11 -9.14
C PHE K 22 12.42 -8.88 -9.27
N VAL K 23 11.36 -9.04 -10.04
CA VAL K 23 10.40 -7.97 -10.26
C VAL K 23 9.11 -8.34 -9.54
N GLY K 24 8.73 -7.60 -8.50
CA GLY K 24 7.51 -7.86 -7.78
C GLY K 24 7.94 -8.47 -6.44
N LEU K 25 9.10 -8.11 -5.92
CA LEU K 25 9.42 -8.63 -4.61
C LEU K 25 9.16 -7.49 -3.67
N THR K 26 7.92 -7.48 -3.24
CA THR K 26 7.30 -6.51 -2.36
C THR K 26 8.04 -6.46 -1.05
N SER K 27 8.05 -7.52 -0.27
CA SER K 27 8.70 -7.46 1.00
C SER K 27 8.81 -8.87 1.52
N GLY K 28 9.19 -9.00 2.77
CA GLY K 28 9.30 -10.31 3.39
C GLY K 28 7.95 -11.04 3.58
N LYS K 29 6.84 -10.39 3.23
CA LYS K 29 5.51 -11.00 3.35
C LYS K 29 4.68 -10.76 2.09
N SER K 30 5.34 -10.92 0.96
CA SER K 30 4.73 -10.79 -0.36
C SER K 30 4.53 -12.19 -0.91
N TRP K 31 3.49 -12.35 -1.71
CA TRP K 31 3.30 -13.55 -2.44
C TRP K 31 4.49 -14.34 -2.74
N VAL K 32 5.34 -13.75 -3.54
CA VAL K 32 6.50 -14.30 -4.18
C VAL K 32 7.36 -14.66 -2.98
N ALA K 33 7.39 -13.80 -1.96
CA ALA K 33 8.22 -14.03 -0.78
C ALA K 33 7.85 -15.30 -0.09
N LYS K 34 6.55 -15.59 -0.12
CA LYS K 34 6.03 -16.79 0.52
C LYS K 34 5.98 -17.96 -0.46
N THR K 35 6.53 -17.75 -1.63
CA THR K 35 6.51 -18.82 -2.60
C THR K 35 7.85 -18.90 -3.28
N HIS K 36 8.04 -18.07 -4.31
CA HIS K 36 9.30 -18.11 -5.03
C HIS K 36 10.56 -18.15 -4.13
N PHE K 37 10.65 -17.26 -3.16
CA PHE K 37 11.79 -17.18 -2.27
C PHE K 37 12.13 -18.50 -1.72
N LEU K 38 11.12 -19.23 -1.34
CA LEU K 38 11.31 -20.52 -0.78
C LEU K 38 11.56 -21.65 -1.76
N ALA K 39 11.18 -21.46 -3.02
CA ALA K 39 11.44 -22.39 -4.10
C ALA K 39 12.97 -22.19 -4.30
N ILE K 40 13.47 -20.98 -4.12
CA ILE K 40 14.86 -20.66 -4.29
C ILE K 40 15.76 -20.88 -3.12
N GLN K 41 15.21 -21.20 -1.98
CA GLN K 41 16.04 -21.42 -0.82
C GLN K 41 16.42 -22.88 -0.63
N GLN K 42 15.65 -23.70 -1.33
CA GLN K 42 15.89 -25.14 -1.34
C GLN K 42 16.87 -25.40 -2.50
N LEU K 43 16.86 -24.45 -3.45
CA LEU K 43 17.75 -24.52 -4.59
C LEU K 43 18.81 -23.45 -4.40
N SER K 44 19.17 -23.20 -3.16
CA SER K 44 20.16 -22.17 -2.89
C SER K 44 21.37 -22.63 -3.69
N SER K 45 21.48 -23.96 -3.77
CA SER K 45 22.56 -24.64 -4.47
C SER K 45 22.70 -24.16 -5.91
N GLN K 46 21.56 -24.07 -6.58
CA GLN K 46 21.60 -23.70 -7.99
C GLN K 46 21.22 -22.27 -8.27
N PHE K 47 20.36 -21.71 -7.43
CA PHE K 47 19.90 -20.33 -7.52
C PHE K 47 20.34 -19.26 -6.53
N GLN K 48 20.47 -18.11 -7.11
CA GLN K 48 20.97 -17.11 -6.21
C GLN K 48 20.23 -15.87 -6.66
N ILE K 49 19.68 -15.18 -5.67
CA ILE K 49 18.90 -14.01 -6.02
C ILE K 49 19.85 -12.89 -5.90
N VAL K 50 19.95 -12.21 -7.04
CA VAL K 50 20.88 -11.15 -7.32
C VAL K 50 20.37 -9.74 -7.58
N ALA K 51 19.07 -9.61 -7.76
CA ALA K 51 18.58 -8.24 -8.06
C ALA K 51 17.08 -8.04 -7.83
N LEU K 52 16.70 -7.07 -7.05
CA LEU K 52 15.33 -6.76 -6.82
C LEU K 52 14.77 -5.61 -7.61
N TYR K 53 13.71 -5.76 -8.41
CA TYR K 53 13.23 -4.47 -8.85
C TYR K 53 11.92 -4.10 -8.08
N ASN K 54 11.82 -2.82 -7.76
CA ASN K 54 10.71 -2.18 -7.09
C ASN K 54 11.07 -0.69 -7.21
N PRO K 55 10.01 0.00 -7.57
CA PRO K 55 10.02 1.44 -7.75
C PRO K 55 10.80 2.14 -6.66
N THR K 56 10.34 2.12 -5.42
CA THR K 56 11.11 2.82 -4.38
C THR K 56 12.31 2.00 -3.93
N LEU K 57 13.48 2.60 -3.89
CA LEU K 57 14.63 1.84 -3.47
C LEU K 57 14.45 1.40 -2.05
N LYS K 58 13.71 2.20 -1.32
CA LYS K 58 13.50 1.95 0.07
C LYS K 58 13.08 0.55 0.22
N SER K 59 12.07 0.20 -0.55
CA SER K 59 11.48 -1.13 -0.57
C SER K 59 12.40 -2.31 -0.89
N SER K 60 13.30 -2.16 -1.85
CA SER K 60 14.17 -3.30 -2.15
C SER K 60 15.06 -3.55 -0.95
N LEU K 61 15.78 -2.51 -0.59
CA LEU K 61 16.64 -2.56 0.54
C LEU K 61 16.04 -3.18 1.79
N GLN K 62 14.78 -2.99 2.08
CA GLN K 62 14.28 -3.62 3.25
C GLN K 62 14.22 -5.11 3.01
N THR K 63 13.38 -5.42 2.05
CA THR K 63 13.11 -6.76 1.53
C THR K 63 14.43 -7.46 1.83
N ILE K 64 15.53 -7.05 1.22
CA ILE K 64 16.84 -7.61 1.40
C ILE K 64 17.35 -7.76 2.82
N GLU K 65 17.10 -6.74 3.61
CA GLU K 65 17.60 -6.83 4.96
C GLU K 65 16.70 -7.84 5.67
N GLN K 66 15.39 -7.83 5.42
CA GLN K 66 14.54 -8.74 6.13
C GLN K 66 14.73 -10.20 5.73
N LEU K 67 14.89 -10.40 4.46
CA LEU K 67 15.14 -11.68 3.89
C LEU K 67 16.59 -12.08 4.00
N GLN K 68 17.44 -11.10 4.18
CA GLN K 68 18.87 -11.31 4.26
C GLN K 68 19.42 -11.78 2.93
N LEU K 69 18.95 -11.12 1.89
CA LEU K 69 19.41 -11.48 0.55
C LEU K 69 20.83 -11.01 0.46
N LYS K 70 21.79 -11.91 0.60
CA LYS K 70 23.20 -11.53 0.60
C LYS K 70 23.67 -10.98 -0.72
N HIS K 71 23.31 -11.63 -1.80
CA HIS K 71 23.72 -11.17 -3.12
C HIS K 71 22.78 -10.16 -3.82
N ALA K 72 21.69 -9.82 -3.18
CA ALA K 72 20.81 -8.86 -3.85
C ALA K 72 21.35 -7.44 -3.70
N THR K 73 21.03 -6.68 -4.74
CA THR K 73 21.36 -5.30 -4.94
C THR K 73 20.13 -4.80 -5.63
N GLY K 74 19.49 -3.80 -5.10
CA GLY K 74 18.24 -3.27 -5.63
C GLY K 74 18.14 -2.17 -6.72
N PHE K 75 17.01 -2.15 -7.40
CA PHE K 75 16.77 -1.18 -8.45
C PHE K 75 15.61 -0.23 -8.39
N ASP K 76 15.76 0.83 -9.15
CA ASP K 76 14.80 1.92 -9.15
C ASP K 76 14.19 2.05 -10.51
N SER K 77 14.96 1.63 -11.50
CA SER K 77 14.56 1.69 -12.91
C SER K 77 14.45 0.23 -13.30
N LEU K 78 13.54 -0.01 -14.23
CA LEU K 78 13.31 -1.33 -14.81
C LEU K 78 14.48 -1.42 -15.78
N GLU K 79 14.62 -0.36 -16.54
CA GLU K 79 15.68 -0.21 -17.49
C GLU K 79 16.99 -0.37 -16.80
N SER K 80 17.05 0.19 -15.59
CA SER K 80 18.20 0.09 -14.66
C SER K 80 18.39 -1.40 -14.48
N PHE K 81 17.27 -2.04 -14.15
CA PHE K 81 17.11 -3.47 -13.94
C PHE K 81 17.51 -4.24 -15.13
N ALA K 82 16.66 -4.29 -16.12
CA ALA K 82 16.91 -5.00 -17.40
C ALA K 82 18.31 -5.10 -17.98
N GLN K 83 19.19 -4.22 -17.48
CA GLN K 83 20.58 -4.17 -17.91
C GLN K 83 21.60 -4.98 -17.11
N TYR K 84 21.55 -4.89 -15.79
CA TYR K 84 22.44 -5.69 -14.96
C TYR K 84 22.79 -6.95 -15.72
N LYS K 85 24.03 -6.99 -16.17
CA LYS K 85 24.51 -8.12 -16.86
C LYS K 85 24.68 -9.24 -15.92
N ASP K 86 24.51 -9.01 -14.63
CA ASP K 86 24.57 -10.07 -13.62
C ASP K 86 23.33 -10.91 -13.45
N ILE K 87 22.33 -10.70 -14.31
CA ILE K 87 21.15 -11.51 -14.19
C ILE K 87 21.01 -12.50 -15.32
N ASP K 88 21.21 -13.79 -15.04
CA ASP K 88 21.00 -14.75 -16.09
C ASP K 88 19.49 -14.85 -16.22
N MET K 89 18.77 -14.82 -15.10
CA MET K 89 17.33 -14.97 -15.26
C MET K 89 16.45 -14.19 -14.38
N ILE K 90 15.51 -13.54 -15.04
CA ILE K 90 14.57 -12.65 -14.36
C ILE K 90 13.15 -13.16 -14.16
N VAL K 91 12.68 -13.09 -12.94
CA VAL K 91 11.28 -13.45 -12.65
C VAL K 91 10.42 -12.21 -12.43
N VAL K 92 9.29 -12.26 -13.16
CA VAL K 92 8.26 -11.20 -13.22
C VAL K 92 6.96 -11.77 -12.68
N SER K 93 6.73 -11.37 -11.44
CA SER K 93 5.54 -11.82 -10.76
C SER K 93 5.01 -10.50 -10.25
N VAL K 94 4.00 -9.99 -10.96
CA VAL K 94 3.35 -8.74 -10.64
C VAL K 94 2.04 -8.82 -11.41
N LYS K 95 1.03 -8.07 -10.94
CA LYS K 95 -0.31 -7.96 -11.56
C LYS K 95 -0.25 -8.07 -13.06
N VAL K 96 -1.12 -8.90 -13.61
CA VAL K 96 -1.29 -9.15 -15.04
C VAL K 96 -1.61 -7.91 -15.93
N PRO K 97 -2.19 -6.87 -15.33
CA PRO K 97 -2.55 -5.73 -16.10
C PRO K 97 -1.32 -4.87 -16.37
N GLU K 98 -0.31 -5.08 -15.54
CA GLU K 98 0.99 -4.44 -15.62
C GLU K 98 1.87 -5.51 -16.22
N HIS K 99 1.25 -6.63 -16.57
CA HIS K 99 2.07 -7.68 -17.14
C HIS K 99 2.67 -7.26 -18.47
N TYR K 100 1.84 -6.66 -19.31
CA TYR K 100 2.34 -6.27 -20.63
C TYR K 100 3.42 -5.22 -20.51
N GLU K 101 3.05 -4.13 -19.84
CA GLU K 101 3.92 -3.01 -19.60
C GLU K 101 5.36 -3.50 -19.37
N VAL K 102 5.49 -4.07 -18.16
CA VAL K 102 6.72 -4.59 -17.57
C VAL K 102 7.68 -5.32 -18.48
N VAL K 103 7.24 -6.54 -18.76
CA VAL K 103 7.89 -7.56 -19.54
C VAL K 103 8.48 -6.98 -20.82
N LYS K 104 7.58 -6.37 -21.59
CA LYS K 104 7.99 -5.78 -22.85
C LYS K 104 9.31 -5.04 -22.62
N ASN K 105 9.24 -4.00 -21.81
CA ASN K 105 10.45 -3.23 -21.47
C ASN K 105 11.62 -4.11 -21.13
N ILE K 106 11.41 -4.97 -20.15
CA ILE K 106 12.48 -5.87 -19.75
C ILE K 106 13.10 -6.39 -21.06
N LEU K 107 12.22 -6.68 -22.01
CA LEU K 107 12.54 -7.25 -23.29
C LEU K 107 13.42 -6.40 -24.12
N GLU K 108 13.03 -5.17 -24.30
CA GLU K 108 13.76 -4.22 -25.09
C GLU K 108 14.94 -3.62 -24.33
N HIS K 109 14.88 -3.63 -23.00
CA HIS K 109 16.02 -3.10 -22.24
C HIS K 109 17.22 -3.98 -21.83
N SER K 110 17.16 -5.24 -22.21
CA SER K 110 18.13 -6.28 -21.85
C SER K 110 18.79 -6.93 -23.06
N SER K 111 18.45 -6.45 -24.25
CA SER K 111 18.94 -6.95 -25.52
C SER K 111 20.44 -7.00 -25.54
N GLN K 112 21.00 -6.06 -24.81
CA GLN K 112 22.43 -5.94 -24.69
C GLN K 112 22.86 -6.99 -23.66
N ASN K 113 22.06 -7.20 -22.63
CA ASN K 113 22.43 -8.17 -21.61
C ASN K 113 22.41 -9.57 -22.20
N LEU K 114 23.43 -10.35 -21.93
CA LEU K 114 23.37 -11.67 -22.53
C LEU K 114 23.41 -12.88 -21.66
N ASN K 115 23.63 -12.68 -20.36
CA ASN K 115 23.52 -13.80 -19.45
C ASN K 115 22.07 -13.82 -19.08
N LEU K 116 21.39 -12.73 -19.25
CA LEU K 116 19.95 -12.93 -19.09
C LEU K 116 19.82 -13.99 -20.14
N ARG K 117 19.35 -15.16 -19.72
CA ARG K 117 19.21 -16.34 -20.56
C ARG K 117 17.71 -16.76 -20.42
N TYR K 118 17.15 -16.64 -19.21
CA TYR K 118 15.79 -17.01 -18.89
C TYR K 118 14.89 -15.93 -18.32
N LEU K 119 13.68 -15.85 -18.84
CA LEU K 119 12.68 -14.92 -18.38
C LEU K 119 11.43 -15.67 -17.92
N TYR K 120 11.27 -15.81 -16.61
CA TYR K 120 10.08 -16.44 -16.02
C TYR K 120 8.96 -15.42 -15.76
N VAL K 121 7.73 -15.89 -15.96
CA VAL K 121 6.56 -15.08 -15.78
C VAL K 121 5.42 -16.03 -15.34
N GLU K 122 4.39 -15.42 -14.78
CA GLU K 122 3.24 -16.18 -14.33
C GLU K 122 1.92 -16.16 -15.09
N TRP K 123 1.13 -17.17 -14.79
CA TRP K 123 -0.17 -17.34 -15.43
C TRP K 123 -1.08 -16.29 -14.84
N ALA K 124 -1.71 -15.42 -15.64
CA ALA K 124 -1.73 -15.50 -17.10
C ALA K 124 -0.55 -14.74 -17.62
N LEU K 125 0.07 -15.22 -18.70
CA LEU K 125 1.19 -14.52 -19.32
C LEU K 125 0.89 -13.02 -19.39
N ALA K 126 -0.14 -12.66 -20.15
CA ALA K 126 -0.50 -11.26 -20.26
C ALA K 126 -1.94 -11.12 -19.86
N ALA K 127 -2.51 -9.93 -20.07
CA ALA K 127 -3.90 -9.67 -19.71
C ALA K 127 -4.90 -9.70 -20.85
N SER K 128 -4.42 -9.86 -22.07
CA SER K 128 -5.29 -9.95 -23.20
C SER K 128 -4.53 -10.84 -24.12
N VAL K 129 -5.19 -11.62 -24.94
CA VAL K 129 -4.41 -12.46 -25.85
C VAL K 129 -3.44 -11.56 -26.60
N GLN K 130 -4.03 -10.62 -27.32
CA GLN K 130 -3.33 -9.59 -28.07
C GLN K 130 -2.07 -9.20 -27.32
N GLN K 131 -2.31 -8.52 -26.18
CA GLN K 131 -1.17 -8.18 -25.33
C GLN K 131 -0.13 -9.33 -25.34
N ALA K 132 -0.66 -10.49 -24.93
CA ALA K 132 0.13 -11.71 -24.80
C ALA K 132 0.75 -12.14 -26.14
N GLU K 133 -0.11 -12.12 -27.13
CA GLU K 133 0.36 -12.50 -28.43
C GLU K 133 1.66 -11.74 -28.70
N GLU K 134 1.57 -10.42 -28.56
CA GLU K 134 2.71 -9.56 -28.80
C GLU K 134 3.87 -10.00 -28.01
N LEU K 135 3.76 -9.86 -26.68
CA LEU K 135 4.87 -10.31 -25.82
C LEU K 135 5.47 -11.64 -26.36
N TYR K 136 4.61 -12.50 -26.96
CA TYR K 136 5.15 -13.73 -27.56
C TYR K 136 5.95 -13.37 -28.80
N SER K 137 5.24 -12.83 -29.79
CA SER K 137 5.89 -12.44 -31.03
C SER K 137 7.27 -11.90 -30.69
N ILE K 138 7.29 -11.05 -29.66
CA ILE K 138 8.55 -10.50 -29.16
C ILE K 138 9.49 -11.56 -28.59
N SER K 139 9.09 -12.26 -27.53
CA SER K 139 9.94 -13.29 -26.89
C SER K 139 10.74 -14.01 -27.99
N GLN K 140 10.05 -14.36 -29.06
CA GLN K 140 10.61 -15.07 -30.23
C GLN K 140 12.01 -14.72 -30.73
N GLN K 141 12.29 -13.43 -30.92
CA GLN K 141 13.59 -12.96 -31.42
C GLN K 141 14.84 -13.27 -30.59
N ARG K 142 14.63 -13.45 -29.31
CA ARG K 142 15.70 -13.77 -28.43
C ARG K 142 16.04 -15.22 -28.71
N ALA K 143 16.88 -15.43 -29.69
CA ALA K 143 17.32 -16.77 -30.02
C ALA K 143 17.83 -17.49 -28.78
N ASN K 144 18.48 -16.72 -27.90
CA ASN K 144 19.09 -17.20 -26.66
C ASN K 144 18.13 -17.16 -25.45
N LEU K 145 16.91 -16.71 -25.60
CA LEU K 145 16.03 -16.59 -24.42
C LEU K 145 14.87 -17.54 -24.32
N GLN K 146 14.95 -18.38 -23.30
CA GLN K 146 13.95 -19.29 -22.87
C GLN K 146 12.94 -18.55 -22.05
N THR K 147 11.70 -18.74 -22.35
CA THR K 147 10.62 -18.03 -21.66
C THR K 147 9.99 -19.09 -20.73
N ILE K 148 9.40 -18.68 -19.60
CA ILE K 148 8.73 -19.63 -18.73
C ILE K 148 7.39 -19.20 -18.14
N ILE K 149 6.32 -19.89 -18.51
CA ILE K 149 5.03 -19.51 -17.94
C ILE K 149 4.82 -20.36 -16.70
N CYS K 150 4.19 -19.81 -15.69
CA CYS K 150 4.05 -20.49 -14.42
C CYS K 150 2.73 -21.22 -14.31
N LEU K 151 2.65 -22.34 -14.98
CA LEU K 151 1.51 -23.16 -14.89
C LEU K 151 1.77 -24.32 -13.95
N GLN K 152 2.25 -23.96 -12.79
CA GLN K 152 2.48 -24.89 -11.74
C GLN K 152 1.47 -25.98 -11.70
N GLY K 153 0.34 -25.85 -12.37
CA GLY K 153 -0.59 -26.97 -12.54
C GLY K 153 0.31 -28.19 -12.80
N ARG K 154 0.96 -28.18 -13.94
CA ARG K 154 1.81 -29.25 -14.45
C ARG K 154 2.80 -29.97 -13.63
N LYS K 155 3.29 -29.37 -12.59
CA LYS K 155 4.20 -30.01 -11.65
C LYS K 155 3.63 -30.73 -10.37
N SER K 156 2.31 -30.77 -10.23
CA SER K 156 1.64 -31.38 -9.07
C SER K 156 1.66 -32.91 -8.93
N PRO K 157 2.24 -33.41 -7.87
CA PRO K 157 2.25 -34.86 -7.80
C PRO K 157 0.98 -35.51 -8.39
N TYR K 158 -0.16 -34.88 -8.03
CA TYR K 158 -1.47 -35.38 -8.45
C TYR K 158 -1.75 -35.30 -9.93
N ILE K 159 -1.05 -34.41 -10.62
CA ILE K 159 -1.26 -34.35 -12.05
C ILE K 159 -0.33 -35.42 -12.66
N VAL K 160 0.96 -35.12 -12.62
CA VAL K 160 1.94 -36.06 -13.09
C VAL K 160 1.42 -37.53 -12.91
N ARG K 161 0.99 -37.79 -11.70
CA ARG K 161 0.55 -39.13 -11.37
C ARG K 161 -0.54 -39.72 -12.27
N ALA K 162 -1.49 -38.86 -12.59
CA ALA K 162 -2.65 -39.18 -13.40
C ALA K 162 -2.02 -39.50 -14.75
N LYS K 163 -1.32 -38.47 -15.19
CA LYS K 163 -0.68 -38.48 -16.47
C LYS K 163 0.13 -39.73 -16.71
N GLU K 164 0.84 -40.17 -15.71
CA GLU K 164 1.56 -41.41 -15.82
C GLU K 164 0.58 -42.54 -15.94
N LEU K 165 -0.43 -42.60 -15.07
CA LEU K 165 -1.42 -43.68 -15.04
C LEU K 165 -2.20 -43.97 -16.30
N ILE K 166 -2.50 -42.95 -17.02
CA ILE K 166 -3.20 -42.95 -18.31
C ILE K 166 -2.27 -43.46 -19.43
N SER K 167 -1.22 -42.69 -19.63
CA SER K 167 -0.19 -42.88 -20.67
C SER K 167 0.11 -44.36 -20.86
N GLU K 168 0.41 -45.01 -19.76
CA GLU K 168 0.64 -46.45 -19.78
C GLU K 168 -0.64 -47.17 -19.60
N GLY K 169 -1.53 -46.95 -20.51
CA GLY K 169 -2.85 -47.60 -20.60
C GLY K 169 -3.43 -48.24 -19.33
N CYS K 170 -3.43 -47.48 -18.25
CA CYS K 170 -3.90 -48.04 -17.01
C CYS K 170 -5.42 -47.96 -16.96
N ILE K 171 -5.94 -47.13 -17.86
CA ILE K 171 -7.39 -46.99 -17.86
C ILE K 171 -7.85 -47.09 -19.27
N GLY K 172 -7.04 -47.71 -20.12
CA GLY K 172 -7.53 -47.83 -21.47
C GLY K 172 -7.58 -46.49 -22.16
N ASP K 173 -8.44 -46.41 -23.16
CA ASP K 173 -8.62 -45.19 -23.93
C ASP K 173 -9.59 -44.35 -23.06
N ILE K 174 -9.64 -43.05 -23.27
CA ILE K 174 -10.56 -42.29 -22.47
C ILE K 174 -11.92 -42.30 -23.15
N ASN K 175 -12.94 -42.18 -22.34
CA ASN K 175 -14.28 -42.16 -22.87
C ASN K 175 -14.90 -40.81 -22.61
N SER K 176 -15.07 -40.51 -21.31
CA SER K 176 -15.63 -39.20 -20.99
C SER K 176 -14.85 -38.56 -19.84
N ILE K 177 -15.01 -37.24 -19.78
CA ILE K 177 -14.36 -36.42 -18.74
C ILE K 177 -15.41 -35.52 -18.10
N GLU K 178 -15.24 -35.24 -16.84
CA GLU K 178 -16.21 -34.36 -16.21
C GLU K 178 -15.63 -33.61 -15.06
N ILE K 179 -15.78 -32.30 -15.14
CA ILE K 179 -15.14 -31.31 -14.28
C ILE K 179 -15.97 -30.34 -13.42
N SER K 180 -15.37 -29.88 -12.31
CA SER K 180 -15.93 -28.90 -11.40
C SER K 180 -14.81 -28.04 -10.79
N GLY K 181 -15.12 -26.75 -10.66
CA GLY K 181 -14.32 -25.66 -10.07
C GLY K 181 -14.97 -24.45 -9.36
N ASN K 182 -14.13 -23.66 -8.71
CA ASN K 182 -14.56 -22.48 -7.95
C ASN K 182 -13.57 -21.35 -8.11
N GLY K 183 -14.07 -20.15 -8.44
CA GLY K 183 -13.15 -19.02 -8.55
C GLY K 183 -12.69 -18.73 -7.13
N GLY K 184 -13.68 -18.82 -6.26
CA GLY K 184 -13.50 -18.64 -4.84
C GLY K 184 -13.98 -17.22 -4.47
N TRP K 185 -13.50 -16.22 -5.17
CA TRP K 185 -13.97 -14.89 -4.84
C TRP K 185 -15.02 -14.29 -5.73
N TYR K 186 -15.66 -15.15 -6.49
CA TYR K 186 -16.69 -14.62 -7.35
C TYR K 186 -17.92 -15.22 -6.83
N GLY K 187 -17.90 -15.47 -5.52
CA GLY K 187 -19.04 -16.10 -4.88
C GLY K 187 -20.09 -15.05 -4.56
N TYR K 188 -20.72 -15.22 -3.41
CA TYR K 188 -21.75 -14.28 -2.98
C TYR K 188 -21.01 -13.54 -1.90
N GLU K 189 -19.73 -13.88 -1.78
CA GLU K 189 -18.86 -13.41 -0.75
C GLU K 189 -17.46 -13.22 -1.36
N ARG K 190 -16.81 -12.15 -0.93
CA ARG K 190 -15.53 -11.62 -1.41
C ARG K 190 -14.81 -11.32 -0.14
N PRO K 191 -13.55 -10.90 -0.18
CA PRO K 191 -12.94 -10.56 1.09
C PRO K 191 -12.38 -9.19 1.14
N MET K 192 -11.90 -8.83 2.31
CA MET K 192 -11.59 -7.46 2.55
C MET K 192 -10.31 -7.04 1.91
N ARG K 193 -9.39 -7.97 1.84
CA ARG K 193 -8.16 -7.67 1.20
C ARG K 193 -8.22 -7.74 -0.30
N SER K 194 -8.96 -8.68 -0.82
CA SER K 194 -9.00 -8.88 -2.27
C SER K 194 -9.03 -7.67 -3.24
N PRO K 195 -8.10 -7.66 -4.18
CA PRO K 195 -7.95 -6.60 -5.17
C PRO K 195 -9.14 -6.37 -6.06
N GLU K 196 -9.65 -5.15 -5.99
CA GLU K 196 -10.80 -4.66 -6.72
C GLU K 196 -10.69 -4.98 -8.21
N TYR K 197 -9.44 -5.08 -8.69
CA TYR K 197 -9.23 -5.37 -10.12
C TYR K 197 -9.60 -6.82 -10.45
N LEU K 198 -9.48 -7.70 -9.48
CA LEU K 198 -9.89 -9.06 -9.61
C LEU K 198 -11.27 -9.03 -10.18
N TYR K 199 -12.10 -8.24 -9.53
CA TYR K 199 -13.51 -8.03 -9.85
C TYR K 199 -13.83 -6.99 -10.93
N ASP K 200 -12.84 -6.17 -11.29
CA ASP K 200 -13.04 -5.18 -12.32
C ASP K 200 -12.93 -5.93 -13.62
N ILE K 201 -14.08 -6.09 -14.29
CA ILE K 201 -14.12 -6.75 -15.60
C ILE K 201 -12.97 -6.66 -16.67
N GLU K 202 -12.58 -5.43 -16.96
CA GLU K 202 -11.65 -5.13 -17.98
C GLU K 202 -10.25 -5.51 -17.58
N SER K 203 -10.07 -5.89 -16.33
CA SER K 203 -8.82 -6.36 -15.74
C SER K 203 -8.16 -7.31 -16.70
N GLY K 204 -8.84 -8.44 -16.91
CA GLY K 204 -8.25 -9.43 -17.78
C GLY K 204 -8.00 -10.47 -16.72
N VAL K 205 -8.68 -10.27 -15.61
CA VAL K 205 -8.60 -11.21 -14.50
C VAL K 205 -9.95 -11.62 -13.98
N ASN K 206 -10.17 -12.90 -14.13
CA ASN K 206 -11.44 -13.47 -13.73
C ASN K 206 -11.35 -15.00 -13.71
N LEU K 207 -12.51 -15.62 -13.62
CA LEU K 207 -12.72 -17.06 -13.42
C LEU K 207 -12.06 -18.03 -14.38
N ILE K 208 -12.40 -17.80 -15.61
CA ILE K 208 -11.92 -18.40 -16.84
C ILE K 208 -10.40 -18.23 -16.93
N SER K 209 -10.08 -17.05 -17.49
CA SER K 209 -8.72 -16.61 -17.70
C SER K 209 -7.78 -17.36 -16.72
N ASN K 210 -7.96 -17.10 -15.44
CA ASN K 210 -7.01 -17.69 -14.52
C ASN K 210 -7.42 -19.00 -13.95
N SER K 211 -8.41 -19.00 -13.08
CA SER K 211 -8.71 -20.22 -12.40
C SER K 211 -8.99 -21.41 -13.28
N PHE K 212 -9.86 -21.22 -14.27
CA PHE K 212 -10.17 -22.20 -15.29
C PHE K 212 -8.99 -22.45 -16.16
N GLY K 213 -8.54 -21.41 -16.79
CA GLY K 213 -7.42 -21.50 -17.69
C GLY K 213 -6.51 -22.53 -17.02
N HIS K 214 -6.07 -22.19 -15.82
CA HIS K 214 -5.17 -23.05 -15.03
C HIS K 214 -5.56 -24.50 -15.07
N THR K 215 -6.80 -24.68 -14.71
CA THR K 215 -7.44 -26.00 -14.63
C THR K 215 -7.42 -26.75 -15.95
N ILE K 216 -8.30 -26.27 -16.82
CA ILE K 216 -8.39 -26.85 -18.12
C ILE K 216 -7.01 -27.27 -18.60
N ASP K 217 -6.09 -26.33 -18.66
CA ASP K 217 -4.79 -26.65 -19.18
C ASP K 217 -4.12 -27.90 -18.64
N VAL K 218 -4.25 -28.04 -17.36
CA VAL K 218 -3.67 -29.16 -16.71
C VAL K 218 -4.31 -30.44 -17.32
N LEU K 219 -5.60 -30.34 -17.67
CA LEU K 219 -6.33 -31.48 -18.21
C LEU K 219 -5.93 -31.79 -19.63
N GLN K 220 -5.74 -30.72 -20.38
CA GLN K 220 -5.27 -30.88 -21.75
C GLN K 220 -3.91 -31.47 -21.34
N TYR K 221 -3.18 -30.81 -20.45
CA TYR K 221 -1.91 -31.42 -20.08
C TYR K 221 -1.95 -32.90 -19.63
N ILE K 222 -2.90 -33.25 -18.78
CA ILE K 222 -3.00 -34.60 -18.23
C ILE K 222 -3.28 -35.64 -19.28
N THR K 223 -4.38 -35.38 -19.99
CA THR K 223 -4.83 -36.21 -21.10
C THR K 223 -3.67 -36.23 -22.07
N GLY K 224 -3.24 -35.02 -22.37
CA GLY K 224 -2.13 -34.86 -23.26
C GLY K 224 -2.74 -34.84 -24.63
N SER K 225 -3.81 -34.09 -24.77
CA SER K 225 -4.43 -33.93 -26.07
C SER K 225 -4.79 -32.43 -26.01
N TYR K 226 -5.17 -31.86 -27.14
CA TYR K 226 -5.59 -30.46 -27.21
C TYR K 226 -7.02 -30.42 -27.57
N PHE K 227 -7.63 -29.26 -27.52
CA PHE K 227 -9.03 -29.27 -27.95
C PHE K 227 -9.19 -29.13 -29.44
N GLN K 228 -10.34 -29.62 -29.87
CA GLN K 228 -10.63 -29.59 -31.28
C GLN K 228 -11.68 -28.51 -31.48
N LYS K 229 -12.89 -28.77 -31.01
CA LYS K 229 -13.93 -27.78 -31.01
C LYS K 229 -14.48 -27.62 -29.55
N ILE K 230 -15.11 -26.51 -29.26
CA ILE K 230 -15.60 -26.32 -27.90
C ILE K 230 -16.72 -25.29 -27.79
N ASN K 231 -17.45 -25.31 -26.70
CA ASN K 231 -18.51 -24.35 -26.50
C ASN K 231 -18.49 -23.72 -25.11
N ALA K 232 -18.96 -22.49 -25.04
CA ALA K 232 -18.93 -21.85 -23.73
C ALA K 232 -20.06 -20.83 -23.56
N MET K 233 -20.42 -20.71 -22.29
CA MET K 233 -21.47 -19.79 -21.93
C MET K 233 -21.20 -19.13 -20.58
N ILE K 234 -21.05 -17.81 -20.56
CA ILE K 234 -20.80 -17.12 -19.31
C ILE K 234 -21.90 -16.36 -18.52
N SER K 235 -22.04 -16.72 -17.24
CA SER K 235 -23.07 -16.10 -16.39
C SER K 235 -22.69 -14.97 -15.39
N ASN K 236 -23.65 -14.11 -15.14
CA ASN K 236 -23.49 -12.96 -14.27
C ASN K 236 -24.71 -12.76 -13.46
N ASN K 237 -24.94 -13.64 -12.51
CA ASN K 237 -26.10 -13.68 -11.61
C ASN K 237 -25.84 -13.24 -10.16
N ILE K 238 -24.60 -12.89 -9.88
CA ILE K 238 -24.12 -12.33 -8.62
C ILE K 238 -23.54 -11.03 -9.14
N PRO K 239 -24.35 -9.99 -8.98
CA PRO K 239 -24.05 -8.68 -9.50
C PRO K 239 -23.67 -7.73 -8.38
N THR K 240 -23.75 -8.23 -7.14
CA THR K 240 -23.34 -7.50 -5.95
C THR K 240 -23.03 -8.55 -4.92
N GLN K 241 -21.98 -8.30 -4.16
CA GLN K 241 -21.57 -9.27 -3.18
C GLN K 241 -21.29 -8.73 -1.83
N PHE K 242 -21.21 -9.67 -0.91
CA PHE K 242 -20.96 -9.42 0.50
C PHE K 242 -19.53 -9.25 0.93
N LEU K 243 -19.25 -8.20 1.67
CA LEU K 243 -17.88 -8.05 2.14
C LEU K 243 -17.60 -8.83 3.43
N LEU K 244 -16.42 -9.40 3.50
CA LEU K 244 -16.13 -10.13 4.70
C LEU K 244 -15.05 -9.50 5.61
N ASP K 245 -15.36 -9.59 6.88
CA ASP K 245 -14.44 -9.04 7.84
C ASP K 245 -13.31 -10.01 7.95
N GLU K 246 -12.11 -9.45 7.90
CA GLU K 246 -10.88 -10.18 8.02
C GLU K 246 -11.03 -11.64 8.42
N ASN K 247 -11.80 -11.88 9.49
CA ASN K 247 -12.05 -13.22 9.98
C ASN K 247 -12.88 -14.10 9.02
N GLY K 248 -13.65 -13.49 8.12
CA GLY K 248 -14.49 -14.26 7.23
C GLY K 248 -15.89 -14.00 7.71
N LYS K 249 -16.03 -13.34 8.85
CA LYS K 249 -17.43 -13.07 9.19
C LYS K 249 -17.78 -12.14 8.06
N ARG K 250 -19.04 -12.27 7.60
CA ARG K 250 -19.57 -11.41 6.57
C ARG K 250 -19.99 -10.09 7.20
N THR K 251 -20.36 -9.15 6.36
CA THR K 251 -20.84 -7.90 6.93
C THR K 251 -21.70 -7.18 5.96
N LYS K 252 -22.72 -6.62 6.58
CA LYS K 252 -23.77 -5.82 6.01
C LYS K 252 -23.38 -4.94 4.84
N GLU K 253 -22.07 -4.84 4.61
CA GLU K 253 -21.58 -4.07 3.48
C GLU K 253 -21.61 -4.79 2.11
N THR K 254 -21.65 -4.05 1.02
CA THR K 254 -21.76 -4.70 -0.27
C THR K 254 -21.34 -3.94 -1.53
N ILE K 255 -20.74 -4.73 -2.42
CA ILE K 255 -20.13 -4.21 -3.64
C ILE K 255 -20.36 -4.98 -4.93
N SER K 256 -20.48 -4.20 -6.02
CA SER K 256 -20.81 -4.73 -7.32
C SER K 256 -19.74 -5.48 -8.03
N LYS K 257 -20.12 -6.51 -8.79
CA LYS K 257 -19.09 -7.21 -9.54
C LYS K 257 -19.39 -7.29 -11.05
N THR K 258 -18.33 -7.16 -11.84
CA THR K 258 -18.41 -7.23 -13.30
C THR K 258 -17.85 -8.58 -13.81
N CYS K 259 -16.77 -9.08 -13.18
CA CYS K 259 -16.24 -10.33 -13.69
C CYS K 259 -17.47 -11.22 -13.40
N PRO K 260 -17.61 -12.32 -14.14
CA PRO K 260 -18.74 -13.25 -13.99
C PRO K 260 -18.67 -14.32 -12.88
N ASP K 261 -19.87 -14.77 -12.54
CA ASP K 261 -20.11 -15.71 -11.43
C ASP K 261 -20.14 -17.20 -11.66
N HIS K 262 -20.19 -17.60 -12.93
CA HIS K 262 -20.20 -19.01 -13.35
C HIS K 262 -19.95 -19.13 -14.85
N LEU K 263 -19.26 -20.17 -15.26
CA LEU K 263 -19.05 -20.38 -16.68
C LEU K 263 -19.21 -21.85 -16.99
N LEU K 264 -19.95 -22.14 -18.06
CA LEU K 264 -20.18 -23.50 -18.53
C LEU K 264 -19.39 -23.69 -19.82
N PHE K 265 -18.83 -24.87 -19.96
CA PHE K 265 -17.97 -25.15 -21.10
C PHE K 265 -17.94 -26.65 -21.43
N GLN K 266 -17.97 -26.97 -22.72
CA GLN K 266 -17.93 -28.36 -23.15
C GLN K 266 -17.17 -28.29 -24.43
N GLY K 267 -16.44 -29.36 -24.76
CA GLY K 267 -15.63 -29.30 -25.98
C GLY K 267 -15.21 -30.72 -26.32
N ILE K 268 -14.82 -30.92 -27.56
CA ILE K 268 -14.41 -32.27 -27.86
C ILE K 268 -12.91 -32.24 -28.00
N LEU K 269 -12.26 -33.10 -27.24
CA LEU K 269 -10.82 -33.21 -27.28
C LEU K 269 -10.33 -33.79 -28.55
N GLU K 270 -9.26 -33.23 -29.02
CA GLU K 270 -8.68 -33.60 -30.30
C GLU K 270 -8.52 -35.12 -30.33
N ASN K 271 -7.70 -35.57 -29.39
CA ASN K 271 -7.41 -37.00 -29.27
C ASN K 271 -8.53 -37.95 -28.82
N GLY K 272 -9.21 -38.57 -29.74
CA GLY K 272 -10.24 -39.53 -29.37
C GLY K 272 -11.66 -38.99 -29.59
N LYS K 273 -11.74 -37.66 -29.66
CA LYS K 273 -12.99 -36.94 -29.85
C LYS K 273 -13.60 -37.11 -28.48
N VAL K 274 -12.72 -37.46 -27.54
CA VAL K 274 -13.11 -37.69 -26.17
C VAL K 274 -13.87 -36.41 -25.86
N PRO K 275 -15.02 -36.52 -25.21
CA PRO K 275 -15.82 -35.36 -24.91
C PRO K 275 -15.67 -34.89 -23.46
N VAL K 276 -15.65 -33.55 -23.37
CA VAL K 276 -15.56 -32.88 -22.08
C VAL K 276 -16.62 -31.94 -21.49
N SER K 277 -17.14 -32.35 -20.33
CA SER K 277 -18.09 -31.66 -19.47
C SER K 277 -17.34 -30.93 -18.32
N CYS K 278 -17.62 -29.67 -18.17
CA CYS K 278 -17.00 -28.87 -17.12
C CYS K 278 -17.92 -27.74 -16.60
N SER K 279 -18.10 -27.64 -15.30
CA SER K 279 -18.91 -26.59 -14.73
C SER K 279 -18.25 -25.94 -13.58
N PHE K 280 -17.88 -24.70 -13.80
CA PHE K 280 -17.10 -23.87 -12.92
C PHE K 280 -17.81 -22.83 -12.07
N LYS K 281 -17.86 -23.07 -10.78
CA LYS K 281 -18.58 -22.18 -9.91
C LYS K 281 -17.61 -21.06 -9.62
N GLY K 282 -18.16 -19.86 -9.35
CA GLY K 282 -17.35 -18.68 -9.07
C GLY K 282 -16.78 -18.54 -7.64
N GLY K 283 -17.51 -19.01 -6.66
CA GLY K 283 -17.09 -18.90 -5.29
C GLY K 283 -18.02 -19.51 -4.24
N THR K 284 -18.38 -18.63 -3.32
CA THR K 284 -19.23 -19.03 -2.24
C THR K 284 -20.69 -18.61 -2.44
N PRO K 285 -21.56 -19.33 -1.76
CA PRO K 285 -21.24 -20.45 -0.87
C PRO K 285 -20.75 -21.60 -1.68
N VAL K 286 -19.94 -22.43 -1.02
CA VAL K 286 -19.32 -23.61 -1.57
C VAL K 286 -20.27 -24.82 -1.60
N LYS K 287 -20.04 -25.69 -2.57
CA LYS K 287 -20.75 -26.90 -2.72
C LYS K 287 -20.42 -27.73 -1.57
N LYS K 288 -21.45 -28.21 -0.96
CA LYS K 288 -21.39 -28.90 0.32
C LYS K 288 -21.73 -30.35 0.24
N LEU K 289 -22.26 -30.77 -0.90
CA LEU K 289 -22.49 -32.18 -1.08
C LEU K 289 -21.43 -32.85 -2.02
N THR K 290 -20.51 -32.00 -2.49
CA THR K 290 -19.46 -32.39 -3.46
C THR K 290 -18.08 -31.76 -3.26
N LYS K 291 -17.07 -32.37 -3.87
CA LYS K 291 -15.74 -31.78 -3.73
C LYS K 291 -15.85 -30.56 -4.65
N ASN K 292 -15.38 -29.43 -4.19
CA ASN K 292 -15.43 -28.28 -5.08
C ASN K 292 -14.38 -28.41 -6.20
N LEU K 293 -13.51 -29.39 -6.10
CA LEU K 293 -12.60 -29.52 -7.23
C LEU K 293 -12.50 -31.00 -7.58
N VAL K 294 -12.94 -31.28 -8.82
CA VAL K 294 -12.96 -32.66 -9.27
C VAL K 294 -12.74 -32.92 -10.76
N ILE K 295 -11.85 -33.84 -11.06
CA ILE K 295 -11.68 -34.28 -12.45
C ILE K 295 -12.14 -35.74 -12.54
N ASP K 296 -13.13 -35.99 -13.38
CA ASP K 296 -13.62 -37.33 -13.49
C ASP K 296 -13.33 -37.81 -14.92
N ILE K 297 -12.35 -38.66 -15.00
CA ILE K 297 -12.00 -39.25 -16.28
C ILE K 297 -12.60 -40.66 -16.33
N HIS K 298 -13.21 -41.02 -17.43
CA HIS K 298 -13.73 -42.36 -17.59
C HIS K 298 -12.86 -43.05 -18.59
N GLY K 299 -12.14 -44.08 -18.18
CA GLY K 299 -11.24 -44.76 -19.10
C GLY K 299 -11.93 -46.04 -19.54
N THR K 300 -11.27 -46.80 -20.37
CA THR K 300 -11.94 -47.99 -20.80
C THR K 300 -11.74 -49.10 -19.78
N LYS K 301 -10.51 -49.28 -19.33
CA LYS K 301 -10.24 -50.37 -18.40
C LYS K 301 -10.24 -49.81 -16.99
N GLY K 302 -10.81 -48.61 -16.86
CA GLY K 302 -10.72 -48.08 -15.50
C GLY K 302 -11.19 -46.66 -15.27
N ASP K 303 -10.92 -46.10 -14.05
CA ASP K 303 -11.39 -44.75 -13.66
C ASP K 303 -10.33 -44.02 -12.81
N LEU K 304 -10.26 -42.69 -12.97
CA LEU K 304 -9.31 -41.82 -12.25
C LEU K 304 -10.03 -40.61 -11.71
N LYS K 305 -10.03 -40.38 -10.40
CA LYS K 305 -10.69 -39.19 -9.86
C LYS K 305 -9.81 -38.35 -8.95
N ILE K 306 -9.70 -37.06 -9.30
CA ILE K 306 -8.89 -36.13 -8.51
C ILE K 306 -9.89 -35.23 -7.80
N GLU K 307 -9.66 -34.90 -6.55
CA GLU K 307 -10.56 -34.06 -5.78
C GLU K 307 -9.93 -33.11 -4.78
N GLY K 308 -10.27 -31.82 -4.83
CA GLY K 308 -9.71 -30.95 -3.80
C GLY K 308 -10.97 -30.29 -3.21
N ASP K 309 -10.79 -29.41 -2.23
CA ASP K 309 -11.93 -28.70 -1.67
C ASP K 309 -11.62 -27.27 -2.06
N ALA K 310 -10.41 -27.04 -2.54
CA ALA K 310 -10.14 -25.71 -3.02
C ALA K 310 -9.70 -25.97 -4.45
N GLY K 311 -10.43 -25.27 -5.33
CA GLY K 311 -10.27 -25.36 -6.77
C GLY K 311 -8.97 -24.78 -7.25
N PHE K 312 -8.03 -24.59 -6.36
CA PHE K 312 -6.79 -24.07 -6.85
C PHE K 312 -5.84 -25.24 -6.81
N VAL K 313 -5.99 -26.02 -7.87
CA VAL K 313 -5.16 -27.19 -8.11
C VAL K 313 -3.66 -26.78 -8.05
N GLU K 314 -3.42 -25.74 -8.85
CA GLU K 314 -2.16 -25.03 -9.06
C GLU K 314 -1.43 -24.86 -7.80
N ILE K 315 -2.23 -24.64 -6.79
CA ILE K 315 -1.75 -24.42 -5.43
C ILE K 315 -2.13 -25.55 -4.51
N SER K 316 -3.19 -26.23 -4.83
CA SER K 316 -3.66 -27.31 -3.98
C SER K 316 -3.12 -28.74 -3.94
N ASN K 317 -3.09 -29.22 -2.71
CA ASN K 317 -2.72 -30.57 -2.34
C ASN K 317 -4.03 -31.31 -2.53
N LEU K 318 -4.08 -32.25 -3.43
CA LEU K 318 -5.37 -32.89 -3.63
C LEU K 318 -5.11 -34.32 -3.22
N VAL K 319 -5.98 -35.15 -3.75
CA VAL K 319 -5.96 -36.61 -3.55
C VAL K 319 -6.33 -37.31 -4.87
N LEU K 320 -5.64 -38.37 -5.19
CA LEU K 320 -6.03 -39.12 -6.36
C LEU K 320 -6.54 -40.49 -6.04
N TYR K 321 -7.63 -40.86 -6.64
CA TYR K 321 -8.18 -42.18 -6.54
C TYR K 321 -8.19 -42.70 -7.95
N PHE K 322 -7.54 -43.82 -8.16
CA PHE K 322 -7.71 -44.33 -9.48
C PHE K 322 -8.14 -45.78 -9.29
N TYR K 323 -8.63 -46.36 -10.36
CA TYR K 323 -8.99 -47.76 -10.33
C TYR K 323 -8.94 -48.37 -11.72
N GLY K 324 -8.15 -49.44 -11.81
CA GLY K 324 -8.09 -50.11 -13.10
C GLY K 324 -6.96 -51.10 -13.15
N ILE K 325 -6.48 -51.33 -14.34
CA ILE K 325 -5.40 -52.27 -14.39
C ILE K 325 -4.02 -51.80 -13.91
N LYS K 326 -3.48 -52.63 -13.06
CA LYS K 326 -2.16 -52.48 -12.45
C LYS K 326 -1.21 -51.97 -13.53
N ASN K 327 -1.16 -52.73 -14.62
CA ASN K 327 -0.23 -52.46 -15.69
C ASN K 327 -0.71 -51.62 -16.89
N GLY K 328 -1.30 -52.25 -17.89
CA GLY K 328 -1.76 -51.53 -19.09
C GLY K 328 -0.65 -51.18 -20.10
N GLU K 362 -7.07 -57.66 -17.31
CA GLU K 362 -8.39 -57.99 -16.76
C GLU K 362 -8.52 -57.85 -15.22
N GLU K 363 -7.40 -57.95 -14.50
CA GLU K 363 -7.39 -57.78 -13.04
C GLU K 363 -7.15 -56.31 -12.70
N GLN K 364 -8.27 -55.66 -12.44
CA GLN K 364 -8.29 -54.25 -12.09
C GLN K 364 -7.90 -54.08 -10.62
N THR K 365 -7.41 -52.86 -10.41
CA THR K 365 -6.90 -52.49 -9.10
C THR K 365 -7.08 -51.05 -8.61
N MET K 366 -7.44 -50.91 -7.34
CA MET K 366 -7.62 -49.60 -6.71
C MET K 366 -6.39 -48.84 -6.14
N GLU K 367 -6.25 -47.59 -6.57
CA GLU K 367 -5.13 -46.87 -6.00
C GLU K 367 -5.57 -45.55 -5.34
N VAL K 368 -4.95 -45.18 -4.22
CA VAL K 368 -5.24 -43.92 -3.53
C VAL K 368 -3.95 -43.11 -3.34
N PHE K 369 -3.84 -42.07 -4.14
CA PHE K 369 -2.66 -41.26 -4.17
C PHE K 369 -2.93 -39.97 -3.57
N HIS K 370 -2.53 -39.82 -2.35
CA HIS K 370 -2.64 -38.56 -1.64
C HIS K 370 -1.28 -38.50 -0.96
N LEU K 371 -0.77 -37.27 -0.81
CA LEU K 371 0.54 -37.01 -0.24
C LEU K 371 0.37 -36.08 0.95
N ARG K 372 0.03 -36.63 2.07
CA ARG K 372 -0.18 -35.89 3.29
C ARG K 372 0.86 -34.76 3.48
N ASN K 373 0.33 -33.60 3.87
CA ASN K 373 1.15 -32.45 4.15
C ASN K 373 2.28 -32.25 3.14
N TYR K 374 1.95 -32.14 1.87
CA TYR K 374 2.88 -31.73 0.84
C TYR K 374 2.62 -30.24 0.79
N ASN K 375 3.62 -29.45 0.52
CA ASN K 375 3.31 -28.00 0.46
C ASN K 375 3.26 -27.58 -0.97
N SER K 376 2.10 -27.77 -1.59
CA SER K 376 1.86 -27.55 -2.99
C SER K 376 2.00 -26.09 -3.26
N VAL K 377 1.53 -25.34 -2.28
CA VAL K 377 1.54 -23.92 -2.42
C VAL K 377 2.92 -23.43 -2.82
N VAL K 378 3.95 -23.97 -2.19
CA VAL K 378 5.33 -23.61 -2.46
C VAL K 378 6.01 -24.78 -3.21
N GLY K 379 5.64 -26.01 -2.88
CA GLY K 379 6.25 -27.16 -3.51
C GLY K 379 6.20 -27.00 -5.02
N ASN K 380 4.99 -26.78 -5.53
CA ASN K 380 4.90 -26.63 -6.98
C ASN K 380 5.69 -25.58 -7.75
N ILE K 381 6.05 -24.46 -7.15
CA ILE K 381 6.82 -23.58 -7.99
C ILE K 381 8.18 -24.29 -7.94
N LEU K 382 8.64 -24.63 -6.75
CA LEU K 382 9.89 -25.35 -6.60
C LEU K 382 10.13 -26.33 -7.72
N ARG K 383 9.13 -27.18 -7.96
CA ARG K 383 9.27 -28.18 -9.01
C ARG K 383 9.53 -27.54 -10.37
N ILE K 384 8.95 -26.40 -10.62
CA ILE K 384 9.30 -25.80 -11.88
C ILE K 384 10.79 -25.42 -11.82
N TYR K 385 11.14 -24.58 -10.82
CA TYR K 385 12.50 -24.16 -10.72
C TYR K 385 13.41 -25.32 -11.07
N GLU K 386 13.13 -26.46 -10.52
CA GLU K 386 13.95 -27.60 -10.83
C GLU K 386 13.93 -28.00 -12.29
N SER K 387 12.80 -28.03 -12.93
CA SER K 387 12.78 -28.27 -14.37
C SER K 387 13.63 -27.34 -15.17
N ILE K 388 13.85 -26.17 -14.56
CA ILE K 388 14.68 -25.15 -15.12
C ILE K 388 16.17 -25.42 -14.93
N ALA K 389 16.57 -25.61 -13.69
CA ALA K 389 17.94 -25.98 -13.40
C ALA K 389 18.35 -27.19 -14.22
N ASP K 390 17.50 -28.21 -14.23
CA ASP K 390 17.73 -29.47 -14.94
C ASP K 390 18.38 -29.19 -16.29
N TYR K 391 17.52 -28.66 -17.14
CA TYR K 391 17.91 -28.18 -18.46
C TYR K 391 18.99 -27.13 -18.42
N HIS K 392 19.17 -26.50 -17.29
CA HIS K 392 20.25 -25.55 -17.28
C HIS K 392 21.50 -26.26 -16.99
N PHE K 393 21.60 -26.65 -15.75
CA PHE K 393 22.81 -27.34 -15.29
C PHE K 393 22.90 -28.75 -15.83
N LEU K 394 22.27 -28.98 -16.98
CA LEU K 394 22.31 -30.29 -17.63
C LEU K 394 22.14 -30.11 -19.11
N LYS K 413 17.05 -23.52 -28.33
CA LYS K 413 16.25 -23.43 -27.10
C LYS K 413 14.94 -24.17 -27.34
N PHE K 414 14.26 -24.50 -26.24
CA PHE K 414 12.97 -25.19 -26.18
C PHE K 414 11.79 -24.37 -26.68
N ASP K 415 10.79 -25.10 -27.21
CA ASP K 415 9.62 -24.42 -27.79
C ASP K 415 8.40 -24.24 -26.89
N LYS K 416 7.95 -25.36 -26.30
CA LYS K 416 6.79 -25.38 -25.45
C LYS K 416 6.95 -26.72 -24.74
N GLN K 417 6.47 -26.84 -23.52
CA GLN K 417 6.64 -28.20 -23.01
C GLN K 417 5.54 -29.06 -23.69
N GLY K 418 4.43 -28.42 -24.04
CA GLY K 418 3.34 -29.18 -24.63
C GLY K 418 2.81 -30.38 -23.75
N PHE K 419 3.04 -31.51 -24.35
CA PHE K 419 2.58 -32.65 -23.64
C PHE K 419 3.67 -33.39 -22.92
N ARG K 420 4.90 -32.99 -23.22
CA ARG K 420 6.09 -33.58 -22.60
C ARG K 420 6.12 -33.60 -21.06
N PHE K 421 6.72 -34.63 -20.47
CA PHE K 421 6.82 -34.75 -19.01
C PHE K 421 7.89 -33.89 -18.39
N GLU K 422 9.07 -33.90 -18.96
CA GLU K 422 10.10 -33.07 -18.39
C GLU K 422 10.07 -31.67 -18.98
N GLY K 423 11.01 -30.84 -18.62
CA GLY K 423 10.83 -29.51 -19.16
C GLY K 423 9.89 -28.72 -18.29
N PHE K 424 9.42 -27.63 -18.88
CA PHE K 424 8.50 -26.77 -18.18
C PHE K 424 7.86 -26.01 -19.32
N PRO K 425 6.66 -25.55 -19.06
CA PRO K 425 5.92 -24.88 -20.10
C PRO K 425 6.40 -23.45 -20.44
N THR K 426 6.21 -23.08 -21.72
CA THR K 426 6.61 -21.78 -22.24
C THR K 426 5.55 -20.79 -22.70
N PHE K 427 6.01 -19.64 -23.21
CA PHE K 427 5.06 -18.59 -23.60
C PHE K 427 4.33 -19.25 -24.72
N LYS K 428 5.02 -20.16 -25.37
CA LYS K 428 4.24 -20.80 -26.37
C LYS K 428 3.07 -21.45 -25.60
N ASP K 429 3.38 -22.12 -24.51
CA ASP K 429 2.23 -22.71 -23.81
C ASP K 429 1.29 -21.60 -23.38
N ALA K 430 1.83 -20.57 -22.72
CA ALA K 430 1.02 -19.51 -22.18
C ALA K 430 0.06 -19.00 -23.22
N ILE K 431 0.56 -19.06 -24.45
CA ILE K 431 -0.18 -18.54 -25.59
C ILE K 431 -1.36 -19.39 -26.02
N ILE K 432 -1.05 -20.66 -26.21
CA ILE K 432 -2.06 -21.59 -26.67
C ILE K 432 -3.26 -21.43 -25.70
N LEU K 433 -3.00 -21.60 -24.42
CA LEU K 433 -4.05 -21.51 -23.42
C LEU K 433 -4.71 -20.25 -23.89
N HIS K 434 -4.03 -19.13 -23.62
CA HIS K 434 -4.53 -17.77 -23.91
C HIS K 434 -5.39 -17.74 -25.15
N ARG K 435 -4.86 -18.20 -26.26
CA ARG K 435 -5.61 -18.28 -27.46
C ARG K 435 -6.96 -18.96 -27.22
N LEU K 436 -6.80 -20.19 -26.77
CA LEU K 436 -7.93 -21.02 -26.44
C LEU K 436 -8.90 -20.30 -25.50
N ILE K 437 -8.38 -19.45 -24.64
CA ILE K 437 -9.33 -18.83 -23.75
C ILE K 437 -10.16 -17.76 -24.44
N ASP K 438 -9.57 -17.01 -25.38
CA ASP K 438 -10.39 -16.06 -26.11
C ASP K 438 -11.53 -16.88 -26.72
N ALA K 439 -11.19 -18.05 -27.24
CA ALA K 439 -12.21 -18.90 -27.87
C ALA K 439 -13.44 -18.91 -27.01
N VAL K 440 -13.25 -19.50 -25.85
CA VAL K 440 -14.32 -19.60 -24.86
C VAL K 440 -15.08 -18.28 -24.80
N PHE K 441 -14.31 -17.19 -24.78
CA PHE K 441 -14.97 -15.89 -24.70
C PHE K 441 -15.76 -15.63 -25.95
N ARG K 442 -15.08 -15.74 -27.07
CA ARG K 442 -15.73 -15.48 -28.33
C ARG K 442 -16.97 -16.35 -28.43
N SER K 443 -16.78 -17.62 -28.10
CA SER K 443 -17.82 -18.64 -28.13
C SER K 443 -19.07 -18.24 -27.35
N ASP K 444 -18.98 -17.98 -26.03
CA ASP K 444 -20.21 -17.56 -25.33
C ASP K 444 -20.85 -16.40 -26.15
N LYS K 445 -20.07 -15.35 -26.38
CA LYS K 445 -20.57 -14.17 -27.13
C LYS K 445 -21.29 -14.53 -28.39
N GLU K 446 -20.52 -15.11 -29.30
CA GLU K 446 -21.07 -15.53 -30.56
C GLU K 446 -22.19 -16.57 -30.46
N GLU K 447 -22.32 -17.20 -29.28
CA GLU K 447 -23.36 -18.22 -29.07
C GLU K 447 -23.22 -19.23 -30.19
N LYS K 448 -22.01 -19.82 -30.26
CA LYS K 448 -21.56 -20.81 -31.25
C LYS K 448 -20.52 -21.81 -30.71
N THR K 449 -20.22 -22.79 -31.53
CA THR K 449 -19.25 -23.80 -31.12
C THR K 449 -18.22 -23.59 -32.19
N LEU K 450 -17.01 -23.25 -31.78
CA LEU K 450 -15.94 -22.96 -32.70
C LEU K 450 -14.82 -24.00 -32.62
N ASP K 451 -14.05 -24.17 -33.69
CA ASP K 451 -12.96 -25.14 -33.74
C ASP K 451 -11.65 -24.57 -33.24
N VAL K 452 -11.08 -25.18 -32.20
CA VAL K 452 -9.85 -24.70 -31.58
C VAL K 452 -8.67 -25.62 -31.95
N SER K 453 -8.63 -25.96 -33.25
CA SER K 453 -7.59 -26.86 -33.71
C SER K 453 -6.56 -26.15 -34.55
N LYS K 454 -6.40 -24.85 -34.33
CA LYS K 454 -5.38 -24.13 -35.07
C LYS K 454 -4.52 -23.52 -33.95
N ILE K 455 -5.19 -23.22 -32.88
CA ILE K 455 -4.60 -22.74 -31.68
C ILE K 455 -3.11 -23.17 -31.57
N MET K 456 -2.88 -24.49 -31.60
CA MET K 456 -1.57 -25.16 -31.43
C MET K 456 -0.46 -24.73 -32.40
N ILE K 457 -0.84 -23.83 -33.31
CA ILE K 457 0.06 -23.29 -34.31
C ILE K 457 0.68 -21.90 -34.03
N LEU L 4 -7.05 -40.46 6.74
CA LEU L 4 -7.10 -39.00 6.91
C LEU L 4 -6.35 -38.22 5.83
N PHE L 5 -6.98 -37.23 5.24
CA PHE L 5 -6.36 -36.50 4.18
C PHE L 5 -6.32 -35.07 4.54
N ASN L 6 -5.16 -34.47 4.60
CA ASN L 6 -5.00 -33.04 4.81
C ASN L 6 -5.06 -32.44 3.40
N THR L 7 -6.26 -32.03 3.02
CA THR L 7 -6.36 -31.43 1.72
C THR L 7 -6.16 -29.94 1.84
N THR L 8 -6.41 -29.28 0.74
CA THR L 8 -6.28 -27.87 0.80
C THR L 8 -7.68 -27.28 0.87
N THR L 9 -7.82 -26.49 1.92
CA THR L 9 -9.10 -25.84 2.11
C THR L 9 -8.90 -24.45 1.53
N MET L 10 -10.02 -23.86 1.16
CA MET L 10 -10.04 -22.54 0.53
C MET L 10 -9.73 -21.59 1.68
N ASP L 11 -10.38 -21.86 2.82
CA ASP L 11 -10.12 -21.00 3.97
C ASP L 11 -8.61 -20.76 4.04
N ASP L 12 -7.80 -21.82 4.09
CA ASP L 12 -6.33 -21.71 4.09
C ASP L 12 -5.93 -20.73 2.96
N VAL L 13 -6.23 -21.22 1.76
CA VAL L 13 -5.94 -20.54 0.50
C VAL L 13 -5.93 -19.07 0.77
N TYR L 14 -7.08 -18.60 1.24
CA TYR L 14 -7.31 -17.20 1.57
C TYR L 14 -6.25 -16.56 2.49
N ASN L 15 -5.67 -17.35 3.40
CA ASN L 15 -4.69 -16.76 4.29
C ASN L 15 -3.36 -16.50 3.55
N TYR L 16 -2.89 -17.48 2.79
CA TYR L 16 -1.63 -17.40 2.07
C TYR L 16 -1.71 -16.41 0.91
N ILE L 17 -2.92 -16.25 0.43
CA ILE L 17 -3.18 -15.32 -0.67
C ILE L 17 -3.83 -14.03 -0.16
N SER M 14 71.07 38.44 26.32
CA SER M 14 70.26 37.35 25.72
C SER M 14 69.18 36.83 26.60
N SER M 15 69.56 35.81 27.37
CA SER M 15 68.70 35.11 28.30
C SER M 15 68.57 36.17 29.39
N ARG M 16 67.94 37.26 29.02
CA ARG M 16 67.71 38.30 29.97
C ARG M 16 66.59 39.10 29.37
N PRO M 17 65.72 39.40 30.32
CA PRO M 17 64.51 40.15 30.05
C PRO M 17 64.24 40.97 28.78
N ILE M 18 62.98 40.81 28.35
CA ILE M 18 62.44 41.49 27.16
C ILE M 18 62.02 42.71 27.92
N ARG M 19 62.34 43.86 27.34
CA ARG M 19 61.98 45.06 28.05
C ARG M 19 60.86 45.73 27.28
N VAL M 20 59.77 45.91 28.02
CA VAL M 20 58.59 46.48 27.47
C VAL M 20 58.49 47.99 27.61
N GLY M 21 58.06 48.65 26.57
CA GLY M 21 57.89 50.06 26.73
C GLY M 21 56.38 50.08 26.84
N PHE M 22 55.87 51.02 27.62
CA PHE M 22 54.42 51.03 27.72
C PHE M 22 53.68 52.33 27.41
N VAL M 23 52.73 52.14 26.51
CA VAL M 23 51.91 53.26 26.07
C VAL M 23 50.55 52.94 26.59
N GLY M 24 50.02 53.85 27.39
CA GLY M 24 48.71 53.61 27.94
C GLY M 24 48.88 53.10 29.37
N LEU M 25 49.96 53.52 30.04
CA LEU M 25 50.06 53.12 31.45
C LEU M 25 49.64 54.33 32.24
N THR M 26 48.34 54.34 32.50
CA THR M 26 47.64 55.39 33.21
C THR M 26 48.13 55.55 34.63
N SER M 27 47.89 54.56 35.47
CA SER M 27 48.38 54.63 36.81
C SER M 27 48.14 53.26 37.40
N GLY M 28 48.39 53.23 38.69
CA GLY M 28 48.33 52.03 39.46
C GLY M 28 47.00 51.38 39.43
N LYS M 29 46.01 52.06 38.84
CA LYS M 29 44.69 51.46 38.78
C LYS M 29 44.10 51.64 37.39
N SER M 30 44.91 51.36 36.39
CA SER M 30 44.51 51.47 35.01
C SER M 30 44.30 50.08 34.47
N TRP M 31 43.49 49.97 33.44
CA TRP M 31 43.20 48.70 32.80
C TRP M 31 44.41 47.76 32.77
N VAL M 32 45.39 48.22 31.98
CA VAL M 32 46.67 47.53 31.78
C VAL M 32 47.48 47.35 33.07
N ALA M 33 47.13 48.21 34.01
CA ALA M 33 47.78 48.10 35.30
C ALA M 33 47.32 46.72 35.84
N LYS M 34 46.01 46.65 36.02
CA LYS M 34 45.28 45.48 36.44
C LYS M 34 45.13 44.36 35.40
N THR M 35 46.08 44.25 34.47
CA THR M 35 46.10 43.15 33.52
C THR M 35 47.50 42.89 32.95
N HIS M 36 47.99 43.77 32.10
CA HIS M 36 49.29 43.52 31.52
C HIS M 36 50.32 43.55 32.59
N PHE M 37 50.32 44.46 33.57
CA PHE M 37 51.32 44.58 34.64
C PHE M 37 51.60 43.23 35.29
N LEU M 38 50.48 42.58 35.61
CA LEU M 38 50.47 41.25 36.20
C LEU M 38 51.02 40.19 35.28
N ALA M 39 50.54 40.30 34.05
CA ALA M 39 51.02 39.32 33.09
C ALA M 39 52.54 39.35 33.20
N ILE M 40 53.17 40.53 33.30
CA ILE M 40 54.61 40.74 33.40
C ILE M 40 55.23 40.56 34.74
N GLN M 41 54.35 40.41 35.73
CA GLN M 41 54.91 40.22 37.04
C GLN M 41 55.27 38.77 37.33
N GLN M 42 54.60 37.90 36.57
CA GLN M 42 54.75 36.48 36.72
C GLN M 42 55.85 36.12 35.76
N LEU M 43 56.09 37.00 34.79
CA LEU M 43 57.14 36.76 33.83
C LEU M 43 58.23 37.77 34.13
N SER M 44 58.39 38.10 35.41
CA SER M 44 59.39 39.09 35.74
C SER M 44 60.69 38.52 35.21
N SER M 45 60.71 37.19 35.22
CA SER M 45 61.86 36.42 34.78
C SER M 45 62.25 36.74 33.31
N GLN M 46 61.24 36.92 32.47
CA GLN M 46 61.49 37.16 31.05
C GLN M 46 61.08 38.53 30.53
N PHE M 47 60.38 39.30 31.34
CA PHE M 47 59.98 40.63 30.89
C PHE M 47 60.26 41.67 31.93
N GLN M 48 60.76 42.80 31.44
CA GLN M 48 61.04 43.91 32.34
C GLN M 48 60.41 45.07 31.67
N ILE M 49 59.76 45.89 32.49
CA ILE M 49 59.13 47.10 31.96
C ILE M 49 60.19 48.15 32.18
N VAL M 50 60.49 48.77 31.06
CA VAL M 50 61.54 49.76 30.98
C VAL M 50 61.16 51.17 30.59
N ALA M 51 59.95 51.40 30.08
CA ALA M 51 59.59 52.75 29.70
C ALA M 51 58.07 52.99 29.60
N LEU M 52 57.55 54.08 30.13
CA LEU M 52 56.13 54.30 30.06
C LEU M 52 55.83 55.49 29.28
N TYR M 53 55.06 55.44 28.25
CA TYR M 53 54.61 56.72 27.81
C TYR M 53 53.34 57.18 28.39
N ASN M 54 53.27 58.49 28.44
CA ASN M 54 52.13 59.23 28.95
C ASN M 54 52.57 60.67 28.62
N PRO M 55 51.61 61.51 28.27
CA PRO M 55 51.72 62.93 27.90
C PRO M 55 52.40 63.73 28.95
N THR M 56 51.77 63.68 30.15
CA THR M 56 52.41 64.45 31.25
C THR M 56 53.43 63.54 31.91
N LEU M 57 54.61 64.02 32.21
CA LEU M 57 55.55 63.10 32.82
C LEU M 57 55.12 62.84 34.22
N LYS M 58 54.47 63.84 34.79
CA LYS M 58 53.86 63.77 36.13
C LYS M 58 53.24 62.41 36.37
N SER M 59 52.42 62.01 35.41
CA SER M 59 51.79 60.70 35.37
C SER M 59 52.70 59.46 35.19
N SER M 60 53.78 59.53 34.44
CA SER M 60 54.57 58.31 34.34
C SER M 60 55.26 58.09 35.71
N LEU M 61 55.92 59.14 36.18
CA LEU M 61 56.66 59.02 37.44
C LEU M 61 55.82 58.53 38.60
N GLN M 62 54.54 58.79 38.60
CA GLN M 62 53.71 58.33 39.70
C GLN M 62 53.53 56.83 39.58
N THR M 63 52.89 56.50 38.48
CA THR M 63 52.70 55.15 38.07
C THR M 63 53.94 54.37 38.47
N ILE M 64 55.12 54.84 38.09
CA ILE M 64 56.32 54.13 38.49
C ILE M 64 56.30 53.96 40.00
N GLU M 65 56.38 55.08 40.70
CA GLU M 65 56.51 55.06 42.17
C GLU M 65 55.48 54.20 42.84
N GLN M 66 54.27 54.28 42.35
CA GLN M 66 53.14 53.51 42.83
C GLN M 66 53.14 52.00 42.47
N LEU M 67 53.80 51.61 41.40
CA LEU M 67 53.93 50.21 40.98
C LEU M 67 55.39 49.81 41.26
N GLN M 68 56.22 50.78 41.64
CA GLN M 68 57.61 50.44 41.92
C GLN M 68 58.25 49.81 40.67
N LEU M 69 58.10 50.47 39.52
CA LEU M 69 58.73 50.01 38.30
C LEU M 69 60.20 50.38 38.38
N LYS M 70 61.02 49.49 38.95
CA LYS M 70 62.45 49.76 39.08
C LYS M 70 63.15 50.20 37.79
N HIS M 71 62.85 49.52 36.69
CA HIS M 71 63.55 49.82 35.44
C HIS M 71 62.86 50.84 34.55
N ALA M 72 61.71 51.28 35.00
CA ALA M 72 60.96 52.29 34.27
C ALA M 72 61.60 53.68 34.29
N THR M 73 61.55 54.28 33.11
CA THR M 73 62.09 55.59 32.74
C THR M 73 60.87 56.12 31.99
N GLY M 74 60.34 57.30 32.35
CA GLY M 74 59.12 57.90 31.74
C GLY M 74 59.24 58.94 30.60
N PHE M 75 58.24 58.96 29.71
CA PHE M 75 58.25 59.80 28.52
C PHE M 75 57.24 60.87 28.32
N ASP M 76 57.60 61.85 27.52
CA ASP M 76 56.72 62.97 27.30
C ASP M 76 56.29 63.03 25.85
N SER M 77 57.20 62.56 25.02
CA SER M 77 57.00 62.50 23.58
C SER M 77 56.85 61.03 23.20
N LEU M 78 56.15 60.80 22.11
CA LEU M 78 56.02 59.44 21.66
C LEU M 78 57.35 59.26 20.94
N GLU M 79 57.61 60.21 20.06
CA GLU M 79 58.85 60.25 19.34
C GLU M 79 59.83 59.86 20.38
N SER M 80 59.92 60.71 21.37
CA SER M 80 60.85 60.55 22.49
C SER M 80 60.91 59.05 22.81
N PHE M 81 59.73 58.47 23.00
CA PHE M 81 59.48 57.04 23.31
C PHE M 81 59.97 56.15 22.23
N ALA M 82 59.30 56.19 21.11
CA ALA M 82 59.68 55.45 19.91
C ALA M 82 61.14 55.21 19.63
N GLN M 83 61.99 56.03 20.24
CA GLN M 83 63.44 55.99 20.05
C GLN M 83 64.31 55.22 21.00
N TYR M 84 63.95 55.30 22.27
CA TYR M 84 64.66 54.58 23.30
C TYR M 84 65.05 53.24 22.66
N LYS M 85 66.38 53.05 22.49
CA LYS M 85 66.83 51.83 21.86
C LYS M 85 66.88 50.79 22.95
N ASP M 86 66.33 51.19 24.13
CA ASP M 86 66.27 50.23 25.21
C ASP M 86 64.98 49.41 25.24
N ILE M 87 64.10 49.64 24.27
CA ILE M 87 62.86 48.90 24.21
C ILE M 87 62.95 47.86 23.10
N ASP M 88 62.80 46.59 23.49
CA ASP M 88 62.83 45.51 22.50
C ASP M 88 61.34 45.43 22.09
N MET M 89 60.45 45.69 23.05
CA MET M 89 59.08 45.54 22.63
C MET M 89 58.09 46.44 23.32
N ILE M 90 57.32 47.10 22.49
CA ILE M 90 56.39 48.10 22.96
C ILE M 90 54.94 47.63 22.93
N VAL M 91 54.28 47.89 24.05
CA VAL M 91 52.86 47.59 24.12
C VAL M 91 51.99 48.86 24.11
N VAL M 92 51.03 48.78 23.19
CA VAL M 92 50.13 49.89 22.93
C VAL M 92 48.75 49.41 23.35
N SER M 93 48.31 49.99 24.46
CA SER M 93 46.97 49.67 24.93
C SER M 93 46.43 51.06 25.28
N VAL M 94 45.60 51.56 24.37
CA VAL M 94 44.96 52.88 24.47
C VAL M 94 43.77 52.91 23.48
N LYS M 95 42.76 53.70 23.81
CA LYS M 95 41.58 53.85 22.96
C LYS M 95 41.86 53.64 21.49
N VAL M 96 41.01 52.82 20.91
CA VAL M 96 41.14 52.49 19.50
C VAL M 96 41.04 53.64 18.50
N PRO M 97 40.44 54.74 18.93
CA PRO M 97 40.27 55.85 18.04
C PRO M 97 41.59 56.56 17.91
N GLU M 98 42.46 56.32 18.88
CA GLU M 98 43.80 56.92 18.97
C GLU M 98 44.67 55.80 18.51
N HIS M 99 44.16 54.63 18.27
CA HIS M 99 45.05 53.60 17.83
C HIS M 99 45.74 53.89 16.55
N TYR M 100 45.08 54.49 15.59
CA TYR M 100 45.72 54.82 14.31
C TYR M 100 46.81 55.78 14.53
N GLU M 101 46.47 56.87 15.13
CA GLU M 101 47.42 57.93 15.44
C GLU M 101 48.71 57.40 16.02
N VAL M 102 48.60 56.90 17.24
CA VAL M 102 49.75 56.42 18.02
C VAL M 102 50.71 55.53 17.31
N VAL M 103 50.23 54.34 17.02
CA VAL M 103 51.00 53.26 16.43
C VAL M 103 51.82 53.60 15.22
N LYS M 104 51.12 54.24 14.30
CA LYS M 104 51.77 54.69 13.08
C LYS M 104 53.08 55.40 13.51
N ASN M 105 52.95 56.48 14.25
CA ASN M 105 54.13 57.23 14.72
C ASN M 105 55.18 56.35 15.30
N ILE M 106 54.76 55.52 16.23
CA ILE M 106 55.64 54.55 16.88
C ILE M 106 56.47 53.87 15.79
N LEU M 107 55.78 53.62 14.72
CA LEU M 107 56.33 52.91 13.62
C LEU M 107 57.30 53.69 12.78
N GLU M 108 57.00 54.95 12.55
CA GLU M 108 57.92 55.80 11.80
C GLU M 108 59.05 56.30 12.70
N HIS M 109 58.78 56.48 13.98
CA HIS M 109 59.83 57.02 14.84
C HIS M 109 60.83 56.08 15.47
N SER M 110 60.70 54.79 15.22
CA SER M 110 61.58 53.78 15.79
C SER M 110 62.44 52.99 14.80
N SER M 111 62.24 53.39 13.54
CA SER M 111 62.90 52.81 12.38
C SER M 111 64.39 52.67 12.62
N GLN M 112 64.85 53.63 13.40
CA GLN M 112 66.26 53.65 13.74
C GLN M 112 66.46 52.68 14.91
N ASN M 113 65.50 52.53 15.79
CA ASN M 113 65.65 51.62 16.94
C ASN M 113 65.58 50.18 16.47
N LEU M 114 66.61 49.44 16.88
CA LEU M 114 66.77 48.08 16.42
C LEU M 114 66.64 46.91 17.35
N ASN M 115 66.32 47.19 18.62
CA ASN M 115 66.04 46.12 19.59
C ASN M 115 64.51 46.11 19.48
N LEU M 116 63.86 47.27 19.37
CA LEU M 116 62.43 47.18 19.22
C LEU M 116 62.38 46.01 18.23
N ARG M 117 61.76 44.93 18.68
CA ARG M 117 61.66 43.72 17.89
C ARG M 117 60.17 43.33 17.84
N TYR M 118 59.44 43.77 18.88
CA TYR M 118 58.02 43.43 18.99
C TYR M 118 57.11 44.57 19.40
N LEU M 119 56.02 44.66 18.65
CA LEU M 119 55.04 45.70 18.87
C LEU M 119 53.64 45.17 19.08
N TYR M 120 53.23 44.98 20.30
CA TYR M 120 51.95 44.48 20.73
C TYR M 120 50.91 45.58 20.80
N VAL M 121 49.71 45.24 20.41
CA VAL M 121 48.56 46.11 20.33
C VAL M 121 47.33 45.25 20.77
N GLU M 122 46.21 45.93 20.93
CA GLU M 122 45.00 45.22 21.30
C GLU M 122 43.92 45.18 20.25
N TRP M 123 42.94 44.31 20.52
CA TRP M 123 41.78 44.18 19.67
C TRP M 123 40.90 45.36 20.08
N ALA M 124 40.40 46.16 19.14
CA ALA M 124 40.59 46.00 17.68
C ALA M 124 41.91 46.67 17.27
N LEU M 125 42.69 45.98 16.46
CA LEU M 125 43.92 46.60 16.01
C LEU M 125 43.74 48.13 15.84
N ALA M 126 42.84 48.56 14.94
CA ALA M 126 42.59 49.96 14.56
C ALA M 126 41.11 50.19 14.71
N ALA M 127 40.68 51.38 14.32
CA ALA M 127 39.27 51.60 14.46
C ALA M 127 38.49 51.47 13.18
N SER M 128 39.18 51.41 12.06
CA SER M 128 38.48 51.25 10.79
C SER M 128 39.36 50.28 10.01
N VAL M 129 38.73 49.43 9.21
CA VAL M 129 39.61 48.55 8.47
C VAL M 129 40.74 49.42 7.88
N GLN M 130 40.37 50.21 6.87
CA GLN M 130 41.31 51.13 6.20
C GLN M 130 42.35 51.56 7.22
N GLN M 131 41.95 52.29 8.25
CA GLN M 131 42.92 52.69 9.22
C GLN M 131 43.87 51.48 9.38
N ALA M 132 43.27 50.44 9.94
CA ALA M 132 43.94 49.15 10.22
C ALA M 132 44.73 48.61 9.03
N GLU M 133 44.04 48.60 7.90
CA GLU M 133 44.68 48.10 6.70
C GLU M 133 46.05 48.73 6.63
N GLU M 134 46.05 50.05 6.68
CA GLU M 134 47.29 50.78 6.58
C GLU M 134 48.33 50.34 7.61
N LEU M 135 48.04 50.54 8.89
CA LEU M 135 48.98 50.11 9.91
C LEU M 135 49.49 48.74 9.55
N TYR M 136 48.69 47.91 8.87
CA TYR M 136 49.23 46.63 8.47
C TYR M 136 50.19 46.85 7.31
N SER M 137 49.67 47.38 6.20
CA SER M 137 50.57 47.61 5.08
C SER M 137 51.88 48.12 5.63
N ILE M 138 51.87 49.01 6.60
CA ILE M 138 53.08 49.55 7.26
C ILE M 138 53.87 48.53 8.12
N SER M 139 53.20 47.89 9.08
CA SER M 139 53.86 46.86 9.89
C SER M 139 54.77 46.02 8.99
N GLN M 140 54.27 45.67 7.81
CA GLN M 140 54.95 44.79 6.86
C GLN M 140 56.40 45.06 6.49
N GLN M 141 56.79 46.33 6.41
CA GLN M 141 58.17 46.69 6.09
C GLN M 141 59.23 46.30 7.11
N ARG M 142 58.78 46.24 8.35
CA ARG M 142 59.70 45.94 9.39
C ARG M 142 60.03 44.50 9.31
N ALA M 143 60.94 44.14 8.40
CA ALA M 143 61.42 42.77 8.24
C ALA M 143 61.64 42.14 9.62
N ASN M 144 62.29 42.92 10.48
CA ASN M 144 62.60 42.51 11.85
C ASN M 144 61.53 42.64 12.90
N LEU M 145 60.29 43.00 12.56
CA LEU M 145 59.32 43.36 13.57
C LEU M 145 58.08 42.53 13.61
N GLN M 146 57.95 41.78 14.70
CA GLN M 146 56.78 41.01 14.95
C GLN M 146 55.64 41.81 15.54
N THR M 147 54.44 41.64 15.04
CA THR M 147 53.30 42.46 15.45
C THR M 147 52.46 41.50 16.27
N ILE M 148 51.71 42.03 17.26
CA ILE M 148 50.86 41.13 18.06
C ILE M 148 49.50 41.73 18.37
N ILE M 149 48.45 41.03 17.91
CA ILE M 149 47.10 41.51 18.24
C ILE M 149 46.65 40.79 19.49
N CYS M 150 46.01 41.49 20.42
CA CYS M 150 45.56 40.86 21.66
C CYS M 150 44.22 40.19 21.62
N LEU M 151 44.14 39.10 20.90
CA LEU M 151 42.97 38.34 20.93
C LEU M 151 43.19 37.25 21.90
N GLN M 152 43.19 37.62 23.16
CA GLN M 152 43.29 36.69 24.23
C GLN M 152 42.20 35.66 24.17
N GLY M 153 41.18 35.88 23.34
CA GLY M 153 40.23 34.81 23.12
C GLY M 153 41.06 33.52 23.03
N ARG M 154 41.84 33.44 21.94
CA ARG M 154 42.69 32.30 21.65
C ARG M 154 43.36 31.54 22.81
N LYS M 155 43.82 32.25 23.83
CA LYS M 155 44.55 31.57 24.90
C LYS M 155 43.74 30.96 26.03
N SER M 156 42.41 31.01 25.98
CA SER M 156 41.53 30.56 27.05
C SER M 156 41.48 29.03 27.28
N PRO M 157 41.73 28.55 28.52
CA PRO M 157 41.67 27.10 28.65
C PRO M 157 40.46 26.59 27.91
N TYR M 158 39.32 27.23 28.08
CA TYR M 158 38.09 26.74 27.42
C TYR M 158 38.16 26.60 25.91
N ILE M 159 38.85 27.55 25.29
CA ILE M 159 38.96 27.54 23.85
C ILE M 159 39.89 26.41 23.49
N VAL M 160 41.18 26.64 23.74
CA VAL M 160 42.13 25.60 23.45
C VAL M 160 41.53 24.19 23.64
N ARG M 161 40.94 23.91 24.77
CA ARG M 161 40.42 22.61 25.04
C ARG M 161 39.37 22.11 24.10
N ALA M 162 38.53 22.97 23.58
CA ALA M 162 37.51 22.57 22.60
C ALA M 162 38.35 22.21 21.38
N LYS M 163 39.11 23.23 20.99
CA LYS M 163 39.95 23.11 19.83
C LYS M 163 40.57 21.73 19.81
N GLU M 164 41.06 21.28 20.95
CA GLU M 164 41.78 20.02 21.11
C GLU M 164 40.86 18.87 20.97
N LEU M 165 39.71 19.05 21.52
CA LEU M 165 38.73 17.98 21.48
C LEU M 165 38.37 17.65 20.04
N ILE M 166 37.98 18.69 19.31
CA ILE M 166 37.57 18.58 17.91
C ILE M 166 38.62 17.95 17.01
N SER M 167 39.67 18.73 16.82
CA SER M 167 40.83 18.38 16.03
C SER M 167 41.15 16.90 16.05
N GLU M 168 40.83 16.30 17.18
CA GLU M 168 41.18 14.97 17.52
C GLU M 168 40.09 13.99 17.18
N GLY M 169 39.22 14.42 16.30
CA GLY M 169 37.88 13.85 15.98
C GLY M 169 37.03 13.34 17.15
N CYS M 170 36.99 14.11 18.21
CA CYS M 170 36.25 13.66 19.37
C CYS M 170 34.75 13.85 19.20
N ILE M 171 34.41 14.67 18.19
CA ILE M 171 33.00 14.92 17.90
C ILE M 171 32.75 14.74 16.41
N GLY M 172 33.63 14.01 15.72
CA GLY M 172 33.39 13.82 14.30
C GLY M 172 33.60 15.12 13.57
N ASP M 173 32.88 15.18 12.45
CA ASP M 173 32.89 16.32 11.54
C ASP M 173 31.87 17.24 12.08
N ILE M 174 31.98 18.54 11.85
CA ILE M 174 31.02 19.42 12.47
C ILE M 174 29.79 19.41 11.63
N ASN M 175 28.65 19.67 12.25
CA ASN M 175 27.40 19.68 11.53
C ASN M 175 26.92 21.12 11.60
N SER M 176 26.37 21.51 12.73
CA SER M 176 25.90 22.90 12.93
C SER M 176 26.52 23.59 14.10
N ILE M 177 26.51 24.93 14.10
CA ILE M 177 27.04 25.71 15.21
C ILE M 177 25.93 26.69 15.58
N GLU M 178 25.89 27.11 16.83
CA GLU M 178 24.91 28.06 17.35
C GLU M 178 25.54 28.94 18.36
N ILE M 179 25.25 30.20 18.29
CA ILE M 179 25.86 31.19 19.18
C ILE M 179 25.03 32.28 19.80
N SER M 180 25.42 32.74 20.98
CA SER M 180 24.80 33.85 21.74
C SER M 180 25.76 34.73 22.60
N GLY M 181 25.50 36.04 22.58
CA GLY M 181 26.32 37.01 23.32
C GLY M 181 25.69 38.33 23.80
N ASN M 182 26.49 39.10 24.51
CA ASN M 182 26.07 40.37 25.14
C ASN M 182 27.06 41.53 25.09
N GLY M 183 26.78 42.61 24.38
CA GLY M 183 27.75 43.71 24.43
C GLY M 183 28.04 43.92 25.94
N GLY M 184 26.93 44.20 26.63
CA GLY M 184 27.08 44.46 28.04
C GLY M 184 26.46 45.82 28.22
N TRP M 185 27.04 46.81 27.59
CA TRP M 185 26.55 48.17 27.76
C TRP M 185 25.78 48.75 26.61
N TYR M 186 25.18 47.89 25.83
CA TYR M 186 24.37 48.38 24.74
C TYR M 186 23.04 47.83 25.14
N GLY M 187 22.83 47.70 26.43
CA GLY M 187 21.55 47.23 26.91
C GLY M 187 20.49 48.34 26.97
N TYR M 188 19.67 48.28 28.02
CA TYR M 188 18.68 49.29 28.20
C TYR M 188 19.36 50.05 29.37
N GLU M 189 20.53 49.62 29.77
CA GLU M 189 21.21 50.29 30.83
C GLU M 189 22.68 50.36 30.51
N ARG M 190 23.24 51.52 30.81
CA ARG M 190 24.66 51.87 30.72
C ARG M 190 25.10 52.43 32.09
N PRO M 191 26.39 52.27 32.39
CA PRO M 191 27.01 52.64 33.67
C PRO M 191 27.66 54.02 33.78
N MET M 192 27.67 54.57 34.99
CA MET M 192 28.22 55.92 35.20
C MET M 192 29.56 56.22 34.51
N ARG M 193 30.55 55.39 34.81
CA ARG M 193 31.91 55.51 34.27
C ARG M 193 32.14 55.20 32.77
N SER M 194 31.28 54.43 32.08
CA SER M 194 31.40 54.07 30.65
C SER M 194 31.62 55.21 29.64
N PRO M 195 32.69 55.05 28.85
CA PRO M 195 33.06 56.06 27.89
C PRO M 195 32.03 56.25 26.81
N GLU M 196 31.70 57.53 26.67
CA GLU M 196 30.69 58.02 25.75
C GLU M 196 31.06 57.51 24.37
N TYR M 197 32.37 57.38 24.13
CA TYR M 197 32.80 56.97 22.81
C TYR M 197 32.37 55.59 22.44
N LEU M 198 32.28 54.75 23.42
CA LEU M 198 31.84 53.42 23.24
C LEU M 198 30.50 53.48 22.59
N TYR M 199 29.77 54.52 22.90
CA TYR M 199 28.43 54.63 22.45
C TYR M 199 28.23 55.64 21.37
N ASP M 200 29.32 56.33 21.01
CA ASP M 200 29.41 57.25 19.87
C ASP M 200 29.64 56.46 18.58
N ILE M 201 28.62 56.35 17.75
CA ILE M 201 28.76 55.56 16.55
C ILE M 201 30.09 55.51 15.75
N GLU M 202 30.55 56.70 15.42
CA GLU M 202 31.71 56.83 14.55
C GLU M 202 32.98 56.29 15.14
N SER M 203 32.94 56.15 16.46
CA SER M 203 34.00 55.63 17.30
C SER M 203 34.75 54.47 16.67
N GLY M 204 34.00 53.49 16.17
CA GLY M 204 34.67 52.32 15.55
C GLY M 204 34.71 51.35 16.72
N VAL M 205 33.88 51.69 17.68
CA VAL M 205 33.76 50.79 18.82
C VAL M 205 32.30 50.52 19.10
N ASN M 206 31.96 49.25 19.04
CA ASN M 206 30.60 48.78 19.24
C ASN M 206 30.65 47.26 19.40
N LEU M 207 29.45 46.67 19.49
CA LEU M 207 29.13 45.24 19.66
C LEU M 207 29.94 44.30 18.79
N ILE M 208 29.63 44.39 17.51
CA ILE M 208 30.34 43.68 16.46
C ILE M 208 31.90 43.71 16.67
N SER M 209 32.29 44.90 16.22
CA SER M 209 33.71 45.30 16.18
C SER M 209 34.45 44.57 17.21
N ASN M 210 34.03 44.85 18.41
CA ASN M 210 34.77 44.30 19.50
C ASN M 210 34.17 43.01 20.01
N SER M 211 33.19 43.21 20.86
CA SER M 211 32.65 42.00 21.41
C SER M 211 32.59 40.81 20.53
N PHE M 212 31.79 40.92 19.48
CA PHE M 212 31.53 39.92 18.47
C PHE M 212 32.81 39.52 17.73
N GLY M 213 33.53 40.54 17.24
CA GLY M 213 34.78 40.30 16.55
C GLY M 213 35.66 39.37 17.37
N HIS M 214 35.70 39.68 18.67
CA HIS M 214 36.45 38.84 19.61
C HIS M 214 35.92 37.40 19.56
N THR M 215 34.62 37.30 19.78
CA THR M 215 33.88 36.03 19.80
C THR M 215 34.06 35.20 18.55
N ILE M 216 33.43 35.66 17.50
CA ILE M 216 33.44 34.99 16.25
C ILE M 216 34.79 34.49 15.84
N ASP M 217 35.81 35.31 15.94
CA ASP M 217 37.14 34.89 15.62
C ASP M 217 37.47 33.64 16.42
N VAL M 218 37.24 33.64 17.72
CA VAL M 218 37.65 32.49 18.49
C VAL M 218 37.06 31.24 17.90
N LEU M 219 35.87 31.36 17.36
CA LEU M 219 35.20 30.23 16.78
C LEU M 219 35.88 29.90 15.52
N GLN M 220 36.15 30.88 14.69
CA GLN M 220 36.89 30.59 13.48
C GLN M 220 38.11 29.92 14.10
N TYR M 221 38.65 30.57 15.11
CA TYR M 221 39.80 29.97 15.74
C TYR M 221 39.58 28.54 16.23
N ILE M 222 38.51 28.29 16.94
CA ILE M 222 38.27 26.98 17.50
C ILE M 222 38.07 25.87 16.47
N THR M 223 37.15 26.14 15.56
CA THR M 223 36.84 25.20 14.48
C THR M 223 38.15 25.12 13.74
N GLY M 224 38.68 26.28 13.46
CA GLY M 224 39.93 26.32 12.76
C GLY M 224 39.51 26.26 11.28
N SER M 225 38.55 27.09 10.92
CA SER M 225 38.11 27.17 9.54
C SER M 225 37.76 28.65 9.38
N TYR M 226 37.64 29.18 8.19
CA TYR M 226 37.43 30.61 8.04
C TYR M 226 36.12 30.73 7.39
N PHE M 227 35.63 31.92 7.23
CA PHE M 227 34.33 31.95 6.59
C PHE M 227 34.39 31.96 5.08
N GLN M 228 33.30 31.52 4.49
CA GLN M 228 33.24 31.46 3.06
C GLN M 228 32.29 32.60 2.72
N LYS M 229 31.00 32.42 2.99
CA LYS M 229 29.97 33.43 2.77
C LYS M 229 29.14 33.67 4.06
N ILE M 230 28.55 34.83 4.20
CA ILE M 230 27.88 35.14 5.44
C ILE M 230 26.92 36.34 5.31
N ASN M 231 25.96 36.40 6.20
CA ASN M 231 25.01 37.49 6.16
C ASN M 231 24.63 38.17 7.45
N ALA M 232 24.62 39.47 7.44
CA ALA M 232 24.41 40.26 8.63
C ALA M 232 23.27 41.27 8.59
N MET M 233 22.74 41.52 9.78
CA MET M 233 21.65 42.47 9.93
C MET M 233 21.80 43.19 11.24
N ILE M 234 21.94 44.52 11.23
CA ILE M 234 22.12 45.29 12.48
C ILE M 234 21.01 46.19 13.04
N SER M 235 20.60 45.91 14.27
CA SER M 235 19.52 46.67 14.94
C SER M 235 19.72 47.83 15.91
N ASN M 236 18.85 48.81 15.83
CA ASN M 236 18.99 49.91 16.79
C ASN M 236 17.64 50.32 17.36
N ASN M 237 17.17 49.49 18.27
CA ASN M 237 15.86 49.65 18.89
C ASN M 237 15.93 50.20 20.31
N ILE M 238 17.17 50.41 20.76
CA ILE M 238 17.38 50.99 22.05
C ILE M 238 18.09 52.24 21.56
N PRO M 239 17.37 53.33 21.54
CA PRO M 239 17.86 54.59 21.03
C PRO M 239 18.15 55.57 22.18
N THR M 240 17.88 55.12 23.39
CA THR M 240 18.13 55.93 24.54
C THR M 240 18.12 54.93 25.69
N GLN M 241 19.10 55.13 26.55
CA GLN M 241 19.31 54.31 27.72
C GLN M 241 19.44 54.93 29.10
N PHE M 242 19.22 54.04 30.05
CA PHE M 242 19.22 54.36 31.47
C PHE M 242 20.57 54.46 32.07
N LEU M 243 20.72 55.52 32.84
CA LEU M 243 21.99 55.70 33.53
C LEU M 243 22.04 54.93 34.87
N LEU M 244 23.22 54.49 35.26
CA LEU M 244 23.37 53.60 36.39
C LEU M 244 24.19 54.01 37.59
N ASP M 245 23.55 54.48 38.65
CA ASP M 245 24.43 54.89 39.72
C ASP M 245 25.45 53.86 40.10
N GLU M 246 26.69 54.36 40.20
CA GLU M 246 27.84 53.57 40.58
C GLU M 246 27.50 52.16 41.05
N ASN M 247 26.57 52.03 42.02
CA ASN M 247 26.16 50.72 42.52
C ASN M 247 25.39 49.82 41.54
N GLY M 248 24.85 50.44 40.49
CA GLY M 248 24.12 49.73 39.46
C GLY M 248 22.68 50.14 39.65
N LYS M 249 22.43 50.77 40.78
CA LYS M 249 21.02 51.13 40.86
C LYS M 249 20.85 52.12 39.71
N ARG M 250 19.79 51.95 38.89
CA ARG M 250 19.46 52.82 37.74
C ARG M 250 19.04 54.14 38.23
N THR M 251 18.82 54.96 37.21
CA THR M 251 18.35 56.27 37.59
C THR M 251 17.60 56.97 36.51
N LYS M 252 16.53 57.62 36.91
CA LYS M 252 15.65 58.39 36.07
C LYS M 252 16.34 59.20 34.93
N GLU M 253 17.68 59.21 34.89
CA GLU M 253 18.47 59.93 33.88
C GLU M 253 18.67 59.09 32.62
N THR M 254 18.84 59.80 31.55
CA THR M 254 18.89 59.09 30.30
C THR M 254 19.62 59.70 29.09
N ILE M 255 20.25 58.81 28.35
CA ILE M 255 21.08 59.25 27.24
C ILE M 255 21.13 58.40 25.96
N SER M 256 20.88 59.05 24.81
CA SER M 256 20.89 58.43 23.47
C SER M 256 22.06 57.56 23.07
N LYS M 257 21.79 56.49 22.27
CA LYS M 257 22.91 55.71 21.77
C LYS M 257 22.83 55.37 20.27
N THR M 258 23.96 55.58 19.63
CA THR M 258 24.12 55.42 18.22
C THR M 258 24.60 54.03 17.87
N CYS M 259 25.52 53.49 18.65
CA CYS M 259 26.08 52.19 18.39
C CYS M 259 24.85 51.31 18.52
N PRO M 260 24.73 50.18 17.79
CA PRO M 260 23.53 49.35 17.79
C PRO M 260 23.32 48.43 18.95
N ASP M 261 22.06 48.04 19.14
CA ASP M 261 21.60 47.20 20.27
C ASP M 261 21.40 45.66 20.09
N HIS M 262 21.73 45.20 18.89
CA HIS M 262 21.63 43.78 18.51
C HIS M 262 22.14 43.58 17.08
N LEU M 263 22.70 42.40 16.85
CA LEU M 263 23.18 42.09 15.51
C LEU M 263 22.89 40.62 15.27
N LEU M 264 22.38 40.32 14.10
CA LEU M 264 22.17 38.93 13.74
C LEU M 264 23.12 38.65 12.59
N PHE M 265 23.59 37.43 12.55
CA PHE M 265 24.61 37.02 11.62
C PHE M 265 24.63 35.53 11.42
N GLN M 266 24.68 35.12 10.16
CA GLN M 266 24.97 33.75 9.83
C GLN M 266 25.86 33.66 8.67
N GLY M 267 26.39 32.50 8.43
CA GLY M 267 27.39 32.41 7.38
C GLY M 267 27.73 30.96 7.20
N ILE M 268 28.31 30.60 6.07
CA ILE M 268 28.74 29.22 5.97
C ILE M 268 30.22 29.01 5.98
N LEU M 269 30.65 28.27 6.97
CA LEU M 269 32.05 28.11 7.19
C LEU M 269 32.70 27.49 6.01
N GLU M 270 33.90 27.97 5.72
CA GLU M 270 34.66 27.43 4.60
C GLU M 270 34.68 25.91 4.75
N ASN M 271 35.37 25.45 5.78
CA ASN M 271 35.54 24.03 6.04
C ASN M 271 34.34 23.13 6.37
N GLY M 272 33.75 22.64 5.29
CA GLY M 272 32.67 21.68 5.43
C GLY M 272 31.35 22.29 5.00
N LYS M 273 31.34 23.61 4.93
CA LYS M 273 30.17 24.39 4.54
C LYS M 273 29.30 24.27 5.74
N VAL M 274 29.98 24.03 6.86
CA VAL M 274 29.35 23.94 8.15
C VAL M 274 28.69 25.29 8.31
N PRO M 275 27.42 25.23 8.74
CA PRO M 275 26.60 26.43 8.88
C PRO M 275 26.51 27.01 10.28
N VAL M 276 26.63 28.33 10.28
CA VAL M 276 26.53 29.05 11.56
C VAL M 276 25.51 30.15 11.90
N SER M 277 24.86 29.84 13.03
CA SER M 277 23.84 30.67 13.61
C SER M 277 24.40 31.41 14.81
N CYS M 278 24.19 32.72 14.86
CA CYS M 278 24.67 33.53 15.97
C CYS M 278 23.72 34.69 16.20
N SER M 279 23.32 34.87 17.46
CA SER M 279 22.47 36.01 17.88
C SER M 279 23.13 36.70 19.08
N PHE M 280 23.53 37.95 18.88
CA PHE M 280 24.31 38.73 19.84
C PHE M 280 23.55 39.88 20.43
N LYS M 281 23.20 39.75 21.70
CA LYS M 281 22.40 40.77 22.37
C LYS M 281 23.36 41.88 22.81
N GLY M 282 22.89 43.12 22.83
CA GLY M 282 23.77 44.24 23.20
C GLY M 282 24.05 44.45 24.70
N GLY M 283 23.09 44.25 25.59
CA GLY M 283 23.36 44.46 26.98
C GLY M 283 22.23 43.90 27.84
N THR M 284 21.70 44.81 28.65
CA THR M 284 20.66 44.57 29.65
C THR M 284 19.25 45.14 29.39
N PRO M 285 18.24 44.52 29.98
CA PRO M 285 18.41 43.30 30.77
C PRO M 285 19.01 42.07 30.10
N VAL M 286 19.61 41.23 30.95
CA VAL M 286 20.26 39.98 30.54
C VAL M 286 19.34 38.75 30.49
N LYS M 287 19.73 37.85 29.60
CA LYS M 287 19.03 36.61 29.41
C LYS M 287 18.96 35.92 30.77
N LYS M 288 17.79 35.48 31.12
CA LYS M 288 17.59 34.92 32.40
C LYS M 288 17.18 33.52 32.33
N LEU M 289 16.87 32.97 31.18
CA LEU M 289 16.58 31.57 31.18
C LEU M 289 17.68 30.85 30.50
N THR M 290 18.59 31.60 29.90
CA THR M 290 19.77 31.08 29.23
C THR M 290 21.14 31.67 29.57
N LYS M 291 22.21 30.97 29.20
CA LYS M 291 23.52 31.53 29.48
C LYS M 291 23.72 32.67 28.46
N ASN M 292 24.24 33.80 28.93
CA ASN M 292 24.36 34.90 28.01
C ASN M 292 25.50 34.63 27.03
N LEU M 293 26.40 33.76 27.40
CA LEU M 293 27.41 33.31 26.42
C LEU M 293 27.48 31.82 26.18
N VAL M 294 27.17 31.40 24.98
CA VAL M 294 27.22 30.00 24.58
C VAL M 294 27.60 29.70 23.15
N ILE M 295 28.40 28.65 23.00
CA ILE M 295 28.78 28.17 21.71
C ILE M 295 28.24 26.76 21.73
N ASP M 296 27.38 26.50 20.72
CA ASP M 296 26.79 25.16 20.58
C ASP M 296 27.27 24.52 19.27
N ILE M 297 28.20 23.59 19.40
CA ILE M 297 28.81 22.91 18.27
C ILE M 297 28.23 21.52 18.12
N HIS M 298 27.61 21.19 16.98
CA HIS M 298 27.01 19.87 16.76
C HIS M 298 27.90 19.00 15.90
N GLY M 299 28.60 18.10 16.60
CA GLY M 299 29.56 17.16 16.02
C GLY M 299 28.87 15.92 15.44
N THR M 300 29.62 15.07 14.76
CA THR M 300 28.94 13.93 14.21
C THR M 300 28.94 12.82 15.27
N LYS M 301 30.00 12.67 15.99
CA LYS M 301 29.99 11.69 17.02
C LYS M 301 29.86 12.30 18.38
N GLY M 302 29.34 13.51 18.41
CA GLY M 302 29.02 14.14 19.69
C GLY M 302 28.66 15.59 19.75
N ASP M 303 28.90 16.23 20.89
CA ASP M 303 28.53 17.63 21.20
C ASP M 303 29.50 18.36 22.15
N LEU M 304 29.73 19.65 21.91
CA LEU M 304 30.57 20.53 22.74
C LEU M 304 29.80 21.83 23.09
N LYS M 305 29.68 22.26 24.32
CA LYS M 305 29.01 23.51 24.62
C LYS M 305 29.82 24.27 25.58
N ILE M 306 30.06 25.51 25.27
CA ILE M 306 30.74 26.42 26.19
C ILE M 306 29.72 27.46 26.65
N GLU M 307 29.73 27.76 27.94
CA GLU M 307 28.78 28.72 28.49
C GLU M 307 29.32 29.77 29.47
N GLY M 308 28.96 31.05 29.31
CA GLY M 308 29.44 32.03 30.27
C GLY M 308 28.19 32.80 30.65
N ASP M 309 28.29 33.67 31.64
CA ASP M 309 27.18 34.50 32.00
C ASP M 309 27.61 35.88 31.54
N ALA M 310 28.89 36.03 31.26
CA ALA M 310 29.37 37.30 30.74
C ALA M 310 29.96 36.94 29.39
N GLY M 311 29.38 37.60 28.38
CA GLY M 311 29.81 37.34 27.02
C GLY M 311 31.24 37.75 26.76
N PHE M 312 32.03 37.92 27.79
CA PHE M 312 33.37 38.37 27.50
C PHE M 312 34.23 37.20 27.74
N VAL M 313 34.27 36.36 26.73
CA VAL M 313 35.04 35.12 26.65
C VAL M 313 36.55 35.37 26.72
N GLU M 314 36.90 36.52 26.16
CA GLU M 314 38.20 37.15 26.04
C GLU M 314 38.76 37.33 27.42
N ILE M 315 37.85 37.65 28.30
CA ILE M 315 38.15 37.95 29.68
C ILE M 315 37.52 36.87 30.55
N SER M 316 36.49 36.17 30.09
CA SER M 316 35.77 35.20 30.90
C SER M 316 36.26 33.78 31.17
N ASN M 317 35.92 33.37 32.39
CA ASN M 317 36.20 32.06 32.95
C ASN M 317 34.88 31.43 32.64
N LEU M 318 34.85 30.42 31.82
CA LEU M 318 33.64 29.79 31.45
C LEU M 318 33.68 28.38 31.92
N VAL M 319 32.95 27.55 31.24
CA VAL M 319 32.88 26.11 31.54
C VAL M 319 32.58 25.38 30.25
N LEU M 320 33.27 24.28 30.05
CA LEU M 320 33.07 23.53 28.84
C LEU M 320 32.48 22.17 29.12
N TYR M 321 31.34 21.86 28.49
CA TYR M 321 30.79 20.54 28.63
C TYR M 321 31.01 19.96 27.25
N PHE M 322 31.34 18.69 27.24
CA PHE M 322 31.54 18.13 25.92
C PHE M 322 30.96 16.75 26.11
N TYR M 323 30.63 16.08 25.00
CA TYR M 323 30.17 14.72 25.06
C TYR M 323 30.35 13.97 23.74
N GLY M 324 31.04 12.83 23.85
CA GLY M 324 31.19 12.07 22.63
C GLY M 324 32.31 11.05 22.81
N ILE M 325 33.01 10.70 21.74
CA ILE M 325 34.05 9.71 21.89
C ILE M 325 35.42 10.05 22.42
N LYS M 326 35.70 9.41 23.53
CA LYS M 326 36.91 9.48 24.33
C LYS M 326 38.10 9.91 23.47
N ASN M 327 38.30 9.05 22.45
CA ASN M 327 39.39 9.20 21.49
C ASN M 327 39.20 10.01 20.22
N GLY M 328 38.76 9.34 19.15
CA GLY M 328 38.59 9.96 17.83
C GLY M 328 39.88 10.08 17.01
N GLU M 362 32.61 4.10 18.91
CA GLU M 362 31.20 4.04 19.41
C GLU M 362 30.80 4.40 20.88
N GLU M 363 31.69 4.13 21.83
CA GLU M 363 31.38 4.49 23.19
C GLU M 363 31.75 5.92 23.45
N GLN M 364 30.70 6.70 23.58
CA GLN M 364 30.71 8.13 23.80
C GLN M 364 30.86 8.40 25.28
N THR M 365 31.39 9.58 25.52
CA THR M 365 31.72 10.00 26.90
C THR M 365 31.25 11.41 27.22
N MET M 366 31.32 11.76 28.50
CA MET M 366 30.92 13.09 28.98
C MET M 366 31.99 13.81 29.71
N GLU M 367 32.26 15.01 29.26
CA GLU M 367 33.29 15.71 29.97
C GLU M 367 32.87 17.09 30.45
N VAL M 368 33.34 17.43 31.62
CA VAL M 368 33.04 18.76 32.08
C VAL M 368 34.35 19.47 32.38
N PHE M 369 34.70 20.44 31.51
CA PHE M 369 35.88 21.22 31.72
C PHE M 369 35.65 22.65 32.25
N HIS M 370 35.84 22.84 33.56
CA HIS M 370 35.64 24.15 34.15
C HIS M 370 36.80 24.21 35.09
N LEU M 371 37.45 25.37 35.16
CA LEU M 371 38.63 25.53 35.99
C LEU M 371 38.37 26.61 37.07
N ARG M 372 37.74 26.18 38.12
CA ARG M 372 37.44 27.01 39.26
C ARG M 372 38.47 28.11 39.55
N ASN M 373 37.98 29.31 39.79
CA ASN M 373 38.87 30.42 40.12
C ASN M 373 40.16 30.49 39.27
N TYR M 374 39.99 30.62 37.95
CA TYR M 374 41.14 30.79 37.09
C TYR M 374 40.99 32.27 36.85
N ASN M 375 42.07 32.99 36.72
CA ASN M 375 41.93 34.42 36.51
C ASN M 375 42.06 34.74 35.03
N SER M 376 41.00 34.41 34.31
CA SER M 376 40.98 34.69 32.88
C SER M 376 41.30 36.16 32.55
N VAL M 377 40.75 37.04 33.39
CA VAL M 377 40.88 38.46 33.16
C VAL M 377 42.34 38.85 33.00
N VAL M 378 43.18 38.18 33.78
CA VAL M 378 44.60 38.47 33.76
C VAL M 378 45.33 37.28 33.21
N GLY M 379 44.83 36.10 33.53
CA GLY M 379 45.47 34.83 33.16
C GLY M 379 45.70 34.73 31.64
N ASN M 380 44.64 35.14 30.93
CA ASN M 380 44.72 35.14 29.48
C ASN M 380 45.66 36.07 28.73
N ILE M 381 46.08 37.19 29.26
CA ILE M 381 47.06 37.96 28.53
C ILE M 381 48.33 37.27 28.91
N LEU M 382 48.51 37.04 30.18
CA LEU M 382 49.67 36.27 30.59
C LEU M 382 49.99 35.15 29.60
N ARG M 383 49.01 34.37 29.24
CA ARG M 383 49.22 33.29 28.32
C ARG M 383 49.61 33.77 26.95
N ILE M 384 49.46 35.06 26.64
CA ILE M 384 49.92 35.53 25.35
C ILE M 384 51.39 35.82 25.54
N TYR M 385 51.65 36.61 26.57
CA TYR M 385 53.00 37.00 26.87
C TYR M 385 53.85 35.73 26.75
N GLU M 386 53.33 34.65 27.28
CA GLU M 386 54.15 33.45 27.21
C GLU M 386 54.49 33.12 25.77
N SER M 387 53.44 32.98 24.93
CA SER M 387 53.61 32.61 23.54
C SER M 387 54.70 33.45 22.94
N ILE M 388 54.78 34.68 23.39
CA ILE M 388 55.79 35.52 22.86
C ILE M 388 57.18 35.13 23.42
N ALA M 389 57.35 35.07 24.74
CA ALA M 389 58.63 34.64 25.32
C ALA M 389 59.16 33.35 24.66
N ASP M 390 58.24 32.39 24.63
CA ASP M 390 58.51 31.11 24.01
C ASP M 390 59.36 31.28 22.73
N TYR M 391 58.66 31.79 21.72
CA TYR M 391 59.28 32.10 20.45
C TYR M 391 60.50 32.96 20.72
N HIS M 392 60.32 33.92 21.62
CA HIS M 392 61.40 34.84 21.94
C HIS M 392 62.63 34.13 22.39
N PHE M 393 62.51 33.66 23.62
CA PHE M 393 63.61 32.98 24.29
C PHE M 393 63.68 31.52 23.87
N LEU M 394 63.24 31.26 22.64
CA LEU M 394 63.28 29.93 22.06
C LEU M 394 63.48 29.98 20.54
N LYS M 413 60.46 36.16 10.45
CA LYS M 413 59.42 36.36 11.46
C LYS M 413 58.14 35.61 11.02
N PHE M 414 57.23 35.46 11.98
CA PHE M 414 55.92 34.85 11.84
C PHE M 414 54.91 35.70 11.01
N ASP M 415 53.90 35.05 10.41
CA ASP M 415 52.90 35.68 9.56
C ASP M 415 51.54 35.95 10.17
N LYS M 416 50.96 34.90 10.77
CA LYS M 416 49.68 35.02 11.40
C LYS M 416 49.67 33.78 12.29
N GLN M 417 48.90 33.73 13.37
CA GLN M 417 48.90 32.45 14.07
C GLN M 417 47.87 31.62 13.32
N GLY M 418 46.86 32.33 12.84
CA GLY M 418 45.89 31.62 12.05
C GLY M 418 45.24 30.49 12.86
N PHE M 419 45.36 29.29 12.31
CA PHE M 419 44.76 28.16 13.02
C PHE M 419 45.65 27.41 13.99
N ARG M 420 46.93 27.72 13.89
CA ARG M 420 47.99 27.13 14.72
C ARG M 420 47.85 27.27 16.24
N PHE M 421 48.14 26.17 16.93
CA PHE M 421 48.03 26.12 18.37
C PHE M 421 49.00 27.07 19.08
N GLU M 422 50.28 26.91 18.77
CA GLU M 422 51.29 27.73 19.39
C GLU M 422 51.50 29.06 18.70
N GLY M 423 52.35 29.92 19.26
CA GLY M 423 52.47 31.23 18.66
C GLY M 423 51.36 32.08 19.25
N PHE M 424 51.01 33.13 18.55
CA PHE M 424 50.18 34.16 19.05
C PHE M 424 49.74 34.87 17.82
N PRO M 425 48.51 35.36 17.75
CA PRO M 425 48.04 36.02 16.56
C PRO M 425 48.62 37.38 16.21
N THR M 426 48.65 37.66 14.91
CA THR M 426 49.19 38.95 14.47
C THR M 426 48.31 39.97 13.81
N PHE M 427 48.95 41.03 13.33
CA PHE M 427 48.15 42.07 12.72
C PHE M 427 47.51 41.33 11.56
N LYS M 428 48.22 40.40 10.96
CA LYS M 428 47.56 39.66 9.92
C LYS M 428 46.30 39.10 10.45
N ASP M 429 46.34 38.55 11.64
CA ASP M 429 45.07 38.07 12.21
C ASP M 429 44.19 39.26 12.44
N ALA M 430 44.71 40.27 13.13
CA ALA M 430 43.96 41.48 13.42
C ALA M 430 43.13 41.93 12.21
N ILE M 431 43.87 41.89 11.12
CA ILE M 431 43.33 42.27 9.83
C ILE M 431 42.13 41.46 9.27
N ILE M 432 42.41 40.17 9.16
CA ILE M 432 41.46 39.23 8.64
C ILE M 432 40.15 39.44 9.36
N LEU M 433 40.21 39.51 10.69
CA LEU M 433 38.97 39.73 11.50
C LEU M 433 38.39 41.08 11.12
N HIS M 434 39.31 42.04 11.02
CA HIS M 434 38.89 43.37 10.62
C HIS M 434 38.13 43.39 9.31
N ARG M 435 38.80 42.96 8.27
CA ARG M 435 38.26 42.79 6.94
C ARG M 435 36.91 42.10 6.95
N LEU M 436 36.85 40.98 7.63
CA LEU M 436 35.61 40.27 7.80
C LEU M 436 34.61 41.13 8.43
N ILE M 437 35.01 42.00 9.33
CA ILE M 437 33.95 42.67 10.05
C ILE M 437 33.27 43.74 9.24
N ASP M 438 34.07 44.31 8.36
CA ASP M 438 33.56 45.29 7.43
C ASP M 438 32.43 44.50 6.77
N ALA M 439 32.80 43.29 6.33
CA ALA M 439 31.86 42.39 5.64
C ALA M 439 30.47 42.54 6.24
N VAL M 440 30.41 42.03 7.45
CA VAL M 440 29.21 42.10 8.27
C VAL M 440 28.53 43.47 8.21
N PHE M 441 29.33 44.49 8.14
CA PHE M 441 28.78 45.82 8.06
C PHE M 441 28.22 46.10 6.68
N ARG M 442 29.04 45.80 5.67
CA ARG M 442 28.67 46.03 4.26
C ARG M 442 27.44 45.14 3.94
N SER M 443 27.42 43.95 4.50
CA SER M 443 26.33 43.03 4.31
C SER M 443 25.03 43.52 4.89
N ASP M 444 24.96 43.96 6.15
CA ASP M 444 23.67 44.41 6.64
C ASP M 444 23.20 45.56 5.73
N LYS M 445 24.10 46.52 5.50
CA LYS M 445 23.77 47.70 4.66
C LYS M 445 23.26 47.32 3.27
N GLU M 446 24.10 46.61 2.54
CA GLU M 446 23.76 46.14 1.22
C GLU M 446 22.60 45.10 1.24
N GLU M 447 22.20 44.56 2.40
CA GLU M 447 21.08 43.61 2.48
C GLU M 447 21.31 42.37 1.59
N LYS M 448 22.59 41.97 1.62
CA LYS M 448 23.07 40.83 0.82
C LYS M 448 23.94 39.86 1.57
N THR M 449 24.21 38.72 0.94
CA THR M 449 25.08 37.70 1.52
C THR M 449 26.32 37.74 0.64
N LEU M 450 27.45 38.09 1.23
CA LEU M 450 28.66 38.23 0.47
C LEU M 450 29.69 37.15 0.79
N ASP M 451 30.53 36.83 -0.21
CA ASP M 451 31.59 35.84 0.00
C ASP M 451 32.83 36.43 0.72
N VAL M 452 33.15 35.85 1.88
CA VAL M 452 34.33 36.25 2.66
C VAL M 452 35.43 35.21 2.52
N SER M 453 35.74 34.84 1.26
CA SER M 453 36.77 33.84 1.03
C SER M 453 37.99 34.46 0.39
N LYS M 454 38.18 35.76 0.55
CA LYS M 454 39.37 36.30 -0.04
C LYS M 454 40.07 36.88 1.17
N ILE M 455 39.28 37.43 2.05
CA ILE M 455 39.82 38.06 3.25
C ILE M 455 41.13 37.43 3.82
N MET M 456 41.19 36.09 3.86
CA MET M 456 42.41 35.38 4.32
C MET M 456 43.71 35.73 3.53
N ILE M 457 43.59 36.46 2.42
CA ILE M 457 44.69 36.89 1.53
C ILE M 457 45.42 38.27 1.77
N LEU N 4 30.22 23.10 41.68
CA LEU N 4 29.90 24.52 41.82
C LEU N 4 30.79 25.19 40.80
N PHE N 5 30.26 26.19 40.11
CA PHE N 5 31.07 26.85 39.13
C PHE N 5 31.15 28.33 39.33
N ASN N 6 32.37 28.78 39.60
CA ASN N 6 32.61 30.21 39.74
C ASN N 6 32.78 30.68 38.30
N THR N 7 31.72 31.10 37.66
CA THR N 7 31.86 31.63 36.31
C THR N 7 31.94 33.16 36.37
N THR N 8 32.20 33.74 35.22
CA THR N 8 32.35 35.16 35.17
C THR N 8 31.05 35.93 35.03
N THR N 9 30.76 36.74 36.05
CA THR N 9 29.53 37.49 36.03
C THR N 9 29.85 38.85 35.53
N MET N 10 28.91 39.37 34.78
CA MET N 10 29.01 40.68 34.16
C MET N 10 29.28 41.66 35.27
N ASP N 11 28.40 41.51 36.26
CA ASP N 11 28.52 42.43 37.37
C ASP N 11 29.98 42.61 37.74
N ASP N 12 30.74 41.52 37.76
CA ASP N 12 32.15 41.55 38.13
C ASP N 12 32.82 42.38 37.06
N VAL N 13 32.63 41.87 35.85
CA VAL N 13 33.26 42.44 34.65
C VAL N 13 33.26 43.94 34.69
N TYR N 14 32.12 44.48 35.07
CA TYR N 14 31.95 45.92 35.23
C TYR N 14 32.87 46.55 36.28
N ASN N 15 33.23 45.81 37.31
CA ASN N 15 34.10 46.34 38.34
C ASN N 15 35.53 46.52 37.89
N TYR N 16 36.03 45.47 37.22
CA TYR N 16 37.40 45.44 36.71
C TYR N 16 37.56 46.37 35.56
N ILE N 17 36.48 46.55 34.80
CA ILE N 17 36.45 47.43 33.64
C ILE N 17 35.73 48.74 34.05
N SER O 14 -30.58 22.26 13.46
CA SER O 14 -29.45 23.19 13.26
C SER O 14 -28.33 22.86 14.20
N SER O 15 -28.74 22.74 15.46
CA SER O 15 -27.88 22.45 16.62
C SER O 15 -27.90 20.89 16.50
N ARG O 16 -27.22 20.42 15.46
CA ARG O 16 -27.13 19.04 15.12
C ARG O 16 -25.98 18.98 14.15
N PRO O 17 -25.26 17.94 14.50
CA PRO O 17 -23.98 17.66 13.87
C PRO O 17 -23.58 18.20 12.53
N ILE O 18 -22.31 18.55 12.54
CA ILE O 18 -21.61 19.07 11.37
C ILE O 18 -21.27 17.73 10.82
N ARG O 19 -21.32 17.62 9.51
CA ARG O 19 -21.12 16.31 8.92
C ARG O 19 -19.90 16.38 8.05
N VAL O 20 -18.88 15.66 8.52
CA VAL O 20 -17.66 15.70 7.78
C VAL O 20 -17.66 14.71 6.65
N GLY O 21 -16.94 15.08 5.58
CA GLY O 21 -16.80 14.17 4.43
C GLY O 21 -15.29 13.91 4.52
N PHE O 22 -14.85 12.66 4.43
CA PHE O 22 -13.41 12.45 4.59
C PHE O 22 -12.56 11.94 3.42
N VAL O 23 -11.62 12.77 3.10
CA VAL O 23 -10.71 12.34 2.04
C VAL O 23 -9.36 12.00 2.68
N GLY O 24 -8.90 10.77 2.52
CA GLY O 24 -7.68 10.46 3.16
C GLY O 24 -8.01 9.57 4.36
N LEU O 25 -9.15 8.88 4.36
CA LEU O 25 -9.44 7.97 5.47
C LEU O 25 -9.05 6.58 5.01
N THR O 26 -7.78 6.28 5.23
CA THR O 26 -7.13 5.05 4.85
C THR O 26 -7.75 3.83 5.52
N SER O 27 -7.74 3.78 6.84
CA SER O 27 -8.30 2.62 7.50
C SER O 27 -8.36 2.94 8.96
N GLY O 28 -8.63 1.95 9.79
CA GLY O 28 -8.64 2.32 11.19
C GLY O 28 -7.24 2.69 11.74
N LYS O 29 -6.14 2.44 11.03
CA LYS O 29 -4.82 2.73 11.59
C LYS O 29 -4.06 3.68 10.67
N SER O 30 -4.81 4.69 10.22
CA SER O 30 -4.27 5.71 9.33
C SER O 30 -4.03 6.93 10.23
N TRP O 31 -3.18 7.82 9.76
CA TRP O 31 -2.88 9.06 10.48
C TRP O 31 -4.16 9.66 11.08
N VAL O 32 -4.92 10.17 10.12
CA VAL O 32 -6.21 10.79 10.39
C VAL O 32 -7.00 9.93 11.36
N ALA O 33 -6.98 8.62 11.17
CA ALA O 33 -7.71 7.74 12.05
C ALA O 33 -7.23 7.88 13.48
N LYS O 34 -5.93 8.09 13.60
CA LYS O 34 -5.32 8.20 14.92
C LYS O 34 -5.32 9.64 15.40
N THR O 35 -5.93 10.51 14.61
CA THR O 35 -5.94 11.88 15.04
C THR O 35 -7.31 12.54 14.83
N HIS O 36 -7.64 12.82 13.57
CA HIS O 36 -8.89 13.46 13.30
C HIS O 36 -10.07 12.66 13.86
N PHE O 37 -10.11 11.37 13.67
CA PHE O 37 -11.24 10.62 14.11
C PHE O 37 -11.52 10.77 15.59
N LEU O 38 -10.48 10.94 16.38
CA LEU O 38 -10.62 11.14 17.82
C LEU O 38 -11.09 12.56 18.14
N ALA O 39 -10.49 13.50 17.39
CA ALA O 39 -10.85 14.89 17.58
C ALA O 39 -12.39 14.82 17.43
N ILE O 40 -12.99 14.23 16.38
CA ILE O 40 -14.47 14.09 16.23
C ILE O 40 -15.22 13.09 17.14
N GLN O 41 -14.51 12.39 17.97
CA GLN O 41 -15.22 11.42 18.74
C GLN O 41 -15.38 11.94 20.14
N GLN O 42 -14.81 13.11 20.37
CA GLN O 42 -14.98 13.81 21.61
C GLN O 42 -15.98 14.91 21.28
N LEU O 43 -16.11 15.17 19.98
CA LEU O 43 -17.06 16.15 19.45
C LEU O 43 -18.16 15.41 18.72
N SER O 44 -18.40 14.17 19.15
CA SER O 44 -19.46 13.39 18.53
C SER O 44 -20.74 14.23 18.58
N SER O 45 -20.83 15.06 19.60
CA SER O 45 -22.00 15.90 19.82
C SER O 45 -22.18 16.95 18.74
N GLN O 46 -21.08 17.54 18.29
CA GLN O 46 -21.19 18.53 17.21
C GLN O 46 -20.74 18.06 15.82
N PHE O 47 -20.07 16.92 15.72
CA PHE O 47 -19.56 16.37 14.47
C PHE O 47 -19.96 14.97 14.17
N GLN O 48 -20.29 14.78 12.92
CA GLN O 48 -20.68 13.44 12.59
C GLN O 48 -19.90 13.21 11.32
N ILE O 49 -19.37 12.00 11.17
CA ILE O 49 -18.64 11.69 9.94
C ILE O 49 -19.69 10.99 9.13
N VAL O 50 -19.82 11.52 7.92
CA VAL O 50 -20.84 11.14 6.96
C VAL O 50 -20.35 10.56 5.64
N ALA O 51 -19.13 10.84 5.22
CA ALA O 51 -18.68 10.31 3.94
C ALA O 51 -17.19 10.05 3.93
N LEU O 52 -16.77 8.92 3.40
CA LEU O 52 -15.40 8.64 3.14
C LEU O 52 -15.02 8.75 1.71
N TYR O 53 -13.96 9.45 1.35
CA TYR O 53 -13.49 9.18 0.00
C TYR O 53 -12.22 8.33 0.12
N ASN O 54 -12.06 7.48 -0.89
CA ASN O 54 -10.94 6.56 -1.13
C ASN O 54 -11.35 5.87 -2.42
N PRO O 55 -10.36 5.84 -3.30
CA PRO O 55 -10.45 5.21 -4.61
C PRO O 55 -11.18 3.87 -4.61
N THR O 56 -10.66 2.86 -3.92
CA THR O 56 -11.40 1.59 -3.92
C THR O 56 -12.52 1.64 -2.90
N LEU O 57 -13.68 1.14 -3.22
CA LEU O 57 -14.70 1.23 -2.21
C LEU O 57 -14.21 0.30 -1.16
N LYS O 58 -13.81 -0.83 -1.62
CA LYS O 58 -13.33 -1.82 -0.68
C LYS O 58 -12.87 -1.18 0.64
N SER O 59 -11.98 -0.24 0.46
CA SER O 59 -11.34 0.51 1.53
C SER O 59 -12.22 1.41 2.36
N SER O 60 -13.21 2.03 1.77
CA SER O 60 -14.02 2.89 2.64
C SER O 60 -14.86 2.00 3.56
N LEU O 61 -15.56 1.05 2.99
CA LEU O 61 -16.39 0.13 3.73
C LEU O 61 -15.70 -0.73 4.79
N GLN O 62 -14.39 -0.88 4.72
CA GLN O 62 -13.74 -1.53 5.85
C GLN O 62 -13.69 -0.50 6.98
N THR O 63 -12.91 0.52 6.65
CA THR O 63 -12.66 1.66 7.49
C THR O 63 -13.94 1.80 8.30
N ILE O 64 -15.08 1.91 7.62
CA ILE O 64 -16.38 2.08 8.27
C ILE O 64 -16.71 0.97 9.24
N GLU O 65 -16.59 -0.25 8.79
CA GLU O 65 -16.93 -1.35 9.68
C GLU O 65 -15.94 -1.35 10.84
N GLN O 66 -14.64 -1.17 10.58
CA GLN O 66 -13.77 -1.23 11.69
C GLN O 66 -14.05 -0.13 12.74
N LEU O 67 -14.14 1.10 12.27
CA LEU O 67 -14.38 2.21 13.18
C LEU O 67 -15.83 2.31 13.52
N GLN O 68 -16.70 1.67 12.77
CA GLN O 68 -18.05 1.66 13.23
C GLN O 68 -18.80 2.85 12.72
N LEU O 69 -18.23 3.49 11.73
CA LEU O 69 -18.86 4.67 11.24
C LEU O 69 -20.29 4.32 11.12
N LYS O 70 -21.17 4.94 11.88
CA LYS O 70 -22.59 4.61 11.65
C LYS O 70 -23.11 5.40 10.49
N HIS O 71 -22.82 6.70 10.47
CA HIS O 71 -23.33 7.57 9.43
C HIS O 71 -22.59 7.68 8.13
N ALA O 72 -21.43 7.00 8.09
CA ALA O 72 -20.60 6.97 6.89
C ALA O 72 -21.22 6.11 5.79
N THR O 73 -21.03 6.69 4.61
CA THR O 73 -21.44 6.21 3.28
C THR O 73 -20.22 6.48 2.39
N GLY O 74 -19.62 5.46 1.79
CA GLY O 74 -18.38 5.65 1.03
C GLY O 74 -18.36 5.96 -0.48
N PHE O 75 -17.33 6.62 -0.94
CA PHE O 75 -17.22 6.95 -2.33
C PHE O 75 -16.05 6.42 -3.17
N ASP O 76 -16.27 6.48 -4.47
CA ASP O 76 -15.34 5.92 -5.43
C ASP O 76 -14.83 7.07 -6.24
N SER O 77 -15.68 8.07 -6.37
CA SER O 77 -15.31 9.18 -7.23
C SER O 77 -15.21 10.34 -6.25
N LEU O 78 -14.36 11.29 -6.59
CA LEU O 78 -14.17 12.50 -5.80
C LEU O 78 -15.35 13.32 -6.21
N GLU O 79 -15.61 13.40 -7.50
CA GLU O 79 -16.73 14.12 -8.04
C GLU O 79 -17.97 13.53 -7.47
N SER O 80 -17.95 12.22 -7.28
CA SER O 80 -19.01 11.42 -6.64
C SER O 80 -19.17 12.03 -5.25
N PHE O 81 -18.03 12.11 -4.57
CA PHE O 81 -17.88 12.68 -3.22
C PHE O 81 -18.31 14.19 -3.24
N ALA O 82 -17.48 15.07 -3.80
CA ALA O 82 -17.74 16.52 -3.88
C ALA O 82 -19.18 17.01 -4.04
N GLN O 83 -20.05 16.09 -4.45
CA GLN O 83 -21.47 16.38 -4.64
C GLN O 83 -22.42 16.07 -3.49
N TYR O 84 -22.21 14.96 -2.78
CA TYR O 84 -23.06 14.61 -1.64
C TYR O 84 -23.45 15.91 -0.95
N LYS O 85 -24.71 16.33 -1.10
CA LYS O 85 -25.13 17.58 -0.45
C LYS O 85 -25.23 17.31 1.07
N ASP O 86 -24.93 16.09 1.48
CA ASP O 86 -24.97 15.79 2.90
C ASP O 86 -23.70 16.30 3.58
N ILE O 87 -22.68 16.70 2.86
CA ILE O 87 -21.53 17.13 3.61
C ILE O 87 -21.43 18.62 3.81
N ASP O 88 -21.56 19.04 5.06
CA ASP O 88 -21.41 20.45 5.32
C ASP O 88 -19.92 20.70 5.17
N MET O 89 -19.11 19.78 5.68
CA MET O 89 -17.70 20.08 5.60
C MET O 89 -16.82 18.91 5.47
N ILE O 90 -15.97 19.12 4.48
CA ILE O 90 -15.00 18.16 4.07
C ILE O 90 -13.60 18.36 4.57
N VAL O 91 -12.96 17.28 4.93
CA VAL O 91 -11.59 17.26 5.37
C VAL O 91 -10.71 16.45 4.42
N VAL O 92 -9.66 17.14 4.01
CA VAL O 92 -8.69 16.68 3.04
C VAL O 92 -7.37 16.56 3.76
N SER O 93 -7.01 15.32 4.01
CA SER O 93 -5.77 14.99 4.69
C SER O 93 -5.21 13.92 3.79
N VAL O 94 -4.29 14.31 2.93
CA VAL O 94 -3.66 13.38 2.02
C VAL O 94 -2.35 14.12 1.60
N LYS O 95 -1.32 13.35 1.21
CA LYS O 95 -0.05 13.86 0.71
C LYS O 95 -0.22 15.15 -0.06
N VAL O 96 0.64 16.08 0.29
CA VAL O 96 0.70 17.43 -0.28
C VAL O 96 0.87 17.51 -1.83
N PRO O 97 1.46 16.47 -2.40
CA PRO O 97 1.73 16.51 -3.82
C PRO O 97 0.49 16.23 -4.61
N GLU O 98 -0.49 15.66 -3.90
CA GLU O 98 -1.80 15.34 -4.42
C GLU O 98 -2.65 16.41 -3.80
N HIS O 99 -1.99 17.32 -3.08
CA HIS O 99 -2.81 18.33 -2.43
C HIS O 99 -3.54 19.16 -3.44
N TYR O 100 -2.81 19.64 -4.42
CA TYR O 100 -3.40 20.52 -5.44
C TYR O 100 -4.49 19.82 -6.25
N GLU O 101 -4.20 18.70 -6.84
CA GLU O 101 -5.21 18.04 -7.67
C GLU O 101 -6.53 17.80 -6.93
N VAL O 102 -6.46 17.08 -5.79
CA VAL O 102 -7.63 16.82 -4.97
C VAL O 102 -8.66 17.78 -4.44
N VAL O 103 -8.11 18.90 -4.01
CA VAL O 103 -8.83 20.02 -3.45
C VAL O 103 -9.53 20.80 -4.57
N LYS O 104 -8.72 21.18 -5.57
CA LYS O 104 -9.21 21.90 -6.73
C LYS O 104 -10.54 21.23 -7.18
N ASN O 105 -10.44 19.98 -7.58
CA ASN O 105 -11.64 19.25 -8.00
C ASN O 105 -12.77 19.39 -6.98
N ILE O 106 -12.48 19.02 -5.75
CA ILE O 106 -13.49 19.16 -4.72
C ILE O 106 -14.19 20.48 -5.01
N LEU O 107 -13.39 21.55 -5.04
CA LEU O 107 -13.90 22.87 -5.32
C LEU O 107 -14.82 23.00 -6.53
N GLU O 108 -14.34 22.52 -7.68
CA GLU O 108 -15.18 22.69 -8.85
C GLU O 108 -16.34 21.71 -8.79
N HIS O 109 -16.17 20.58 -8.15
CA HIS O 109 -17.29 19.65 -8.17
C HIS O 109 -18.42 19.76 -7.12
N SER O 110 -18.32 20.78 -6.28
CA SER O 110 -19.22 20.95 -5.15
C SER O 110 -19.97 22.26 -5.17
N SER O 111 -19.62 23.03 -6.20
CA SER O 111 -20.25 24.33 -6.44
C SER O 111 -21.76 24.31 -6.34
N GLN O 112 -22.29 23.15 -6.66
CA GLN O 112 -23.72 22.93 -6.62
C GLN O 112 -24.07 22.64 -5.17
N ASN O 113 -23.23 21.88 -4.49
CA ASN O 113 -23.52 21.52 -3.11
C ASN O 113 -23.43 22.77 -2.25
N LEU O 114 -24.42 22.97 -1.40
CA LEU O 114 -24.53 24.20 -0.63
C LEU O 114 -24.41 24.02 0.88
N ASN O 115 -24.34 22.79 1.38
CA ASN O 115 -24.25 22.66 2.83
C ASN O 115 -22.74 22.61 2.95
N LEU O 116 -22.13 22.13 1.90
CA LEU O 116 -20.70 22.14 2.03
C LEU O 116 -20.54 23.59 2.45
N ARG O 117 -20.00 23.79 3.65
CA ARG O 117 -19.86 25.14 4.20
C ARG O 117 -18.40 25.37 4.59
N TYR O 118 -17.70 24.30 4.96
CA TYR O 118 -16.29 24.32 5.37
C TYR O 118 -15.42 23.27 4.74
N LEU O 119 -14.28 23.67 4.28
CA LEU O 119 -13.25 22.85 3.70
C LEU O 119 -12.04 22.95 4.66
N TYR O 120 -11.58 21.87 5.24
CA TYR O 120 -10.47 21.92 6.12
C TYR O 120 -9.41 21.11 5.41
N VAL O 121 -8.17 21.54 5.50
CA VAL O 121 -7.01 21.01 4.80
C VAL O 121 -5.84 21.13 5.77
N GLU O 122 -4.75 20.45 5.46
CA GLU O 122 -3.57 20.51 6.34
C GLU O 122 -2.30 21.21 5.81
N TRP O 123 -1.47 21.56 6.77
CA TRP O 123 -0.21 22.17 6.46
C TRP O 123 0.64 21.11 5.80
N ALA O 124 1.26 21.38 4.67
CA ALA O 124 1.21 22.65 3.96
C ALA O 124 -0.02 22.62 3.07
N LEU O 125 -0.70 23.74 2.93
CA LEU O 125 -1.87 23.82 2.10
C LEU O 125 -1.69 23.10 0.79
N ALA O 126 -0.67 23.52 0.04
CA ALA O 126 -0.39 22.89 -1.25
C ALA O 126 1.08 22.61 -1.25
N ALA O 127 1.59 22.11 -2.37
CA ALA O 127 3.01 21.79 -2.46
C ALA O 127 3.92 22.76 -3.18
N SER O 128 3.36 23.88 -3.61
CA SER O 128 4.18 24.89 -4.26
C SER O 128 3.37 26.15 -3.97
N VAL O 129 4.02 27.28 -3.69
CA VAL O 129 3.20 28.45 -3.44
C VAL O 129 2.14 28.50 -4.56
N GLN O 130 2.64 28.71 -5.77
CA GLN O 130 1.84 28.78 -6.97
C GLN O 130 0.63 27.85 -6.83
N GLN O 131 0.94 26.58 -6.65
CA GLN O 131 -0.14 25.63 -6.56
C GLN O 131 -1.14 26.23 -5.61
N ALA O 132 -0.60 26.51 -4.43
CA ALA O 132 -1.33 27.02 -3.27
C ALA O 132 -2.01 28.33 -3.62
N GLU O 133 -1.17 29.24 -4.09
CA GLU O 133 -1.72 30.50 -4.50
C GLU O 133 -3.04 30.26 -5.21
N GLU O 134 -3.01 29.46 -6.29
CA GLU O 134 -4.23 29.16 -7.03
C GLU O 134 -5.33 28.66 -6.12
N LEU O 135 -5.12 27.49 -5.50
CA LEU O 135 -6.17 26.98 -4.63
C LEU O 135 -6.76 28.15 -3.86
N TYR O 136 -5.87 29.04 -3.40
CA TYR O 136 -6.42 30.18 -2.69
C TYR O 136 -7.32 31.02 -3.63
N SER O 137 -6.69 31.56 -4.68
CA SER O 137 -7.43 32.40 -5.61
C SER O 137 -8.79 31.79 -5.78
N ILE O 138 -8.78 30.47 -5.93
CA ILE O 138 -9.99 29.70 -6.07
C ILE O 138 -10.88 29.77 -4.82
N SER O 139 -10.40 29.21 -3.69
CA SER O 139 -11.18 29.26 -2.46
C SER O 139 -12.01 30.54 -2.38
N GLN O 140 -11.35 31.65 -2.68
CA GLN O 140 -11.99 32.96 -2.64
C GLN O 140 -13.42 33.12 -3.11
N GLN O 141 -13.77 32.53 -4.27
CA GLN O 141 -15.08 32.63 -4.90
C GLN O 141 -16.26 32.13 -4.12
N ARG O 142 -16.06 31.14 -3.27
CA ARG O 142 -17.21 30.57 -2.62
C ARG O 142 -17.64 31.33 -1.40
N ALA O 143 -18.13 32.50 -1.67
CA ALA O 143 -18.58 33.45 -0.67
C ALA O 143 -18.97 32.73 0.63
N ASN O 144 -19.68 31.63 0.47
CA ASN O 144 -20.16 30.82 1.59
C ASN O 144 -19.10 29.87 2.17
N LEU O 145 -17.91 29.82 1.59
CA LEU O 145 -16.91 28.89 2.06
C LEU O 145 -15.73 29.28 2.91
N GLN O 146 -15.74 28.88 4.19
CA GLN O 146 -14.64 29.12 5.09
C GLN O 146 -13.71 27.98 4.94
N THR O 147 -12.44 28.27 4.76
CA THR O 147 -11.34 27.35 4.46
C THR O 147 -10.57 27.18 5.79
N ILE O 148 -9.88 26.04 5.99
CA ILE O 148 -9.19 25.92 7.26
C ILE O 148 -7.87 25.17 7.17
N ILE O 149 -6.75 25.89 7.33
CA ILE O 149 -5.44 25.26 7.30
C ILE O 149 -5.11 24.68 8.69
N CYS O 150 -4.50 23.50 8.69
CA CYS O 150 -4.20 22.86 9.94
C CYS O 150 -2.86 23.17 10.58
N LEU O 151 -2.83 24.35 11.15
CA LEU O 151 -1.71 24.79 11.86
C LEU O 151 -1.96 24.62 13.27
N GLN O 152 -2.17 23.38 13.66
CA GLN O 152 -2.40 22.97 15.01
C GLN O 152 -1.36 23.67 15.88
N GLY O 153 -0.21 24.11 15.33
CA GLY O 153 0.74 24.84 16.16
C GLY O 153 -0.06 25.79 17.05
N ARG O 154 -0.83 26.69 16.42
CA ARG O 154 -1.61 27.69 17.11
C ARG O 154 -2.47 27.31 18.32
N LYS O 155 -2.96 26.09 18.44
CA LYS O 155 -3.79 25.78 19.62
C LYS O 155 -3.16 25.08 20.80
N SER O 156 -1.86 24.97 20.79
CA SER O 156 -1.09 24.28 21.83
C SER O 156 -1.07 24.99 23.17
N PRO O 157 -1.53 24.34 24.22
CA PRO O 157 -1.49 25.06 25.47
C PRO O 157 -0.24 25.92 25.54
N TYR O 158 0.90 25.31 25.25
CA TYR O 158 2.15 26.06 25.36
C TYR O 158 2.34 27.26 24.48
N ILE O 159 1.52 27.37 23.45
CA ILE O 159 1.63 28.51 22.57
C ILE O 159 0.74 29.60 23.12
N VAL O 160 -0.55 29.33 23.04
CA VAL O 160 -1.50 30.26 23.60
C VAL O 160 -0.95 30.84 24.92
N ARG O 161 -0.43 29.97 25.79
CA ARG O 161 0.05 30.49 27.05
C ARG O 161 1.09 31.57 27.00
N ALA O 162 2.03 31.41 26.06
CA ALA O 162 3.17 32.29 25.82
C ALA O 162 2.43 33.56 25.41
N LYS O 163 1.72 33.35 24.32
CA LYS O 163 0.94 34.39 23.69
C LYS O 163 0.19 35.28 24.67
N GLU O 164 -0.45 34.63 25.63
CA GLU O 164 -1.16 35.37 26.65
C GLU O 164 -0.14 36.14 27.53
N LEU O 165 0.94 35.45 27.92
CA LEU O 165 1.90 36.04 28.84
C LEU O 165 2.44 37.39 28.34
N ILE O 166 2.84 37.37 27.07
CA ILE O 166 3.43 38.47 26.33
C ILE O 166 2.45 39.66 26.25
N SER O 167 1.42 39.35 25.47
CA SER O 167 0.37 40.32 25.18
C SER O 167 0.06 41.25 26.37
N GLU O 168 -0.13 40.65 27.51
CA GLU O 168 -0.34 41.33 28.76
C GLU O 168 1.02 41.63 29.25
N GLY O 169 1.75 42.48 28.59
CA GLY O 169 3.08 42.92 29.06
C GLY O 169 3.73 42.16 30.24
N CYS O 170 3.83 40.85 30.18
CA CYS O 170 4.46 40.14 31.29
C CYS O 170 5.98 40.13 31.12
N ILE O 171 6.43 40.41 29.89
CA ILE O 171 7.86 40.41 29.65
C ILE O 171 8.21 41.70 28.95
N GLY O 172 7.41 42.75 29.09
CA GLY O 172 7.72 43.97 28.44
C GLY O 172 7.71 43.80 26.98
N ASP O 173 8.44 44.64 26.26
CA ASP O 173 8.48 44.52 24.83
C ASP O 173 9.52 43.50 24.53
N ILE O 174 9.57 42.95 23.34
CA ILE O 174 10.52 41.88 23.14
C ILE O 174 11.81 42.56 22.74
N ASN O 175 12.89 41.81 22.85
CA ASN O 175 14.20 42.34 22.50
C ASN O 175 14.73 41.33 21.48
N SER O 176 15.17 40.18 21.90
CA SER O 176 15.63 39.24 20.91
C SER O 176 14.85 37.89 21.03
N ILE O 177 14.95 37.10 19.95
CA ILE O 177 14.37 35.77 19.82
C ILE O 177 15.41 34.79 19.36
N GLU O 178 15.32 33.55 19.83
CA GLU O 178 16.32 32.56 19.49
C GLU O 178 15.58 31.23 19.30
N ILE O 179 15.89 30.53 18.22
CA ILE O 179 15.24 29.26 17.95
C ILE O 179 16.12 28.10 17.53
N SER O 180 15.60 26.91 17.82
CA SER O 180 16.17 25.59 17.44
C SER O 180 15.05 24.62 16.99
N GLY O 181 15.38 23.70 16.08
CA GLY O 181 14.49 22.67 15.50
C GLY O 181 15.19 21.44 14.89
N ASN O 182 14.38 20.45 14.51
CA ASN O 182 14.80 19.18 13.93
C ASN O 182 13.74 18.81 12.87
N GLY O 183 14.24 18.20 11.78
CA GLY O 183 13.22 17.83 10.79
C GLY O 183 12.92 16.41 11.27
N GLY O 184 13.90 15.81 11.95
CA GLY O 184 13.88 14.44 12.45
C GLY O 184 14.31 13.41 11.39
N TRP O 185 13.77 13.42 10.18
CA TRP O 185 14.20 12.42 9.20
C TRP O 185 15.18 12.89 8.17
N TYR O 186 15.76 14.04 8.40
CA TYR O 186 16.71 14.51 7.42
C TYR O 186 18.02 14.41 8.11
N GLY O 187 18.09 13.49 9.08
CA GLY O 187 19.30 13.28 9.84
C GLY O 187 20.32 12.46 9.05
N TYR O 188 21.03 11.64 9.81
CA TYR O 188 22.05 10.83 9.19
C TYR O 188 21.33 9.52 9.25
N GLU O 189 20.06 9.67 9.65
CA GLU O 189 19.21 8.51 9.81
C GLU O 189 17.76 8.76 9.44
N ARG O 190 17.23 7.80 8.64
CA ARG O 190 15.84 7.67 8.13
C ARG O 190 15.35 6.24 8.34
N PRO O 191 14.04 6.20 8.67
CA PRO O 191 13.34 4.97 9.06
C PRO O 191 12.75 4.17 7.95
N MET O 192 12.64 2.86 8.22
CA MET O 192 12.11 1.98 7.21
C MET O 192 10.85 2.46 6.48
N ARG O 193 9.84 2.78 7.27
CA ARG O 193 8.56 3.25 6.81
C ARG O 193 8.51 4.56 6.04
N SER O 194 9.24 5.57 6.47
CA SER O 194 9.21 6.89 5.83
C SER O 194 9.12 7.01 4.28
N PRO O 195 8.19 7.84 3.85
CA PRO O 195 7.94 8.06 2.43
C PRO O 195 9.06 8.71 1.68
N GLU O 196 9.52 7.98 0.69
CA GLU O 196 10.61 8.41 -0.18
C GLU O 196 10.33 9.88 -0.45
N TYR O 197 9.11 10.20 -0.91
CA TYR O 197 8.76 11.54 -1.29
C TYR O 197 9.16 12.63 -0.29
N LEU O 198 9.10 12.26 0.98
CA LEU O 198 9.56 13.18 2.02
C LEU O 198 10.94 13.68 1.61
N TYR O 199 11.78 12.73 1.17
CA TYR O 199 13.18 12.97 0.78
C TYR O 199 13.42 13.30 -0.67
N ASP O 200 12.38 13.17 -1.51
CA ASP O 200 12.41 13.54 -2.93
C ASP O 200 12.27 15.09 -2.96
N ILE O 201 13.35 15.70 -3.38
CA ILE O 201 13.32 17.15 -3.44
C ILE O 201 12.14 17.97 -3.99
N GLU O 202 11.64 17.58 -5.15
CA GLU O 202 10.62 18.37 -5.81
C GLU O 202 9.29 18.16 -5.15
N SER O 203 9.25 17.17 -4.28
CA SER O 203 8.08 16.85 -3.47
C SER O 203 7.37 18.13 -3.13
N GLY O 204 8.10 18.96 -2.42
CA GLY O 204 7.44 20.17 -1.99
C GLY O 204 7.23 19.80 -0.52
N VAL O 205 8.03 18.82 -0.09
CA VAL O 205 8.05 18.36 1.29
C VAL O 205 9.50 18.22 1.80
N ASN O 206 9.73 18.95 2.86
CA ASN O 206 11.06 19.04 3.45
C ASN O 206 11.00 19.86 4.79
N LEU O 207 12.17 20.13 5.34
CA LEU O 207 12.38 20.79 6.62
C LEU O 207 11.60 22.05 6.83
N ILE O 208 11.91 22.98 5.96
CA ILE O 208 11.40 24.31 5.86
C ILE O 208 9.95 24.37 5.71
N SER O 209 9.53 24.09 4.50
CA SER O 209 8.13 24.00 4.13
C SER O 209 7.22 23.48 5.26
N ASN O 210 7.60 22.33 5.81
CA ASN O 210 6.70 21.82 6.81
C ASN O 210 7.18 22.08 8.20
N SER O 211 8.13 21.28 8.63
CA SER O 211 8.58 21.49 9.99
C SER O 211 8.78 22.94 10.41
N PHE O 212 9.72 23.63 9.79
CA PHE O 212 10.01 25.02 10.09
C PHE O 212 8.82 25.91 9.87
N GLY O 213 8.21 25.80 8.68
CA GLY O 213 7.05 26.58 8.34
C GLY O 213 6.18 26.53 9.59
N HIS O 214 5.83 25.30 9.97
CA HIS O 214 5.01 25.08 11.16
C HIS O 214 5.47 25.93 12.32
N THR O 215 6.73 25.75 12.63
CA THR O 215 7.41 26.40 13.72
C THR O 215 7.33 27.92 13.65
N ILE O 216 8.12 28.41 12.71
CA ILE O 216 8.14 29.83 12.55
C ILE O 216 6.75 30.40 12.73
N ASP O 217 5.80 29.89 11.95
CA ASP O 217 4.51 30.46 12.01
C ASP O 217 4.01 30.74 13.37
N VAL O 218 4.05 29.69 14.17
CA VAL O 218 3.56 29.79 15.53
C VAL O 218 4.26 30.96 16.23
N LEU O 219 5.50 31.24 15.86
CA LEU O 219 6.26 32.32 16.49
C LEU O 219 5.82 33.69 16.00
N GLN O 220 5.54 33.76 14.74
CA GLN O 220 4.90 34.92 14.22
C GLN O 220 3.60 34.89 14.96
N TYR O 221 2.94 33.73 14.94
CA TYR O 221 1.73 33.70 15.72
C TYR O 221 1.84 34.13 17.19
N ILE O 222 2.81 33.60 17.92
CA ILE O 222 2.96 33.91 19.35
C ILE O 222 3.25 35.36 19.63
N THR O 223 4.29 35.86 18.95
CA THR O 223 4.74 37.27 19.02
C THR O 223 3.57 38.09 18.60
N GLY O 224 2.99 37.63 17.50
CA GLY O 224 1.82 38.27 16.94
C GLY O 224 2.31 39.43 16.12
N SER O 225 3.37 39.19 15.36
CA SER O 225 3.93 40.19 14.48
C SER O 225 4.37 39.39 13.25
N TYR O 226 4.43 40.04 12.07
CA TYR O 226 4.78 39.27 10.88
C TYR O 226 6.21 39.66 10.56
N PHE O 227 6.82 39.03 9.56
CA PHE O 227 8.19 39.43 9.23
C PHE O 227 8.26 40.63 8.33
N GLN O 228 9.35 41.34 8.49
CA GLN O 228 9.58 42.50 7.68
C GLN O 228 10.60 42.06 6.61
N LYS O 229 11.86 41.91 6.99
CA LYS O 229 12.83 41.41 6.05
C LYS O 229 13.46 40.16 6.67
N ILE O 230 14.04 39.30 5.85
CA ILE O 230 14.64 38.08 6.38
C ILE O 230 15.75 37.45 5.51
N ASN O 231 16.60 36.60 6.06
CA ASN O 231 17.62 35.93 5.26
C ASN O 231 17.61 34.43 5.46
N ALA O 232 18.15 33.72 4.52
CA ALA O 232 18.12 32.29 4.66
C ALA O 232 19.19 31.63 3.83
N MET O 233 19.67 30.54 4.40
CA MET O 233 20.73 29.78 3.78
C MET O 233 20.49 28.29 3.92
N ILE O 234 20.41 27.51 2.82
CA ILE O 234 20.08 26.06 2.92
C ILE O 234 21.20 25.01 2.62
N SER O 235 21.47 24.16 3.63
CA SER O 235 22.54 23.17 3.51
C SER O 235 22.17 21.74 3.13
N ASN O 236 23.06 21.11 2.36
CA ASN O 236 22.94 19.71 1.90
C ASN O 236 24.17 18.84 2.12
N ASN O 237 24.56 18.63 3.36
CA ASN O 237 25.79 17.96 3.77
C ASN O 237 25.61 16.49 4.13
N ILE O 238 24.36 16.07 4.16
CA ILE O 238 24.06 14.66 4.38
C ILE O 238 23.37 14.36 3.08
N PRO O 239 24.11 13.71 2.19
CA PRO O 239 23.72 13.39 0.85
C PRO O 239 23.36 11.93 0.66
N THR O 240 23.45 11.18 1.75
CA THR O 240 23.16 9.76 1.77
C THR O 240 22.98 9.45 3.26
N GLN O 241 21.94 8.68 3.49
CA GLN O 241 21.63 8.29 4.84
C GLN O 241 21.48 6.82 5.17
N PHE O 242 21.48 6.63 6.48
CA PHE O 242 21.31 5.31 7.05
C PHE O 242 19.89 4.79 7.12
N LEU O 243 19.69 3.55 6.77
CA LEU O 243 18.36 3.01 6.93
C LEU O 243 18.17 2.34 8.30
N LEU O 244 17.01 2.56 8.92
CA LEU O 244 16.83 1.92 10.20
C LEU O 244 15.80 0.79 10.22
N ASP O 245 16.23 -0.23 10.94
CA ASP O 245 15.33 -1.34 10.99
C ASP O 245 14.25 -0.97 11.99
N GLU O 246 13.02 -1.27 11.57
CA GLU O 246 11.81 -1.05 12.32
C GLU O 246 12.03 -0.59 13.76
N ASN O 247 12.86 -1.33 14.50
CA ASN O 247 13.21 -0.99 15.89
C ASN O 247 14.08 0.29 16.07
N GLY O 248 14.72 0.76 14.99
CA GLY O 248 15.56 1.95 15.04
C GLY O 248 16.95 1.44 14.92
N LYS O 249 17.11 0.15 15.03
CA LYS O 249 18.51 -0.25 14.92
C LYS O 249 18.79 0.25 13.52
N ARG O 250 20.00 0.74 13.31
CA ARG O 250 20.32 1.21 11.99
C ARG O 250 20.63 -0.08 11.21
N THR O 251 21.10 0.17 9.99
CA THR O 251 21.53 -0.91 9.12
C THR O 251 22.48 -0.45 8.02
N LYS O 252 23.48 -1.31 7.80
CA LYS O 252 24.48 -1.17 6.78
C LYS O 252 23.93 -0.73 5.37
N GLU O 253 22.60 -0.55 5.26
CA GLU O 253 21.97 -0.09 4.02
C GLU O 253 21.87 1.43 3.90
N THR O 254 21.87 1.96 2.68
CA THR O 254 21.92 3.38 2.55
C THR O 254 21.39 4.05 1.30
N ILE O 255 20.71 5.17 1.53
CA ILE O 255 20.02 5.92 0.49
C ILE O 255 20.12 7.45 0.41
N SER O 256 20.30 7.94 -0.81
CA SER O 256 20.52 9.34 -1.08
C SER O 256 19.45 10.29 -0.65
N LYS O 257 19.81 11.52 -0.32
CA LYS O 257 18.76 12.48 -0.04
C LYS O 257 18.93 13.87 -0.69
N THR O 258 17.86 14.32 -1.35
CA THR O 258 17.79 15.59 -2.05
C THR O 258 17.28 16.75 -1.21
N CYS O 259 16.29 16.47 -0.36
CA CYS O 259 15.73 17.47 0.53
C CYS O 259 16.95 17.81 1.39
N PRO O 260 17.11 19.06 1.86
CA PRO O 260 18.27 19.48 2.66
C PRO O 260 18.31 19.12 4.15
N ASP O 261 19.57 19.11 4.61
CA ASP O 261 19.92 18.70 5.98
C ASP O 261 19.85 19.68 7.13
N HIS O 262 19.99 20.96 6.79
CA HIS O 262 19.96 22.06 7.75
C HIS O 262 19.65 23.37 7.03
N LEU O 263 18.97 24.27 7.72
CA LEU O 263 18.65 25.58 7.17
C LEU O 263 18.86 26.66 8.24
N LEU O 264 19.53 27.74 7.84
CA LEU O 264 19.78 28.85 8.76
C LEU O 264 18.94 29.99 8.26
N PHE O 265 18.26 30.65 9.19
CA PHE O 265 17.40 31.78 8.88
C PHE O 265 17.34 32.88 9.99
N GLN O 266 17.42 34.14 9.60
CA GLN O 266 17.33 35.25 10.53
C GLN O 266 16.56 36.35 9.78
N GLY O 267 15.75 37.09 10.54
CA GLY O 267 14.97 38.08 9.88
C GLY O 267 14.45 39.07 10.96
N ILE O 268 14.03 40.24 10.52
CA ILE O 268 13.63 41.28 11.44
C ILE O 268 12.16 41.37 11.51
N LEU O 269 11.61 41.00 12.65
CA LEU O 269 10.18 41.05 12.84
C LEU O 269 9.69 42.45 12.63
N GLU O 270 8.54 42.49 11.94
CA GLU O 270 7.87 43.77 11.68
C GLU O 270 7.75 44.60 12.96
N ASN O 271 7.00 44.01 13.88
CA ASN O 271 6.78 44.64 15.18
C ASN O 271 7.95 44.88 16.14
N GLY O 272 8.59 46.01 16.03
CA GLY O 272 9.63 46.32 17.01
C GLY O 272 11.00 46.24 16.37
N LYS O 273 11.04 45.51 15.26
CA LYS O 273 12.26 45.34 14.46
C LYS O 273 12.96 44.29 15.31
N VAL O 274 12.16 43.67 16.15
CA VAL O 274 12.68 42.64 17.00
C VAL O 274 13.41 41.69 16.06
N PRO O 275 14.61 41.28 16.45
CA PRO O 275 15.40 40.40 15.63
C PRO O 275 15.18 38.95 15.96
N VAL O 276 15.34 38.15 14.90
CA VAL O 276 15.25 36.71 15.04
C VAL O 276 16.36 35.80 14.50
N SER O 277 16.87 34.99 15.45
CA SER O 277 17.87 33.93 15.27
C SER O 277 17.17 32.58 15.30
N CYS O 278 17.47 31.75 14.30
CA CYS O 278 16.87 30.42 14.24
C CYS O 278 17.72 29.41 13.49
N SER O 279 18.13 28.33 14.15
CA SER O 279 18.91 27.29 13.51
C SER O 279 18.16 25.96 13.61
N PHE O 280 17.81 25.46 12.43
CA PHE O 280 17.06 24.25 12.30
C PHE O 280 17.78 23.02 11.81
N LYS O 281 18.10 22.08 12.71
CA LYS O 281 18.76 20.85 12.34
C LYS O 281 17.70 20.01 11.55
N GLY O 282 18.20 19.15 10.64
CA GLY O 282 17.38 18.21 9.87
C GLY O 282 16.94 16.93 10.62
N GLY O 283 17.82 16.31 11.42
CA GLY O 283 17.42 15.12 12.15
C GLY O 283 18.46 14.56 13.14
N THR O 284 18.86 13.32 12.85
CA THR O 284 19.79 12.63 13.69
C THR O 284 21.19 12.61 13.15
N PRO O 285 22.15 12.51 14.07
CA PRO O 285 21.92 12.44 15.53
C PRO O 285 21.40 13.72 16.17
N VAL O 286 20.65 13.50 17.23
CA VAL O 286 20.05 14.64 17.95
C VAL O 286 20.99 15.31 18.94
N LYS O 287 20.66 16.58 19.13
CA LYS O 287 21.32 17.48 20.05
C LYS O 287 21.22 16.75 21.37
N LYS O 288 22.37 16.61 22.02
CA LYS O 288 22.47 15.89 23.28
C LYS O 288 22.78 16.81 24.43
N LEU O 289 23.26 18.00 24.14
CA LEU O 289 23.50 18.94 25.23
C LEU O 289 22.42 20.03 25.34
N THR O 290 21.47 19.98 24.42
CA THR O 290 20.37 20.95 24.35
C THR O 290 18.97 20.41 24.00
N LYS O 291 17.94 21.21 24.24
CA LYS O 291 16.61 20.70 23.90
C LYS O 291 16.53 20.81 22.38
N ASN O 292 16.09 19.77 21.71
CA ASN O 292 16.04 19.91 20.26
C ASN O 292 14.97 20.88 19.81
N LEU O 293 14.02 21.23 20.63
CA LEU O 293 13.26 22.37 20.24
C LEU O 293 13.11 23.34 21.33
N VAL O 294 13.42 24.55 20.99
CA VAL O 294 13.41 25.69 21.90
C VAL O 294 13.16 27.07 21.30
N ILE O 295 12.31 27.81 22.01
CA ILE O 295 12.03 29.20 21.65
C ILE O 295 12.52 30.13 22.78
N ASP O 296 13.49 30.98 22.47
CA ASP O 296 14.00 31.83 23.53
C ASP O 296 13.70 33.26 23.18
N ILE O 297 12.69 33.76 23.88
CA ILE O 297 12.27 35.13 23.70
C ILE O 297 12.85 35.96 24.82
N HIS O 298 13.53 37.05 24.47
CA HIS O 298 14.07 37.99 25.46
C HIS O 298 13.06 39.16 25.59
N GLY O 299 12.45 39.30 26.76
CA GLY O 299 11.48 40.38 26.96
C GLY O 299 12.17 41.51 27.71
N THR O 300 11.45 42.57 28.00
CA THR O 300 12.19 43.64 28.64
C THR O 300 12.08 43.49 30.15
N LYS O 301 10.95 43.03 30.58
CA LYS O 301 10.76 42.83 31.97
C LYS O 301 10.90 41.40 32.31
N GLY O 302 11.16 40.54 31.33
CA GLY O 302 11.33 39.11 31.65
C GLY O 302 11.69 38.17 30.52
N ASP O 303 11.67 36.86 30.80
CA ASP O 303 12.04 35.87 29.78
C ASP O 303 10.99 34.76 29.71
N LEU O 304 10.81 34.16 28.53
CA LEU O 304 9.92 33.03 28.24
C LEU O 304 10.69 31.95 27.47
N LYS O 305 10.75 30.71 27.96
CA LYS O 305 11.38 29.64 27.18
C LYS O 305 10.55 28.36 27.01
N ILE O 306 10.33 27.96 25.76
CA ILE O 306 9.58 26.73 25.45
C ILE O 306 10.57 25.73 24.97
N GLU O 307 10.43 24.49 25.41
CA GLU O 307 11.34 23.41 25.09
C GLU O 307 10.77 22.03 24.81
N GLY O 308 11.17 21.40 23.71
CA GLY O 308 10.64 20.07 23.47
C GLY O 308 11.85 19.23 23.11
N ASP O 309 11.70 17.93 23.11
CA ASP O 309 12.85 17.15 22.68
C ASP O 309 12.49 16.83 21.24
N ALA O 310 11.19 16.91 20.93
CA ALA O 310 10.85 16.62 19.56
C ALA O 310 10.45 17.98 19.02
N GLY O 311 11.05 18.27 17.86
CA GLY O 311 10.79 19.53 17.19
C GLY O 311 9.42 19.56 16.52
N PHE O 312 8.54 18.66 16.87
CA PHE O 312 7.25 18.81 16.33
C PHE O 312 6.42 19.39 17.44
N VAL O 313 6.45 20.69 17.49
CA VAL O 313 5.59 21.47 18.40
C VAL O 313 4.07 21.25 18.16
N GLU O 314 3.80 21.19 16.87
CA GLU O 314 2.50 21.05 16.26
C GLU O 314 1.81 19.88 16.91
N ILE O 315 2.67 18.92 17.17
CA ILE O 315 2.26 17.63 17.67
C ILE O 315 2.72 17.49 19.08
N SER O 316 3.79 18.21 19.42
CA SER O 316 4.33 18.11 20.77
C SER O 316 3.73 18.73 22.06
N ASN O 317 3.94 17.97 23.14
CA ASN O 317 3.58 18.35 24.49
C ASN O 317 4.92 18.90 24.98
N LEU O 318 4.99 20.22 25.12
CA LEU O 318 6.24 20.81 25.55
C LEU O 318 6.05 21.25 27.01
N VAL O 319 6.89 22.19 27.36
CA VAL O 319 6.91 22.78 28.72
C VAL O 319 7.26 24.25 28.53
N LEU O 320 6.70 25.05 29.40
CA LEU O 320 7.03 26.44 29.23
C LEU O 320 7.48 27.08 30.54
N TYR O 321 8.62 27.74 30.47
CA TYR O 321 9.22 28.38 31.62
C TYR O 321 9.15 29.81 31.30
N PHE O 322 8.57 30.59 32.18
CA PHE O 322 8.49 32.00 32.03
C PHE O 322 8.98 32.64 33.26
N TYR O 323 9.53 33.82 33.10
CA TYR O 323 9.91 34.55 34.28
C TYR O 323 9.80 36.02 34.04
N GLY O 324 9.14 36.68 34.97
CA GLY O 324 8.97 38.11 34.85
C GLY O 324 7.89 38.65 35.71
N ILE O 325 7.30 39.75 35.28
CA ILE O 325 6.22 40.30 36.11
C ILE O 325 4.81 39.73 36.09
N LYS O 326 4.44 39.28 37.26
CA LYS O 326 3.14 38.66 37.52
C LYS O 326 2.10 39.21 36.57
N ASN O 327 2.05 40.55 36.60
CA ASN O 327 1.02 41.27 35.88
C ASN O 327 1.35 41.89 34.54
N GLY O 328 1.91 43.08 34.54
CA GLY O 328 2.24 43.74 33.29
C GLY O 328 1.03 44.25 32.46
N GLU O 362 7.86 45.82 39.19
CA GLU O 362 9.26 45.48 39.48
C GLU O 362 9.46 44.08 40.11
N GLU O 363 8.41 43.51 40.73
CA GLU O 363 8.45 42.16 41.34
C GLU O 363 8.23 41.06 40.31
N GLN O 364 9.34 40.54 39.84
CA GLN O 364 9.31 39.51 38.83
C GLN O 364 9.02 38.19 39.52
N THR O 365 8.51 37.32 38.65
CA THR O 365 8.05 36.00 39.03
C THR O 365 8.33 34.83 38.10
N MET O 366 8.54 33.64 38.67
CA MET O 366 8.84 32.46 37.86
C MET O 366 7.64 31.54 37.60
N GLU O 367 7.48 31.16 36.35
CA GLU O 367 6.36 30.30 36.11
C GLU O 367 6.79 29.07 35.31
N VAL O 368 6.26 27.89 35.65
CA VAL O 368 6.49 26.66 34.92
C VAL O 368 5.22 26.03 34.38
N PHE O 369 4.98 26.24 33.11
CA PHE O 369 3.81 25.66 32.51
C PHE O 369 4.04 24.43 31.68
N HIS O 370 3.80 23.30 32.32
CA HIS O 370 3.88 22.01 31.63
C HIS O 370 2.65 21.26 32.03
N LEU O 371 2.02 20.64 31.05
CA LEU O 371 0.78 19.93 31.29
C LEU O 371 0.91 18.43 31.10
N ARG O 372 1.42 17.78 32.11
CA ARG O 372 1.63 16.37 32.12
C ARG O 372 0.60 15.58 31.30
N ASN O 373 1.12 14.62 30.55
CA ASN O 373 0.28 13.76 29.75
C ASN O 373 -0.94 14.52 29.23
N TYR O 374 -0.66 15.35 28.21
CA TYR O 374 -1.71 16.09 27.53
C TYR O 374 -1.44 15.37 26.23
N ASN O 375 -2.50 15.12 25.44
CA ASN O 375 -2.22 14.40 24.18
C ASN O 375 -2.30 15.39 23.06
N SER O 376 -1.17 16.07 22.83
CA SER O 376 -1.03 17.08 21.83
C SER O 376 -1.29 16.51 20.48
N VAL O 377 -0.78 15.30 20.37
CA VAL O 377 -0.84 14.64 19.11
C VAL O 377 -2.25 14.75 18.57
N VAL O 378 -3.18 14.48 19.47
CA VAL O 378 -4.59 14.44 19.13
C VAL O 378 -5.30 15.63 19.67
N GLY O 379 -4.83 16.05 20.85
CA GLY O 379 -5.40 17.15 21.63
C GLY O 379 -5.52 18.39 20.75
N ASN O 380 -4.43 18.67 20.09
CA ASN O 380 -4.35 19.83 19.23
C ASN O 380 -5.26 19.90 18.00
N ILE O 381 -5.57 18.82 17.29
CA ILE O 381 -6.49 19.00 16.17
C ILE O 381 -7.82 19.24 16.92
N LEU O 382 -8.16 18.38 17.85
CA LEU O 382 -9.37 18.63 18.59
C LEU O 382 -9.65 20.10 18.82
N ARG O 383 -8.65 20.83 19.24
CA ARG O 383 -8.84 22.19 19.61
C ARG O 383 -9.13 23.04 18.42
N ILE O 384 -8.74 22.57 17.25
CA ILE O 384 -9.12 23.29 16.05
C ILE O 384 -10.61 23.02 15.83
N TYR O 385 -10.91 21.74 15.74
CA TYR O 385 -12.29 21.33 15.52
C TYR O 385 -13.16 22.21 16.38
N GLU O 386 -12.79 22.44 17.63
CA GLU O 386 -13.60 23.26 18.49
C GLU O 386 -13.74 24.65 17.92
N SER O 387 -12.61 25.32 17.68
CA SER O 387 -12.69 26.67 17.13
C SER O 387 -13.68 26.79 15.98
N ILE O 388 -13.84 25.67 15.28
CA ILE O 388 -14.72 25.58 14.12
C ILE O 388 -16.18 25.47 14.61
N ALA O 389 -16.47 24.52 15.48
CA ALA O 389 -17.81 24.37 16.00
C ALA O 389 -18.28 25.68 16.61
N ASP O 390 -17.36 26.29 17.37
CA ASP O 390 -17.61 27.56 18.06
C ASP O 390 -18.34 28.58 17.18
N TYR O 391 -17.55 28.97 16.20
CA TYR O 391 -18.04 29.88 15.20
C TYR O 391 -19.27 29.20 14.59
N HIS O 392 -19.14 27.92 14.28
CA HIS O 392 -20.23 27.19 13.67
C HIS O 392 -21.51 27.34 14.45
N PHE O 393 -21.58 26.57 15.55
CA PHE O 393 -22.75 26.53 16.43
C PHE O 393 -22.86 27.77 17.32
N LEU O 394 -22.23 28.84 16.88
CA LEU O 394 -22.34 30.10 17.63
C LEU O 394 -22.26 31.23 16.64
N LYS O 413 -18.28 35.56 6.29
CA LYS O 413 -17.14 34.69 6.51
C LYS O 413 -15.92 35.34 7.14
N PHE O 414 -14.99 34.50 7.54
CA PHE O 414 -13.76 34.92 8.20
C PHE O 414 -12.63 34.94 7.16
N ASP O 415 -11.63 35.79 7.40
CA ASP O 415 -10.54 36.00 6.47
C ASP O 415 -9.28 35.19 6.72
N LYS O 416 -8.70 35.37 7.90
CA LYS O 416 -7.56 34.63 8.31
C LYS O 416 -7.63 34.75 9.79
N GLN O 417 -7.03 33.84 10.58
CA GLN O 417 -7.13 34.11 11.99
C GLN O 417 -6.03 35.08 12.33
N GLY O 418 -5.02 35.19 11.48
CA GLY O 418 -3.90 36.08 11.77
C GLY O 418 -3.31 36.03 13.17
N PHE O 419 -3.49 37.14 13.85
CA PHE O 419 -2.97 37.19 15.19
C PHE O 419 -3.97 36.87 16.28
N ARG O 420 -5.24 36.79 15.86
CA ARG O 420 -6.40 36.59 16.72
C ARG O 420 -6.47 35.31 17.55
N PHE O 421 -6.96 35.45 18.77
CA PHE O 421 -6.90 34.37 19.69
C PHE O 421 -7.83 33.31 19.31
N GLU O 422 -9.07 33.69 19.10
CA GLU O 422 -10.11 32.76 18.74
C GLU O 422 -10.21 32.55 17.26
N GLY O 423 -11.12 31.72 16.81
CA GLY O 423 -11.08 31.45 15.39
C GLY O 423 -10.12 30.27 15.15
N PHE O 424 -9.62 30.23 13.92
CA PHE O 424 -8.68 29.20 13.49
C PHE O 424 -8.14 29.80 12.19
N PRO O 425 -6.93 29.37 11.88
CA PRO O 425 -6.32 29.88 10.67
C PRO O 425 -6.93 29.42 9.34
N THR O 426 -6.74 30.29 8.35
CA THR O 426 -7.24 30.02 7.01
C THR O 426 -6.26 29.85 5.87
N PHE O 427 -6.76 29.66 4.65
CA PHE O 427 -5.88 29.49 3.50
C PHE O 427 -5.19 30.83 3.43
N LYS O 428 -5.93 31.85 3.86
CA LYS O 428 -5.21 33.10 3.82
C LYS O 428 -3.94 32.82 4.64
N ASP O 429 -4.11 32.29 5.86
CA ASP O 429 -2.92 32.04 6.68
C ASP O 429 -2.01 31.10 5.89
N ALA O 430 -2.54 29.95 5.46
CA ALA O 430 -1.78 28.93 4.71
C ALA O 430 -0.87 29.61 3.75
N ILE O 431 -1.48 30.58 3.09
CA ILE O 431 -0.82 31.35 2.06
C ILE O 431 0.39 32.22 2.49
N ILE O 432 0.10 33.06 3.48
CA ILE O 432 1.11 33.95 3.94
C ILE O 432 2.35 33.13 4.26
N LEU O 433 2.18 32.14 5.13
CA LEU O 433 3.30 31.28 5.48
C LEU O 433 3.95 30.86 4.16
N HIS O 434 3.17 30.15 3.36
CA HIS O 434 3.59 29.68 2.05
C HIS O 434 4.39 30.75 1.32
N ARG O 435 3.80 31.92 1.12
CA ARG O 435 4.44 33.03 0.45
C ARG O 435 5.81 33.37 1.07
N LEU O 436 5.75 33.38 2.38
CA LEU O 436 6.93 33.69 3.17
C LEU O 436 7.92 32.53 3.02
N ILE O 437 7.42 31.33 2.76
CA ILE O 437 8.42 30.30 2.67
C ILE O 437 9.20 30.37 1.36
N ASP O 438 8.53 30.74 0.27
CA ASP O 438 9.24 30.92 -0.97
C ASP O 438 10.39 31.89 -0.70
N ALA O 439 10.03 32.93 0.05
CA ALA O 439 11.03 33.95 0.31
C ALA O 439 12.32 33.29 0.74
N VAL O 440 12.22 32.50 1.79
CA VAL O 440 13.32 31.79 2.43
C VAL O 440 14.06 31.14 1.31
N PHE O 441 13.30 30.36 0.55
CA PHE O 441 13.92 29.72 -0.59
C PHE O 441 14.60 30.69 -1.52
N ARG O 442 13.86 31.68 -2.00
CA ARG O 442 14.40 32.63 -2.95
C ARG O 442 15.66 33.34 -2.41
N SER O 443 15.54 33.56 -1.09
CA SER O 443 16.61 34.23 -0.40
C SER O 443 17.88 33.37 -0.38
N ASP O 444 17.87 32.12 0.11
CA ASP O 444 19.13 31.37 0.06
C ASP O 444 19.66 31.48 -1.38
N LYS O 445 18.87 30.99 -2.34
CA LYS O 445 19.25 31.04 -3.77
C LYS O 445 19.88 32.34 -4.15
N GLU O 446 19.07 33.37 -4.05
CA GLU O 446 19.53 34.68 -4.41
C GLU O 446 20.70 35.22 -3.60
N GLU O 447 20.97 34.60 -2.44
CA GLU O 447 22.06 34.99 -1.54
C GLU O 447 21.88 36.47 -1.23
N LYS O 448 20.67 36.85 -0.79
CA LYS O 448 20.24 38.25 -0.54
C LYS O 448 19.49 38.30 0.77
N THR O 449 19.06 39.47 1.24
CA THR O 449 18.12 39.60 2.33
C THR O 449 16.91 40.31 1.68
N LEU O 450 15.74 39.67 1.67
CA LEU O 450 14.52 40.17 1.05
C LEU O 450 13.37 40.69 1.96
N ASP O 451 12.67 41.74 1.57
CA ASP O 451 11.59 42.27 2.41
C ASP O 451 10.26 41.50 2.30
N VAL O 452 9.83 40.87 3.39
CA VAL O 452 8.61 40.08 3.36
C VAL O 452 7.44 40.81 4.00
N SER O 453 7.30 42.07 3.59
CA SER O 453 6.29 42.96 4.18
C SER O 453 5.14 43.25 3.23
N LYS O 454 5.02 42.33 2.28
CA LYS O 454 3.93 42.54 1.37
C LYS O 454 3.14 41.25 1.45
N ILE O 455 3.81 40.17 1.76
CA ILE O 455 3.15 38.93 1.91
C ILE O 455 1.79 39.03 2.56
N MET O 456 1.71 39.63 3.74
CA MET O 456 0.44 39.77 4.46
C MET O 456 -0.75 40.37 3.66
N ILE O 457 -0.52 40.72 2.39
CA ILE O 457 -1.48 41.28 1.45
C ILE O 457 -2.12 40.22 0.53
N LEU P 4 8.22 16.20 37.30
CA LEU P 4 8.79 15.31 36.30
C LEU P 4 8.07 15.74 35.03
N PHE P 5 8.70 15.71 33.86
CA PHE P 5 7.95 16.17 32.71
C PHE P 5 7.94 15.09 31.64
N ASN P 6 6.71 14.73 31.27
CA ASN P 6 6.49 13.74 30.22
C ASN P 6 6.49 14.64 28.96
N THR P 7 7.63 14.75 28.31
CA THR P 7 7.58 15.57 27.12
C THR P 7 7.46 14.63 25.93
N THR P 8 7.45 15.25 24.77
CA THR P 8 7.35 14.38 23.65
C THR P 8 8.70 14.05 23.07
N THR P 9 8.93 12.74 22.94
CA THR P 9 10.20 12.30 22.45
C THR P 9 9.88 12.00 21.02
N MET P 10 10.92 12.19 20.22
CA MET P 10 10.90 11.96 18.78
C MET P 10 10.60 10.46 18.71
N ASP P 11 11.36 9.61 19.43
CA ASP P 11 11.14 8.18 19.36
C ASP P 11 9.66 7.83 19.29
N ASP P 12 8.89 8.41 20.19
CA ASP P 12 7.41 8.26 20.19
C ASP P 12 6.89 8.68 18.80
N VAL P 13 7.09 9.98 18.59
CA VAL P 13 6.69 10.66 17.36
C VAL P 13 6.68 9.67 16.20
N TYR P 14 7.82 8.99 16.07
CA TYR P 14 8.04 8.04 14.99
C TYR P 14 7.03 6.93 15.01
N ASN P 15 6.55 6.54 16.19
CA ASN P 15 5.59 5.44 16.31
C ASN P 15 4.21 5.80 15.78
N TYR P 16 3.71 6.92 16.27
CA TYR P 16 2.44 7.44 15.82
C TYR P 16 2.42 7.89 14.35
N ILE P 17 3.57 8.29 13.83
CA ILE P 17 3.73 8.73 12.45
C ILE P 17 4.49 7.61 11.71
#